data_6EVJ
#
_entry.id   6EVJ
#
_cell.length_a   185.460
_cell.length_b   286.170
_cell.length_c   171.930
_cell.angle_alpha   90.00
_cell.angle_beta   93.27
_cell.angle_gamma   90.00
#
_symmetry.space_group_name_H-M   'C 1 2 1'
#
loop_
_entity.id
_entity.type
_entity.pdbx_description
1 polymer 'Polymerase acidic protein'
2 polymer 'RNA-directed RNA polymerase catalytic subunit'
3 polymer 'Polymerase basic protein 2'
4 polymer "RNA (5'-D(*(GDM))-R(P*AP*AP*U)-3')"
5 polymer "RNA (5'-R(*UP*AP*UP*AP*CP*CP*UP*CP*UP*GP*CP*UP*U)-3')"
6 polymer "RNA (5'-R(P*AP*GP*UP*AP*GP*UP*AP*AP*CP*AP*AP*GP*AP*GP*G)-3')"
#
loop_
_entity_poly.entity_id
_entity_poly.type
_entity_poly.pdbx_seq_one_letter_code
_entity_poly.pdbx_strand_id
1 'polypeptide(L)'
;GSHHHHHHHHGSGSMENFVRTNFNPMILERAEKTMKEYGENPQNEGNKFAAISTHMEVCFMYSDFHFIDLEGNTIVKEND
DDNAMLKHRFEIIEGQERNIAWTIVNSICNMTENSKPRFLPDLYDYKTNKFIEIGVTRRKVEDYYYEKASKLKGENVYIH
IFSFDGEEMATDDEYILDEESRARIKTRLFVLRQELATAGLWDSFRQSEKGEETLEEEFSYPPTFQRLANQSLPPSFKDY
HQFKAYVSSFKANGNIEAKLGAMSEKVNAQIESFDPRTIRELELPEGKFCTQRSKFLLMDAMKLSVLNPAHEGEGIPMKD
AKACLDTFWGWKKATIIKKHEKGVNTNYLMIWEQLLESIKEMEGKFLNLKKTNHLKWGLGEGQAPEKMDFEDCKEVPDLF
QYKSEPPEKRKLASWIQSEFNKASELTNSNWIEFDELGNDVAPIEHIASRRRNFFTAEVSQCRASEYIMKAVYINTALLN
SSCTAMEEYQVIPIITKCRDTSGQRRTNLYGFIIKGRSHLRNDTDVVNFISLEFSLTDPRNEIHKWEKYCVLEIGDMEIR
TSISTIMKPVYLYVRTNGTSKIKMKWGMEMRRCLLQSLQQVESMIEAESAVKEKDMTEPFFRNRENDWPIGESPQGIEKG
TIGKVCRVLLAKSVFNSIYASAQLEGFSAESRKLLLLIQAFRDNLDPGTFDLKGLYEAIEECIINDPWVLLNASWFNSFL
KAVQLSMGSGSGENLYFQ
;
A,D
2 'polypeptide(L)'
;GSGSGSGSGMDVNPMLIFLKVPVQNAISTTFPYTGDPPYSHGTGTGYTMDTVIRTHDYSSRGIWKTNSETGAQQLNPIDG
PLPEDNEPSGYAQTDCVLELIEGLDRSHPGLFETACQETIDAIQQTRVDKLTQGRQTYDWTLNRNQPAATALANTIEVFR
KNGYKLNESGRLIDFLKDVLLSFENDSMEVTTHFQKKKRIRDNHSKKMITQRTIGKKRVKLTKKNYLIRALTLNTMTKDA
ERGKLKRRAIATPGMQIRGFVYFVELLARNICERLEQSGLPVGGNEKKAKLANVIKKMMAKSTDEELSYTITGDNTKWNE
NQNPRIFLAMVLRITAGQPEWFRDLLAVAPIMFSNKVARLGRGYMFESKSMHLRTQISAENLSDINLRYFNEDTKKKIEK
IRHLMVEGTASLSPGMMMGMFNMLSTVLGVSVLNLGQREILKRTYWWDGLQSSDDFALIINGHFKEDIQQGVNHFYRTCK
LVGINMSQKKSYINKTGTFEFTSFFYRYGFVANFSMELPSFGVAGNNESADMSIGTTVIKTNMINNDLGPATAQMAIQLF
IKDYRYTYRCHRGDTNLETRRTKSIKRLWTETISKAGLLVADGGPNPYNLRNLHIPEVCLKWSLMDPDYRGRLCNPNNPF
VHHMEVESTNLAVVMPAHGPAKSLEYDAVATTHSWTPKRNRSILNTNQRGILEDERIYQKCCQVFEKFFPSSTYRRPIGM
ASMLDAMLSRARIDARIDLESGRISSQDFSEITNTCKAIEALKRQGSGSGENLYFQ
;
B,E
3 'polypeptide(L)'
;GSGSGSGSGMERIKELMEMVKNSRMREILTTTSVDHMAVIKKYTSGRQEKNPALRMKWMMAMKYPISASSRIREMIPEKD
EDGNTLWTNTKDAGSNRVLVSPNAVTWWNRAGPVSDVVHYPRVYKMYFDRLERLTHGTFGPVKFYNQVKVRKRVDINPGH
KDLTSREAQEVIMEVVFPNEVGARTLSSDAQLTITKEKKEELKNCKISPIMVAYMLERELVRRTRFLPIAGATSSTYVEV
LHLTQGTCWEQQYTPGGEAENDDLDQTLIIASRNIVRRSIVAIDPLASLLSMCHTTSISSEPLVEILRSNPTDEQAVNIC
KAALGIRINNSFSFGGYNFKRVKGSSQRTEKAVLTGNLQTLTMTIFEGYEEFNVSGKRASAVLKKGAQRLIQAIIGGRTL
EDILNLMITLMVFSQEEKMLKAVRGDLNFVNRANQRLNPMYQLLRHFQKDSSTLLKNWGTEEIDPIMGIAGIMPDGTINK
TQTLMGVRLSQGGVDEYSFNERIRVNIDKYLRVRNEKGELLISPEEVSEAQGQEKLPINYNSSLMWEVNGPESILTNTYH
WIIKNWELLKTQWMTDPTVLYNRIEFEPFQTLIPKGNRAIYSGFTRTLFQQMRDVEGTFDSIQIIKLLPFSAHPPSLGRT
QFSSFTLNIRGAPLRLLIRGNSQVFNYNQMENVIIVLGKSVGSPERSILTESSSIESAVLRGFLILGKANSKYGPVLTIG
ELDKLGRGEKANVLIGQGDTVLVMKRKRDSSILTDSQTALKRIRLEESKGWSHPQFEKGGGSGGGSGGSAWSHPQFEKGR
SGGENLYFQ
;
C,F
4 'polyribonucleotide' (M7G)AAUCUAUAAUAG N,M
5 'polyribonucleotide' UAUACCUCUGCUUCUGCU R,S
6 'polyribonucleotide' AGUAGUAACAAGAGGG U,V
#
loop_
_chem_comp.id
_chem_comp.type
_chem_comp.name
_chem_comp.formula
A RNA linking ADENOSINE-5'-MONOPHOSPHATE 'C10 H14 N5 O7 P'
C RNA linking CYTIDINE-5'-MONOPHOSPHATE 'C9 H14 N3 O8 P'
G RNA linking GUANOSINE-5'-MONOPHOSPHATE 'C10 H14 N5 O8 P'
M7G non-polymer 7N-METHYL-8-HYDROGUANOSINE-5'-DIPHOSPHATE 'C11 H19 N5 O11 P2'
U RNA linking URIDINE-5'-MONOPHOSPHATE 'C9 H13 N2 O9 P'
#
# COMPACT_ATOMS: atom_id res chain seq x y z
N SER A 14 30.80 -1.32 -72.02
CA SER A 14 31.89 -0.86 -71.12
C SER A 14 31.46 0.29 -70.22
N MET A 15 30.49 0.01 -69.35
CA MET A 15 29.98 1.01 -68.39
C MET A 15 31.02 1.17 -67.27
N GLU A 16 31.41 0.03 -66.69
CA GLU A 16 32.46 -0.05 -65.67
C GLU A 16 33.72 0.75 -66.07
N ASN A 17 34.05 0.73 -67.35
CA ASN A 17 35.13 1.56 -67.90
C ASN A 17 34.83 3.05 -67.70
N PHE A 18 33.67 3.50 -68.19
CA PHE A 18 33.27 4.92 -68.11
C PHE A 18 33.31 5.47 -66.69
N VAL A 19 32.80 4.67 -65.74
CA VAL A 19 32.78 5.08 -64.34
C VAL A 19 34.21 5.27 -63.80
N ARG A 20 35.10 4.36 -64.16
CA ARG A 20 36.52 4.48 -63.76
C ARG A 20 37.21 5.63 -64.50
N THR A 21 36.76 5.93 -65.71
CA THR A 21 37.26 7.08 -66.49
C THR A 21 36.86 8.41 -65.86
N ASN A 22 35.55 8.61 -65.63
CA ASN A 22 35.04 9.94 -65.22
C ASN A 22 35.24 10.32 -63.75
N PHE A 23 35.20 9.35 -62.84
CA PHE A 23 35.33 9.60 -61.40
C PHE A 23 36.75 9.37 -60.88
N ASN A 24 37.11 10.03 -59.78
CA ASN A 24 38.46 9.93 -59.18
C ASN A 24 38.58 8.69 -58.26
N PRO A 25 39.82 8.20 -58.02
CA PRO A 25 40.05 6.92 -57.31
C PRO A 25 39.41 6.75 -55.92
N MET A 26 39.43 7.82 -55.12
CA MET A 26 38.87 7.78 -53.75
C MET A 26 37.40 7.38 -53.75
N ILE A 27 36.63 8.01 -54.64
CA ILE A 27 35.19 7.73 -54.80
C ILE A 27 34.97 6.33 -55.38
N LEU A 28 35.85 5.90 -56.29
CA LEU A 28 35.80 4.53 -56.84
C LEU A 28 36.06 3.48 -55.76
N GLU A 29 37.00 3.76 -54.85
CA GLU A 29 37.26 2.89 -53.70
C GLU A 29 36.05 2.85 -52.77
N ARG A 30 35.58 4.03 -52.35
CA ARG A 30 34.40 4.12 -51.47
C ARG A 30 33.12 3.55 -52.08
N ALA A 31 33.01 3.58 -53.42
CA ALA A 31 31.90 2.95 -54.13
C ALA A 31 31.99 1.42 -54.04
N GLU A 32 33.16 0.88 -54.38
CA GLU A 32 33.40 -0.57 -54.33
C GLU A 32 33.29 -1.13 -52.90
N LYS A 33 33.87 -0.42 -51.93
CA LYS A 33 33.75 -0.79 -50.51
C LYS A 33 32.29 -0.92 -50.07
N THR A 34 31.47 0.07 -50.40
CA THR A 34 30.03 0.05 -50.12
C THR A 34 29.27 -0.97 -50.98
N MET A 35 29.77 -1.26 -52.17
CA MET A 35 29.19 -2.28 -53.07
C MET A 35 29.45 -3.71 -52.58
N LYS A 36 30.62 -3.94 -51.97
CA LYS A 36 30.93 -5.23 -51.35
C LYS A 36 30.13 -5.50 -50.06
N GLU A 37 29.76 -4.45 -49.33
CA GLU A 37 28.90 -4.58 -48.15
C GLU A 37 27.50 -5.08 -48.51
N TYR A 38 26.90 -4.49 -49.54
CA TYR A 38 25.60 -4.91 -50.05
C TYR A 38 25.68 -6.29 -50.75
N GLY A 39 26.88 -6.63 -51.25
CA GLY A 39 27.17 -7.98 -51.71
C GLY A 39 27.05 -8.11 -53.21
N GLU A 40 27.79 -7.26 -53.93
CA GLU A 40 27.82 -7.31 -55.40
C GLU A 40 29.08 -6.61 -55.92
N ASN A 41 29.29 -6.65 -57.24
CA ASN A 41 30.53 -6.16 -57.84
C ASN A 41 30.31 -5.24 -59.05
N PRO A 42 31.33 -4.39 -59.38
CA PRO A 42 31.21 -3.49 -60.54
C PRO A 42 31.29 -4.20 -61.90
N GLN A 43 31.83 -5.42 -61.92
CA GLN A 43 31.88 -6.23 -63.14
C GLN A 43 30.46 -6.57 -63.61
N ASN A 44 29.61 -6.97 -62.66
CA ASN A 44 28.19 -7.24 -62.94
C ASN A 44 27.37 -5.95 -63.09
N GLU A 45 27.23 -5.20 -61.99
CA GLU A 45 26.25 -4.11 -61.89
C GLU A 45 26.83 -2.71 -62.19
N GLY A 46 27.20 -2.50 -63.46
CA GLY A 46 27.76 -1.21 -63.91
C GLY A 46 26.81 -0.03 -63.74
N ASN A 47 25.54 -0.24 -64.10
CA ASN A 47 24.49 0.78 -63.94
C ASN A 47 24.34 1.22 -62.48
N LYS A 48 24.34 0.25 -61.56
CA LYS A 48 24.28 0.55 -60.13
C LYS A 48 25.59 1.18 -59.63
N PHE A 49 26.73 0.70 -60.14
CA PHE A 49 28.05 1.21 -59.77
C PHE A 49 28.18 2.72 -60.04
N ALA A 50 27.74 3.15 -61.22
CA ALA A 50 27.70 4.58 -61.58
C ALA A 50 26.81 5.39 -60.64
N ALA A 51 25.64 4.84 -60.32
CA ALA A 51 24.66 5.49 -59.44
C ALA A 51 25.21 5.73 -58.04
N ILE A 52 25.96 4.76 -57.53
CA ILE A 52 26.64 4.88 -56.23
C ILE A 52 27.76 5.90 -56.34
N SER A 53 28.58 5.78 -57.39
CA SER A 53 29.69 6.72 -57.63
C SER A 53 29.22 8.19 -57.67
N THR A 54 28.18 8.44 -58.47
CA THR A 54 27.64 9.80 -58.60
C THR A 54 27.10 10.33 -57.27
N HIS A 55 26.25 9.53 -56.61
CA HIS A 55 25.69 9.87 -55.30
C HIS A 55 26.78 10.13 -54.26
N MET A 56 27.84 9.33 -54.30
CA MET A 56 28.99 9.56 -53.43
C MET A 56 29.67 10.88 -53.76
N GLU A 57 29.93 11.13 -55.05
CA GLU A 57 30.57 12.39 -55.47
C GLU A 57 29.74 13.64 -55.13
N VAL A 58 28.42 13.54 -55.27
CA VAL A 58 27.53 14.67 -54.92
C VAL A 58 27.57 14.93 -53.40
N CYS A 59 27.50 13.85 -52.62
CA CYS A 59 27.63 13.94 -51.15
C CYS A 59 28.97 14.53 -50.71
N PHE A 60 30.04 14.26 -51.46
CA PHE A 60 31.34 14.92 -51.22
C PHE A 60 31.32 16.39 -51.64
N MET A 61 30.88 16.66 -52.87
CA MET A 61 30.82 18.03 -53.42
C MET A 61 29.89 18.97 -52.63
N TYR A 62 28.85 18.42 -52.00
CA TYR A 62 27.97 19.20 -51.12
C TYR A 62 28.71 19.71 -49.87
N SER A 63 29.62 18.88 -49.35
CA SER A 63 30.42 19.19 -48.15
C SER A 63 31.68 20.02 -48.46
N ASP A 64 32.40 19.62 -49.50
CA ASP A 64 33.73 20.18 -49.84
C ASP A 64 33.80 21.70 -49.80
N PHE A 65 34.91 22.21 -49.24
CA PHE A 65 35.26 23.64 -49.21
C PHE A 65 34.42 24.53 -48.25
N HIS A 66 33.56 23.92 -47.43
CA HIS A 66 32.73 24.65 -46.46
C HIS A 66 33.21 24.43 -45.03
N PHE A 67 33.50 25.52 -44.32
CA PHE A 67 34.03 25.45 -42.95
C PHE A 67 33.31 26.41 -42.00
N ILE A 68 33.52 26.19 -40.70
CA ILE A 68 33.00 27.05 -39.63
C ILE A 68 34.19 27.55 -38.79
N ASP A 69 34.26 28.86 -38.55
CA ASP A 69 35.46 29.49 -37.96
C ASP A 69 35.44 29.33 -36.43
N LEU A 70 36.42 29.92 -35.74
CA LEU A 70 36.44 30.00 -34.27
C LEU A 70 35.21 30.73 -33.70
N GLU A 71 34.73 31.74 -34.42
CA GLU A 71 33.55 32.52 -34.06
C GLU A 71 32.24 31.70 -34.13
N GLY A 72 32.19 30.70 -35.00
CA GLY A 72 30.99 29.90 -35.26
C GLY A 72 30.19 30.37 -36.46
N ASN A 73 30.89 30.93 -37.46
CA ASN A 73 30.27 31.50 -38.66
C ASN A 73 30.72 30.72 -39.89
N THR A 74 29.78 30.54 -40.83
CA THR A 74 30.03 29.77 -42.04
C THR A 74 30.96 30.50 -43.00
N ILE A 75 31.91 29.78 -43.58
CA ILE A 75 32.81 30.33 -44.59
C ILE A 75 33.09 29.28 -45.67
N VAL A 76 33.27 29.77 -46.91
CA VAL A 76 33.57 28.92 -48.06
C VAL A 76 35.02 29.20 -48.47
N LYS A 77 35.91 28.24 -48.18
CA LYS A 77 37.33 28.40 -48.45
C LYS A 77 37.89 27.16 -49.17
N GLU A 78 38.83 27.42 -50.07
CA GLU A 78 39.33 26.40 -51.00
C GLU A 78 40.74 25.87 -50.66
N ASN A 79 41.36 26.41 -49.61
CA ASN A 79 42.72 26.03 -49.23
C ASN A 79 42.73 24.68 -48.51
N ASP A 80 41.75 24.49 -47.62
CA ASP A 80 41.50 23.22 -46.91
C ASP A 80 42.63 22.90 -45.91
N ASP A 81 42.98 23.88 -45.07
CA ASP A 81 43.97 23.71 -44.01
C ASP A 81 43.81 24.78 -42.92
N ALA A 84 43.80 24.94 -38.78
CA ALA A 84 43.79 25.13 -37.34
C ALA A 84 42.60 25.97 -36.85
N MET A 85 42.37 27.12 -37.48
CA MET A 85 41.30 28.05 -37.09
C MET A 85 39.90 27.56 -37.49
N LEU A 86 39.84 26.74 -38.55
CA LEU A 86 38.58 26.30 -39.16
C LEU A 86 38.25 24.83 -38.83
N LYS A 87 36.97 24.54 -38.68
CA LYS A 87 36.45 23.16 -38.58
C LYS A 87 35.48 22.88 -39.72
N HIS A 88 35.28 21.59 -40.03
CA HIS A 88 34.38 21.19 -41.12
C HIS A 88 32.92 21.56 -40.84
N ARG A 89 32.25 22.11 -41.84
CA ARG A 89 30.84 22.49 -41.71
C ARG A 89 29.90 21.28 -41.68
N PHE A 90 30.16 20.32 -42.57
CA PHE A 90 29.35 19.10 -42.67
C PHE A 90 30.09 17.86 -42.18
N GLU A 91 29.34 16.88 -41.70
CA GLU A 91 29.86 15.58 -41.32
C GLU A 91 29.44 14.58 -42.39
N ILE A 92 30.43 13.96 -43.06
CA ILE A 92 30.17 13.04 -44.16
C ILE A 92 29.84 11.64 -43.61
N ILE A 93 28.54 11.34 -43.56
CA ILE A 93 28.04 10.04 -43.09
C ILE A 93 28.03 9.02 -44.23
N GLU A 94 27.61 9.44 -45.42
CA GLU A 94 27.61 8.57 -46.61
C GLU A 94 29.05 8.28 -47.06
N GLY A 95 29.34 6.99 -47.24
CA GLY A 95 30.70 6.51 -47.53
C GLY A 95 31.26 5.62 -46.42
N GLN A 96 30.92 5.97 -45.18
CA GLN A 96 31.30 5.17 -44.00
C GLN A 96 30.52 3.86 -43.96
N GLU A 97 31.04 2.88 -43.22
CA GLU A 97 30.37 1.59 -43.03
C GLU A 97 29.19 1.76 -42.07
N ARG A 98 28.10 1.04 -42.34
CA ARG A 98 26.84 1.18 -41.59
C ARG A 98 27.04 1.25 -40.08
N ASN A 99 27.70 0.23 -39.53
CA ASN A 99 27.99 0.16 -38.08
C ASN A 99 28.80 1.35 -37.53
N ILE A 100 29.67 1.94 -38.36
CA ILE A 100 30.42 3.15 -37.97
C ILE A 100 29.48 4.35 -38.04
N ALA A 101 28.91 4.55 -39.23
CA ALA A 101 27.97 5.66 -39.50
C ALA A 101 26.86 5.78 -38.45
N TRP A 102 26.28 4.64 -38.07
CA TRP A 102 25.27 4.62 -37.01
C TRP A 102 25.79 5.02 -35.64
N THR A 103 27.07 4.72 -35.35
CA THR A 103 27.72 5.24 -34.15
C THR A 103 27.92 6.76 -34.24
N ILE A 104 28.30 7.23 -35.43
CA ILE A 104 28.45 8.68 -35.68
C ILE A 104 27.12 9.41 -35.50
N VAL A 105 26.06 8.86 -36.09
CA VAL A 105 24.71 9.45 -35.99
C VAL A 105 24.23 9.47 -34.54
N ASN A 106 24.42 8.37 -33.82
CA ASN A 106 24.06 8.28 -32.40
C ASN A 106 24.89 9.22 -31.53
N SER A 107 26.19 9.33 -31.84
CA SER A 107 27.07 10.28 -31.16
C SER A 107 26.57 11.72 -31.31
N ILE A 108 26.09 12.07 -32.50
CA ILE A 108 25.49 13.39 -32.77
C ILE A 108 24.15 13.54 -32.07
N CYS A 109 23.27 12.54 -32.23
CA CYS A 109 21.93 12.56 -31.64
C CYS A 109 21.92 12.56 -30.10
N ASN A 110 22.95 11.97 -29.48
CA ASN A 110 23.06 11.96 -28.01
C ASN A 110 23.38 13.33 -27.41
N MET A 111 24.30 14.07 -28.02
CA MET A 111 24.71 15.40 -27.49
C MET A 111 23.64 16.48 -27.65
N THR A 112 22.84 16.42 -28.72
CA THR A 112 21.72 17.33 -28.94
C THR A 112 20.42 16.69 -28.43
N GLU A 113 19.30 17.40 -28.56
CA GLU A 113 17.96 16.85 -28.28
C GLU A 113 17.36 16.09 -29.48
N ASN A 114 18.14 15.87 -30.54
CA ASN A 114 17.66 15.22 -31.75
C ASN A 114 17.42 13.73 -31.50
N SER A 115 16.28 13.22 -31.97
CA SER A 115 15.96 11.79 -31.89
C SER A 115 16.65 11.04 -33.02
N LYS A 116 16.60 9.70 -32.95
CA LYS A 116 17.21 8.85 -33.97
C LYS A 116 16.39 8.91 -35.27
N PRO A 117 17.02 9.25 -36.40
CA PRO A 117 16.33 9.09 -37.68
C PRO A 117 16.33 7.61 -38.09
N ARG A 118 15.16 7.06 -38.37
CA ARG A 118 15.01 5.63 -38.71
C ARG A 118 15.87 5.23 -39.90
N PHE A 119 15.75 5.97 -40.99
CA PHE A 119 16.56 5.76 -42.18
C PHE A 119 17.85 6.59 -42.07
N LEU A 120 18.96 5.96 -42.42
CA LEU A 120 20.30 6.53 -42.24
C LEU A 120 20.52 7.74 -43.15
N PRO A 121 20.74 8.94 -42.57
CA PRO A 121 21.01 10.12 -43.40
C PRO A 121 22.40 10.11 -44.03
N ASP A 122 22.57 10.94 -45.07
CA ASP A 122 23.81 10.98 -45.87
C ASP A 122 24.82 12.02 -45.38
N LEU A 123 24.34 13.20 -44.96
CA LEU A 123 25.20 14.24 -44.36
C LEU A 123 24.57 14.83 -43.09
N TYR A 124 25.33 15.66 -42.38
CA TYR A 124 24.84 16.41 -41.21
C TYR A 124 25.54 17.77 -41.11
N ASP A 125 24.75 18.84 -41.03
CA ASP A 125 25.27 20.22 -41.00
C ASP A 125 25.36 20.73 -39.57
N TYR A 126 26.56 21.14 -39.16
CA TYR A 126 26.81 21.66 -37.81
C TYR A 126 26.24 23.07 -37.57
N LYS A 127 26.03 23.84 -38.65
CA LYS A 127 25.45 25.18 -38.54
C LYS A 127 23.96 25.11 -38.18
N THR A 128 23.19 24.42 -39.03
CA THR A 128 21.75 24.23 -38.80
C THR A 128 21.43 23.15 -37.77
N ASN A 129 22.40 22.27 -37.48
CA ASN A 129 22.25 21.16 -36.54
C ASN A 129 21.14 20.18 -36.94
N LYS A 130 21.02 19.94 -38.25
CA LYS A 130 20.04 19.01 -38.82
C LYS A 130 20.70 18.10 -39.86
N PHE A 131 20.14 16.90 -40.03
CA PHE A 131 20.66 15.93 -40.98
C PHE A 131 20.19 16.24 -42.39
N ILE A 132 20.94 15.73 -43.37
CA ILE A 132 20.69 15.96 -44.80
C ILE A 132 20.69 14.63 -45.54
N GLU A 133 19.60 14.35 -46.25
CA GLU A 133 19.49 13.21 -47.17
C GLU A 133 19.58 13.74 -48.59
N ILE A 134 20.57 13.25 -49.35
CA ILE A 134 20.77 13.69 -50.74
C ILE A 134 20.37 12.56 -51.69
N GLY A 135 19.71 12.94 -52.79
CA GLY A 135 19.30 12.01 -53.84
C GLY A 135 19.67 12.53 -55.21
N VAL A 136 20.25 11.67 -56.04
CA VAL A 136 20.60 11.98 -57.42
C VAL A 136 19.66 11.18 -58.32
N THR A 137 18.95 11.87 -59.22
CA THR A 137 17.95 11.20 -60.08
C THR A 137 18.15 11.46 -61.58
N ARG A 138 18.02 10.38 -62.35
CA ARG A 138 18.03 10.46 -63.82
C ARG A 138 16.70 11.02 -64.34
N ARG A 139 15.60 10.64 -63.68
CA ARG A 139 14.26 11.14 -64.02
C ARG A 139 14.07 12.57 -63.46
N LYS A 140 12.87 13.12 -63.64
CA LYS A 140 12.59 14.51 -63.24
C LYS A 140 12.67 14.73 -61.73
N VAL A 141 13.14 15.91 -61.34
CA VAL A 141 13.46 16.25 -59.95
C VAL A 141 12.24 16.27 -59.01
N GLU A 142 11.07 16.58 -59.55
CA GLU A 142 9.84 16.64 -58.77
C GLU A 142 9.42 15.24 -58.29
N ASP A 143 9.35 14.29 -59.24
CA ASP A 143 8.98 12.90 -58.96
C ASP A 143 9.73 12.33 -57.76
N TYR A 144 11.05 12.35 -57.85
CA TYR A 144 11.94 11.74 -56.84
C TYR A 144 11.82 12.40 -55.46
N TYR A 145 11.45 13.68 -55.40
CA TYR A 145 11.26 14.37 -54.13
C TYR A 145 10.05 13.84 -53.36
N TYR A 146 8.91 13.71 -54.03
CA TYR A 146 7.69 13.21 -53.39
C TYR A 146 7.79 11.71 -53.04
N GLU A 147 8.55 10.98 -53.85
CA GLU A 147 8.86 9.57 -53.59
C GLU A 147 9.72 9.40 -52.34
N LYS A 148 10.75 10.24 -52.19
CA LYS A 148 11.68 10.16 -51.04
C LYS A 148 11.19 10.88 -49.77
N ALA A 149 10.33 11.89 -49.93
CA ALA A 149 9.68 12.55 -48.79
C ALA A 149 8.63 11.63 -48.14
N SER A 150 7.94 10.84 -48.98
CA SER A 150 7.04 9.78 -48.52
C SER A 150 7.78 8.76 -47.65
N LYS A 151 8.98 8.37 -48.08
CA LYS A 151 9.85 7.47 -47.32
C LYS A 151 10.29 8.07 -45.98
N LEU A 152 10.72 9.33 -46.00
CA LEU A 152 11.21 10.02 -44.79
C LEU A 152 10.15 10.90 -44.11
N LYS A 153 8.89 10.46 -44.12
CA LYS A 153 7.82 11.16 -43.41
C LYS A 153 7.98 11.01 -41.90
N GLY A 154 7.60 12.05 -41.16
CA GLY A 154 7.69 12.06 -39.70
C GLY A 154 8.96 12.69 -39.21
N GLU A 155 10.08 11.98 -39.38
CA GLU A 155 11.39 12.45 -38.93
C GLU A 155 11.87 13.66 -39.73
N ASN A 156 12.45 14.66 -39.04
CA ASN A 156 12.92 15.89 -39.69
C ASN A 156 14.34 15.71 -40.26
N VAL A 157 14.42 15.62 -41.58
CA VAL A 157 15.68 15.53 -42.31
C VAL A 157 15.57 16.45 -43.53
N TYR A 158 16.66 17.15 -43.85
CA TYR A 158 16.71 18.02 -45.02
C TYR A 158 16.86 17.19 -46.29
N ILE A 159 15.80 17.13 -47.10
CA ILE A 159 15.82 16.43 -48.38
C ILE A 159 16.28 17.42 -49.45
N HIS A 160 17.41 17.11 -50.09
CA HIS A 160 17.92 17.89 -51.22
C HIS A 160 18.11 16.96 -52.41
N ILE A 161 17.35 17.19 -53.48
CA ILE A 161 17.41 16.35 -54.67
C ILE A 161 18.06 17.15 -55.80
N PHE A 162 19.08 16.54 -56.42
CA PHE A 162 19.67 17.03 -57.67
C PHE A 162 19.30 16.08 -58.79
N SER A 163 19.19 16.60 -60.02
CA SER A 163 18.95 15.75 -61.20
C SER A 163 20.06 15.90 -62.24
N PHE A 164 20.32 14.81 -62.96
CA PHE A 164 21.23 14.82 -64.13
C PHE A 164 20.83 15.87 -65.17
N ASP A 165 19.52 16.10 -65.31
CA ASP A 165 18.99 17.13 -66.20
C ASP A 165 19.51 18.54 -65.88
N GLY A 166 19.90 18.77 -64.61
CA GLY A 166 20.56 20.01 -64.18
C GLY A 166 19.69 20.97 -63.39
N GLU A 167 18.78 20.42 -62.58
CA GLU A 167 17.97 21.22 -61.65
C GLU A 167 17.91 20.53 -60.28
N GLU A 168 17.38 21.26 -59.29
CA GLU A 168 17.34 20.81 -57.90
C GLU A 168 16.00 21.07 -57.22
N MET A 169 15.78 20.37 -56.11
CA MET A 169 14.60 20.60 -55.25
C MET A 169 14.96 20.34 -53.79
N ALA A 170 14.62 21.30 -52.92
CA ALA A 170 14.95 21.24 -51.49
C ALA A 170 13.69 21.14 -50.63
N THR A 171 13.89 20.89 -49.33
CA THR A 171 12.78 20.85 -48.37
C THR A 171 12.24 22.26 -48.14
N ASP A 172 11.01 22.50 -48.60
CA ASP A 172 10.34 23.82 -48.58
C ASP A 172 11.06 24.90 -49.43
N ASP A 173 11.93 24.45 -50.36
CA ASP A 173 12.78 25.34 -51.16
C ASP A 173 13.61 26.37 -50.36
N GLU A 174 14.09 25.96 -49.19
CA GLU A 174 15.04 26.76 -48.39
C GLU A 174 16.43 26.15 -48.55
N TYR A 175 17.27 26.80 -49.36
CA TYR A 175 18.59 26.27 -49.70
C TYR A 175 19.64 26.72 -48.68
N ILE A 176 20.12 25.77 -47.88
CA ILE A 176 21.16 26.06 -46.88
C ILE A 176 22.54 26.36 -47.48
N LEU A 177 22.82 25.78 -48.64
CA LEU A 177 24.11 25.96 -49.33
C LEU A 177 24.02 27.13 -50.31
N ASP A 178 25.16 27.76 -50.58
CA ASP A 178 25.23 28.92 -51.49
C ASP A 178 25.07 28.53 -52.98
N GLU A 179 24.71 29.52 -53.79
CA GLU A 179 24.41 29.33 -55.21
C GLU A 179 25.61 28.86 -56.03
N GLU A 180 26.77 29.44 -55.74
CA GLU A 180 28.04 29.11 -56.40
C GLU A 180 28.36 27.61 -56.31
N SER A 181 28.17 27.03 -55.12
CA SER A 181 28.38 25.60 -54.90
C SER A 181 27.26 24.75 -55.50
N ARG A 182 26.01 25.14 -55.25
CA ARG A 182 24.85 24.43 -55.79
C ARG A 182 24.82 24.38 -57.32
N ALA A 183 25.35 25.42 -57.97
CA ALA A 183 25.53 25.42 -59.42
C ALA A 183 26.55 24.38 -59.89
N ARG A 184 27.73 24.38 -59.25
CA ARG A 184 28.84 23.49 -59.65
C ARG A 184 28.52 21.99 -59.58
N ILE A 185 27.59 21.60 -58.69
CA ILE A 185 27.08 20.23 -58.65
C ILE A 185 26.23 19.95 -59.90
N LYS A 186 25.30 20.85 -60.18
CA LYS A 186 24.44 20.76 -61.37
C LYS A 186 25.23 20.83 -62.68
N THR A 187 26.39 21.50 -62.65
CA THR A 187 27.34 21.47 -63.76
C THR A 187 27.90 20.06 -63.92
N ARG A 188 28.51 19.57 -62.83
CA ARG A 188 29.11 18.22 -62.78
C ARG A 188 28.13 17.14 -63.24
N LEU A 189 26.88 17.24 -62.78
CA LEU A 189 25.82 16.32 -63.22
C LEU A 189 25.47 16.44 -64.72
N PHE A 190 25.39 17.67 -65.22
CA PHE A 190 25.04 17.90 -66.63
C PHE A 190 26.16 17.42 -67.56
N VAL A 191 27.40 17.74 -67.17
CA VAL A 191 28.59 17.25 -67.88
C VAL A 191 28.56 15.72 -67.95
N LEU A 192 28.30 15.07 -66.81
CA LEU A 192 28.13 13.61 -66.76
C LEU A 192 27.00 13.12 -67.66
N ARG A 193 25.86 13.83 -67.62
CA ARG A 193 24.71 13.48 -68.48
C ARG A 193 25.07 13.55 -69.97
N GLN A 194 25.76 14.63 -70.38
CA GLN A 194 26.20 14.74 -71.79
C GLN A 194 27.29 13.72 -72.15
N GLU A 195 28.23 13.51 -71.23
CA GLU A 195 29.29 12.49 -71.40
C GLU A 195 28.71 11.08 -71.53
N LEU A 196 27.66 10.77 -70.76
CA LEU A 196 26.94 9.49 -70.89
C LEU A 196 26.20 9.36 -72.23
N ALA A 197 25.59 10.47 -72.66
CA ALA A 197 24.83 10.53 -73.92
C ALA A 197 25.73 10.42 -75.14
N THR A 198 26.88 11.08 -75.10
CA THR A 198 27.89 10.98 -76.16
C THR A 198 28.52 9.58 -76.21
N ALA A 199 28.79 9.00 -75.03
CA ALA A 199 29.28 7.62 -74.92
C ALA A 199 28.23 6.59 -75.34
N GLY A 200 26.95 6.95 -75.16
CA GLY A 200 25.83 6.10 -75.56
C GLY A 200 25.27 5.24 -74.44
N LEU A 201 25.64 5.55 -73.20
CA LEU A 201 25.20 4.79 -72.04
C LEU A 201 23.93 5.35 -71.39
N TRP A 202 23.60 6.61 -71.70
CA TRP A 202 22.49 7.33 -71.04
C TRP A 202 21.16 6.59 -71.09
N ASP A 203 20.81 6.01 -72.23
CA ASP A 203 19.57 5.24 -72.37
C ASP A 203 19.54 4.01 -71.46
N SER A 204 20.64 3.26 -71.42
CA SER A 204 20.74 2.06 -70.56
C SER A 204 20.82 2.42 -69.07
N PHE A 205 21.52 3.51 -68.77
CA PHE A 205 21.68 4.02 -67.40
C PHE A 205 20.35 4.57 -66.86
N ARG A 206 19.68 5.40 -67.65
CA ARG A 206 18.38 5.97 -67.27
C ARG A 206 17.31 4.88 -67.04
N GLN A 207 17.34 3.84 -67.86
CA GLN A 207 16.41 2.70 -67.74
C GLN A 207 16.54 1.91 -66.42
N SER A 208 17.73 1.89 -65.83
CA SER A 208 17.98 1.09 -64.62
C SER A 208 17.21 1.60 -63.39
N GLU A 209 17.14 2.93 -63.23
CA GLU A 209 16.41 3.54 -62.12
C GLU A 209 14.91 3.33 -62.28
N LYS A 210 14.29 2.67 -61.29
CA LYS A 210 12.85 2.47 -61.29
C LYS A 210 12.34 2.27 -59.86
N LEU A 215 17.13 -12.21 -52.44
CA LEU A 215 17.47 -13.47 -51.80
C LEU A 215 18.24 -14.37 -52.76
N GLU A 216 19.41 -14.85 -52.34
CA GLU A 216 20.20 -15.82 -53.09
C GLU A 216 21.25 -16.47 -52.20
N GLU A 217 21.65 -17.69 -52.53
CA GLU A 217 22.77 -18.36 -51.84
C GLU A 217 23.36 -19.46 -52.73
N GLU A 218 24.60 -19.23 -53.19
CA GLU A 218 25.28 -20.12 -54.13
C GLU A 218 26.27 -21.01 -53.38
N PHE A 219 26.14 -22.32 -53.55
CA PHE A 219 27.08 -23.28 -52.99
C PHE A 219 27.08 -24.58 -53.81
N SER A 220 28.23 -24.90 -54.39
CA SER A 220 28.41 -26.14 -55.16
C SER A 220 29.85 -26.62 -55.08
N TYR A 221 30.04 -27.90 -55.37
CA TYR A 221 31.35 -28.54 -55.24
C TYR A 221 32.26 -28.19 -56.41
N PRO A 222 33.53 -27.84 -56.13
CA PRO A 222 34.55 -27.72 -57.19
C PRO A 222 35.06 -29.11 -57.58
N PRO A 223 35.89 -29.22 -58.65
CA PRO A 223 36.34 -30.53 -59.17
C PRO A 223 36.87 -31.53 -58.13
N THR A 224 37.82 -31.09 -57.30
CA THR A 224 38.51 -31.97 -56.35
C THR A 224 37.56 -32.58 -55.33
N PHE A 225 36.69 -31.75 -54.76
CA PHE A 225 35.66 -32.24 -53.84
C PHE A 225 34.55 -33.00 -54.56
N GLN A 226 34.20 -32.60 -55.79
CA GLN A 226 33.20 -33.31 -56.60
C GLN A 226 33.64 -34.74 -56.87
N ARG A 227 34.90 -34.91 -57.29
CA ARG A 227 35.51 -36.24 -57.43
C ARG A 227 35.48 -37.01 -56.10
N LEU A 228 35.75 -36.31 -55.01
CA LEU A 228 35.73 -36.90 -53.67
C LEU A 228 34.33 -37.40 -53.27
N ALA A 229 33.30 -36.63 -53.63
CA ALA A 229 31.90 -36.97 -53.36
C ALA A 229 31.44 -38.22 -54.11
N ASN A 230 32.01 -38.42 -55.31
CA ASN A 230 31.72 -39.62 -56.10
C ASN A 230 32.30 -40.89 -55.47
N GLN A 231 33.37 -40.76 -54.67
CA GLN A 231 33.94 -41.89 -53.94
C GLN A 231 33.04 -42.31 -52.77
N SER A 232 32.53 -41.32 -52.06
CA SER A 232 31.87 -41.50 -50.76
C SER A 232 30.36 -41.73 -50.86
N LEU A 233 29.98 -42.72 -51.64
CA LEU A 233 28.57 -43.11 -51.79
C LEU A 233 28.51 -44.63 -51.84
N PRO A 234 27.30 -45.22 -51.70
CA PRO A 234 27.20 -46.69 -51.67
C PRO A 234 27.68 -47.38 -52.97
N PRO A 235 27.95 -48.71 -52.91
CA PRO A 235 28.33 -49.43 -54.12
C PRO A 235 27.16 -49.50 -55.11
N SER A 236 27.50 -49.69 -56.39
CA SER A 236 26.54 -49.59 -57.50
C SER A 236 26.03 -48.16 -57.74
N PHE A 237 26.88 -47.18 -57.46
CA PHE A 237 26.61 -45.77 -57.78
C PHE A 237 27.90 -45.09 -58.23
N LYS A 238 27.81 -44.37 -59.35
CA LYS A 238 28.97 -43.73 -59.98
C LYS A 238 29.12 -42.26 -59.61
N ASP A 239 28.00 -41.53 -59.64
CA ASP A 239 27.98 -40.07 -59.50
C ASP A 239 27.19 -39.64 -58.26
N TYR A 240 27.63 -38.55 -57.63
CA TYR A 240 26.94 -37.97 -56.47
C TYR A 240 25.51 -37.57 -56.77
N HIS A 241 25.31 -36.85 -57.88
CA HIS A 241 23.99 -36.39 -58.29
C HIS A 241 23.05 -37.55 -58.65
N GLN A 242 23.61 -38.62 -59.22
CA GLN A 242 22.84 -39.85 -59.50
C GLN A 242 22.26 -40.45 -58.22
N PHE A 243 23.08 -40.50 -57.17
CA PHE A 243 22.64 -40.95 -55.84
C PHE A 243 21.63 -39.97 -55.26
N LYS A 244 22.02 -38.68 -55.25
CA LYS A 244 21.14 -37.59 -54.76
C LYS A 244 19.73 -37.67 -55.37
N ALA A 245 19.67 -37.91 -56.69
CA ALA A 245 18.40 -38.11 -57.37
C ALA A 245 17.67 -39.37 -56.91
N TYR A 246 18.41 -40.46 -56.71
CA TYR A 246 17.83 -41.72 -56.21
C TYR A 246 17.24 -41.57 -54.80
N VAL A 247 17.94 -40.84 -53.93
CA VAL A 247 17.48 -40.62 -52.55
C VAL A 247 16.18 -39.80 -52.53
N SER A 248 16.09 -38.80 -53.40
CA SER A 248 14.86 -38.01 -53.57
C SER A 248 13.75 -38.83 -54.21
N SER A 249 14.09 -39.57 -55.25
CA SER A 249 13.12 -40.40 -56.00
C SER A 249 12.69 -41.69 -55.30
N PHE A 250 13.37 -42.07 -54.22
CA PHE A 250 13.07 -43.32 -53.51
C PHE A 250 11.65 -43.34 -52.94
N LYS A 251 11.00 -44.50 -53.05
CA LYS A 251 9.73 -44.79 -52.41
C LYS A 251 9.79 -46.21 -51.86
N ALA A 252 9.39 -46.37 -50.60
CA ALA A 252 9.51 -47.66 -49.92
C ALA A 252 8.48 -48.65 -50.42
N ASN A 253 8.89 -49.92 -50.55
CA ASN A 253 8.02 -51.01 -50.98
C ASN A 253 8.20 -52.23 -50.06
N GLY A 254 8.09 -51.97 -48.75
CA GLY A 254 8.31 -53.00 -47.73
C GLY A 254 9.72 -53.55 -47.67
N ASN A 255 10.71 -52.74 -48.07
CA ASN A 255 12.10 -53.18 -48.22
C ASN A 255 12.67 -53.82 -46.95
N ILE A 256 12.37 -53.22 -45.80
CA ILE A 256 12.72 -53.78 -44.50
C ILE A 256 12.03 -55.14 -44.30
N GLU A 257 10.74 -55.20 -44.61
CA GLU A 257 9.94 -56.41 -44.39
C GLU A 257 10.36 -57.56 -45.30
N ALA A 258 10.80 -57.24 -46.51
CA ALA A 258 11.35 -58.23 -47.45
C ALA A 258 12.78 -58.61 -47.08
N LYS A 259 13.62 -57.62 -46.82
CA LYS A 259 15.05 -57.87 -46.51
C LYS A 259 15.26 -58.50 -45.12
N LEU A 260 14.26 -58.37 -44.23
CA LEU A 260 14.26 -59.09 -42.94
C LEU A 260 14.12 -60.60 -43.14
N GLY A 261 13.18 -61.03 -43.99
CA GLY A 261 12.98 -62.44 -44.30
C GLY A 261 14.15 -63.09 -45.02
N ALA A 262 14.80 -62.32 -45.89
CA ALA A 262 16.01 -62.77 -46.60
C ALA A 262 17.22 -62.94 -45.68
N MET A 263 17.29 -62.16 -44.59
CA MET A 263 18.37 -62.28 -43.60
C MET A 263 18.31 -63.62 -42.87
N SER A 264 19.47 -64.10 -42.43
CA SER A 264 19.58 -65.40 -41.76
C SER A 264 18.89 -65.41 -40.39
N GLU A 265 18.46 -66.61 -39.98
CA GLU A 265 17.79 -66.80 -38.69
C GLU A 265 18.75 -66.83 -37.50
N LYS A 266 20.05 -66.98 -37.77
CA LYS A 266 21.09 -66.94 -36.73
C LYS A 266 21.26 -65.56 -36.09
N VAL A 267 20.85 -64.50 -36.80
CA VAL A 267 20.78 -63.15 -36.23
C VAL A 267 19.49 -63.05 -35.40
N ASN A 268 19.61 -63.19 -34.09
CA ASN A 268 18.47 -63.11 -33.17
C ASN A 268 18.88 -62.81 -31.74
N ALA A 269 17.96 -62.20 -30.99
CA ALA A 269 18.16 -61.87 -29.57
C ALA A 269 17.23 -62.72 -28.72
N GLN A 270 17.68 -63.92 -28.38
CA GLN A 270 16.89 -64.87 -27.58
C GLN A 270 17.03 -64.53 -26.09
N ILE A 271 15.91 -64.55 -25.38
CA ILE A 271 15.86 -64.16 -23.96
C ILE A 271 16.02 -65.41 -23.09
N GLU A 272 17.16 -65.51 -22.41
CA GLU A 272 17.41 -66.60 -21.46
C GLU A 272 16.85 -66.20 -20.10
N SER A 273 15.71 -66.78 -19.72
CA SER A 273 14.98 -66.39 -18.51
C SER A 273 15.85 -66.46 -17.25
N PHE A 274 15.96 -65.34 -16.56
CA PHE A 274 16.88 -65.19 -15.42
C PHE A 274 16.24 -65.73 -14.15
N ASP A 275 17.01 -66.52 -13.40
CA ASP A 275 16.62 -67.02 -12.08
C ASP A 275 17.89 -67.05 -11.21
N PRO A 276 17.88 -66.37 -10.05
CA PRO A 276 19.03 -66.42 -9.13
C PRO A 276 19.49 -67.82 -8.69
N ARG A 277 18.56 -68.77 -8.60
CA ARG A 277 18.88 -70.15 -8.21
C ARG A 277 19.57 -70.96 -9.33
N THR A 278 19.28 -70.62 -10.58
CA THR A 278 19.93 -71.27 -11.74
C THR A 278 21.37 -70.81 -11.94
N ILE A 279 21.63 -69.52 -11.76
CA ILE A 279 22.95 -68.93 -12.07
C ILE A 279 24.08 -69.38 -11.12
N ARG A 280 25.30 -69.39 -11.65
CA ARG A 280 26.49 -69.81 -10.89
C ARG A 280 27.07 -68.65 -10.07
N GLU A 281 28.14 -68.94 -9.33
CA GLU A 281 28.89 -67.92 -8.58
C GLU A 281 30.08 -67.41 -9.39
N LEU A 282 30.65 -66.28 -8.96
CA LEU A 282 31.78 -65.66 -9.64
C LEU A 282 33.07 -66.47 -9.46
N GLU A 283 33.75 -66.71 -10.57
CA GLU A 283 35.05 -67.39 -10.59
C GLU A 283 36.12 -66.47 -10.02
N LEU A 284 36.57 -66.75 -8.79
CA LEU A 284 37.69 -66.03 -8.18
C LEU A 284 39.01 -66.53 -8.78
N PRO A 285 39.96 -65.62 -9.05
CA PRO A 285 41.25 -66.00 -9.66
C PRO A 285 42.18 -66.73 -8.69
N GLU A 286 43.01 -67.62 -9.23
CA GLU A 286 43.89 -68.50 -8.43
C GLU A 286 45.38 -68.17 -8.64
N GLY A 287 46.18 -68.49 -7.63
CA GLY A 287 47.63 -68.25 -7.67
C GLY A 287 48.20 -67.95 -6.29
N LYS A 288 49.09 -66.96 -6.23
CA LYS A 288 49.73 -66.54 -4.97
C LYS A 288 48.76 -65.70 -4.14
N PHE A 289 48.99 -65.63 -2.83
CA PHE A 289 48.15 -64.83 -1.92
C PHE A 289 48.39 -63.32 -2.11
N CYS A 290 47.34 -62.53 -1.91
CA CYS A 290 47.36 -61.08 -2.14
C CYS A 290 48.12 -60.30 -1.06
N THR A 291 48.68 -59.16 -1.46
CA THR A 291 49.56 -58.34 -0.61
C THR A 291 48.88 -57.04 -0.16
N GLN A 292 49.29 -56.52 0.99
CA GLN A 292 48.84 -55.20 1.45
C GLN A 292 49.46 -54.10 0.58
N ARG A 293 48.61 -53.50 -0.28
CA ARG A 293 49.05 -52.48 -1.24
C ARG A 293 48.79 -51.03 -0.79
N SER A 294 48.19 -50.84 0.39
CA SER A 294 47.87 -49.50 0.90
C SER A 294 49.12 -48.71 1.25
N LYS A 295 49.01 -47.38 1.18
CA LYS A 295 50.16 -46.48 1.37
C LYS A 295 50.58 -46.37 2.84
N PHE A 296 49.68 -46.70 3.75
CA PHE A 296 49.96 -46.76 5.19
C PHE A 296 49.25 -47.94 5.85
N LEU A 297 49.65 -48.23 7.09
CA LEU A 297 49.12 -49.39 7.84
C LEU A 297 47.76 -49.05 8.40
N LEU A 298 46.82 -49.99 8.25
CA LEU A 298 45.44 -49.78 8.68
C LEU A 298 45.24 -50.28 10.13
N MET A 299 44.87 -51.55 10.32
CA MET A 299 44.63 -52.09 11.67
C MET A 299 45.92 -52.26 12.48
N ASP A 300 47.04 -52.54 11.79
CA ASP A 300 48.28 -52.96 12.44
C ASP A 300 49.12 -51.83 13.05
N ALA A 301 48.83 -50.57 12.72
CA ALA A 301 49.66 -49.43 13.14
C ALA A 301 49.64 -49.20 14.66
N MET A 302 50.74 -48.63 15.16
CA MET A 302 50.90 -48.35 16.59
C MET A 302 50.96 -46.83 16.84
N LYS A 303 50.24 -46.39 17.86
CA LYS A 303 50.11 -44.96 18.19
C LYS A 303 51.07 -44.56 19.30
N LEU A 304 52.10 -43.79 18.96
CA LEU A 304 52.95 -43.12 19.96
C LEU A 304 52.28 -41.77 20.27
N SER A 305 51.43 -41.76 21.30
CA SER A 305 50.56 -40.61 21.56
C SER A 305 51.08 -39.68 22.67
N VAL A 306 50.63 -38.43 22.62
CA VAL A 306 50.90 -37.44 23.68
C VAL A 306 49.60 -36.68 24.03
N LEU A 307 49.32 -36.57 25.33
CA LEU A 307 48.12 -35.86 25.82
C LEU A 307 48.36 -34.35 25.82
N ASN A 308 47.48 -33.62 25.14
CA ASN A 308 47.46 -32.13 25.15
C ASN A 308 48.66 -31.47 24.47
N PRO A 309 48.58 -30.13 24.21
CA PRO A 309 49.73 -29.40 23.68
C PRO A 309 50.97 -29.35 24.59
N ALA A 310 52.14 -29.19 23.96
CA ALA A 310 53.42 -29.08 24.67
C ALA A 310 54.49 -28.53 23.72
N HIS A 311 55.27 -27.55 24.18
CA HIS A 311 56.34 -26.90 23.41
C HIS A 311 55.79 -26.03 22.27
N GLU A 312 56.68 -25.37 21.54
CA GLU A 312 56.31 -24.52 20.39
C GLU A 312 55.76 -25.27 19.16
N GLY A 313 55.64 -26.60 19.23
CA GLY A 313 55.03 -27.39 18.15
C GLY A 313 53.54 -27.21 17.98
N GLU A 314 52.80 -28.33 17.92
CA GLU A 314 51.37 -28.36 17.60
C GLU A 314 51.09 -27.93 16.15
N GLY A 315 51.35 -26.66 15.83
CA GLY A 315 51.29 -26.17 14.46
C GLY A 315 52.41 -26.70 13.57
N ILE A 316 53.63 -26.73 14.12
CA ILE A 316 54.80 -27.23 13.40
C ILE A 316 54.74 -28.76 13.36
N PRO A 317 55.03 -29.39 12.19
CA PRO A 317 54.81 -30.84 12.05
C PRO A 317 55.82 -31.74 12.77
N MET A 318 57.12 -31.43 12.64
CA MET A 318 58.17 -32.29 13.22
C MET A 318 58.26 -32.21 14.75
N LYS A 319 57.99 -31.03 15.31
CA LYS A 319 57.95 -30.84 16.76
C LYS A 319 56.79 -31.58 17.44
N ASP A 320 55.77 -32.00 16.68
CA ASP A 320 54.77 -32.96 17.15
C ASP A 320 55.41 -34.35 17.27
N ALA A 321 56.13 -34.74 16.21
CA ALA A 321 56.81 -36.03 16.14
C ALA A 321 57.94 -36.17 17.17
N LYS A 322 58.63 -35.08 17.49
CA LYS A 322 59.64 -35.07 18.55
C LYS A 322 59.02 -35.35 19.93
N ALA A 323 57.90 -34.69 20.21
CA ALA A 323 57.16 -34.88 21.48
C ALA A 323 56.60 -36.31 21.60
N CYS A 324 56.11 -36.85 20.48
CA CYS A 324 55.58 -38.23 20.43
C CYS A 324 56.66 -39.30 20.64
N LEU A 325 57.86 -39.07 20.09
CA LEU A 325 59.00 -40.00 20.26
C LEU A 325 59.50 -40.08 21.70
N ASP A 326 59.42 -38.97 22.44
CA ASP A 326 59.90 -38.92 23.83
C ASP A 326 59.03 -39.68 24.85
N THR A 327 57.80 -40.05 24.46
CA THR A 327 56.98 -40.94 25.30
C THR A 327 57.41 -42.40 25.26
N PHE A 328 58.23 -42.78 24.29
CA PHE A 328 58.77 -44.14 24.17
C PHE A 328 60.28 -44.17 24.38
N TRP A 329 60.74 -44.95 25.37
CA TRP A 329 62.16 -45.19 25.63
C TRP A 329 62.41 -46.69 25.75
N GLY A 330 62.62 -47.33 24.61
CA GLY A 330 62.96 -48.76 24.58
C GLY A 330 63.54 -49.20 23.25
N TRP A 331 64.46 -48.40 22.73
CA TRP A 331 65.06 -48.61 21.39
C TRP A 331 66.29 -49.52 21.48
N LYS A 332 66.23 -50.64 20.76
CA LYS A 332 67.38 -51.52 20.55
C LYS A 332 68.17 -51.05 19.32
N LYS A 333 69.25 -51.77 19.01
CA LYS A 333 69.91 -51.65 17.71
C LYS A 333 69.02 -52.38 16.70
N ALA A 334 68.88 -51.81 15.51
CA ALA A 334 67.97 -52.35 14.49
C ALA A 334 68.37 -53.76 14.04
N THR A 335 67.37 -54.62 13.87
CA THR A 335 67.58 -56.02 13.46
C THR A 335 66.47 -56.45 12.48
N ILE A 336 66.87 -56.90 11.30
CA ILE A 336 65.92 -57.32 10.24
C ILE A 336 65.30 -58.68 10.62
N ILE A 337 63.97 -58.71 10.68
CA ILE A 337 63.23 -59.95 11.02
C ILE A 337 62.20 -60.42 9.96
N LYS A 338 62.06 -59.67 8.87
CA LYS A 338 61.22 -60.07 7.73
C LYS A 338 61.80 -59.43 6.46
N LYS A 339 62.25 -60.28 5.53
CA LYS A 339 63.00 -59.83 4.37
C LYS A 339 62.08 -59.44 3.22
N HIS A 340 62.32 -58.24 2.65
CA HIS A 340 61.69 -57.85 1.38
C HIS A 340 62.42 -58.60 0.27
N GLU A 341 61.85 -59.73 -0.14
CA GLU A 341 62.53 -60.75 -0.95
C GLU A 341 63.33 -60.24 -2.14
N LYS A 342 62.76 -59.27 -2.86
CA LYS A 342 63.40 -58.72 -4.06
C LYS A 342 64.40 -57.58 -3.74
N GLY A 343 64.23 -56.91 -2.61
CA GLY A 343 65.05 -55.75 -2.25
C GLY A 343 66.37 -56.08 -1.56
N VAL A 344 67.31 -55.12 -1.62
CA VAL A 344 68.59 -55.17 -0.91
C VAL A 344 68.38 -54.66 0.53
N ASN A 345 68.11 -55.59 1.44
CA ASN A 345 67.53 -55.28 2.76
C ASN A 345 68.43 -54.51 3.73
N THR A 346 69.75 -54.55 3.50
CA THR A 346 70.70 -53.72 4.26
C THR A 346 70.40 -52.21 4.20
N ASN A 347 69.87 -51.75 3.06
CA ASN A 347 69.54 -50.32 2.89
C ASN A 347 68.41 -49.88 3.83
N TYR A 348 67.37 -50.70 3.95
CA TYR A 348 66.21 -50.40 4.81
C TYR A 348 66.60 -50.15 6.27
N LEU A 349 67.55 -50.92 6.77
CA LEU A 349 68.09 -50.73 8.12
C LEU A 349 68.83 -49.39 8.22
N MET A 350 69.71 -49.13 7.25
CA MET A 350 70.48 -47.88 7.20
C MET A 350 69.61 -46.62 7.07
N ILE A 351 68.52 -46.72 6.31
CA ILE A 351 67.58 -45.59 6.15
C ILE A 351 66.95 -45.20 7.48
N TRP A 352 66.43 -46.20 8.21
CA TRP A 352 65.85 -45.99 9.55
C TRP A 352 66.86 -45.42 10.55
N GLU A 353 68.07 -45.96 10.54
CA GLU A 353 69.15 -45.45 11.39
C GLU A 353 69.54 -44.02 11.03
N GLN A 354 69.65 -43.73 9.73
CA GLN A 354 69.92 -42.35 9.27
C GLN A 354 68.78 -41.40 9.64
N LEU A 355 67.54 -41.87 9.53
CA LEU A 355 66.36 -41.11 9.94
C LEU A 355 66.41 -40.81 11.45
N LEU A 356 66.55 -41.86 12.25
CA LEU A 356 66.60 -41.70 13.71
C LEU A 356 67.82 -40.89 14.17
N GLU A 357 68.92 -40.97 13.43
CA GLU A 357 70.09 -40.10 13.66
C GLU A 357 69.79 -38.64 13.31
N SER A 358 69.18 -38.43 12.14
CA SER A 358 68.87 -37.08 11.66
C SER A 358 67.80 -36.36 12.49
N ILE A 359 66.79 -37.10 12.96
CA ILE A 359 65.75 -36.54 13.84
C ILE A 359 66.36 -36.02 15.16
N LYS A 360 67.30 -36.79 15.71
CA LYS A 360 68.06 -36.39 16.91
C LYS A 360 68.90 -35.13 16.66
N GLU A 361 69.60 -35.10 15.52
CA GLU A 361 70.52 -34.01 15.19
C GLU A 361 69.87 -32.74 14.64
N MET A 362 68.66 -32.82 14.09
CA MET A 362 68.00 -31.64 13.49
C MET A 362 67.58 -30.57 14.52
N GLU A 363 67.57 -29.31 14.06
CA GLU A 363 66.97 -28.20 14.81
C GLU A 363 66.16 -27.33 13.86
N GLY A 364 65.00 -26.85 14.33
CA GLY A 364 64.10 -26.02 13.52
C GLY A 364 62.79 -26.73 13.24
N LYS A 365 62.23 -26.46 12.06
CA LYS A 365 60.88 -26.91 11.68
C LYS A 365 60.89 -28.04 10.65
N PHE A 366 61.67 -27.90 9.58
CA PHE A 366 61.73 -28.88 8.49
C PHE A 366 63.01 -29.72 8.57
N LEU A 367 62.97 -30.90 7.95
CA LEU A 367 64.11 -31.82 7.93
C LEU A 367 64.31 -32.44 6.54
N ASN A 368 65.35 -31.97 5.84
CA ASN A 368 65.79 -32.57 4.58
C ASN A 368 66.93 -33.55 4.88
N LEU A 369 66.75 -34.83 4.54
CA LEU A 369 67.80 -35.84 4.75
C LEU A 369 68.89 -35.70 3.70
N LYS A 370 70.11 -36.12 4.05
CA LYS A 370 71.25 -36.03 3.13
C LYS A 370 71.18 -37.15 2.11
N LYS A 371 71.60 -36.85 0.88
CA LYS A 371 71.50 -37.78 -0.24
C LYS A 371 72.57 -38.87 -0.15
N THR A 372 72.25 -39.95 0.57
CA THR A 372 73.16 -41.09 0.77
C THR A 372 72.73 -42.28 -0.11
N ASN A 373 73.71 -43.01 -0.62
CA ASN A 373 73.48 -44.09 -1.61
C ASN A 373 72.52 -45.21 -1.18
N HIS A 374 72.40 -45.44 0.13
CA HIS A 374 71.37 -46.36 0.67
C HIS A 374 69.95 -45.78 0.58
N LEU A 375 69.81 -44.47 0.80
CA LEU A 375 68.53 -43.75 0.68
C LEU A 375 68.15 -43.54 -0.80
N LYS A 376 69.16 -43.21 -1.60
CA LYS A 376 69.03 -43.09 -3.06
C LYS A 376 68.47 -44.35 -3.72
N TRP A 377 68.88 -45.53 -3.22
CA TRP A 377 68.30 -46.80 -3.68
C TRP A 377 66.81 -46.86 -3.34
N GLY A 378 66.49 -46.56 -2.09
CA GLY A 378 65.11 -46.57 -1.61
C GLY A 378 64.19 -45.56 -2.27
N LEU A 379 64.74 -44.41 -2.67
CA LEU A 379 63.97 -43.38 -3.39
C LEU A 379 64.14 -43.39 -4.92
N GLY A 380 65.01 -44.25 -5.44
CA GLY A 380 65.13 -44.49 -6.88
C GLY A 380 65.91 -43.43 -7.64
N GLU A 381 67.03 -42.98 -7.08
CA GLU A 381 67.86 -41.94 -7.70
C GLU A 381 68.59 -42.50 -8.91
N GLY A 382 68.44 -41.82 -10.06
CA GLY A 382 69.08 -42.23 -11.30
C GLY A 382 68.55 -43.52 -11.94
N GLN A 383 67.44 -44.06 -11.42
CA GLN A 383 66.87 -45.31 -11.93
C GLN A 383 66.17 -45.10 -13.28
N ALA A 384 65.81 -43.85 -13.60
CA ALA A 384 65.31 -43.51 -14.93
C ALA A 384 66.39 -43.74 -15.97
N PRO A 385 66.09 -44.56 -17.01
CA PRO A 385 66.97 -44.56 -18.17
C PRO A 385 66.98 -43.19 -18.87
N GLU A 386 68.14 -42.78 -19.39
CA GLU A 386 68.26 -41.48 -20.07
C GLU A 386 67.54 -41.49 -21.42
N LYS A 387 66.87 -40.39 -21.73
CA LYS A 387 66.10 -40.25 -22.97
C LYS A 387 67.02 -39.90 -24.13
N MET A 388 66.81 -40.58 -25.27
CA MET A 388 67.61 -40.39 -26.47
C MET A 388 66.76 -40.51 -27.74
N ASP A 389 67.35 -40.10 -28.86
CA ASP A 389 66.74 -40.28 -30.18
C ASP A 389 66.84 -41.76 -30.58
N PHE A 390 65.91 -42.23 -31.41
CA PHE A 390 65.95 -43.59 -31.94
C PHE A 390 67.16 -43.78 -32.86
N GLU A 391 67.42 -42.78 -33.69
CA GLU A 391 68.57 -42.79 -34.61
C GLU A 391 69.93 -42.93 -33.89
N ASP A 392 70.01 -42.42 -32.67
CA ASP A 392 71.22 -42.53 -31.84
C ASP A 392 71.47 -43.95 -31.30
N CYS A 393 70.43 -44.77 -31.18
CA CYS A 393 70.57 -46.16 -30.68
C CYS A 393 69.59 -47.13 -31.37
N LYS A 394 69.71 -47.24 -32.69
CA LYS A 394 68.89 -48.16 -33.49
C LYS A 394 69.19 -49.63 -33.17
N GLU A 395 70.40 -50.07 -33.49
CA GLU A 395 70.79 -51.48 -33.36
C GLU A 395 71.31 -51.80 -31.95
N VAL A 396 70.38 -51.94 -31.01
CA VAL A 396 70.66 -52.43 -29.66
C VAL A 396 69.95 -53.80 -29.54
N PRO A 397 70.61 -54.81 -28.92
CA PRO A 397 70.03 -56.16 -28.94
C PRO A 397 68.74 -56.36 -28.12
N ASP A 398 68.72 -55.83 -26.90
CA ASP A 398 67.59 -56.02 -25.97
C ASP A 398 66.59 -54.85 -25.90
N LEU A 399 66.59 -53.98 -26.91
CA LEU A 399 65.68 -52.83 -26.96
C LEU A 399 64.27 -53.31 -27.33
N PHE A 400 63.36 -53.20 -26.37
CA PHE A 400 61.94 -53.56 -26.56
C PHE A 400 61.07 -52.41 -26.06
N GLN A 401 59.76 -52.51 -26.32
CA GLN A 401 58.78 -51.62 -25.68
C GLN A 401 58.64 -51.99 -24.21
N TYR A 402 58.00 -51.10 -23.45
CA TYR A 402 57.78 -51.34 -22.02
C TYR A 402 56.80 -52.50 -21.84
N LYS A 403 56.89 -53.18 -20.69
CA LYS A 403 56.13 -54.41 -20.47
C LYS A 403 54.61 -54.15 -20.48
N SER A 404 54.02 -54.28 -21.67
CA SER A 404 52.60 -54.01 -21.89
C SER A 404 51.77 -55.28 -21.71
N GLU A 405 51.78 -55.80 -20.47
CA GLU A 405 51.16 -57.09 -20.16
C GLU A 405 50.12 -56.94 -19.04
N PRO A 406 49.24 -57.95 -18.86
CA PRO A 406 48.26 -57.88 -17.78
C PRO A 406 48.87 -58.08 -16.40
N PRO A 407 48.09 -57.81 -15.32
CA PRO A 407 48.63 -58.01 -13.97
C PRO A 407 48.68 -59.49 -13.59
N GLU A 408 49.53 -59.82 -12.62
CA GLU A 408 49.67 -61.19 -12.13
C GLU A 408 48.48 -61.53 -11.22
N LYS A 409 47.79 -62.62 -11.55
CA LYS A 409 46.58 -63.04 -10.81
C LYS A 409 46.92 -63.39 -9.35
N ARG A 410 46.01 -63.05 -8.44
CA ARG A 410 46.19 -63.34 -7.01
C ARG A 410 44.94 -64.00 -6.42
N LYS A 411 45.13 -64.69 -5.31
CA LYS A 411 44.05 -65.41 -4.61
C LYS A 411 43.53 -64.57 -3.43
N LEU A 412 42.25 -64.77 -3.10
CA LEU A 412 41.62 -64.14 -1.94
C LEU A 412 42.27 -64.61 -0.64
N ALA A 413 42.49 -63.67 0.28
CA ALA A 413 43.07 -63.95 1.60
C ALA A 413 42.16 -63.46 2.72
N SER A 414 42.39 -63.99 3.92
CA SER A 414 41.58 -63.67 5.10
C SER A 414 41.87 -62.30 5.72
N TRP A 415 43.04 -61.72 5.42
CA TRP A 415 43.45 -60.43 6.02
C TRP A 415 42.58 -59.25 5.57
N ILE A 416 42.22 -59.21 4.30
CA ILE A 416 41.41 -58.11 3.74
C ILE A 416 40.00 -58.04 4.36
N GLN A 417 39.42 -59.20 4.64
CA GLN A 417 38.13 -59.28 5.34
C GLN A 417 38.25 -58.76 6.77
N SER A 418 39.29 -59.21 7.47
CA SER A 418 39.56 -58.78 8.86
C SER A 418 39.89 -57.29 8.96
N GLU A 419 40.60 -56.76 7.96
CA GLU A 419 40.85 -55.31 7.86
C GLU A 419 39.56 -54.50 7.82
N PHE A 420 38.57 -55.01 7.10
CA PHE A 420 37.24 -54.38 6.99
C PHE A 420 36.46 -54.47 8.29
N ASN A 421 36.45 -55.67 8.90
CA ASN A 421 35.90 -55.90 10.23
C ASN A 421 36.44 -54.88 11.23
N LYS A 422 37.77 -54.72 11.26
CA LYS A 422 38.43 -53.77 12.15
C LYS A 422 38.20 -52.30 11.74
N ALA A 423 38.09 -52.05 10.44
CA ALA A 423 37.72 -50.72 9.92
C ALA A 423 36.31 -50.29 10.31
N SER A 424 35.40 -51.26 10.40
CA SER A 424 34.01 -51.02 10.82
C SER A 424 33.83 -50.66 12.31
N GLU A 425 34.81 -51.01 13.14
CA GLU A 425 34.68 -50.87 14.61
C GLU A 425 34.78 -49.43 15.14
N LEU A 426 34.32 -49.27 16.38
CA LEU A 426 34.39 -48.01 17.12
C LEU A 426 35.69 -47.90 17.90
N THR A 427 36.01 -46.67 18.33
CA THR A 427 37.15 -46.39 19.19
C THR A 427 36.80 -45.27 20.19
N ASN A 428 37.66 -45.10 21.19
CA ASN A 428 37.48 -44.05 22.21
C ASN A 428 37.87 -42.63 21.77
N SER A 429 38.45 -42.49 20.57
CA SER A 429 38.87 -41.20 20.02
C SER A 429 37.93 -40.71 18.90
N ASN A 430 37.43 -39.48 19.03
CA ASN A 430 36.69 -38.79 17.97
C ASN A 430 37.70 -38.21 16.98
N TRP A 431 37.83 -38.86 15.83
CA TRP A 431 38.86 -38.53 14.84
C TRP A 431 38.48 -37.33 13.97
N ILE A 432 37.21 -37.30 13.52
CA ILE A 432 36.73 -36.22 12.67
C ILE A 432 36.39 -35.00 13.52
N GLU A 433 36.87 -33.83 13.10
CA GLU A 433 36.51 -32.54 13.69
C GLU A 433 35.94 -31.66 12.57
N PHE A 434 34.70 -31.22 12.73
CA PHE A 434 34.02 -30.39 11.73
C PHE A 434 34.29 -28.91 11.98
N ASP A 435 34.45 -28.15 10.91
CA ASP A 435 34.55 -26.69 10.98
C ASP A 435 33.18 -26.08 11.29
N GLU A 436 33.18 -24.80 11.66
CA GLU A 436 31.99 -24.11 12.13
C GLU A 436 30.87 -23.98 11.09
N LEU A 437 29.67 -23.68 11.59
CA LEU A 437 28.45 -23.58 10.79
C LEU A 437 27.72 -22.29 11.15
N GLY A 438 26.78 -21.88 10.30
CA GLY A 438 25.91 -20.74 10.58
C GLY A 438 24.93 -21.02 11.72
N ASN A 439 24.35 -19.96 12.26
CA ASN A 439 23.38 -20.07 13.36
C ASN A 439 22.08 -20.69 12.86
N ASP A 440 21.58 -21.68 13.60
CA ASP A 440 20.37 -22.41 13.23
C ASP A 440 19.13 -21.55 13.52
N VAL A 441 18.57 -20.96 12.47
CA VAL A 441 17.37 -20.12 12.57
C VAL A 441 16.12 -20.92 12.20
N ALA A 442 16.15 -21.54 11.01
CA ALA A 442 15.02 -22.30 10.50
C ALA A 442 14.79 -23.59 11.30
N PRO A 443 13.52 -23.93 11.63
CA PRO A 443 13.23 -25.17 12.36
C PRO A 443 13.85 -26.43 11.76
N ILE A 444 13.85 -26.52 10.43
CA ILE A 444 14.53 -27.61 9.71
C ILE A 444 16.04 -27.68 10.01
N GLU A 445 16.68 -26.51 10.19
CA GLU A 445 18.11 -26.46 10.54
C GLU A 445 18.42 -26.93 11.97
N HIS A 446 17.44 -26.85 12.86
CA HIS A 446 17.57 -27.44 14.20
C HIS A 446 17.45 -28.97 14.15
N ILE A 447 16.46 -29.45 13.39
CA ILE A 447 16.25 -30.89 13.18
C ILE A 447 17.46 -31.50 12.46
N ALA A 448 17.96 -30.79 11.47
CA ALA A 448 19.16 -31.18 10.73
C ALA A 448 20.39 -31.27 11.63
N SER A 449 20.53 -30.32 12.56
CA SER A 449 21.62 -30.32 13.53
C SER A 449 21.49 -31.47 14.54
N ARG A 450 20.27 -31.60 15.08
CA ARG A 450 19.93 -32.72 15.97
C ARG A 450 20.24 -34.08 15.32
N ARG A 451 19.82 -34.24 14.06
CA ARG A 451 20.10 -35.46 13.29
C ARG A 451 21.59 -35.60 12.96
N ARG A 452 22.26 -34.48 12.67
CA ARG A 452 23.71 -34.46 12.41
C ARG A 452 24.54 -34.83 13.65
N ASN A 453 24.05 -34.50 14.84
CA ASN A 453 24.73 -34.88 16.08
C ASN A 453 24.80 -36.40 16.30
N PHE A 454 23.73 -37.11 15.94
CA PHE A 454 23.72 -38.59 16.00
C PHE A 454 24.70 -39.22 15.01
N PHE A 455 24.85 -38.62 13.83
CA PHE A 455 25.86 -39.05 12.85
C PHE A 455 27.26 -38.74 13.33
N THR A 456 27.48 -37.48 13.74
CA THR A 456 28.77 -37.02 14.27
C THR A 456 29.39 -38.01 15.26
N ALA A 457 28.58 -38.51 16.20
CA ALA A 457 29.03 -39.51 17.16
C ALA A 457 29.41 -40.83 16.49
N GLU A 458 28.49 -41.36 15.67
CA GLU A 458 28.65 -42.68 15.05
C GLU A 458 29.80 -42.75 14.04
N VAL A 459 30.08 -41.63 13.38
CA VAL A 459 31.14 -41.53 12.39
C VAL A 459 32.48 -41.21 13.06
N SER A 460 32.55 -40.09 13.78
CA SER A 460 33.82 -39.61 14.37
C SER A 460 34.56 -40.65 15.22
N GLN A 461 33.79 -41.47 15.95
CA GLN A 461 34.37 -42.54 16.77
C GLN A 461 34.81 -43.79 15.98
N CYS A 462 34.34 -43.95 14.73
CA CYS A 462 34.69 -45.12 13.91
C CYS A 462 36.17 -45.16 13.53
N ARG A 463 36.72 -46.37 13.37
CA ARG A 463 38.13 -46.54 12.99
C ARG A 463 38.41 -46.12 11.53
N ALA A 464 37.41 -46.21 10.66
CA ALA A 464 37.54 -45.71 9.27
C ALA A 464 37.96 -44.23 9.22
N SER A 465 37.39 -43.43 10.11
CA SER A 465 37.75 -42.01 10.26
C SER A 465 39.23 -41.81 10.58
N GLU A 466 39.77 -42.66 11.46
CA GLU A 466 41.20 -42.67 11.79
C GLU A 466 42.04 -42.80 10.52
N TYR A 467 41.63 -43.68 9.61
CA TYR A 467 42.30 -43.85 8.33
C TYR A 467 42.10 -42.64 7.43
N ILE A 468 40.87 -42.10 7.39
CA ILE A 468 40.58 -40.87 6.61
C ILE A 468 41.52 -39.73 7.03
N MET A 469 41.49 -39.39 8.32
CA MET A 469 42.33 -38.32 8.86
C MET A 469 43.82 -38.56 8.64
N LYS A 470 44.23 -39.83 8.67
CA LYS A 470 45.61 -40.24 8.39
C LYS A 470 45.96 -39.94 6.94
N ALA A 471 45.15 -40.48 6.02
CA ALA A 471 45.35 -40.28 4.58
C ALA A 471 45.34 -38.80 4.19
N VAL A 472 44.37 -38.06 4.74
CA VAL A 472 44.27 -36.62 4.51
C VAL A 472 45.56 -35.91 4.90
N TYR A 473 46.03 -36.16 6.13
CA TYR A 473 47.27 -35.54 6.63
C TYR A 473 48.47 -35.96 5.79
N ILE A 474 48.63 -37.26 5.56
CA ILE A 474 49.75 -37.78 4.76
C ILE A 474 49.77 -37.10 3.40
N ASN A 475 48.64 -37.20 2.68
CA ASN A 475 48.59 -36.71 1.29
C ASN A 475 48.62 -35.18 1.16
N THR A 476 47.92 -34.47 2.06
CA THR A 476 47.97 -32.99 2.07
C THR A 476 49.38 -32.49 2.33
N ALA A 477 50.05 -33.07 3.33
CA ALA A 477 51.45 -32.74 3.62
C ALA A 477 52.38 -33.15 2.47
N LEU A 478 52.12 -34.32 1.87
CA LEU A 478 52.95 -34.84 0.78
C LEU A 478 52.83 -34.02 -0.51
N LEU A 479 51.62 -33.60 -0.87
CA LEU A 479 51.43 -32.75 -2.06
C LEU A 479 52.14 -31.40 -1.92
N ASN A 480 51.97 -30.76 -0.75
CA ASN A 480 52.59 -29.45 -0.47
C ASN A 480 54.12 -29.51 -0.45
N SER A 481 54.66 -30.63 0.04
CA SER A 481 56.10 -30.90 0.00
C SER A 481 56.56 -31.20 -1.42
N SER A 482 55.78 -32.01 -2.14
CA SER A 482 56.09 -32.41 -3.52
C SER A 482 56.23 -31.24 -4.49
N CYS A 483 55.43 -30.19 -4.28
CA CYS A 483 55.50 -29.00 -5.13
C CYS A 483 56.65 -28.07 -4.74
N THR A 484 56.78 -27.78 -3.45
CA THR A 484 57.78 -26.84 -2.94
C THR A 484 59.20 -27.42 -2.96
N ALA A 485 59.36 -28.57 -2.30
CA ALA A 485 60.66 -29.24 -2.18
C ALA A 485 60.79 -30.36 -3.21
N MET A 486 61.10 -29.97 -4.45
CA MET A 486 61.15 -30.92 -5.57
C MET A 486 62.39 -31.82 -5.53
N GLU A 487 63.53 -31.23 -5.17
CA GLU A 487 64.81 -31.94 -5.08
C GLU A 487 65.08 -32.59 -3.72
N GLU A 488 64.56 -32.00 -2.64
CA GLU A 488 64.97 -32.36 -1.28
C GLU A 488 64.24 -33.62 -0.80
N TYR A 489 64.97 -34.51 -0.14
CA TYR A 489 64.37 -35.67 0.53
C TYR A 489 63.83 -35.25 1.89
N GLN A 490 62.59 -34.77 1.91
CA GLN A 490 61.95 -34.29 3.13
C GLN A 490 61.34 -35.45 3.94
N VAL A 491 61.41 -35.31 5.27
CA VAL A 491 60.74 -36.22 6.19
C VAL A 491 59.37 -35.63 6.51
N ILE A 492 58.35 -36.47 6.47
CA ILE A 492 56.98 -36.08 6.80
C ILE A 492 56.43 -37.09 7.83
N PRO A 493 56.04 -36.60 9.03
CA PRO A 493 55.49 -37.50 10.04
C PRO A 493 54.05 -37.89 9.74
N ILE A 494 53.59 -38.98 10.35
CA ILE A 494 52.22 -39.49 10.17
C ILE A 494 51.43 -39.17 11.44
N ILE A 495 50.65 -38.09 11.40
CA ILE A 495 49.96 -37.53 12.56
C ILE A 495 48.45 -37.57 12.40
N THR A 496 47.74 -37.85 13.50
CA THR A 496 46.28 -37.63 13.58
C THR A 496 45.94 -37.04 14.95
N LYS A 497 45.54 -35.78 14.97
CA LYS A 497 45.10 -35.11 16.20
C LYS A 497 43.63 -35.46 16.45
N CYS A 498 43.32 -35.81 17.70
CA CYS A 498 41.97 -36.29 18.07
C CYS A 498 41.54 -35.79 19.44
N ARG A 499 40.31 -36.14 19.81
CA ARG A 499 39.75 -35.84 21.13
C ARG A 499 39.22 -37.14 21.74
N ASP A 500 39.56 -37.41 23.00
CA ASP A 500 39.06 -38.62 23.68
C ASP A 500 37.58 -38.51 24.03
N THR A 501 36.95 -39.65 24.33
CA THR A 501 35.56 -39.68 24.83
C THR A 501 35.37 -38.86 26.12
N SER A 502 36.43 -38.73 26.92
CA SER A 502 36.46 -37.82 28.07
C SER A 502 36.35 -36.33 27.66
N GLY A 503 36.84 -36.01 26.46
CA GLY A 503 36.85 -34.65 25.93
C GLY A 503 38.21 -33.96 26.02
N GLN A 504 39.29 -34.75 26.03
CA GLN A 504 40.65 -34.25 26.15
C GLN A 504 41.38 -34.42 24.82
N ARG A 505 42.28 -33.47 24.53
CA ARG A 505 43.06 -33.46 23.29
C ARG A 505 44.13 -34.55 23.29
N ARG A 506 44.54 -34.98 22.10
CA ARG A 506 45.59 -35.98 21.92
C ARG A 506 46.18 -35.92 20.51
N THR A 507 47.51 -36.05 20.43
CA THR A 507 48.24 -36.12 19.16
C THR A 507 48.93 -37.48 19.05
N ASN A 508 48.53 -38.28 18.06
CA ASN A 508 49.07 -39.63 17.83
C ASN A 508 50.08 -39.62 16.70
N LEU A 509 51.16 -40.41 16.85
CA LEU A 509 52.17 -40.61 15.81
C LEU A 509 52.21 -42.09 15.41
N TYR A 510 52.12 -42.36 14.11
CA TYR A 510 52.17 -43.74 13.57
C TYR A 510 53.53 -44.10 12.94
N GLY A 511 54.25 -43.11 12.42
CA GLY A 511 55.55 -43.35 11.81
C GLY A 511 56.08 -42.16 11.03
N PHE A 512 56.87 -42.44 10.00
CA PHE A 512 57.48 -41.42 9.14
C PHE A 512 57.44 -41.82 7.66
N ILE A 513 57.38 -40.79 6.81
CA ILE A 513 57.42 -40.94 5.35
C ILE A 513 58.53 -40.04 4.81
N ILE A 514 59.56 -40.66 4.23
CA ILE A 514 60.65 -39.94 3.58
C ILE A 514 60.29 -39.79 2.11
N LYS A 515 60.18 -38.53 1.67
CA LYS A 515 59.82 -38.23 0.28
C LYS A 515 61.04 -38.32 -0.63
N GLY A 516 60.80 -38.67 -1.89
CA GLY A 516 61.85 -38.65 -2.93
C GLY A 516 61.77 -37.39 -3.77
N ARG A 517 62.41 -37.44 -4.95
CA ARG A 517 62.38 -36.31 -5.89
C ARG A 517 60.99 -36.21 -6.52
N SER A 518 60.46 -34.99 -6.60
CA SER A 518 59.09 -34.76 -7.06
C SER A 518 59.03 -33.71 -8.17
N HIS A 519 59.68 -34.04 -9.28
CA HIS A 519 59.57 -33.27 -10.53
C HIS A 519 58.47 -33.91 -11.37
N LEU A 520 57.23 -33.54 -11.05
CA LEU A 520 56.04 -34.22 -11.60
C LEU A 520 55.51 -33.53 -12.84
N ARG A 521 55.65 -34.18 -13.98
CA ARG A 521 55.21 -33.62 -15.27
C ARG A 521 53.68 -33.71 -15.34
N ASN A 522 53.14 -34.92 -15.52
CA ASN A 522 51.69 -35.13 -15.62
C ASN A 522 51.13 -35.56 -14.27
N ASP A 523 49.80 -35.70 -14.21
CA ASP A 523 49.10 -36.15 -13.00
C ASP A 523 49.55 -37.54 -12.56
N THR A 524 49.73 -38.45 -13.52
CA THR A 524 50.07 -39.85 -13.26
C THR A 524 51.52 -40.10 -12.84
N ASP A 525 52.41 -39.12 -13.07
CA ASP A 525 53.82 -39.27 -12.70
C ASP A 525 53.99 -39.40 -11.19
N VAL A 526 54.95 -40.23 -10.78
CA VAL A 526 55.04 -40.72 -9.41
C VAL A 526 56.15 -40.02 -8.62
N VAL A 527 55.90 -39.84 -7.32
CA VAL A 527 56.93 -39.47 -6.35
C VAL A 527 57.18 -40.70 -5.50
N ASN A 528 58.40 -41.26 -5.58
CA ASN A 528 58.77 -42.41 -4.75
C ASN A 528 59.03 -41.95 -3.32
N PHE A 529 58.44 -42.65 -2.35
CA PHE A 529 58.66 -42.36 -0.93
C PHE A 529 58.91 -43.64 -0.14
N ILE A 530 59.49 -43.49 1.06
CA ILE A 530 59.79 -44.63 1.93
C ILE A 530 58.92 -44.56 3.19
N SER A 531 57.98 -45.50 3.29
CA SER A 531 57.08 -45.59 4.44
C SER A 531 57.77 -46.35 5.57
N LEU A 532 57.90 -45.72 6.74
CA LEU A 532 58.45 -46.39 7.94
C LEU A 532 57.46 -46.26 9.10
N GLU A 533 56.77 -47.35 9.44
CA GLU A 533 55.62 -47.28 10.37
C GLU A 533 55.71 -48.20 11.58
N PHE A 534 55.29 -47.72 12.75
CA PHE A 534 55.35 -48.50 13.99
C PHE A 534 54.19 -49.48 14.07
N SER A 535 54.46 -50.69 14.56
CA SER A 535 53.43 -51.73 14.67
C SER A 535 53.82 -52.86 15.65
N LEU A 536 52.82 -53.41 16.33
CA LEU A 536 53.01 -54.50 17.31
C LEU A 536 52.79 -55.90 16.73
N THR A 537 52.20 -56.00 15.54
CA THR A 537 51.88 -57.29 14.91
C THR A 537 53.15 -57.98 14.37
N ASP A 538 53.20 -59.30 14.51
CA ASP A 538 54.32 -60.11 14.03
C ASP A 538 54.09 -60.42 12.54
N PRO A 539 55.08 -60.10 11.68
CA PRO A 539 54.93 -60.32 10.23
C PRO A 539 55.03 -61.78 9.78
N ARG A 540 55.73 -62.62 10.53
CA ARG A 540 55.92 -64.05 10.17
C ARG A 540 54.66 -64.91 10.35
N ASN A 541 53.70 -64.46 11.15
CA ASN A 541 52.41 -65.16 11.32
C ASN A 541 51.52 -65.07 10.07
N GLU A 542 51.60 -63.95 9.35
CA GLU A 542 50.85 -63.73 8.12
C GLU A 542 51.80 -63.17 7.05
N ILE A 543 52.74 -64.01 6.64
CA ILE A 543 53.85 -63.63 5.75
C ILE A 543 53.43 -63.10 4.37
N HIS A 544 52.35 -63.66 3.82
CA HIS A 544 51.84 -63.24 2.51
C HIS A 544 51.36 -61.79 2.47
N LYS A 545 50.71 -61.35 3.56
CA LYS A 545 50.17 -59.98 3.68
C LYS A 545 51.22 -58.89 3.45
N TRP A 546 52.43 -59.11 3.94
CA TRP A 546 53.51 -58.11 3.95
C TRP A 546 54.59 -58.39 2.89
N GLU A 547 54.21 -59.02 1.77
CA GLU A 547 55.14 -59.48 0.74
C GLU A 547 56.14 -58.41 0.26
N LYS A 548 55.69 -57.16 0.16
CA LYS A 548 56.55 -56.04 -0.28
C LYS A 548 57.23 -55.27 0.86
N TYR A 549 56.92 -55.61 2.12
CA TYR A 549 57.47 -54.89 3.28
C TYR A 549 58.78 -55.50 3.77
N CYS A 550 59.63 -54.66 4.36
CA CYS A 550 60.81 -55.11 5.12
C CYS A 550 60.64 -54.64 6.56
N VAL A 551 60.53 -55.58 7.49
CA VAL A 551 60.24 -55.27 8.89
C VAL A 551 61.51 -55.38 9.76
N LEU A 552 61.72 -54.39 10.62
CA LEU A 552 62.84 -54.35 11.55
C LEU A 552 62.32 -54.40 12.98
N GLU A 553 62.93 -55.23 13.82
CA GLU A 553 62.62 -55.27 15.25
C GLU A 553 63.47 -54.22 15.95
N ILE A 554 62.89 -53.03 16.14
CA ILE A 554 63.65 -51.85 16.58
C ILE A 554 63.64 -51.57 18.08
N GLY A 555 62.68 -52.15 18.82
CA GLY A 555 62.56 -51.87 20.25
C GLY A 555 61.62 -52.75 21.04
N ASP A 556 61.44 -52.44 22.32
CA ASP A 556 60.55 -53.21 23.21
C ASP A 556 59.80 -52.29 24.18
N MET A 557 58.58 -52.70 24.57
CA MET A 557 57.78 -51.93 25.53
C MET A 557 56.83 -52.77 26.38
N GLU A 558 56.34 -52.15 27.45
CA GLU A 558 55.41 -52.76 28.39
C GLU A 558 53.96 -52.46 27.97
N ILE A 559 53.11 -53.49 28.03
CA ILE A 559 51.68 -53.37 27.80
C ILE A 559 50.91 -54.09 28.92
N ARG A 560 49.87 -53.43 29.41
CA ARG A 560 49.01 -53.98 30.46
C ARG A 560 47.80 -54.65 29.82
N THR A 561 47.68 -55.97 30.03
CA THR A 561 46.51 -56.75 29.58
C THR A 561 45.35 -56.51 30.55
N SER A 562 44.14 -56.89 30.16
CA SER A 562 42.96 -56.86 31.04
C SER A 562 43.22 -57.51 32.41
N ILE A 563 43.88 -58.67 32.39
CA ILE A 563 44.26 -59.39 33.63
C ILE A 563 45.76 -59.18 33.91
N SER A 564 46.61 -59.67 33.01
CA SER A 564 48.07 -59.68 33.19
C SER A 564 48.73 -58.37 32.75
N THR A 565 50.07 -58.33 32.79
CA THR A 565 50.86 -57.19 32.28
C THR A 565 52.10 -57.70 31.55
N ILE A 566 52.03 -57.76 30.21
CA ILE A 566 53.02 -58.48 29.38
C ILE A 566 53.85 -57.53 28.51
N MET A 567 55.18 -57.68 28.57
CA MET A 567 56.10 -56.90 27.73
C MET A 567 56.13 -57.49 26.31
N LYS A 568 56.22 -56.60 25.30
CA LYS A 568 56.27 -57.02 23.89
C LYS A 568 57.28 -56.20 23.05
N PRO A 569 57.76 -56.77 21.93
CA PRO A 569 58.65 -56.07 21.01
C PRO A 569 57.89 -55.25 19.98
N VAL A 570 58.45 -54.11 19.59
CA VAL A 570 57.86 -53.25 18.54
C VAL A 570 58.55 -53.48 17.19
N TYR A 571 57.76 -53.45 16.13
CA TYR A 571 58.22 -53.68 14.77
C TYR A 571 58.05 -52.41 13.95
N LEU A 572 59.11 -52.05 13.21
CA LEU A 572 59.06 -50.92 12.27
C LEU A 572 58.93 -51.46 10.84
N TYR A 573 57.74 -51.34 10.28
CA TYR A 573 57.47 -51.78 8.91
C TYR A 573 58.00 -50.71 7.95
N VAL A 574 59.07 -51.05 7.24
CA VAL A 574 59.70 -50.18 6.24
C VAL A 574 59.30 -50.69 4.84
N ARG A 575 59.03 -49.75 3.94
CA ARG A 575 58.53 -50.10 2.60
C ARG A 575 58.77 -48.97 1.59
N THR A 576 59.43 -49.31 0.48
CA THR A 576 59.56 -48.40 -0.66
C THR A 576 58.23 -48.38 -1.41
N ASN A 577 57.74 -47.17 -1.70
CA ASN A 577 56.41 -46.97 -2.28
C ASN A 577 56.43 -45.77 -3.23
N GLY A 578 55.31 -45.54 -3.92
CA GLY A 578 55.17 -44.43 -4.85
C GLY A 578 53.72 -43.99 -5.02
N THR A 579 53.50 -42.68 -5.02
CA THR A 579 52.17 -42.11 -5.25
C THR A 579 52.24 -40.96 -6.24
N SER A 580 51.10 -40.69 -6.87
CA SER A 580 50.98 -39.68 -7.93
C SER A 580 50.02 -38.56 -7.56
N LYS A 581 50.18 -37.43 -8.25
CA LYS A 581 49.41 -36.20 -7.98
C LYS A 581 47.92 -36.48 -7.91
N ILE A 582 47.41 -37.18 -8.93
CA ILE A 582 46.02 -37.63 -8.95
C ILE A 582 45.65 -38.46 -7.71
N LYS A 583 46.51 -39.39 -7.30
CA LYS A 583 46.20 -40.28 -6.17
C LYS A 583 46.24 -39.55 -4.83
N MET A 584 47.24 -38.70 -4.62
CA MET A 584 47.30 -37.90 -3.37
C MET A 584 46.27 -36.76 -3.34
N LYS A 585 45.92 -36.20 -4.50
CA LYS A 585 44.82 -35.22 -4.60
C LYS A 585 43.49 -35.81 -4.11
N TRP A 586 43.15 -37.00 -4.58
CA TRP A 586 41.95 -37.70 -4.12
C TRP A 586 42.08 -38.22 -2.69
N GLY A 587 43.32 -38.47 -2.26
CA GLY A 587 43.63 -38.71 -0.86
C GLY A 587 43.32 -37.53 0.03
N MET A 588 43.64 -36.32 -0.43
CA MET A 588 43.29 -35.09 0.30
C MET A 588 41.77 -34.94 0.48
N GLU A 589 41.01 -35.29 -0.56
CA GLU A 589 39.56 -35.14 -0.58
C GLU A 589 38.80 -36.36 -0.03
N MET A 590 39.45 -37.19 0.78
CA MET A 590 38.82 -38.41 1.29
C MET A 590 37.68 -38.13 2.27
N ARG A 591 37.70 -36.97 2.91
CA ARG A 591 36.61 -36.55 3.82
C ARG A 591 35.20 -36.71 3.23
N ARG A 592 35.06 -36.59 1.91
CA ARG A 592 33.76 -36.82 1.25
C ARG A 592 33.22 -38.26 1.34
N CYS A 593 34.06 -39.20 1.78
CA CYS A 593 33.61 -40.57 2.08
C CYS A 593 32.46 -40.64 3.11
N LEU A 594 32.43 -39.67 4.03
CA LEU A 594 31.34 -39.58 5.01
C LEU A 594 29.98 -39.40 4.32
N LEU A 595 29.93 -38.52 3.32
CA LEU A 595 28.68 -38.16 2.64
C LEU A 595 28.01 -39.35 1.93
N GLN A 596 28.81 -40.18 1.26
CA GLN A 596 28.31 -41.40 0.58
C GLN A 596 27.57 -42.32 1.55
N SER A 597 28.09 -42.44 2.77
CA SER A 597 27.46 -43.21 3.83
C SER A 597 26.25 -42.47 4.41
N LEU A 598 26.47 -41.24 4.87
CA LEU A 598 25.46 -40.50 5.61
C LEU A 598 24.24 -40.08 4.78
N GLN A 599 24.43 -39.79 3.49
CA GLN A 599 23.31 -39.55 2.59
C GLN A 599 22.45 -40.81 2.45
N GLN A 600 23.12 -41.95 2.27
CA GLN A 600 22.46 -43.25 2.16
C GLN A 600 21.73 -43.64 3.46
N VAL A 601 22.36 -43.36 4.60
CA VAL A 601 21.72 -43.59 5.90
C VAL A 601 20.51 -42.66 6.05
N GLU A 602 20.72 -41.36 5.82
CA GLU A 602 19.68 -40.35 5.95
C GLU A 602 18.49 -40.60 5.02
N SER A 603 18.75 -41.08 3.81
CA SER A 603 17.68 -41.46 2.88
C SER A 603 16.82 -42.61 3.43
N MET A 604 17.46 -43.57 4.10
CA MET A 604 16.75 -44.69 4.74
C MET A 604 15.90 -44.25 5.94
N ILE A 605 16.36 -43.22 6.65
CA ILE A 605 15.61 -42.60 7.75
C ILE A 605 14.43 -41.82 7.18
N GLU A 606 14.72 -40.94 6.22
CA GLU A 606 13.69 -40.13 5.57
C GLU A 606 12.67 -40.97 4.78
N ALA A 607 13.07 -42.15 4.30
CA ALA A 607 12.13 -43.08 3.67
C ALA A 607 11.03 -43.54 4.65
N GLU A 608 11.44 -43.86 5.88
CA GLU A 608 10.49 -44.22 6.94
C GLU A 608 9.79 -43.01 7.57
N SER A 609 10.50 -41.88 7.66
CA SER A 609 9.92 -40.65 8.22
C SER A 609 8.65 -40.20 7.50
N ALA A 610 8.67 -40.28 6.17
CA ALA A 610 7.55 -39.88 5.32
C ALA A 610 6.32 -40.74 5.57
N VAL A 611 6.48 -42.05 5.51
CA VAL A 611 5.40 -43.00 5.75
C VAL A 611 4.92 -43.01 7.22
N LYS A 612 5.85 -42.83 8.16
CA LYS A 612 5.47 -42.78 9.59
C LYS A 612 4.90 -41.41 10.01
N GLU A 613 5.15 -40.37 9.21
CA GLU A 613 4.69 -39.00 9.47
C GLU A 613 5.27 -38.42 10.78
N LYS A 614 6.56 -38.63 10.97
CA LYS A 614 7.25 -38.25 12.21
C LYS A 614 8.75 -38.28 11.96
N ASP A 615 9.49 -37.46 12.70
CA ASP A 615 10.96 -37.46 12.64
C ASP A 615 11.50 -38.75 13.24
N MET A 616 11.76 -39.74 12.38
CA MET A 616 12.27 -41.05 12.81
C MET A 616 13.75 -41.05 13.20
N THR A 617 14.43 -39.91 13.01
CA THR A 617 15.80 -39.69 13.50
C THR A 617 16.09 -40.34 14.86
N GLU A 618 15.36 -39.94 15.89
CA GLU A 618 15.63 -40.39 17.26
C GLU A 618 15.22 -41.86 17.50
N PRO A 619 13.99 -42.26 17.09
CA PRO A 619 13.61 -43.68 17.23
C PRO A 619 14.37 -44.70 16.35
N PHE A 620 15.28 -44.24 15.48
CA PHE A 620 16.20 -45.14 14.76
C PHE A 620 17.44 -45.43 15.59
N PHE A 621 18.08 -44.38 16.09
CA PHE A 621 19.31 -44.51 16.89
C PHE A 621 19.02 -44.96 18.32
N ARG A 622 18.08 -44.29 18.97
CA ARG A 622 17.83 -44.48 20.40
C ARG A 622 17.12 -45.80 20.68
N ASN A 623 16.00 -46.03 19.99
CA ASN A 623 15.28 -47.31 20.06
C ASN A 623 16.08 -48.35 19.26
N ARG A 624 16.97 -49.05 19.97
CA ARG A 624 17.91 -49.98 19.34
C ARG A 624 17.21 -51.28 18.92
N GLU A 625 17.23 -51.57 17.62
CA GLU A 625 16.68 -52.80 17.07
C GLU A 625 17.60 -53.35 15.98
N ASN A 626 17.98 -54.61 16.09
CA ASN A 626 18.82 -55.28 15.08
C ASN A 626 17.95 -55.75 13.90
N ASP A 627 17.86 -54.90 12.88
CA ASP A 627 16.99 -55.18 11.71
C ASP A 627 17.58 -54.67 10.38
N TRP A 628 18.89 -54.82 10.20
CA TRP A 628 19.56 -54.60 8.90
C TRP A 628 20.68 -55.62 8.71
N PRO A 629 20.58 -56.51 7.70
CA PRO A 629 21.63 -57.51 7.51
C PRO A 629 22.94 -56.90 7.02
N ILE A 630 23.94 -56.86 7.91
CA ILE A 630 25.25 -56.23 7.62
C ILE A 630 26.47 -57.18 7.72
N GLY A 631 26.28 -58.39 8.24
CA GLY A 631 27.38 -59.35 8.41
C GLY A 631 26.91 -60.78 8.41
N GLU A 632 27.86 -61.71 8.26
CA GLU A 632 27.59 -63.13 8.19
C GLU A 632 28.52 -63.89 9.14
N SER A 633 27.95 -64.46 10.20
CA SER A 633 28.69 -65.23 11.22
C SER A 633 28.55 -66.74 10.95
N PRO A 634 29.30 -67.58 11.70
CA PRO A 634 29.14 -69.04 11.60
C PRO A 634 27.72 -69.59 11.80
N GLN A 635 26.88 -68.90 12.58
CA GLN A 635 25.48 -69.29 12.78
C GLN A 635 24.65 -69.00 11.52
N GLY A 636 24.76 -67.77 11.02
CA GLY A 636 24.01 -67.34 9.84
C GLY A 636 24.30 -65.91 9.44
N ILE A 637 23.25 -65.18 9.06
CA ILE A 637 23.37 -63.78 8.63
C ILE A 637 22.96 -62.87 9.79
N GLU A 638 23.94 -62.20 10.39
CA GLU A 638 23.71 -61.34 11.56
C GLU A 638 23.18 -59.97 11.15
N LYS A 639 22.20 -59.47 11.90
CA LYS A 639 21.60 -58.16 11.67
C LYS A 639 22.20 -57.14 12.64
N GLY A 640 22.27 -55.88 12.19
CA GLY A 640 22.80 -54.77 12.98
C GLY A 640 21.89 -53.56 12.92
N THR A 641 22.29 -52.50 13.63
CA THR A 641 21.51 -51.28 13.76
C THR A 641 21.98 -50.18 12.81
N ILE A 642 21.16 -49.13 12.70
CA ILE A 642 21.45 -47.96 11.85
C ILE A 642 22.83 -47.34 12.11
N GLY A 643 23.29 -47.39 13.36
CA GLY A 643 24.64 -46.96 13.73
C GLY A 643 25.71 -47.87 13.16
N LYS A 644 25.45 -49.19 13.18
CA LYS A 644 26.35 -50.16 12.56
C LYS A 644 26.36 -49.99 11.04
N VAL A 645 25.18 -49.80 10.45
CA VAL A 645 25.03 -49.59 9.00
C VAL A 645 25.85 -48.37 8.54
N CYS A 646 25.78 -47.29 9.30
CA CYS A 646 26.56 -46.07 9.05
C CYS A 646 28.05 -46.37 8.92
N ARG A 647 28.61 -47.07 9.91
CA ARG A 647 30.04 -47.41 9.93
C ARG A 647 30.42 -48.46 8.88
N VAL A 648 29.54 -49.45 8.67
CA VAL A 648 29.74 -50.48 7.64
C VAL A 648 29.79 -49.81 6.25
N LEU A 649 28.80 -48.97 5.96
CA LEU A 649 28.76 -48.24 4.68
C LEU A 649 29.86 -47.18 4.57
N LEU A 650 30.28 -46.61 5.70
CA LEU A 650 31.44 -45.70 5.72
C LEU A 650 32.72 -46.46 5.35
N ALA A 651 32.95 -47.58 6.02
CA ALA A 651 34.12 -48.42 5.75
C ALA A 651 34.26 -48.79 4.27
N LYS A 652 33.15 -49.15 3.64
CA LYS A 652 33.12 -49.44 2.19
C LYS A 652 33.55 -48.22 1.40
N SER A 653 32.97 -47.07 1.74
CA SER A 653 33.29 -45.80 1.09
C SER A 653 34.76 -45.41 1.25
N VAL A 654 35.34 -45.70 2.41
CA VAL A 654 36.76 -45.47 2.65
C VAL A 654 37.62 -46.46 1.85
N PHE A 655 37.32 -47.75 1.98
CA PHE A 655 38.07 -48.81 1.28
C PHE A 655 38.03 -48.67 -0.25
N ASN A 656 36.90 -48.19 -0.78
CA ASN A 656 36.81 -47.80 -2.20
C ASN A 656 37.83 -46.71 -2.54
N SER A 657 38.00 -45.75 -1.62
CA SER A 657 38.97 -44.66 -1.81
C SER A 657 40.42 -45.11 -1.65
N ILE A 658 40.68 -45.98 -0.67
CA ILE A 658 42.03 -46.48 -0.41
C ILE A 658 42.45 -47.46 -1.51
N TYR A 659 41.64 -48.48 -1.76
CA TYR A 659 41.93 -49.49 -2.79
C TYR A 659 41.29 -49.12 -4.12
N ALA A 660 41.59 -47.91 -4.58
CA ALA A 660 41.05 -47.36 -5.81
C ALA A 660 41.83 -47.91 -6.99
N SER A 661 41.12 -48.52 -7.94
CA SER A 661 41.74 -49.20 -9.06
C SER A 661 40.77 -49.30 -10.24
N ALA A 662 41.33 -49.59 -11.42
CA ALA A 662 40.53 -49.85 -12.62
C ALA A 662 39.67 -51.12 -12.47
N GLN A 663 40.19 -52.08 -11.70
CA GLN A 663 39.52 -53.37 -11.49
C GLN A 663 38.23 -53.20 -10.70
N LEU A 664 38.30 -52.45 -9.61
CA LEU A 664 37.13 -52.04 -8.82
C LEU A 664 36.12 -51.31 -9.68
N GLU A 665 36.62 -50.32 -10.42
CA GLU A 665 35.83 -49.48 -11.31
C GLU A 665 35.05 -50.31 -12.33
N GLY A 666 35.75 -51.24 -12.98
CA GLY A 666 35.14 -52.15 -13.95
C GLY A 666 34.20 -53.17 -13.33
N PHE A 667 34.62 -53.78 -12.23
CA PHE A 667 33.80 -54.75 -11.49
C PHE A 667 32.48 -54.16 -11.03
N SER A 668 32.57 -53.02 -10.34
CA SER A 668 31.41 -52.35 -9.76
C SER A 668 30.31 -52.05 -10.78
N ALA A 669 30.72 -51.59 -11.96
CA ALA A 669 29.78 -51.28 -13.04
C ALA A 669 29.05 -52.51 -13.56
N GLU A 670 29.80 -53.59 -13.83
CA GLU A 670 29.24 -54.80 -14.40
C GLU A 670 28.46 -55.65 -13.40
N SER A 671 28.93 -55.74 -12.14
CA SER A 671 28.20 -56.47 -11.09
C SER A 671 26.81 -55.86 -10.79
N ARG A 672 26.74 -54.53 -10.91
CA ARG A 672 25.48 -53.78 -10.75
C ARG A 672 24.34 -54.30 -11.66
N LYS A 673 24.69 -54.70 -12.89
CA LYS A 673 23.71 -55.23 -13.84
C LYS A 673 23.10 -56.54 -13.35
N LEU A 674 23.94 -57.38 -12.76
CA LEU A 674 23.51 -58.65 -12.17
C LEU A 674 22.72 -58.40 -10.87
N LEU A 675 23.22 -57.46 -10.05
CA LEU A 675 22.49 -57.01 -8.85
C LEU A 675 21.07 -56.52 -9.19
N LEU A 676 20.97 -55.72 -10.25
CA LEU A 676 19.67 -55.22 -10.75
C LEU A 676 18.76 -56.34 -11.28
N LEU A 677 19.35 -57.34 -11.93
CA LEU A 677 18.62 -58.52 -12.38
C LEU A 677 18.03 -59.31 -11.20
N ILE A 678 18.85 -59.53 -10.17
CA ILE A 678 18.38 -60.19 -8.93
C ILE A 678 17.21 -59.41 -8.31
N GLN A 679 17.36 -58.08 -8.27
CA GLN A 679 16.30 -57.20 -7.75
C GLN A 679 15.05 -57.21 -8.63
N ALA A 680 15.21 -57.29 -9.95
CA ALA A 680 14.08 -57.40 -10.89
C ALA A 680 13.37 -58.75 -10.80
N PHE A 681 14.14 -59.80 -10.49
CA PHE A 681 13.55 -61.11 -10.17
C PHE A 681 12.80 -61.04 -8.85
N ARG A 682 13.45 -60.49 -7.83
CA ARG A 682 12.83 -60.43 -6.48
C ARG A 682 11.62 -59.47 -6.43
N ASP A 683 11.61 -58.46 -7.29
CA ASP A 683 10.42 -57.62 -7.53
C ASP A 683 9.30 -58.37 -8.28
N ASN A 684 9.65 -59.50 -8.90
CA ASN A 684 8.71 -60.35 -9.64
C ASN A 684 8.41 -59.71 -11.00
N LEU A 685 9.47 -59.36 -11.73
CA LEU A 685 9.32 -58.76 -13.07
C LEU A 685 9.87 -59.65 -14.19
N ASP A 686 9.80 -60.97 -14.02
CA ASP A 686 10.16 -61.97 -15.04
C ASP A 686 11.40 -61.57 -15.89
N PRO A 687 12.54 -61.33 -15.22
CA PRO A 687 13.70 -60.80 -15.92
C PRO A 687 14.35 -61.79 -16.90
N GLY A 688 15.21 -61.27 -17.78
CA GLY A 688 15.90 -62.08 -18.78
C GLY A 688 17.18 -61.42 -19.28
N THR A 689 18.06 -62.23 -19.85
CA THR A 689 19.32 -61.78 -20.42
C THR A 689 19.49 -62.36 -21.82
N PHE A 690 20.16 -61.59 -22.67
CA PHE A 690 20.45 -62.01 -24.04
C PHE A 690 21.70 -62.90 -24.07
N ASP A 691 22.67 -62.56 -23.25
CA ASP A 691 23.90 -63.35 -23.08
C ASP A 691 24.40 -63.20 -21.64
N LEU A 692 24.01 -64.15 -20.78
CA LEU A 692 24.37 -64.13 -19.36
C LEU A 692 25.86 -64.39 -19.16
N LYS A 693 26.38 -65.44 -19.80
CA LYS A 693 27.77 -65.88 -19.61
C LYS A 693 28.79 -64.89 -20.20
N GLY A 694 28.35 -64.09 -21.17
CA GLY A 694 29.15 -62.97 -21.69
C GLY A 694 29.35 -61.85 -20.69
N LEU A 695 28.31 -61.59 -19.88
CA LEU A 695 28.40 -60.63 -18.77
C LEU A 695 29.37 -61.14 -17.70
N TYR A 696 29.14 -62.37 -17.25
CA TYR A 696 30.04 -63.06 -16.30
C TYR A 696 31.52 -62.94 -16.68
N GLU A 697 31.82 -63.12 -17.97
CA GLU A 697 33.19 -62.93 -18.47
C GLU A 697 33.68 -61.49 -18.29
N ALA A 698 32.81 -60.52 -18.57
CA ALA A 698 33.12 -59.10 -18.36
C ALA A 698 33.30 -58.73 -16.88
N ILE A 699 32.55 -59.40 -15.99
CA ILE A 699 32.71 -59.24 -14.54
C ILE A 699 34.03 -59.88 -14.07
N GLU A 700 34.24 -61.13 -14.46
CA GLU A 700 35.43 -61.90 -14.06
C GLU A 700 36.75 -61.40 -14.67
N GLU A 701 36.67 -60.76 -15.84
CA GLU A 701 37.83 -60.10 -16.46
C GLU A 701 38.46 -59.06 -15.53
N CYS A 702 37.60 -58.32 -14.81
CA CYS A 702 38.04 -57.27 -13.88
C CYS A 702 38.73 -57.81 -12.62
N ILE A 703 38.30 -58.97 -12.12
CA ILE A 703 38.83 -59.51 -10.86
C ILE A 703 40.20 -60.14 -11.14
N ILE A 704 41.26 -59.46 -10.72
CA ILE A 704 42.65 -59.87 -11.03
C ILE A 704 43.50 -60.00 -9.76
N ASN A 705 44.04 -58.88 -9.25
CA ASN A 705 44.98 -58.90 -8.11
C ASN A 705 44.62 -58.02 -6.91
N ASP A 706 43.67 -57.10 -7.07
CA ASP A 706 43.36 -56.11 -6.03
C ASP A 706 42.60 -56.82 -4.88
N PRO A 707 43.11 -56.72 -3.63
CA PRO A 707 42.45 -57.39 -2.49
C PRO A 707 40.98 -57.00 -2.27
N TRP A 708 40.69 -55.71 -2.47
CA TRP A 708 39.34 -55.15 -2.29
C TRP A 708 38.33 -55.70 -3.31
N VAL A 709 38.76 -55.77 -4.57
CA VAL A 709 37.95 -56.31 -5.66
C VAL A 709 37.63 -57.79 -5.40
N LEU A 710 38.65 -58.53 -4.97
CA LEU A 710 38.51 -59.93 -4.60
C LEU A 710 37.55 -60.12 -3.42
N LEU A 711 37.61 -59.21 -2.44
CA LEU A 711 36.70 -59.22 -1.29
C LEU A 711 35.26 -58.90 -1.70
N ASN A 712 35.09 -57.87 -2.53
CA ASN A 712 33.75 -57.54 -3.08
C ASN A 712 33.18 -58.67 -3.93
N ALA A 713 34.04 -59.30 -4.75
CA ALA A 713 33.66 -60.46 -5.56
C ALA A 713 33.15 -61.64 -4.70
N SER A 714 33.80 -61.88 -3.57
CA SER A 714 33.37 -62.88 -2.60
C SER A 714 32.07 -62.46 -1.90
N TRP A 715 32.04 -61.20 -1.47
CA TRP A 715 30.81 -60.61 -0.91
C TRP A 715 29.59 -60.78 -1.82
N PHE A 716 29.80 -60.60 -3.14
CA PHE A 716 28.74 -60.85 -4.12
C PHE A 716 28.24 -62.30 -4.09
N ASN A 717 29.17 -63.25 -3.98
CA ASN A 717 28.81 -64.67 -3.88
C ASN A 717 28.07 -64.95 -2.57
N SER A 718 28.60 -64.40 -1.48
CA SER A 718 27.96 -64.47 -0.15
C SER A 718 26.54 -63.91 -0.16
N PHE A 719 26.33 -62.80 -0.87
CA PHE A 719 24.98 -62.27 -1.12
C PHE A 719 24.15 -63.24 -1.97
N LEU A 720 24.73 -63.67 -3.09
CA LEU A 720 24.04 -64.56 -4.04
C LEU A 720 23.53 -65.84 -3.37
N LYS A 721 24.37 -66.48 -2.55
CA LYS A 721 23.93 -67.66 -1.78
C LYS A 721 22.88 -67.29 -0.72
N ALA A 722 23.10 -66.17 -0.04
CA ALA A 722 22.17 -65.66 0.98
C ALA A 722 20.77 -65.37 0.42
N VAL A 723 20.69 -64.96 -0.84
CA VAL A 723 19.40 -64.84 -1.54
C VAL A 723 18.82 -66.24 -1.79
N GLN A 724 19.61 -67.09 -2.45
CA GLN A 724 19.21 -68.45 -2.83
C GLN A 724 18.66 -69.28 -1.67
N LEU A 725 19.32 -69.20 -0.51
CA LEU A 725 18.87 -69.93 0.68
C LEU A 725 17.53 -69.39 1.22
N SER A 726 17.39 -68.07 1.26
CA SER A 726 16.16 -67.43 1.76
C SER A 726 14.97 -67.56 0.81
N MET A 727 15.24 -67.57 -0.49
CA MET A 727 14.19 -67.55 -1.51
C MET A 727 13.52 -68.92 -1.68
N GLY A 728 14.30 -69.92 -2.10
CA GLY A 728 13.78 -71.27 -2.35
C GLY A 728 13.74 -72.11 -1.09
N MET B 10 31.96 -62.96 13.58
CA MET B 10 31.15 -62.38 12.46
C MET B 10 32.04 -61.66 11.44
N ASP B 11 31.79 -61.91 10.16
CA ASP B 11 32.45 -61.20 9.05
C ASP B 11 31.47 -60.21 8.43
N VAL B 12 31.92 -58.96 8.25
CA VAL B 12 31.07 -57.88 7.74
C VAL B 12 30.96 -58.00 6.21
N ASN B 13 29.77 -57.69 5.70
CA ASN B 13 29.47 -57.76 4.26
C ASN B 13 28.37 -56.74 3.93
N PRO B 14 28.74 -55.53 3.46
CA PRO B 14 27.76 -54.46 3.21
C PRO B 14 26.70 -54.81 2.14
N MET B 15 27.12 -55.53 1.10
CA MET B 15 26.19 -55.99 0.05
C MET B 15 25.05 -56.90 0.54
N LEU B 16 25.12 -57.36 1.79
CA LEU B 16 23.95 -57.98 2.44
C LEU B 16 22.79 -57.01 2.66
N ILE B 17 23.06 -55.71 2.78
CA ILE B 17 22.00 -54.67 2.85
C ILE B 17 20.92 -54.90 1.78
N PHE B 18 21.40 -55.24 0.58
CA PHE B 18 20.53 -55.51 -0.58
C PHE B 18 19.53 -56.67 -0.37
N LEU B 19 19.70 -57.48 0.67
CA LEU B 19 18.65 -58.41 1.11
C LEU B 19 17.41 -57.66 1.58
N LYS B 20 17.60 -56.62 2.40
CA LYS B 20 16.47 -55.85 2.93
C LYS B 20 16.11 -54.69 2.00
N VAL B 21 17.10 -53.84 1.72
CA VAL B 21 16.86 -52.62 0.92
C VAL B 21 16.94 -52.96 -0.56
N PRO B 22 16.00 -52.45 -1.39
CA PRO B 22 16.14 -52.64 -2.84
C PRO B 22 17.40 -51.99 -3.43
N VAL B 23 17.95 -52.62 -4.47
CA VAL B 23 19.20 -52.19 -5.10
C VAL B 23 19.12 -50.74 -5.61
N GLN B 24 18.01 -50.41 -6.27
CA GLN B 24 17.78 -49.05 -6.77
C GLN B 24 17.72 -48.01 -5.64
N ASN B 25 17.02 -48.35 -4.55
CA ASN B 25 16.92 -47.44 -3.39
C ASN B 25 18.26 -47.19 -2.68
N ALA B 26 19.16 -48.19 -2.73
CA ALA B 26 20.51 -48.05 -2.16
C ALA B 26 21.61 -48.07 -3.22
N ILE B 27 21.28 -47.62 -4.43
CA ILE B 27 22.20 -47.67 -5.57
C ILE B 27 23.49 -46.85 -5.37
N SER B 28 23.44 -45.83 -4.50
CA SER B 28 24.62 -45.04 -4.12
C SER B 28 25.81 -45.87 -3.64
N THR B 29 25.54 -46.94 -2.88
CA THR B 29 26.60 -47.78 -2.30
C THR B 29 27.37 -48.61 -3.33
N THR B 30 26.78 -48.84 -4.51
CA THR B 30 27.45 -49.59 -5.58
C THR B 30 28.53 -48.78 -6.29
N PHE B 31 28.33 -47.47 -6.41
CA PHE B 31 29.32 -46.59 -7.06
C PHE B 31 30.49 -46.28 -6.12
N PRO B 32 31.73 -46.64 -6.50
CA PRO B 32 32.91 -46.37 -5.67
C PRO B 32 33.62 -45.09 -6.10
N TYR B 33 32.86 -44.00 -6.17
CA TYR B 33 33.33 -42.76 -6.81
C TYR B 33 34.02 -41.80 -5.84
N THR B 34 34.20 -42.22 -4.58
CA THR B 34 34.96 -41.46 -3.59
C THR B 34 36.48 -41.54 -3.79
N GLY B 35 36.93 -42.59 -4.48
CA GLY B 35 38.35 -42.76 -4.83
C GLY B 35 38.71 -42.15 -6.17
N ASP B 36 40.00 -42.13 -6.47
CA ASP B 36 40.50 -41.57 -7.74
C ASP B 36 40.08 -42.44 -8.94
N PRO B 37 39.90 -41.81 -10.12
CA PRO B 37 39.52 -42.60 -11.29
C PRO B 37 40.74 -43.14 -12.05
N PRO B 38 40.50 -44.07 -13.00
CA PRO B 38 41.61 -44.61 -13.79
C PRO B 38 42.08 -43.66 -14.89
N TYR B 39 43.39 -43.40 -14.92
CA TYR B 39 44.01 -42.58 -15.96
C TYR B 39 44.84 -43.46 -16.89
N SER B 40 44.89 -43.08 -18.17
CA SER B 40 45.81 -43.69 -19.13
C SER B 40 47.15 -42.95 -19.02
N HIS B 41 48.23 -43.72 -18.88
CA HIS B 41 49.55 -43.14 -18.66
C HIS B 41 50.21 -42.70 -19.97
N GLY B 42 50.52 -43.69 -20.83
CA GLY B 42 51.31 -43.44 -22.04
C GLY B 42 50.48 -43.08 -23.26
N THR B 43 50.99 -43.44 -24.44
CA THR B 43 50.37 -43.07 -25.71
C THR B 43 49.17 -43.94 -26.07
N GLY B 44 48.22 -43.35 -26.79
CA GLY B 44 47.02 -44.04 -27.23
C GLY B 44 47.16 -44.81 -28.54
N THR B 45 48.33 -44.70 -29.17
CA THR B 45 48.63 -45.39 -30.43
C THR B 45 48.22 -46.87 -30.43
N GLY B 46 48.49 -47.57 -29.32
CA GLY B 46 48.08 -48.96 -29.15
C GLY B 46 46.58 -49.18 -29.19
N TYR B 47 45.82 -48.24 -28.61
CA TYR B 47 44.35 -48.32 -28.60
C TYR B 47 43.74 -47.87 -29.94
N THR B 48 44.32 -46.83 -30.54
CA THR B 48 43.89 -46.30 -31.84
C THR B 48 43.90 -47.36 -32.95
N MET B 49 45.04 -48.05 -33.06
CA MET B 49 45.20 -49.14 -34.03
C MET B 49 44.17 -50.24 -33.83
N ASP B 50 43.88 -50.57 -32.57
CA ASP B 50 42.87 -51.57 -32.24
C ASP B 50 41.48 -51.11 -32.71
N THR B 51 41.16 -49.83 -32.47
CA THR B 51 39.92 -49.23 -32.98
C THR B 51 39.85 -49.27 -34.51
N VAL B 52 40.96 -48.88 -35.15
CA VAL B 52 41.05 -48.90 -36.62
C VAL B 52 40.86 -50.33 -37.17
N ILE B 53 41.47 -51.32 -36.51
CA ILE B 53 41.36 -52.72 -36.91
C ILE B 53 39.95 -53.26 -36.73
N ARG B 54 39.35 -53.03 -35.55
CA ARG B 54 37.98 -53.51 -35.28
C ARG B 54 36.96 -52.95 -36.29
N THR B 55 37.10 -51.67 -36.62
CA THR B 55 36.21 -51.01 -37.58
C THR B 55 36.21 -51.71 -38.96
N HIS B 56 37.41 -52.01 -39.46
CA HIS B 56 37.57 -52.75 -40.73
C HIS B 56 37.19 -54.24 -40.59
N ASP B 57 37.45 -54.81 -39.42
CA ASP B 57 37.11 -56.21 -39.13
C ASP B 57 35.60 -56.44 -39.08
N TYR B 58 34.84 -55.49 -38.51
CA TYR B 58 33.37 -55.57 -38.52
C TYR B 58 32.76 -55.31 -39.91
N SER B 59 33.53 -54.66 -40.79
CA SER B 59 33.13 -54.41 -42.18
C SER B 59 33.88 -55.29 -43.21
N SER B 60 34.61 -56.31 -42.74
CA SER B 60 35.54 -57.09 -43.56
C SER B 60 34.99 -57.65 -44.89
N ARG B 61 33.74 -58.14 -44.87
CA ARG B 61 33.08 -58.65 -46.09
C ARG B 61 32.68 -57.57 -47.11
N GLY B 62 32.81 -56.29 -46.76
CA GLY B 62 32.52 -55.20 -47.68
C GLY B 62 33.48 -55.11 -48.86
N ILE B 63 33.14 -54.24 -49.81
CA ILE B 63 33.88 -54.09 -51.06
C ILE B 63 34.95 -53.00 -50.87
N TRP B 64 36.20 -53.36 -51.21
CA TRP B 64 37.32 -52.42 -51.15
C TRP B 64 37.35 -51.52 -52.38
N LYS B 65 38.09 -50.42 -52.26
CA LYS B 65 38.42 -49.55 -53.40
C LYS B 65 39.54 -48.58 -52.99
N THR B 66 40.16 -47.95 -53.99
CA THR B 66 41.19 -46.94 -53.74
C THR B 66 40.68 -45.57 -54.18
N ASN B 67 40.95 -44.55 -53.37
CA ASN B 67 40.45 -43.20 -53.60
C ASN B 67 41.26 -42.49 -54.68
N SER B 68 40.58 -41.67 -55.49
CA SER B 68 41.21 -40.97 -56.61
C SER B 68 42.19 -39.90 -56.16
N GLU B 69 41.81 -39.14 -55.14
CA GLU B 69 42.62 -38.02 -54.61
C GLU B 69 43.51 -38.44 -53.45
N THR B 70 42.92 -39.12 -52.47
CA THR B 70 43.63 -39.55 -51.26
C THR B 70 44.66 -40.65 -51.55
N GLY B 71 44.28 -41.60 -52.42
CA GLY B 71 45.09 -42.78 -52.67
C GLY B 71 45.11 -43.78 -51.52
N ALA B 72 44.02 -43.78 -50.74
CA ALA B 72 43.90 -44.64 -49.56
C ALA B 72 42.96 -45.79 -49.85
N GLN B 73 43.20 -46.93 -49.19
CA GLN B 73 42.27 -48.08 -49.27
C GLN B 73 41.03 -47.80 -48.42
N GLN B 74 39.86 -47.81 -49.07
CA GLN B 74 38.58 -47.44 -48.45
C GLN B 74 37.57 -48.57 -48.55
N LEU B 75 37.26 -49.19 -47.42
CA LEU B 75 36.32 -50.31 -47.33
C LEU B 75 34.87 -49.81 -47.32
N ASN B 76 34.01 -50.43 -48.14
CA ASN B 76 32.65 -49.93 -48.40
C ASN B 76 31.58 -51.00 -48.05
N PRO B 77 31.25 -51.14 -46.75
CA PRO B 77 30.32 -52.20 -46.32
C PRO B 77 28.84 -51.97 -46.63
N ILE B 78 28.39 -50.71 -46.58
CA ILE B 78 27.00 -50.34 -46.91
C ILE B 78 26.53 -51.04 -48.21
N ASP B 79 25.30 -51.55 -48.18
CA ASP B 79 24.75 -52.41 -49.25
C ASP B 79 25.62 -53.64 -49.54
N GLY B 80 26.21 -54.21 -48.48
CA GLY B 80 27.04 -55.40 -48.58
C GLY B 80 26.21 -56.64 -48.31
N PRO B 81 26.88 -57.78 -48.02
CA PRO B 81 26.14 -59.02 -47.71
C PRO B 81 25.49 -58.94 -46.33
N LEU B 82 24.26 -59.43 -46.23
CA LEU B 82 23.54 -59.44 -44.95
C LEU B 82 24.27 -60.34 -43.95
N PRO B 83 24.43 -59.88 -42.71
CA PRO B 83 25.13 -60.72 -41.73
C PRO B 83 24.27 -61.90 -41.26
N GLU B 84 24.93 -63.00 -40.93
CA GLU B 84 24.25 -64.24 -40.51
C GLU B 84 24.81 -64.74 -39.17
N ASP B 85 25.03 -63.79 -38.26
CA ASP B 85 25.51 -64.07 -36.90
C ASP B 85 25.31 -62.85 -36.00
N ASN B 86 25.30 -63.09 -34.69
CA ASN B 86 25.04 -62.03 -33.71
C ASN B 86 26.22 -61.09 -33.43
N GLU B 87 27.36 -61.30 -34.09
CA GLU B 87 28.53 -60.43 -33.93
C GLU B 87 28.26 -59.04 -34.52
N PRO B 88 28.97 -58.00 -34.04
CA PRO B 88 28.80 -56.65 -34.59
C PRO B 88 29.10 -56.54 -36.08
N SER B 89 28.25 -55.82 -36.81
CA SER B 89 28.31 -55.74 -38.27
C SER B 89 28.23 -54.30 -38.76
N GLY B 90 29.09 -53.95 -39.70
CA GLY B 90 28.98 -52.68 -40.43
C GLY B 90 28.13 -52.77 -41.69
N TYR B 91 27.53 -53.93 -41.94
CA TYR B 91 26.82 -54.21 -43.19
C TYR B 91 25.39 -53.72 -43.07
N ALA B 92 25.19 -52.44 -43.37
CA ALA B 92 23.87 -51.82 -43.37
C ALA B 92 23.29 -51.81 -44.77
N GLN B 93 22.00 -51.48 -44.86
CA GLN B 93 21.27 -51.48 -46.14
C GLN B 93 20.55 -50.14 -46.37
N THR B 94 20.95 -49.43 -47.43
CA THR B 94 20.47 -48.08 -47.74
C THR B 94 18.94 -48.01 -47.89
N ASP B 95 18.38 -48.97 -48.62
CA ASP B 95 16.93 -49.06 -48.81
C ASP B 95 16.12 -49.21 -47.51
N CYS B 96 16.73 -49.82 -46.49
CA CYS B 96 16.08 -49.92 -45.16
C CYS B 96 16.12 -48.57 -44.43
N VAL B 97 17.29 -47.93 -44.45
CA VAL B 97 17.45 -46.60 -43.82
C VAL B 97 16.52 -45.59 -44.49
N LEU B 98 16.53 -45.56 -45.82
CA LEU B 98 15.63 -44.67 -46.57
C LEU B 98 14.14 -44.98 -46.35
N GLU B 99 13.81 -46.23 -45.99
CA GLU B 99 12.46 -46.58 -45.54
C GLU B 99 12.19 -46.10 -44.11
N LEU B 100 13.18 -46.21 -43.22
CA LEU B 100 13.05 -45.70 -41.85
C LEU B 100 12.87 -44.17 -41.80
N ILE B 101 13.70 -43.46 -42.58
CA ILE B 101 13.64 -41.99 -42.63
C ILE B 101 12.33 -41.51 -43.30
N GLU B 102 11.88 -42.24 -44.32
CA GLU B 102 10.56 -42.02 -44.92
C GLU B 102 9.46 -42.26 -43.88
N GLY B 103 9.56 -43.38 -43.16
CA GLY B 103 8.63 -43.74 -42.09
C GLY B 103 8.57 -42.73 -40.96
N LEU B 104 9.71 -42.10 -40.66
CA LEU B 104 9.75 -40.98 -39.71
C LEU B 104 8.98 -39.75 -40.22
N ASP B 105 9.16 -39.44 -41.51
CA ASP B 105 8.50 -38.30 -42.15
C ASP B 105 6.97 -38.42 -42.20
N ARG B 106 6.46 -39.62 -42.46
CA ARG B 106 5.01 -39.88 -42.39
C ARG B 106 4.50 -39.67 -40.97
N SER B 107 5.16 -40.31 -40.01
CA SER B 107 4.75 -40.26 -38.60
C SER B 107 4.89 -38.87 -37.97
N HIS B 108 5.85 -38.07 -38.45
CA HIS B 108 5.99 -36.67 -38.02
C HIS B 108 5.93 -35.74 -39.26
N PRO B 109 4.71 -35.40 -39.72
CA PRO B 109 4.55 -34.64 -40.97
C PRO B 109 5.04 -33.19 -40.90
N GLY B 110 5.78 -32.77 -41.91
CA GLY B 110 6.34 -31.41 -41.98
C GLY B 110 7.51 -31.13 -41.04
N LEU B 111 8.00 -32.17 -40.35
CA LEU B 111 9.05 -32.02 -39.36
C LEU B 111 10.37 -31.65 -40.02
N PHE B 112 10.66 -32.29 -41.15
CA PHE B 112 11.89 -32.03 -41.89
C PHE B 112 11.88 -30.64 -42.53
N GLU B 113 10.74 -30.23 -43.09
CA GLU B 113 10.57 -28.90 -43.70
C GLU B 113 10.94 -27.78 -42.72
N THR B 114 10.24 -27.78 -41.58
CA THR B 114 10.40 -26.72 -40.57
C THR B 114 11.79 -26.74 -39.94
N ALA B 115 12.35 -27.93 -39.73
CA ALA B 115 13.71 -28.08 -39.22
C ALA B 115 14.76 -27.60 -40.23
N CYS B 116 14.56 -27.93 -41.50
CA CYS B 116 15.42 -27.44 -42.58
C CYS B 116 15.35 -25.93 -42.72
N GLN B 117 14.13 -25.38 -42.70
CA GLN B 117 13.93 -23.92 -42.83
C GLN B 117 14.63 -23.11 -41.71
N GLU B 118 14.68 -23.67 -40.51
CA GLU B 118 15.42 -23.05 -39.40
C GLU B 118 16.94 -23.08 -39.63
N THR B 119 17.43 -24.18 -40.20
CA THR B 119 18.85 -24.31 -40.55
C THR B 119 19.23 -23.36 -41.70
N ILE B 120 18.35 -23.27 -42.70
CA ILE B 120 18.48 -22.31 -43.81
C ILE B 120 18.76 -20.88 -43.31
N ASP B 121 17.96 -20.44 -42.33
CA ASP B 121 18.14 -19.12 -41.72
C ASP B 121 19.48 -19.03 -41.01
N ALA B 122 19.76 -20.04 -40.18
CA ALA B 122 21.01 -20.12 -39.42
C ALA B 122 22.26 -20.06 -40.29
N ILE B 123 22.24 -20.74 -41.43
CA ILE B 123 23.40 -20.72 -42.36
C ILE B 123 23.70 -19.30 -42.85
N GLN B 124 22.66 -18.61 -43.34
CA GLN B 124 22.79 -17.23 -43.83
C GLN B 124 23.10 -16.25 -42.68
N GLN B 125 22.56 -16.53 -41.50
CA GLN B 125 22.77 -15.67 -40.34
C GLN B 125 24.16 -15.79 -39.71
N THR B 126 24.66 -17.01 -39.54
CA THR B 126 25.79 -17.28 -38.64
C THR B 126 27.14 -16.74 -39.12
N ARG B 127 27.89 -16.19 -38.16
CA ARG B 127 29.23 -15.62 -38.38
C ARG B 127 30.32 -16.68 -38.25
N VAL B 128 31.52 -16.35 -38.74
CA VAL B 128 32.73 -17.17 -38.50
C VAL B 128 33.08 -17.18 -37.00
N ASP B 129 32.88 -16.02 -36.36
CA ASP B 129 32.98 -15.85 -34.89
C ASP B 129 32.46 -17.05 -34.07
N LYS B 130 31.35 -17.63 -34.52
CA LYS B 130 30.74 -18.82 -33.89
C LYS B 130 31.67 -20.02 -33.77
N LEU B 131 32.56 -20.21 -34.74
CA LEU B 131 33.41 -21.41 -34.79
C LEU B 131 34.57 -21.41 -33.78
N THR B 132 34.83 -20.27 -33.13
CA THR B 132 35.80 -20.18 -32.03
C THR B 132 35.32 -20.89 -30.75
N GLN B 133 34.00 -21.01 -30.60
CA GLN B 133 33.42 -21.73 -29.47
C GLN B 133 33.68 -23.23 -29.58
N GLY B 134 34.02 -23.85 -28.46
CA GLY B 134 34.07 -25.31 -28.35
C GLY B 134 35.40 -25.89 -27.92
N ARG B 135 35.43 -27.21 -27.92
CA ARG B 135 36.57 -28.01 -27.47
C ARG B 135 37.74 -27.89 -28.44
N GLN B 136 38.93 -28.28 -27.99
CA GLN B 136 40.13 -28.37 -28.83
C GLN B 136 39.87 -29.08 -30.15
N THR B 137 40.43 -28.53 -31.23
CA THR B 137 40.40 -29.15 -32.56
C THR B 137 41.83 -29.36 -33.06
N TYR B 138 41.97 -30.21 -34.07
CA TYR B 138 43.27 -30.48 -34.69
C TYR B 138 43.66 -29.33 -35.62
N ASP B 139 44.73 -28.61 -35.26
CA ASP B 139 45.23 -27.52 -36.09
C ASP B 139 46.23 -28.09 -37.11
N TRP B 140 45.75 -28.34 -38.33
CA TRP B 140 46.58 -28.84 -39.43
C TRP B 140 47.80 -27.97 -39.77
N THR B 141 47.71 -26.67 -39.47
CA THR B 141 48.84 -25.74 -39.60
C THR B 141 50.07 -26.18 -38.80
N LEU B 142 49.85 -26.56 -37.54
CA LEU B 142 50.92 -26.97 -36.63
C LEU B 142 50.92 -28.48 -36.30
N ASN B 143 50.04 -29.24 -36.96
CA ASN B 143 49.99 -30.71 -36.85
C ASN B 143 49.79 -31.23 -35.41
N ARG B 144 49.02 -30.48 -34.61
CA ARG B 144 48.70 -30.85 -33.24
C ARG B 144 47.36 -30.27 -32.80
N ASN B 145 46.88 -30.72 -31.64
CA ASN B 145 45.67 -30.19 -31.03
C ASN B 145 45.93 -28.79 -30.47
N GLN B 146 45.05 -27.86 -30.83
CA GLN B 146 45.11 -26.48 -30.33
C GLN B 146 43.69 -26.07 -29.92
N PRO B 147 43.55 -24.99 -29.13
CA PRO B 147 42.20 -24.50 -28.81
C PRO B 147 41.46 -23.93 -30.03
N ALA B 148 40.15 -24.19 -30.10
CA ALA B 148 39.30 -23.88 -31.27
C ALA B 148 39.53 -22.51 -31.89
N ALA B 149 39.72 -21.50 -31.04
CA ALA B 149 39.98 -20.13 -31.50
C ALA B 149 41.25 -20.01 -32.33
N THR B 150 42.33 -20.64 -31.87
CA THR B 150 43.62 -20.56 -32.56
C THR B 150 43.66 -21.38 -33.84
N ALA B 151 43.01 -22.54 -33.83
CA ALA B 151 42.89 -23.39 -35.02
C ALA B 151 42.22 -22.63 -36.17
N LEU B 152 41.15 -21.91 -35.85
CA LEU B 152 40.46 -21.04 -36.81
C LEU B 152 41.35 -19.92 -37.32
N ALA B 153 42.02 -19.23 -36.40
CA ALA B 153 42.92 -18.12 -36.75
C ALA B 153 44.10 -18.57 -37.62
N ASN B 154 44.69 -19.71 -37.28
CA ASN B 154 45.79 -20.30 -38.06
C ASN B 154 45.32 -20.83 -39.42
N THR B 155 44.10 -21.35 -39.48
CA THR B 155 43.50 -21.78 -40.76
C THR B 155 43.20 -20.58 -41.66
N ILE B 156 42.59 -19.54 -41.08
CA ILE B 156 42.33 -18.28 -41.81
C ILE B 156 43.64 -17.57 -42.22
N GLU B 157 44.66 -17.65 -41.37
CA GLU B 157 46.00 -17.11 -41.68
C GLU B 157 46.51 -17.63 -43.02
N VAL B 158 46.53 -18.96 -43.16
CA VAL B 158 47.04 -19.60 -44.38
C VAL B 158 46.09 -19.37 -45.56
N PHE B 159 44.79 -19.52 -45.31
CA PHE B 159 43.75 -19.24 -46.33
C PHE B 159 43.89 -17.84 -46.93
N ARG B 160 44.05 -16.83 -46.06
CA ARG B 160 44.21 -15.43 -46.51
C ARG B 160 45.59 -15.14 -47.09
N LYS B 161 46.63 -15.81 -46.60
CA LYS B 161 47.98 -15.72 -47.21
C LYS B 161 47.98 -16.32 -48.62
N ASN B 162 47.21 -17.38 -48.82
CA ASN B 162 46.91 -17.90 -50.16
C ASN B 162 45.73 -17.09 -50.74
N GLY B 163 45.24 -17.48 -51.91
CA GLY B 163 44.18 -16.72 -52.59
C GLY B 163 42.75 -16.78 -52.03
N TYR B 164 42.54 -17.55 -50.96
CA TYR B 164 41.19 -17.85 -50.46
C TYR B 164 40.77 -16.89 -49.35
N LYS B 165 40.15 -15.77 -49.75
CA LYS B 165 39.77 -14.70 -48.83
C LYS B 165 38.29 -14.26 -48.98
N LEU B 166 37.41 -15.21 -49.27
CA LEU B 166 35.97 -14.97 -49.29
C LEU B 166 35.42 -14.76 -47.87
N ASN B 167 36.05 -15.44 -46.91
CA ASN B 167 35.76 -15.28 -45.47
C ASN B 167 35.86 -13.84 -44.92
N GLU B 168 36.57 -12.96 -45.63
CA GLU B 168 36.63 -11.52 -45.30
C GLU B 168 35.27 -10.83 -45.11
N SER B 169 34.21 -11.37 -45.75
CA SER B 169 32.83 -10.95 -45.47
C SER B 169 32.46 -11.14 -44.01
N GLY B 170 32.85 -12.28 -43.44
CA GLY B 170 32.66 -12.59 -42.02
C GLY B 170 31.70 -13.75 -41.77
N ARG B 171 30.74 -13.93 -42.67
CA ARG B 171 29.73 -15.01 -42.54
C ARG B 171 30.31 -16.41 -42.77
N LEU B 172 29.78 -17.37 -42.02
CA LEU B 172 30.35 -18.73 -41.92
C LEU B 172 30.31 -19.44 -43.28
N ILE B 173 29.15 -19.40 -43.92
CA ILE B 173 28.94 -19.93 -45.27
C ILE B 173 30.03 -19.48 -46.27
N ASP B 174 30.49 -18.23 -46.16
CA ASP B 174 31.58 -17.73 -47.01
C ASP B 174 32.93 -18.37 -46.65
N PHE B 175 33.16 -18.64 -45.36
CA PHE B 175 34.35 -19.40 -44.94
C PHE B 175 34.28 -20.84 -45.44
N LEU B 176 33.11 -21.46 -45.32
CA LEU B 176 32.91 -22.83 -45.84
C LEU B 176 33.07 -22.92 -47.37
N LYS B 177 32.75 -21.84 -48.07
CA LYS B 177 33.07 -21.73 -49.51
C LYS B 177 34.58 -21.86 -49.77
N ASP B 178 35.40 -21.20 -48.95
CA ASP B 178 36.87 -21.29 -49.09
C ASP B 178 37.40 -22.69 -48.83
N VAL B 179 36.81 -23.40 -47.87
CA VAL B 179 37.26 -24.74 -47.47
C VAL B 179 37.26 -25.72 -48.65
N LEU B 180 36.21 -25.69 -49.47
CA LEU B 180 36.11 -26.55 -50.66
C LEU B 180 37.05 -26.10 -51.79
N LEU B 181 37.25 -24.79 -51.94
CA LEU B 181 38.18 -24.25 -52.92
C LEU B 181 39.65 -24.53 -52.56
N SER B 182 39.96 -24.56 -51.27
CA SER B 182 41.33 -24.82 -50.78
C SER B 182 41.93 -26.16 -51.25
N PHE B 183 41.07 -27.13 -51.60
CA PHE B 183 41.51 -28.38 -52.22
C PHE B 183 42.05 -28.21 -53.63
N GLU B 184 41.67 -27.13 -54.32
CA GLU B 184 42.12 -26.87 -55.70
C GLU B 184 43.58 -26.40 -55.80
N ASN B 185 44.17 -25.95 -54.69
CA ASN B 185 45.57 -25.53 -54.66
C ASN B 185 46.47 -26.76 -54.79
N ASP B 186 47.33 -26.76 -55.81
CA ASP B 186 48.31 -27.83 -56.00
C ASP B 186 49.41 -27.81 -54.93
N SER B 187 49.91 -26.60 -54.62
CA SER B 187 50.98 -26.40 -53.63
C SER B 187 50.56 -25.32 -52.62
N MET B 188 50.05 -25.75 -51.47
CA MET B 188 49.55 -24.83 -50.44
C MET B 188 50.71 -24.31 -49.58
N GLU B 189 51.04 -23.03 -49.69
CA GLU B 189 52.14 -22.43 -48.92
C GLU B 189 51.73 -22.20 -47.46
N VAL B 190 52.53 -22.76 -46.54
CA VAL B 190 52.29 -22.65 -45.09
C VAL B 190 53.57 -22.21 -44.38
N THR B 191 53.45 -21.22 -43.50
CA THR B 191 54.56 -20.81 -42.64
C THR B 191 54.57 -21.64 -41.35
N THR B 192 55.75 -22.16 -40.99
CA THR B 192 55.94 -22.95 -39.76
C THR B 192 57.15 -22.41 -38.99
N HIS B 193 57.10 -22.55 -37.65
CA HIS B 193 58.20 -22.11 -36.78
C HIS B 193 59.46 -22.98 -36.95
N PHE B 194 60.63 -22.38 -36.73
CA PHE B 194 61.90 -23.13 -36.73
C PHE B 194 62.92 -22.50 -35.76
N GLN B 195 63.69 -23.37 -35.10
CA GLN B 195 64.70 -22.96 -34.10
C GLN B 195 66.02 -22.55 -34.77
N LYS B 196 66.81 -21.77 -34.04
CA LYS B 196 68.08 -21.21 -34.56
C LYS B 196 69.03 -20.82 -33.43
N LYS B 197 70.20 -21.44 -33.39
CA LYS B 197 71.22 -21.16 -32.36
C LYS B 197 72.06 -19.92 -32.70
N LYS B 198 72.50 -19.22 -31.66
CA LYS B 198 73.32 -18.00 -31.78
C LYS B 198 74.27 -17.83 -30.58
N ARG B 199 75.19 -16.88 -30.70
CA ARG B 199 76.16 -16.56 -29.63
C ARG B 199 76.08 -15.09 -29.19
N ILE B 200 75.64 -14.88 -27.95
CA ILE B 200 75.46 -13.54 -27.37
C ILE B 200 76.34 -13.42 -26.11
N ARG B 201 77.09 -12.32 -26.00
CA ARG B 201 78.08 -12.16 -24.92
C ARG B 201 77.43 -11.83 -23.57
N ASP B 202 78.22 -11.99 -22.51
CA ASP B 202 77.82 -11.60 -21.14
C ASP B 202 79.05 -11.45 -20.24
N MET B 208 80.21 -15.18 -21.98
CA MET B 208 79.73 -15.55 -23.31
C MET B 208 78.67 -16.65 -23.22
N ILE B 209 77.50 -16.40 -23.80
CA ILE B 209 76.35 -17.31 -23.76
C ILE B 209 76.01 -17.77 -25.17
N THR B 210 75.80 -19.08 -25.37
CA THR B 210 75.23 -19.62 -26.61
C THR B 210 73.69 -19.72 -26.47
N GLN B 211 72.98 -18.74 -27.04
CA GLN B 211 71.53 -18.58 -26.85
C GLN B 211 70.76 -18.88 -28.15
N ARG B 212 69.56 -19.45 -28.00
CA ARG B 212 68.72 -19.84 -29.13
C ARG B 212 67.57 -18.84 -29.36
N THR B 213 67.12 -18.76 -30.61
CA THR B 213 65.99 -17.93 -31.03
C THR B 213 65.18 -18.64 -32.12
N ILE B 214 63.89 -18.30 -32.21
CA ILE B 214 62.95 -18.99 -33.10
C ILE B 214 62.45 -18.04 -34.20
N GLY B 215 62.38 -18.54 -35.43
CA GLY B 215 61.99 -17.74 -36.60
C GLY B 215 60.91 -18.39 -37.44
N LYS B 216 60.83 -18.00 -38.72
CA LYS B 216 59.80 -18.49 -39.67
C LYS B 216 60.41 -19.40 -40.73
N LYS B 217 59.57 -20.26 -41.32
CA LYS B 217 59.95 -21.10 -42.47
C LYS B 217 58.75 -21.37 -43.36
N ARG B 218 58.83 -20.92 -44.62
CA ARG B 218 57.81 -21.21 -45.63
C ARG B 218 57.99 -22.64 -46.16
N VAL B 219 56.93 -23.43 -46.12
CA VAL B 219 56.93 -24.80 -46.65
C VAL B 219 55.68 -25.02 -47.50
N LYS B 220 55.84 -25.72 -48.62
CA LYS B 220 54.73 -26.01 -49.52
C LYS B 220 54.26 -27.46 -49.36
N LEU B 221 52.95 -27.64 -49.27
CA LEU B 221 52.31 -28.95 -49.18
C LEU B 221 51.59 -29.23 -50.48
N THR B 222 51.86 -30.39 -51.08
CA THR B 222 51.15 -30.83 -52.29
C THR B 222 49.70 -31.23 -51.98
N LYS B 223 48.93 -31.50 -53.03
CA LYS B 223 47.51 -31.93 -52.90
C LYS B 223 47.33 -33.07 -51.90
N LYS B 224 48.15 -34.12 -52.05
CA LYS B 224 48.17 -35.27 -51.13
C LYS B 224 48.38 -34.80 -49.70
N ASN B 225 49.45 -34.03 -49.50
CA ASN B 225 49.85 -33.52 -48.17
C ASN B 225 48.78 -32.65 -47.52
N TYR B 226 48.16 -31.75 -48.29
CA TYR B 226 47.09 -30.89 -47.77
C TYR B 226 45.81 -31.69 -47.52
N LEU B 227 45.28 -32.27 -48.60
CA LEU B 227 43.99 -32.99 -48.55
C LEU B 227 43.92 -34.04 -47.44
N ILE B 228 45.02 -34.78 -47.25
CA ILE B 228 45.10 -35.76 -46.17
C ILE B 228 45.13 -35.09 -44.78
N ARG B 229 45.81 -33.94 -44.68
CA ARG B 229 45.81 -33.16 -43.42
C ARG B 229 44.43 -32.54 -43.10
N ALA B 230 43.70 -32.13 -44.13
CA ALA B 230 42.34 -31.60 -43.95
C ALA B 230 41.35 -32.66 -43.44
N LEU B 231 41.50 -33.88 -43.94
CA LEU B 231 40.66 -35.03 -43.55
C LEU B 231 41.26 -35.87 -42.41
N THR B 232 42.22 -35.30 -41.66
CA THR B 232 42.80 -35.96 -40.48
C THR B 232 41.96 -35.65 -39.25
N LEU B 233 41.59 -36.71 -38.53
CA LEU B 233 41.06 -36.61 -37.17
C LEU B 233 42.17 -37.08 -36.24
N ASN B 234 42.56 -36.22 -35.28
CA ASN B 234 43.62 -36.56 -34.32
C ASN B 234 43.04 -37.50 -33.26
N THR B 235 43.91 -38.22 -32.55
CA THR B 235 43.50 -39.18 -31.52
C THR B 235 44.19 -38.94 -30.18
N MET B 236 43.45 -39.17 -29.11
CA MET B 236 43.98 -39.13 -27.74
C MET B 236 43.36 -40.28 -26.93
N THR B 237 43.79 -40.42 -25.68
CA THR B 237 43.18 -41.37 -24.75
C THR B 237 42.20 -40.66 -23.83
N LYS B 238 41.11 -41.34 -23.47
CA LYS B 238 40.11 -40.76 -22.56
C LYS B 238 40.53 -40.97 -21.10
N ASP B 239 41.01 -39.90 -20.48
CA ASP B 239 41.42 -39.93 -19.08
C ASP B 239 40.22 -39.88 -18.15
N ALA B 240 40.39 -40.46 -16.96
CA ALA B 240 39.39 -40.40 -15.88
C ALA B 240 38.03 -41.03 -16.23
N GLU B 241 38.05 -42.05 -17.09
CA GLU B 241 36.82 -42.72 -17.50
C GLU B 241 36.42 -43.77 -16.47
N ARG B 242 35.35 -43.48 -15.73
CA ARG B 242 34.82 -44.39 -14.71
C ARG B 242 33.96 -45.49 -15.37
N GLY B 243 33.51 -46.44 -14.56
CA GLY B 243 32.77 -47.63 -15.02
C GLY B 243 33.44 -48.52 -16.07
N LYS B 244 34.77 -48.57 -16.07
CA LYS B 244 35.52 -49.36 -17.06
C LYS B 244 36.84 -49.91 -16.53
N LEU B 245 37.32 -50.97 -17.19
CA LEU B 245 38.57 -51.64 -16.83
C LEU B 245 39.73 -51.13 -17.69
N LYS B 246 39.62 -51.31 -19.01
CA LYS B 246 40.67 -50.90 -19.96
C LYS B 246 40.37 -49.53 -20.54
N ARG B 247 41.44 -48.86 -21.02
CA ARG B 247 41.34 -47.48 -21.49
C ARG B 247 40.76 -47.41 -22.90
N ARG B 248 40.36 -46.20 -23.29
CA ARG B 248 39.68 -45.92 -24.55
C ARG B 248 40.47 -44.93 -25.39
N ALA B 249 40.12 -44.86 -26.68
CA ALA B 249 40.76 -43.98 -27.65
C ALA B 249 39.77 -42.94 -28.20
N ILE B 250 39.82 -41.73 -27.64
CA ILE B 250 38.97 -40.61 -28.08
C ILE B 250 39.61 -39.88 -29.27
N ALA B 251 38.80 -39.13 -30.02
CA ALA B 251 39.27 -38.43 -31.22
C ALA B 251 38.85 -36.96 -31.29
N THR B 252 39.57 -36.23 -32.14
CA THR B 252 39.48 -34.78 -32.27
C THR B 252 39.40 -34.41 -33.76
N PRO B 253 38.47 -33.50 -34.15
CA PRO B 253 38.29 -33.19 -35.57
C PRO B 253 39.23 -32.11 -36.11
N GLY B 254 39.43 -32.12 -37.43
CA GLY B 254 40.17 -31.06 -38.12
C GLY B 254 39.36 -29.78 -38.20
N MET B 255 39.98 -28.70 -38.66
CA MET B 255 39.32 -27.38 -38.69
C MET B 255 38.47 -27.14 -39.94
N GLN B 256 38.79 -27.81 -41.05
CA GLN B 256 38.01 -27.70 -42.29
C GLN B 256 36.63 -28.33 -42.12
N ILE B 257 36.63 -29.59 -41.70
CA ILE B 257 35.41 -30.38 -41.49
C ILE B 257 34.50 -29.85 -40.36
N ARG B 258 35.11 -29.21 -39.35
CA ARG B 258 34.42 -28.65 -38.18
C ARG B 258 33.23 -27.76 -38.55
N GLY B 259 33.45 -26.83 -39.47
CA GLY B 259 32.43 -25.87 -39.89
C GLY B 259 31.14 -26.47 -40.40
N PHE B 260 31.26 -27.55 -41.17
CA PHE B 260 30.10 -28.20 -41.79
C PHE B 260 29.33 -29.05 -40.78
N VAL B 261 30.07 -29.75 -39.91
CA VAL B 261 29.46 -30.60 -38.87
C VAL B 261 28.48 -29.83 -37.98
N TYR B 262 28.83 -28.56 -37.68
CA TYR B 262 27.97 -27.67 -36.89
C TYR B 262 26.54 -27.60 -37.43
N PHE B 263 26.42 -27.35 -38.74
CA PHE B 263 25.11 -27.22 -39.39
C PHE B 263 24.36 -28.55 -39.48
N VAL B 264 25.09 -29.65 -39.68
CA VAL B 264 24.50 -30.99 -39.74
C VAL B 264 23.97 -31.39 -38.35
N GLU B 265 24.74 -31.08 -37.31
CA GLU B 265 24.26 -31.27 -35.93
C GLU B 265 23.12 -30.32 -35.59
N LEU B 266 23.16 -29.09 -36.11
CA LEU B 266 22.10 -28.09 -35.89
C LEU B 266 20.79 -28.51 -36.56
N LEU B 267 20.88 -29.05 -37.78
CA LEU B 267 19.72 -29.63 -38.46
C LEU B 267 19.12 -30.74 -37.61
N ALA B 268 19.97 -31.69 -37.22
CA ALA B 268 19.58 -32.81 -36.37
C ALA B 268 18.96 -32.37 -35.05
N ARG B 269 19.51 -31.35 -34.42
CA ARG B 269 18.99 -30.83 -33.14
C ARG B 269 17.54 -30.40 -33.26
N ASN B 270 17.25 -29.63 -34.33
CA ASN B 270 15.88 -29.17 -34.62
C ASN B 270 14.92 -30.34 -34.88
N ILE B 271 15.44 -31.46 -35.38
CA ILE B 271 14.64 -32.69 -35.53
C ILE B 271 14.40 -33.30 -34.15
N CYS B 272 15.51 -33.57 -33.44
CA CYS B 272 15.48 -34.24 -32.13
C CYS B 272 14.65 -33.53 -31.07
N GLU B 273 14.74 -32.19 -31.02
CA GLU B 273 13.93 -31.41 -30.09
C GLU B 273 12.44 -31.72 -30.18
N ARG B 274 11.94 -31.92 -31.41
CA ARG B 274 10.52 -32.17 -31.68
C ARG B 274 10.10 -33.65 -31.67
N LEU B 275 11.03 -34.58 -31.44
CA LEU B 275 10.72 -36.02 -31.46
C LEU B 275 10.37 -36.55 -30.07
N GLU B 276 9.29 -37.33 -30.01
CA GLU B 276 8.80 -37.90 -28.75
C GLU B 276 9.80 -38.87 -28.13
N GLN B 277 10.46 -39.66 -28.99
CA GLN B 277 11.38 -40.72 -28.56
C GLN B 277 12.86 -40.28 -28.49
N SER B 278 13.15 -38.99 -28.62
CA SER B 278 14.53 -38.49 -28.57
C SER B 278 14.90 -38.11 -27.15
N GLY B 279 16.03 -38.64 -26.67
CA GLY B 279 16.57 -38.30 -25.35
C GLY B 279 17.49 -37.09 -25.33
N LEU B 280 17.80 -36.54 -26.50
CA LEU B 280 18.67 -35.37 -26.63
C LEU B 280 17.88 -34.26 -27.35
N PRO B 281 18.26 -32.99 -27.19
CA PRO B 281 19.43 -32.53 -26.40
C PRO B 281 19.12 -32.22 -24.92
N VAL B 282 18.00 -32.72 -24.41
CA VAL B 282 17.46 -32.28 -23.11
C VAL B 282 18.40 -32.52 -21.92
N GLY B 283 18.30 -31.64 -20.92
CA GLY B 283 19.12 -31.72 -19.70
C GLY B 283 18.55 -32.66 -18.66
N GLY B 284 19.17 -32.67 -17.48
CA GLY B 284 18.89 -33.65 -16.41
C GLY B 284 17.43 -33.96 -16.11
N ASN B 285 16.75 -33.02 -15.47
CA ASN B 285 15.35 -33.21 -15.04
C ASN B 285 14.37 -33.26 -16.21
N GLU B 286 14.65 -32.48 -17.25
CA GLU B 286 13.87 -32.49 -18.48
C GLU B 286 13.86 -33.88 -19.15
N LYS B 287 15.03 -34.53 -19.15
CA LYS B 287 15.17 -35.90 -19.66
C LYS B 287 14.35 -36.88 -18.81
N LYS B 288 14.52 -36.77 -17.49
CA LYS B 288 13.73 -37.55 -16.52
C LYS B 288 12.21 -37.38 -16.68
N ALA B 289 11.77 -36.15 -16.97
CA ALA B 289 10.36 -35.90 -17.28
C ALA B 289 9.96 -36.53 -18.62
N LYS B 290 10.78 -36.28 -19.64
CA LYS B 290 10.54 -36.80 -21.00
C LYS B 290 10.46 -38.33 -21.05
N LEU B 291 11.28 -38.99 -20.22
CA LEU B 291 11.17 -40.45 -20.04
C LEU B 291 9.88 -40.82 -19.32
N ALA B 292 9.74 -40.32 -18.09
CA ALA B 292 8.55 -40.59 -17.25
C ALA B 292 7.22 -40.38 -17.99
N ASN B 293 7.19 -39.41 -18.92
CA ASN B 293 6.00 -39.20 -19.76
C ASN B 293 5.77 -40.29 -20.82
N VAL B 294 6.82 -40.82 -21.46
CA VAL B 294 6.62 -41.88 -22.47
C VAL B 294 6.15 -43.21 -21.87
N ILE B 295 6.50 -43.47 -20.61
CA ILE B 295 5.98 -44.62 -19.86
C ILE B 295 4.46 -44.48 -19.64
N LYS B 296 4.00 -43.28 -19.31
CA LYS B 296 2.56 -43.00 -19.14
C LYS B 296 1.83 -42.98 -20.48
N LYS B 297 2.49 -42.42 -21.49
CA LYS B 297 2.05 -42.50 -22.90
C LYS B 297 1.86 -43.95 -23.34
N MET B 298 2.81 -44.82 -22.98
CA MET B 298 2.72 -46.26 -23.30
C MET B 298 1.52 -46.93 -22.64
N MET B 299 1.34 -46.70 -21.34
CA MET B 299 0.18 -47.22 -20.62
C MET B 299 -1.14 -46.60 -21.09
N ALA B 300 -1.09 -45.37 -21.60
CA ALA B 300 -2.24 -44.77 -22.28
C ALA B 300 -2.54 -45.47 -23.60
N LYS B 301 -1.50 -45.71 -24.40
CA LYS B 301 -1.61 -46.36 -25.71
C LYS B 301 -2.06 -47.84 -25.62
N SER B 302 -1.48 -48.58 -24.69
CA SER B 302 -1.78 -50.02 -24.54
C SER B 302 -3.15 -50.29 -23.91
N THR B 303 -3.59 -51.53 -24.03
CA THR B 303 -4.84 -52.01 -23.41
C THR B 303 -4.56 -52.70 -22.07
N ASP B 304 -5.63 -53.03 -21.35
CA ASP B 304 -5.51 -53.67 -20.03
C ASP B 304 -4.94 -55.09 -20.07
N GLU B 305 -5.21 -55.83 -21.15
CA GLU B 305 -4.78 -57.23 -21.28
C GLU B 305 -3.59 -57.37 -22.22
N GLU B 306 -2.54 -56.61 -21.90
CA GLU B 306 -1.28 -56.63 -22.64
C GLU B 306 -0.09 -56.69 -21.67
N LEU B 307 0.90 -57.51 -22.00
CA LEU B 307 2.15 -57.59 -21.25
C LEU B 307 3.12 -56.55 -21.77
N SER B 308 3.63 -55.68 -20.88
CA SER B 308 4.60 -54.65 -21.24
C SER B 308 5.98 -54.98 -20.67
N TYR B 309 6.96 -55.13 -21.56
CA TYR B 309 8.33 -55.46 -21.17
C TYR B 309 9.29 -54.34 -21.58
N THR B 310 10.02 -53.81 -20.59
CA THR B 310 10.99 -52.73 -20.79
C THR B 310 12.41 -53.30 -20.84
N ILE B 311 13.07 -53.18 -21.99
CA ILE B 311 14.45 -53.67 -22.14
C ILE B 311 15.39 -52.51 -21.84
N THR B 312 16.33 -52.74 -20.93
CA THR B 312 17.35 -51.77 -20.55
C THR B 312 18.51 -51.93 -21.53
N GLY B 313 18.45 -51.17 -22.63
CA GLY B 313 19.38 -51.33 -23.75
C GLY B 313 20.72 -50.66 -23.58
N ASP B 314 21.66 -51.08 -24.43
CA ASP B 314 22.98 -50.47 -24.57
C ASP B 314 23.62 -51.04 -25.84
N ASN B 315 24.06 -50.17 -26.75
CA ASN B 315 24.59 -50.60 -28.06
C ASN B 315 26.11 -50.76 -28.04
N THR B 316 26.60 -51.84 -28.66
CA THR B 316 28.02 -52.20 -28.69
C THR B 316 28.75 -51.58 -29.89
N LYS B 317 29.89 -50.92 -29.63
CA LYS B 317 30.70 -50.24 -30.65
C LYS B 317 29.91 -49.29 -31.57
N TRP B 318 28.98 -48.56 -30.95
CA TRP B 318 28.05 -47.64 -31.61
C TRP B 318 28.69 -46.81 -32.74
N ASN B 319 29.87 -46.30 -32.48
CA ASN B 319 30.61 -45.47 -33.45
C ASN B 319 31.15 -46.27 -34.64
N GLU B 320 31.69 -47.47 -34.37
CA GLU B 320 32.43 -48.23 -35.39
C GLU B 320 31.55 -48.89 -36.47
N ASN B 321 30.27 -49.11 -36.18
CA ASN B 321 29.37 -49.80 -37.10
C ASN B 321 28.74 -48.86 -38.11
N GLN B 322 28.06 -47.82 -37.60
CA GLN B 322 27.34 -46.86 -38.45
C GLN B 322 28.28 -46.13 -39.43
N ASN B 323 27.92 -46.14 -40.71
CA ASN B 323 28.79 -45.71 -41.79
C ASN B 323 28.41 -44.30 -42.29
N PRO B 324 29.42 -43.42 -42.52
CA PRO B 324 29.14 -42.06 -43.01
C PRO B 324 28.41 -41.95 -44.37
N ARG B 325 28.40 -43.02 -45.15
CA ARG B 325 27.54 -43.11 -46.35
C ARG B 325 26.05 -43.22 -45.99
N ILE B 326 25.74 -43.85 -44.86
CA ILE B 326 24.36 -43.89 -44.35
C ILE B 326 23.91 -42.48 -43.94
N PHE B 327 24.81 -41.75 -43.29
CA PHE B 327 24.54 -40.36 -42.88
C PHE B 327 24.33 -39.43 -44.08
N LEU B 328 25.09 -39.66 -45.16
CA LEU B 328 24.88 -38.97 -46.43
C LEU B 328 23.48 -39.26 -46.99
N ALA B 329 23.05 -40.52 -46.90
CA ALA B 329 21.68 -40.91 -47.28
C ALA B 329 20.63 -40.26 -46.39
N MET B 330 20.88 -40.22 -45.07
CA MET B 330 19.99 -39.57 -44.11
C MET B 330 19.84 -38.08 -44.37
N VAL B 331 20.97 -37.39 -44.51
CA VAL B 331 20.98 -35.95 -44.80
C VAL B 331 20.23 -35.66 -46.10
N LEU B 332 20.62 -36.36 -47.17
CA LEU B 332 20.01 -36.17 -48.49
C LEU B 332 18.51 -36.49 -48.53
N ARG B 333 18.07 -37.48 -47.74
CA ARG B 333 16.64 -37.80 -47.66
C ARG B 333 15.86 -36.84 -46.75
N ILE B 334 16.46 -36.43 -45.64
CA ILE B 334 15.84 -35.44 -44.75
C ILE B 334 15.71 -34.09 -45.47
N THR B 335 16.76 -33.68 -46.18
CA THR B 335 16.75 -32.40 -46.90
C THR B 335 16.05 -32.42 -48.27
N ALA B 336 15.66 -33.61 -48.75
CA ALA B 336 14.95 -33.76 -50.03
C ALA B 336 13.73 -32.84 -50.12
N GLY B 337 13.74 -31.97 -51.14
CA GLY B 337 12.75 -30.90 -51.26
C GLY B 337 13.37 -29.52 -51.09
N GLN B 338 14.42 -29.42 -50.27
CA GLN B 338 15.09 -28.14 -50.01
C GLN B 338 16.05 -27.80 -51.17
N PRO B 339 16.50 -26.52 -51.25
CA PRO B 339 17.46 -26.13 -52.30
C PRO B 339 18.75 -26.94 -52.34
N GLU B 340 19.28 -27.12 -53.55
CA GLU B 340 20.41 -28.02 -53.79
C GLU B 340 21.71 -27.54 -53.17
N TRP B 341 21.87 -26.22 -53.02
CA TRP B 341 23.00 -25.66 -52.26
C TRP B 341 22.98 -26.11 -50.80
N PHE B 342 21.78 -26.11 -50.20
CA PHE B 342 21.57 -26.46 -48.79
C PHE B 342 21.82 -27.95 -48.57
N ARG B 343 21.33 -28.78 -49.49
CA ARG B 343 21.59 -30.22 -49.47
C ARG B 343 23.09 -30.53 -49.57
N ASP B 344 23.73 -29.94 -50.58
CA ASP B 344 25.17 -30.11 -50.82
C ASP B 344 26.01 -29.62 -49.63
N LEU B 345 25.65 -28.45 -49.09
CA LEU B 345 26.34 -27.88 -47.92
C LEU B 345 26.34 -28.82 -46.71
N LEU B 346 25.17 -29.34 -46.37
CA LEU B 346 25.04 -30.32 -45.27
C LEU B 346 25.68 -31.66 -45.63
N ALA B 347 25.60 -32.04 -46.90
CA ALA B 347 26.21 -33.28 -47.39
C ALA B 347 27.76 -33.32 -47.32
N VAL B 348 28.41 -32.17 -47.20
CA VAL B 348 29.88 -32.08 -47.10
C VAL B 348 30.47 -32.95 -45.99
N ALA B 349 29.91 -32.83 -44.79
CA ALA B 349 30.48 -33.49 -43.60
C ALA B 349 30.48 -35.03 -43.70
N PRO B 350 29.35 -35.65 -44.11
CA PRO B 350 29.37 -37.09 -44.43
C PRO B 350 30.43 -37.49 -45.47
N ILE B 351 30.60 -36.67 -46.51
CA ILE B 351 31.61 -36.91 -47.55
C ILE B 351 33.02 -36.83 -46.95
N MET B 352 33.28 -35.79 -46.16
CA MET B 352 34.58 -35.65 -45.48
C MET B 352 34.85 -36.77 -44.48
N PHE B 353 33.82 -37.20 -43.76
CA PHE B 353 33.93 -38.36 -42.86
C PHE B 353 34.15 -39.67 -43.60
N SER B 354 33.49 -39.82 -44.75
CA SER B 354 33.60 -41.06 -45.54
C SER B 354 34.97 -41.29 -46.18
N ASN B 355 35.71 -40.21 -46.45
CA ASN B 355 37.07 -40.31 -47.03
C ASN B 355 38.17 -39.92 -46.04
N LYS B 356 37.88 -40.04 -44.74
CA LYS B 356 38.75 -39.51 -43.69
C LYS B 356 39.99 -40.37 -43.44
N VAL B 357 40.95 -39.78 -42.74
CA VAL B 357 42.16 -40.47 -42.29
C VAL B 357 42.29 -40.27 -40.77
N ALA B 358 43.15 -41.07 -40.12
CA ALA B 358 43.30 -41.04 -38.67
C ALA B 358 44.78 -41.04 -38.27
N ARG B 359 45.22 -39.94 -37.65
CA ARG B 359 46.59 -39.83 -37.10
C ARG B 359 46.68 -40.69 -35.84
N LEU B 360 47.80 -41.41 -35.69
CA LEU B 360 47.93 -42.48 -34.70
C LEU B 360 48.73 -42.07 -33.46
N GLY B 361 48.35 -40.95 -32.85
CA GLY B 361 48.95 -40.49 -31.60
C GLY B 361 50.41 -40.08 -31.70
N ARG B 362 51.09 -40.10 -30.56
CA ARG B 362 52.51 -39.73 -30.48
C ARG B 362 53.42 -40.85 -31.01
N GLY B 363 53.14 -42.08 -30.59
CA GLY B 363 53.88 -43.25 -31.08
C GLY B 363 54.11 -44.27 -29.99
N TYR B 364 55.37 -44.69 -29.82
CA TYR B 364 55.76 -45.65 -28.79
C TYR B 364 57.08 -45.27 -28.11
N MET B 365 57.30 -45.83 -26.92
CA MET B 365 58.53 -45.63 -26.15
C MET B 365 59.22 -46.97 -25.95
N PHE B 366 60.51 -47.04 -26.26
CA PHE B 366 61.33 -48.23 -26.04
C PHE B 366 62.27 -48.02 -24.85
N GLU B 367 62.58 -49.14 -24.17
CA GLU B 367 63.51 -49.20 -23.03
C GLU B 367 64.58 -50.26 -23.32
N SER B 368 65.81 -50.01 -22.85
CA SER B 368 66.91 -50.98 -22.98
C SER B 368 67.44 -51.35 -21.58
N LYS B 369 67.28 -52.61 -21.19
CA LYS B 369 67.66 -53.06 -19.84
C LYS B 369 69.17 -53.12 -19.62
N SER B 370 69.91 -53.63 -20.60
CA SER B 370 71.38 -53.75 -20.51
C SER B 370 72.07 -52.39 -20.62
N MET B 371 71.69 -51.61 -21.62
CA MET B 371 72.24 -50.26 -21.83
C MET B 371 71.74 -49.24 -20.80
N HIS B 372 70.51 -49.43 -20.30
CA HIS B 372 69.86 -48.51 -19.34
C HIS B 372 69.58 -47.14 -19.98
N LEU B 373 68.84 -47.17 -21.09
CA LEU B 373 68.39 -45.97 -21.79
C LEU B 373 67.02 -46.20 -22.45
N ARG B 374 66.24 -45.12 -22.58
CA ARG B 374 64.92 -45.16 -23.22
C ARG B 374 64.89 -44.26 -24.45
N THR B 375 63.88 -44.46 -25.31
CA THR B 375 63.75 -43.63 -26.52
C THR B 375 62.33 -43.62 -27.10
N GLN B 376 61.88 -42.43 -27.51
CA GLN B 376 60.55 -42.22 -28.09
C GLN B 376 60.64 -42.34 -29.61
N ILE B 377 59.82 -43.20 -30.21
CA ILE B 377 59.75 -43.34 -31.67
C ILE B 377 58.45 -42.76 -32.23
N SER B 378 58.54 -42.14 -33.40
CA SER B 378 57.44 -41.39 -34.00
C SER B 378 56.38 -42.31 -34.60
N ALA B 379 55.17 -41.76 -34.77
CA ALA B 379 54.05 -42.48 -35.38
C ALA B 379 54.26 -42.72 -36.87
N GLU B 380 54.84 -41.73 -37.56
CA GLU B 380 55.22 -41.85 -38.99
C GLU B 380 56.22 -43.00 -39.24
N ASN B 381 57.06 -43.27 -38.25
CA ASN B 381 58.07 -44.33 -38.34
C ASN B 381 57.52 -45.76 -38.17
N LEU B 382 56.22 -45.92 -37.90
CA LEU B 382 55.59 -47.25 -37.82
C LEU B 382 55.58 -48.03 -39.15
N SER B 383 55.68 -47.34 -40.27
CA SER B 383 55.85 -47.97 -41.59
C SER B 383 57.31 -48.40 -41.82
N ASP B 384 58.27 -47.52 -41.48
CA ASP B 384 59.70 -47.78 -41.66
C ASP B 384 60.39 -48.19 -40.36
N ILE B 385 60.18 -49.43 -39.95
CA ILE B 385 60.75 -49.95 -38.68
C ILE B 385 60.70 -51.48 -38.65
N ASN B 386 61.71 -52.09 -38.02
CA ASN B 386 61.75 -53.55 -37.82
C ASN B 386 60.74 -53.96 -36.75
N LEU B 387 60.20 -55.17 -36.88
CA LEU B 387 59.17 -55.68 -35.96
C LEU B 387 59.74 -56.47 -34.76
N ARG B 388 61.06 -56.49 -34.60
CA ARG B 388 61.70 -57.12 -33.43
C ARG B 388 61.46 -56.37 -32.11
N TYR B 389 61.26 -55.05 -32.21
CA TYR B 389 61.10 -54.20 -31.01
C TYR B 389 59.77 -54.44 -30.28
N PHE B 390 58.71 -54.73 -31.05
CA PHE B 390 57.35 -54.86 -30.50
C PHE B 390 57.03 -56.30 -30.13
N ASN B 391 56.05 -56.48 -29.25
CA ASN B 391 55.59 -57.82 -28.84
C ASN B 391 54.50 -58.36 -29.79
N GLU B 392 54.26 -59.67 -29.69
CA GLU B 392 53.38 -60.44 -30.60
C GLU B 392 52.04 -59.78 -30.93
N ASP B 393 51.37 -59.28 -29.89
CA ASP B 393 50.07 -58.61 -30.07
C ASP B 393 50.22 -57.28 -30.83
N THR B 394 51.29 -56.54 -30.54
CA THR B 394 51.53 -55.23 -31.16
C THR B 394 52.01 -55.37 -32.61
N LYS B 395 53.05 -56.18 -32.81
CA LYS B 395 53.61 -56.37 -34.17
C LYS B 395 52.62 -56.99 -35.16
N LYS B 396 51.64 -57.74 -34.66
CA LYS B 396 50.51 -58.21 -35.49
C LYS B 396 49.66 -57.04 -35.98
N LYS B 397 49.42 -56.08 -35.08
CA LYS B 397 48.66 -54.87 -35.42
C LYS B 397 49.45 -53.93 -36.35
N ILE B 398 50.76 -53.78 -36.10
CA ILE B 398 51.61 -52.95 -36.98
C ILE B 398 51.57 -53.47 -38.44
N GLU B 399 51.63 -54.79 -38.61
CA GLU B 399 51.49 -55.42 -39.93
C GLU B 399 50.14 -55.14 -40.59
N LYS B 400 49.06 -55.12 -39.78
CA LYS B 400 47.71 -54.83 -40.29
C LYS B 400 47.55 -53.36 -40.67
N ILE B 401 48.02 -52.46 -39.81
CA ILE B 401 47.87 -50.99 -40.01
C ILE B 401 48.68 -50.47 -41.22
N ARG B 402 49.76 -51.17 -41.57
CA ARG B 402 50.56 -50.82 -42.76
C ARG B 402 49.80 -50.90 -44.09
N HIS B 403 48.76 -51.74 -44.16
CA HIS B 403 47.89 -51.81 -45.35
C HIS B 403 47.10 -50.51 -45.57
N LEU B 404 46.62 -49.92 -44.48
CA LEU B 404 45.86 -48.66 -44.52
C LEU B 404 46.74 -47.40 -44.50
N MET B 405 48.04 -47.56 -44.26
CA MET B 405 48.97 -46.42 -44.09
C MET B 405 49.11 -45.58 -45.36
N VAL B 406 48.79 -44.28 -45.25
CA VAL B 406 48.98 -43.31 -46.34
C VAL B 406 49.36 -41.93 -45.77
N GLU B 407 50.50 -41.40 -46.19
CA GLU B 407 51.10 -40.17 -45.63
C GLU B 407 51.24 -40.21 -44.10
N GLY B 408 51.63 -41.37 -43.58
CA GLY B 408 51.80 -41.58 -42.14
C GLY B 408 50.52 -41.57 -41.32
N THR B 409 49.40 -41.95 -41.94
CA THR B 409 48.09 -41.96 -41.29
C THR B 409 47.21 -43.08 -41.85
N ALA B 410 46.34 -43.65 -41.02
CA ALA B 410 45.50 -44.80 -41.36
C ALA B 410 44.09 -44.36 -41.76
N SER B 411 43.66 -44.73 -42.96
CA SER B 411 42.35 -44.30 -43.49
C SER B 411 41.20 -45.13 -42.92
N LEU B 412 40.33 -44.46 -42.16
CA LEU B 412 39.16 -45.09 -41.56
C LEU B 412 37.91 -44.70 -42.34
N SER B 413 37.81 -45.22 -43.57
CA SER B 413 36.66 -44.91 -44.44
C SER B 413 35.31 -45.40 -43.89
N PRO B 414 35.23 -46.66 -43.44
CA PRO B 414 33.99 -47.10 -42.80
C PRO B 414 33.94 -46.71 -41.33
N GLY B 415 32.73 -46.62 -40.77
CA GLY B 415 32.54 -46.31 -39.37
C GLY B 415 32.78 -44.85 -39.01
N MET B 416 32.11 -44.39 -37.95
CA MET B 416 32.36 -43.06 -37.41
C MET B 416 33.45 -43.20 -36.35
N MET B 417 34.25 -42.16 -36.17
CA MET B 417 35.39 -42.23 -35.27
C MET B 417 34.93 -42.16 -33.82
N MET B 418 34.30 -41.05 -33.45
CA MET B 418 33.84 -40.80 -32.08
C MET B 418 32.59 -39.92 -32.06
N GLY B 419 32.10 -39.61 -30.86
CA GLY B 419 30.91 -38.78 -30.66
C GLY B 419 30.92 -37.43 -31.36
N MET B 420 30.64 -37.47 -32.66
CA MET B 420 30.64 -36.29 -33.53
C MET B 420 29.25 -35.97 -34.04
N PHE B 421 28.58 -36.99 -34.60
CA PHE B 421 27.22 -36.87 -35.15
C PHE B 421 26.10 -37.28 -34.17
N ASN B 422 26.45 -37.52 -32.90
CA ASN B 422 25.48 -37.84 -31.81
C ASN B 422 24.01 -37.57 -32.09
N MET B 423 23.70 -36.32 -32.45
CA MET B 423 22.32 -35.87 -32.65
C MET B 423 21.68 -36.57 -33.85
N LEU B 424 22.32 -36.49 -35.01
CA LEU B 424 21.86 -37.17 -36.22
C LEU B 424 21.94 -38.70 -36.08
N SER B 425 22.89 -39.16 -35.27
CA SER B 425 23.00 -40.58 -34.92
C SER B 425 21.78 -41.04 -34.12
N THR B 426 21.31 -40.19 -33.21
CA THR B 426 20.07 -40.46 -32.47
C THR B 426 18.86 -40.56 -33.40
N VAL B 427 18.79 -39.69 -34.42
CA VAL B 427 17.68 -39.70 -35.39
C VAL B 427 17.52 -41.07 -36.08
N LEU B 428 18.64 -41.72 -36.39
CA LEU B 428 18.62 -43.08 -36.95
C LEU B 428 17.99 -44.07 -35.97
N GLY B 429 18.40 -43.98 -34.70
CA GLY B 429 17.87 -44.87 -33.65
C GLY B 429 16.42 -44.61 -33.31
N VAL B 430 15.99 -43.35 -33.40
CA VAL B 430 14.59 -42.97 -33.16
C VAL B 430 13.69 -43.58 -34.23
N SER B 431 14.08 -43.48 -35.50
CA SER B 431 13.28 -44.02 -36.61
C SER B 431 12.95 -45.52 -36.46
N VAL B 432 13.82 -46.26 -35.79
CA VAL B 432 13.55 -47.68 -35.46
C VAL B 432 12.47 -47.77 -34.39
N LEU B 433 12.53 -46.91 -33.38
CA LEU B 433 11.47 -46.83 -32.36
C LEU B 433 10.13 -46.36 -32.95
N ASN B 434 10.22 -45.50 -33.97
CA ASN B 434 9.05 -45.02 -34.73
C ASN B 434 8.40 -46.16 -35.52
N LEU B 435 9.22 -47.03 -36.12
CA LEU B 435 8.72 -48.21 -36.85
C LEU B 435 7.83 -49.14 -36.01
N GLY B 436 8.04 -49.16 -34.70
CA GLY B 436 7.25 -50.00 -33.81
C GLY B 436 5.82 -49.61 -33.48
N GLN B 437 5.25 -48.65 -34.20
CA GLN B 437 3.85 -48.25 -33.98
C GLN B 437 2.85 -49.34 -34.40
N ARG B 438 1.91 -49.63 -33.50
CA ARG B 438 0.79 -50.59 -33.71
C ARG B 438 0.24 -50.58 -35.13
N GLU B 439 -0.12 -49.39 -35.60
CA GLU B 439 -0.69 -49.20 -36.94
C GLU B 439 0.32 -49.41 -38.08
N ILE B 440 1.59 -49.12 -37.84
CA ILE B 440 2.65 -49.38 -38.83
C ILE B 440 2.95 -50.88 -38.93
N LEU B 441 3.10 -51.55 -37.78
CA LEU B 441 3.43 -52.99 -37.78
C LEU B 441 2.23 -53.88 -38.12
N LYS B 442 1.11 -53.66 -37.45
CA LYS B 442 -0.12 -54.48 -37.58
C LYS B 442 0.10 -55.95 -37.20
N ARG B 443 0.93 -56.18 -36.18
CA ARG B 443 1.26 -57.52 -35.69
C ARG B 443 0.58 -57.74 -34.33
N THR B 444 0.85 -58.89 -33.71
CA THR B 444 0.47 -59.14 -32.32
C THR B 444 1.25 -58.27 -31.32
N TYR B 445 2.43 -57.80 -31.73
CA TYR B 445 3.33 -57.00 -30.90
C TYR B 445 3.51 -55.59 -31.45
N TRP B 446 4.01 -54.70 -30.60
CA TRP B 446 4.38 -53.34 -30.99
C TRP B 446 5.26 -52.71 -29.90
N TRP B 447 5.90 -51.58 -30.21
CA TRP B 447 6.83 -50.95 -29.26
C TRP B 447 6.99 -49.44 -29.38
N ASP B 448 7.59 -48.87 -28.33
CA ASP B 448 8.01 -47.46 -28.28
C ASP B 448 9.12 -47.38 -27.23
N GLY B 449 9.83 -46.26 -27.16
CA GLY B 449 10.84 -46.09 -26.13
C GLY B 449 11.56 -44.75 -26.14
N LEU B 450 12.87 -44.81 -25.89
CA LEU B 450 13.73 -43.62 -25.95
C LEU B 450 15.16 -43.98 -26.38
N GLN B 451 15.76 -43.10 -27.20
CA GLN B 451 17.13 -43.29 -27.69
C GLN B 451 17.93 -42.02 -27.40
N SER B 452 19.18 -42.19 -26.98
CA SER B 452 20.12 -41.07 -26.77
C SER B 452 21.54 -41.50 -27.09
N SER B 453 21.87 -41.50 -28.39
CA SER B 453 23.16 -41.95 -28.91
C SER B 453 23.42 -43.44 -28.62
N ASP B 454 24.38 -43.77 -27.74
CA ASP B 454 24.79 -45.18 -27.52
C ASP B 454 23.81 -45.97 -26.65
N ASP B 455 23.20 -45.31 -25.66
CA ASP B 455 22.25 -45.95 -24.76
C ASP B 455 20.82 -45.74 -25.25
N PHE B 456 19.95 -46.71 -24.98
CA PHE B 456 18.52 -46.65 -25.35
C PHE B 456 17.67 -47.48 -24.38
N ALA B 457 16.38 -47.16 -24.32
CA ALA B 457 15.41 -47.91 -23.51
C ALA B 457 14.20 -48.23 -24.38
N LEU B 458 13.98 -49.52 -24.62
CA LEU B 458 12.87 -50.01 -25.45
C LEU B 458 11.75 -50.53 -24.55
N ILE B 459 10.51 -50.41 -25.00
CA ILE B 459 9.35 -50.95 -24.29
C ILE B 459 8.47 -51.69 -25.30
N ILE B 460 8.44 -53.02 -25.22
CA ILE B 460 7.63 -53.85 -26.14
C ILE B 460 6.36 -54.29 -25.44
N ASN B 461 5.25 -54.27 -26.18
CA ASN B 461 3.95 -54.71 -25.68
C ASN B 461 3.34 -55.78 -26.58
N GLY B 462 2.71 -56.78 -25.97
CA GLY B 462 2.02 -57.86 -26.67
C GLY B 462 1.01 -58.54 -25.77
N HIS B 463 0.59 -59.75 -26.12
CA HIS B 463 -0.37 -60.52 -25.31
C HIS B 463 0.26 -61.67 -24.53
N PHE B 464 1.20 -62.39 -25.14
CA PHE B 464 1.97 -63.47 -24.48
C PHE B 464 3.47 -63.22 -24.69
N LYS B 465 4.32 -63.85 -23.89
CA LYS B 465 5.78 -63.65 -24.02
C LYS B 465 6.34 -64.17 -25.37
N GLU B 466 5.59 -65.04 -26.04
CA GLU B 466 5.80 -65.34 -27.46
C GLU B 466 5.86 -64.04 -28.29
N ASP B 467 4.85 -63.20 -28.12
CA ASP B 467 4.74 -61.93 -28.87
C ASP B 467 5.87 -60.95 -28.54
N ILE B 468 6.30 -60.93 -27.28
CA ILE B 468 7.40 -60.06 -26.84
C ILE B 468 8.71 -60.52 -27.49
N GLN B 469 8.96 -61.82 -27.44
CA GLN B 469 10.12 -62.44 -28.10
C GLN B 469 10.10 -62.16 -29.60
N GLN B 470 8.93 -62.37 -30.21
CA GLN B 470 8.72 -62.01 -31.62
C GLN B 470 9.10 -60.55 -31.92
N GLY B 471 8.66 -59.64 -31.05
CA GLY B 471 8.95 -58.21 -31.21
C GLY B 471 10.42 -57.87 -31.03
N VAL B 472 11.00 -58.30 -29.92
CA VAL B 472 12.40 -58.01 -29.60
C VAL B 472 13.32 -58.42 -30.76
N ASN B 473 13.05 -59.58 -31.35
CA ASN B 473 13.76 -60.02 -32.55
C ASN B 473 13.53 -59.06 -33.73
N HIS B 474 12.28 -58.68 -33.96
CA HIS B 474 11.94 -57.74 -35.06
C HIS B 474 12.65 -56.40 -34.90
N PHE B 475 12.76 -55.92 -33.66
CA PHE B 475 13.57 -54.74 -33.35
C PHE B 475 15.05 -55.03 -33.64
N TYR B 476 15.58 -56.04 -32.96
CA TYR B 476 17.02 -56.37 -33.02
C TYR B 476 17.56 -56.61 -34.43
N ARG B 477 16.78 -57.31 -35.25
CA ARG B 477 17.17 -57.60 -36.63
C ARG B 477 17.07 -56.35 -37.52
N THR B 478 16.02 -55.55 -37.30
CA THR B 478 15.86 -54.27 -38.00
C THR B 478 17.01 -53.30 -37.66
N CYS B 479 17.42 -53.29 -36.39
CA CYS B 479 18.61 -52.56 -35.95
C CYS B 479 19.86 -52.99 -36.72
N LYS B 480 20.08 -54.31 -36.80
CA LYS B 480 21.21 -54.87 -37.54
C LYS B 480 21.23 -54.45 -39.01
N LEU B 481 20.05 -54.43 -39.65
CA LEU B 481 19.91 -54.02 -41.05
C LEU B 481 20.38 -52.59 -41.37
N VAL B 482 20.48 -51.73 -40.36
CA VAL B 482 20.93 -50.34 -40.53
C VAL B 482 22.18 -49.97 -39.70
N GLY B 483 22.94 -50.98 -39.27
CA GLY B 483 24.17 -50.76 -38.51
C GLY B 483 23.98 -50.28 -37.07
N ILE B 484 22.91 -50.77 -36.43
CA ILE B 484 22.73 -50.61 -34.99
C ILE B 484 22.88 -52.00 -34.37
N ASN B 485 23.75 -52.10 -33.36
CA ASN B 485 24.15 -53.38 -32.80
C ASN B 485 23.98 -53.39 -31.29
N MET B 486 22.91 -54.03 -30.83
CA MET B 486 22.62 -54.13 -29.40
C MET B 486 23.68 -54.99 -28.72
N SER B 487 24.18 -54.52 -27.57
CA SER B 487 25.12 -55.30 -26.75
C SER B 487 24.33 -56.37 -26.00
N GLN B 488 24.46 -57.63 -26.41
CA GLN B 488 23.77 -58.74 -25.74
C GLN B 488 24.36 -59.08 -24.36
N LYS B 489 25.60 -58.65 -24.10
CA LYS B 489 26.23 -58.79 -22.79
C LYS B 489 25.59 -57.84 -21.78
N LYS B 490 25.68 -56.54 -22.07
CA LYS B 490 25.32 -55.49 -21.13
C LYS B 490 23.81 -55.28 -20.96
N SER B 491 23.06 -55.47 -22.04
CA SER B 491 21.60 -55.25 -22.02
C SER B 491 20.87 -56.37 -21.29
N TYR B 492 19.66 -56.04 -20.84
CA TYR B 492 18.78 -57.00 -20.15
C TYR B 492 17.32 -56.56 -20.18
N ILE B 493 16.42 -57.53 -20.16
CA ILE B 493 14.97 -57.28 -20.28
C ILE B 493 14.23 -57.68 -18.99
N ASN B 494 13.13 -56.98 -18.73
CA ASN B 494 12.21 -57.33 -17.66
C ASN B 494 10.85 -56.67 -17.90
N LYS B 495 9.87 -57.01 -17.06
CA LYS B 495 8.54 -56.38 -17.14
C LYS B 495 8.62 -54.91 -16.78
N THR B 496 7.77 -54.09 -17.40
CA THR B 496 7.83 -52.64 -17.24
C THR B 496 7.55 -52.23 -15.79
N GLY B 497 8.48 -51.47 -15.21
CA GLY B 497 8.44 -51.15 -13.78
C GLY B 497 9.78 -50.66 -13.26
N THR B 498 10.86 -51.35 -13.64
CA THR B 498 12.23 -50.92 -13.31
C THR B 498 13.10 -50.87 -14.57
N PHE B 499 13.98 -49.87 -14.65
CA PHE B 499 15.02 -49.82 -15.68
C PHE B 499 16.15 -48.84 -15.36
N GLU B 500 17.20 -48.90 -16.17
CA GLU B 500 18.31 -47.94 -16.14
C GLU B 500 18.41 -47.24 -17.49
N PHE B 501 18.87 -45.98 -17.48
CA PHE B 501 19.04 -45.20 -18.70
C PHE B 501 20.05 -44.08 -18.44
N THR B 502 21.21 -44.15 -19.08
CA THR B 502 22.31 -43.17 -18.91
C THR B 502 22.53 -42.79 -17.43
N SER B 503 22.64 -43.82 -16.59
CA SER B 503 22.84 -43.68 -15.13
C SER B 503 21.67 -43.09 -14.34
N PHE B 504 20.48 -43.00 -14.95
CA PHE B 504 19.26 -42.64 -14.22
C PHE B 504 18.54 -43.95 -13.91
N PHE B 505 18.34 -44.23 -12.62
CA PHE B 505 17.73 -45.48 -12.18
C PHE B 505 16.25 -45.30 -11.86
N TYR B 506 15.41 -46.09 -12.52
CA TYR B 506 13.96 -46.00 -12.41
C TYR B 506 13.43 -47.22 -11.68
N ARG B 507 12.64 -46.97 -10.64
CA ARG B 507 11.96 -48.02 -9.86
C ARG B 507 10.54 -47.54 -9.55
N TYR B 508 9.64 -47.73 -10.51
CA TYR B 508 8.29 -47.14 -10.50
C TYR B 508 8.33 -45.60 -10.37
N GLY B 509 9.43 -44.99 -10.85
CA GLY B 509 9.73 -43.58 -10.63
C GLY B 509 11.23 -43.42 -10.43
N PHE B 510 11.82 -42.35 -10.95
CA PHE B 510 13.28 -42.15 -10.91
C PHE B 510 13.79 -41.94 -9.49
N VAL B 511 14.74 -42.78 -9.08
CA VAL B 511 15.32 -42.70 -7.73
C VAL B 511 16.62 -41.90 -7.70
N ALA B 512 16.98 -41.45 -6.51
CA ALA B 512 18.16 -40.62 -6.31
C ALA B 512 19.44 -41.44 -6.43
N ASN B 513 20.42 -40.88 -7.15
CA ASN B 513 21.77 -41.43 -7.23
C ASN B 513 22.74 -40.33 -6.86
N PHE B 514 23.01 -40.20 -5.56
CA PHE B 514 23.87 -39.14 -5.02
C PHE B 514 25.34 -39.34 -5.39
N SER B 515 25.82 -40.58 -5.26
CA SER B 515 27.22 -40.94 -5.53
C SER B 515 27.75 -40.49 -6.89
N MET B 516 26.86 -40.40 -7.88
CA MET B 516 27.19 -39.84 -9.20
C MET B 516 27.76 -38.42 -9.12
N GLU B 517 27.23 -37.61 -8.19
CA GLU B 517 27.63 -36.20 -8.06
C GLU B 517 28.80 -35.94 -7.10
N LEU B 518 29.11 -36.89 -6.22
CA LEU B 518 30.14 -36.72 -5.18
C LEU B 518 31.42 -35.96 -5.61
N PRO B 519 32.05 -36.35 -6.74
CA PRO B 519 33.21 -35.62 -7.25
C PRO B 519 33.09 -34.08 -7.32
N SER B 520 31.87 -33.56 -7.51
CA SER B 520 31.63 -32.12 -7.49
C SER B 520 31.77 -31.47 -6.11
N PHE B 521 31.52 -32.23 -5.04
CA PHE B 521 31.57 -31.69 -3.66
C PHE B 521 33.01 -31.47 -3.20
N GLY B 522 33.58 -30.35 -3.63
CA GLY B 522 34.93 -29.98 -3.27
C GLY B 522 35.33 -28.64 -3.83
N VAL B 523 36.63 -28.35 -3.76
CA VAL B 523 37.18 -27.09 -4.25
C VAL B 523 37.25 -27.19 -5.78
N ALA B 524 36.47 -26.35 -6.46
CA ALA B 524 36.37 -26.38 -7.92
C ALA B 524 37.68 -26.03 -8.64
N GLY B 525 38.52 -25.21 -7.99
CA GLY B 525 39.82 -24.84 -8.53
C GLY B 525 39.83 -23.75 -9.59
N ASN B 526 38.93 -22.79 -9.48
CA ASN B 526 38.88 -21.62 -10.36
C ASN B 526 39.47 -20.40 -9.65
N ASN B 527 38.81 -19.96 -8.58
CA ASN B 527 39.33 -18.90 -7.69
C ASN B 527 38.52 -18.82 -6.39
N GLU B 528 39.09 -18.11 -5.41
CA GLU B 528 38.51 -18.00 -4.07
C GLU B 528 37.02 -17.61 -4.07
N SER B 529 36.69 -16.55 -4.80
CA SER B 529 35.31 -16.04 -4.85
C SER B 529 34.36 -17.00 -5.59
N ALA B 530 34.83 -17.56 -6.69
CA ALA B 530 34.03 -18.47 -7.51
C ALA B 530 33.76 -19.78 -6.78
N ASP B 531 34.83 -20.45 -6.34
CA ASP B 531 34.73 -21.77 -5.69
C ASP B 531 33.76 -21.81 -4.53
N MET B 532 33.75 -20.75 -3.72
CA MET B 532 32.77 -20.57 -2.64
C MET B 532 31.35 -20.59 -3.21
N SER B 533 31.11 -19.81 -4.26
CA SER B 533 29.79 -19.74 -4.90
C SER B 533 29.39 -21.07 -5.55
N ILE B 534 30.37 -21.79 -6.10
CA ILE B 534 30.12 -23.09 -6.72
C ILE B 534 29.77 -24.11 -5.64
N GLY B 535 30.72 -24.36 -4.74
CA GLY B 535 30.58 -25.37 -3.68
C GLY B 535 29.29 -25.30 -2.86
N THR B 536 28.83 -24.07 -2.58
CA THR B 536 27.55 -23.87 -1.89
C THR B 536 26.35 -24.20 -2.78
N THR B 537 26.43 -23.85 -4.07
CA THR B 537 25.35 -24.14 -5.02
C THR B 537 25.28 -25.64 -5.38
N VAL B 538 26.44 -26.30 -5.35
CA VAL B 538 26.53 -27.75 -5.55
C VAL B 538 25.71 -28.49 -4.49
N ILE B 539 25.78 -28.02 -3.24
CA ILE B 539 24.99 -28.58 -2.15
C ILE B 539 23.51 -28.24 -2.36
N LYS B 540 23.24 -26.97 -2.64
CA LYS B 540 21.88 -26.47 -2.92
C LYS B 540 21.17 -27.33 -3.97
N THR B 541 21.80 -27.47 -5.13
CA THR B 541 21.19 -28.20 -6.26
C THR B 541 21.00 -29.69 -5.96
N ASN B 542 21.95 -30.29 -5.24
CA ASN B 542 21.84 -31.71 -4.83
C ASN B 542 20.74 -31.96 -3.79
N MET B 543 20.43 -30.96 -2.97
CA MET B 543 19.29 -31.05 -2.05
C MET B 543 17.93 -31.13 -2.74
N ILE B 544 17.84 -30.54 -3.94
CA ILE B 544 16.58 -30.52 -4.70
C ILE B 544 16.42 -31.79 -5.53
N ASN B 545 17.45 -32.11 -6.33
CA ASN B 545 17.37 -33.12 -7.39
C ASN B 545 17.79 -34.50 -6.92
N ASN B 546 18.97 -34.58 -6.30
CA ASN B 546 19.58 -35.85 -5.88
C ASN B 546 19.29 -36.25 -4.43
N ASP B 547 18.38 -35.54 -3.76
CA ASP B 547 17.90 -35.89 -2.41
C ASP B 547 19.02 -35.98 -1.35
N LEU B 548 19.85 -34.96 -1.32
CA LEU B 548 20.84 -34.77 -0.26
C LEU B 548 20.08 -34.30 0.97
N GLY B 549 20.04 -35.14 2.01
CA GLY B 549 19.25 -34.84 3.19
C GLY B 549 19.83 -33.72 4.05
N PRO B 550 18.99 -33.05 4.86
CA PRO B 550 19.37 -31.84 5.63
C PRO B 550 20.69 -31.94 6.41
N ALA B 551 20.84 -32.99 7.20
CA ALA B 551 22.02 -33.18 8.05
C ALA B 551 23.29 -33.42 7.24
N THR B 552 23.18 -34.27 6.23
CA THR B 552 24.30 -34.55 5.33
C THR B 552 24.67 -33.32 4.49
N ALA B 553 23.66 -32.51 4.15
CA ALA B 553 23.88 -31.20 3.52
C ALA B 553 24.60 -30.25 4.47
N GLN B 554 24.16 -30.23 5.73
CA GLN B 554 24.84 -29.46 6.78
C GLN B 554 26.30 -29.90 6.93
N MET B 555 26.53 -31.21 6.90
CA MET B 555 27.91 -31.74 6.90
C MET B 555 28.69 -31.29 5.68
N ALA B 556 28.08 -31.44 4.50
CA ALA B 556 28.71 -31.04 3.22
C ALA B 556 29.28 -29.62 3.26
N ILE B 557 28.56 -28.71 3.91
CA ILE B 557 29.04 -27.34 4.13
C ILE B 557 30.31 -27.37 4.99
N GLN B 558 30.22 -28.06 6.12
CA GLN B 558 31.34 -28.13 7.09
C GLN B 558 32.59 -28.75 6.48
N LEU B 559 32.41 -29.78 5.66
CA LEU B 559 33.52 -30.43 4.97
C LEU B 559 34.04 -29.57 3.82
N PHE B 560 33.12 -28.97 3.05
CA PHE B 560 33.53 -28.05 1.97
C PHE B 560 34.31 -26.85 2.47
N ILE B 561 33.88 -26.26 3.59
CA ILE B 561 34.60 -25.12 4.20
C ILE B 561 36.02 -25.53 4.62
N LYS B 562 36.13 -26.67 5.28
CA LYS B 562 37.44 -27.19 5.70
C LYS B 562 38.32 -27.53 4.50
N ASP B 563 37.73 -28.16 3.48
CA ASP B 563 38.43 -28.42 2.21
C ASP B 563 38.93 -27.10 1.58
N TYR B 564 38.04 -26.10 1.55
CA TYR B 564 38.32 -24.77 0.99
C TYR B 564 39.45 -24.05 1.75
N ARG B 565 39.39 -24.09 3.08
CA ARG B 565 40.42 -23.44 3.90
C ARG B 565 41.82 -24.04 3.68
N TYR B 566 41.93 -25.36 3.79
CA TYR B 566 43.18 -26.09 3.56
C TYR B 566 43.72 -25.92 2.13
N THR B 567 42.83 -25.90 1.14
CA THR B 567 43.22 -25.80 -0.27
C THR B 567 43.81 -24.42 -0.59
N TYR B 568 43.07 -23.37 -0.26
CA TYR B 568 43.51 -21.99 -0.53
C TYR B 568 44.41 -21.39 0.57
N ARG B 569 44.65 -22.15 1.65
CA ARG B 569 45.51 -21.71 2.77
C ARG B 569 44.94 -20.47 3.48
N CYS B 570 43.62 -20.36 3.49
CA CYS B 570 42.92 -19.23 4.11
C CYS B 570 42.29 -19.68 5.42
N HIS B 571 43.14 -20.17 6.32
CA HIS B 571 42.71 -20.68 7.61
C HIS B 571 42.23 -19.53 8.47
N ARG B 572 41.22 -19.79 9.31
CA ARG B 572 40.58 -18.73 10.10
C ARG B 572 41.59 -18.03 11.01
N GLY B 573 41.58 -16.69 10.96
CA GLY B 573 42.66 -15.87 11.53
C GLY B 573 43.18 -16.24 12.91
N ASP B 574 42.29 -16.69 13.79
CA ASP B 574 42.68 -17.09 15.15
C ASP B 574 43.42 -18.44 15.26
N THR B 575 43.18 -19.38 14.33
CA THR B 575 43.74 -20.74 14.43
C THR B 575 45.25 -20.76 14.17
N ASN B 576 45.99 -21.45 15.06
CA ASN B 576 47.46 -21.46 15.05
C ASN B 576 48.03 -22.58 14.18
N LEU B 577 47.98 -22.37 12.86
CA LEU B 577 48.59 -23.27 11.87
C LEU B 577 49.66 -22.50 11.09
N GLU B 578 50.73 -23.21 10.72
CA GLU B 578 51.90 -22.60 10.06
C GLU B 578 51.77 -22.68 8.54
N THR B 579 51.35 -21.57 7.92
CA THR B 579 51.31 -21.43 6.44
C THR B 579 51.68 -20.01 6.02
N ARG B 580 52.11 -19.88 4.77
CA ARG B 580 52.63 -18.61 4.23
C ARG B 580 51.65 -17.43 4.38
N ARG B 581 50.38 -17.69 4.11
CA ARG B 581 49.34 -16.64 4.16
C ARG B 581 48.97 -16.20 5.58
N THR B 582 48.89 -17.15 6.51
CA THR B 582 48.37 -16.89 7.87
C THR B 582 49.03 -15.72 8.61
N LYS B 583 50.30 -15.46 8.30
CA LYS B 583 51.00 -14.28 8.83
C LYS B 583 50.32 -12.98 8.38
N SER B 584 50.06 -12.86 7.08
CA SER B 584 49.35 -11.69 6.54
C SER B 584 47.85 -11.70 6.87
N ILE B 585 47.26 -12.88 7.03
CA ILE B 585 45.85 -12.99 7.43
C ILE B 585 45.66 -12.55 8.89
N LYS B 586 46.59 -12.94 9.76
CA LYS B 586 46.58 -12.50 11.17
C LYS B 586 46.57 -10.98 11.29
N ARG B 587 47.39 -10.31 10.47
CA ARG B 587 47.43 -8.84 10.42
C ARG B 587 46.08 -8.21 10.10
N LEU B 588 45.31 -8.83 9.20
CA LEU B 588 43.94 -8.38 8.91
C LEU B 588 43.03 -8.72 10.09
N TRP B 589 42.98 -10.01 10.43
CA TRP B 589 42.17 -10.51 11.55
C TRP B 589 42.27 -9.64 12.81
N THR B 590 43.49 -9.27 13.18
CA THR B 590 43.73 -8.38 14.32
C THR B 590 43.25 -6.94 14.06
N GLU B 591 43.48 -6.43 12.85
CA GLU B 591 43.13 -5.05 12.49
C GLU B 591 41.63 -4.80 12.32
N THR B 592 40.88 -5.82 11.90
CA THR B 592 39.45 -5.69 11.60
C THR B 592 38.61 -5.61 12.87
N ILE B 593 37.60 -4.74 12.86
CA ILE B 593 36.71 -4.54 14.00
C ILE B 593 35.70 -5.69 14.05
N SER B 594 34.87 -5.79 13.01
CA SER B 594 33.85 -6.84 12.92
C SER B 594 34.44 -8.10 12.28
N LYS B 595 34.55 -9.16 13.08
CA LYS B 595 35.14 -10.42 12.65
C LYS B 595 34.27 -11.17 11.63
N ALA B 596 32.96 -11.13 11.85
CA ALA B 596 31.99 -11.76 10.92
C ALA B 596 31.94 -11.09 9.55
N GLY B 597 32.38 -9.84 9.45
CA GLY B 597 32.50 -9.13 8.18
C GLY B 597 33.52 -9.72 7.20
N LEU B 598 34.57 -10.33 7.73
CA LEU B 598 35.63 -10.92 6.90
C LEU B 598 35.16 -12.15 6.13
N LEU B 599 35.56 -12.24 4.87
CA LEU B 599 35.29 -13.43 4.05
C LEU B 599 36.19 -14.58 4.49
N VAL B 600 35.71 -15.81 4.29
CA VAL B 600 36.47 -17.03 4.63
C VAL B 600 37.81 -17.02 3.89
N ALA B 601 37.80 -16.59 2.63
CA ALA B 601 39.00 -16.34 1.82
C ALA B 601 40.06 -15.47 2.52
N ASP B 602 39.61 -14.55 3.38
CA ASP B 602 40.51 -13.78 4.26
C ASP B 602 40.41 -14.21 5.74
N GLY B 603 40.31 -15.52 5.97
CA GLY B 603 40.35 -16.10 7.31
C GLY B 603 39.23 -15.69 8.26
N GLY B 604 38.05 -15.39 7.71
CA GLY B 604 36.85 -15.10 8.50
C GLY B 604 36.07 -16.36 8.80
N PRO B 605 34.88 -16.21 9.43
CA PRO B 605 34.04 -17.36 9.79
C PRO B 605 33.11 -17.80 8.66
N ASN B 606 32.58 -19.02 8.79
CA ASN B 606 31.62 -19.57 7.83
C ASN B 606 30.21 -19.07 8.16
N PRO B 607 29.62 -18.25 7.28
CA PRO B 607 28.26 -17.77 7.53
C PRO B 607 27.17 -18.78 7.16
N TYR B 608 27.51 -19.76 6.32
CA TYR B 608 26.50 -20.58 5.64
C TYR B 608 25.83 -21.65 6.49
N ASN B 609 24.63 -21.99 6.03
CA ASN B 609 23.78 -23.04 6.59
C ASN B 609 22.70 -23.24 5.52
N LEU B 610 21.92 -24.32 5.64
CA LEU B 610 20.87 -24.67 4.65
C LEU B 610 20.20 -23.47 3.97
N ARG B 611 19.67 -22.55 4.78
CA ARG B 611 18.95 -21.38 4.27
C ARG B 611 19.80 -20.40 3.46
N ASN B 612 21.06 -20.19 3.87
CA ASN B 612 21.93 -19.17 3.25
C ASN B 612 22.54 -19.54 1.91
N LEU B 613 22.55 -20.84 1.58
CA LEU B 613 23.29 -21.38 0.43
C LEU B 613 23.11 -20.65 -0.90
N HIS B 614 21.90 -20.15 -1.15
CA HIS B 614 21.60 -19.42 -2.39
C HIS B 614 22.07 -17.94 -2.42
N ILE B 615 22.58 -17.41 -1.31
CA ILE B 615 23.09 -16.03 -1.26
C ILE B 615 24.62 -16.04 -1.40
N PRO B 616 25.19 -15.15 -2.24
CA PRO B 616 26.66 -15.04 -2.30
C PRO B 616 27.29 -14.54 -1.00
N GLU B 617 28.52 -15.01 -0.72
CA GLU B 617 29.22 -14.70 0.53
C GLU B 617 29.39 -13.18 0.74
N VAL B 618 29.75 -12.50 -0.34
CA VAL B 618 30.04 -11.05 -0.30
C VAL B 618 28.77 -10.29 0.09
N CYS B 619 27.70 -10.57 -0.64
CA CYS B 619 26.38 -9.99 -0.38
C CYS B 619 25.82 -10.38 0.99
N LEU B 620 26.11 -11.60 1.44
CA LEU B 620 25.70 -12.07 2.76
C LEU B 620 26.43 -11.31 3.89
N LYS B 621 27.75 -11.19 3.76
CA LYS B 621 28.58 -10.48 4.75
C LYS B 621 28.66 -8.94 4.57
N TRP B 622 28.04 -8.42 3.52
CA TRP B 622 27.95 -6.96 3.27
C TRP B 622 27.44 -6.16 4.47
N SER B 623 26.40 -6.70 5.13
CA SER B 623 25.83 -6.09 6.33
C SER B 623 26.84 -5.98 7.47
N LEU B 624 27.51 -7.09 7.76
CA LEU B 624 28.50 -7.17 8.85
C LEU B 624 29.91 -6.70 8.46
N MET B 625 30.10 -6.29 7.21
CA MET B 625 31.41 -5.89 6.69
C MET B 625 31.94 -4.59 7.34
N ASP B 626 33.26 -4.44 7.34
CA ASP B 626 33.91 -3.18 7.75
C ASP B 626 34.00 -2.24 6.54
N PRO B 627 33.58 -0.97 6.70
CA PRO B 627 33.57 -0.03 5.56
C PRO B 627 34.94 0.14 4.90
N ASP B 628 36.00 0.09 5.70
CA ASP B 628 37.39 0.07 5.20
C ASP B 628 37.65 -1.20 4.40
N TYR B 629 37.23 -2.35 4.94
CA TYR B 629 37.46 -3.66 4.30
C TYR B 629 36.72 -3.73 2.95
N ARG B 630 35.39 -3.58 3.00
CA ARG B 630 34.55 -3.68 1.80
C ARG B 630 34.94 -2.69 0.69
N GLY B 631 35.52 -1.55 1.07
CA GLY B 631 36.08 -0.62 0.11
C GLY B 631 37.26 -1.21 -0.65
N ARG B 632 38.17 -1.87 0.08
CA ARG B 632 39.38 -2.44 -0.52
C ARG B 632 39.10 -3.74 -1.26
N LEU B 633 38.26 -4.59 -0.65
CA LEU B 633 37.84 -5.86 -1.24
C LEU B 633 37.16 -5.69 -2.59
N CYS B 634 36.23 -4.74 -2.65
CA CYS B 634 35.43 -4.46 -3.85
C CYS B 634 35.88 -3.18 -4.59
N ASN B 635 37.18 -2.89 -4.57
CA ASN B 635 37.73 -1.79 -5.36
C ASN B 635 37.71 -2.20 -6.83
N PRO B 636 37.00 -1.44 -7.69
CA PRO B 636 37.02 -1.76 -9.13
C PRO B 636 38.39 -1.58 -9.80
N ASN B 637 39.25 -0.75 -9.21
CA ASN B 637 40.57 -0.46 -9.77
C ASN B 637 41.68 -1.47 -9.36
N ASN B 638 41.31 -2.62 -8.79
CA ASN B 638 42.31 -3.61 -8.37
C ASN B 638 42.97 -4.31 -9.57
N PRO B 639 44.20 -4.82 -9.40
CA PRO B 639 44.93 -5.48 -10.50
C PRO B 639 44.70 -7.00 -10.61
N PHE B 640 43.92 -7.58 -9.70
CA PHE B 640 43.75 -9.04 -9.63
C PHE B 640 42.69 -9.55 -10.62
N VAL B 641 41.56 -8.84 -10.69
CA VAL B 641 40.48 -9.19 -11.64
C VAL B 641 40.91 -8.92 -13.09
N HIS B 642 40.38 -9.72 -14.01
CA HIS B 642 40.65 -9.57 -15.44
C HIS B 642 39.38 -9.81 -16.26
N HIS B 643 38.58 -8.76 -16.42
CA HIS B 643 37.38 -8.82 -17.26
C HIS B 643 37.79 -8.76 -18.72
N MET B 644 37.20 -9.63 -19.54
CA MET B 644 37.51 -9.71 -20.98
C MET B 644 36.27 -9.53 -21.87
N GLU B 645 35.20 -10.26 -21.57
CA GLU B 645 33.99 -10.27 -22.38
C GLU B 645 32.82 -10.67 -21.49
N VAL B 646 31.64 -10.11 -21.77
CA VAL B 646 30.48 -10.32 -20.91
C VAL B 646 30.02 -11.78 -20.94
N GLU B 647 29.86 -12.34 -22.13
CA GLU B 647 29.40 -13.73 -22.30
C GLU B 647 30.27 -14.78 -21.58
N SER B 648 31.55 -14.48 -21.39
CA SER B 648 32.46 -15.33 -20.61
C SER B 648 32.50 -15.04 -19.10
N THR B 649 31.81 -13.98 -18.65
CA THR B 649 31.88 -13.56 -17.24
C THR B 649 31.03 -14.46 -16.35
N ASN B 650 31.57 -14.77 -15.16
CA ASN B 650 30.95 -15.68 -14.19
C ASN B 650 30.67 -17.07 -14.78
N LEU B 651 31.68 -17.65 -15.42
CA LEU B 651 31.62 -18.99 -15.99
C LEU B 651 32.86 -19.78 -15.63
N ALA B 652 32.67 -20.81 -14.79
CA ALA B 652 33.73 -21.77 -14.47
C ALA B 652 33.60 -22.98 -15.37
N VAL B 653 34.59 -23.87 -15.32
CA VAL B 653 34.56 -25.14 -16.04
C VAL B 653 34.70 -26.28 -15.02
N VAL B 654 33.78 -27.23 -15.08
CA VAL B 654 33.75 -28.38 -14.17
C VAL B 654 33.50 -29.66 -14.95
N MET B 655 34.23 -30.73 -14.60
CA MET B 655 34.05 -32.05 -15.20
C MET B 655 33.36 -32.97 -14.18
N PRO B 656 32.15 -33.46 -14.49
CA PRO B 656 31.46 -34.39 -13.59
C PRO B 656 31.98 -35.82 -13.71
N ALA B 657 31.36 -36.75 -12.98
CA ALA B 657 31.76 -38.16 -13.01
C ALA B 657 31.47 -38.82 -14.35
N HIS B 658 30.22 -38.68 -14.80
CA HIS B 658 29.78 -39.15 -16.12
C HIS B 658 29.38 -37.95 -16.98
N GLY B 659 30.28 -37.53 -17.87
CA GLY B 659 30.00 -36.42 -18.78
C GLY B 659 31.26 -35.97 -19.52
N PRO B 660 31.10 -35.27 -20.66
CA PRO B 660 32.27 -34.87 -21.43
C PRO B 660 33.00 -33.66 -20.83
N ALA B 661 32.36 -32.49 -20.85
CA ALA B 661 32.94 -31.26 -20.34
C ALA B 661 31.84 -30.22 -20.18
N LYS B 662 31.76 -29.60 -19.01
CA LYS B 662 30.68 -28.66 -18.69
C LYS B 662 31.23 -27.32 -18.18
N SER B 663 30.65 -26.23 -18.68
CA SER B 663 30.88 -24.90 -18.14
C SER B 663 29.70 -24.54 -17.24
N LEU B 664 30.00 -24.12 -16.00
CA LEU B 664 28.98 -23.84 -14.99
C LEU B 664 28.98 -22.36 -14.62
N GLU B 665 27.79 -21.80 -14.45
CA GLU B 665 27.61 -20.40 -14.02
C GLU B 665 27.61 -20.32 -12.50
N TYR B 666 28.16 -19.22 -11.97
CA TYR B 666 28.19 -18.99 -10.52
C TYR B 666 27.90 -17.52 -10.18
N ASP B 667 27.22 -17.31 -9.05
CA ASP B 667 26.80 -15.99 -8.61
C ASP B 667 27.74 -15.46 -7.52
N ALA B 668 28.50 -14.42 -7.84
CA ALA B 668 29.41 -13.79 -6.85
C ALA B 668 29.79 -12.37 -7.25
N VAL B 669 30.15 -11.57 -6.25
CA VAL B 669 30.51 -10.16 -6.45
C VAL B 669 31.97 -10.06 -6.93
N ALA B 670 32.23 -9.07 -7.78
CA ALA B 670 33.56 -8.86 -8.38
C ALA B 670 34.56 -8.30 -7.36
N THR B 671 35.09 -9.20 -6.53
CA THR B 671 36.07 -8.85 -5.50
C THR B 671 37.48 -9.10 -6.00
N THR B 672 38.47 -8.74 -5.17
CA THR B 672 39.87 -9.09 -5.40
C THR B 672 40.11 -10.61 -5.44
N HIS B 673 39.26 -11.36 -4.75
CA HIS B 673 39.31 -12.83 -4.74
C HIS B 673 38.94 -13.52 -6.06
N SER B 674 38.31 -12.77 -6.98
CA SER B 674 38.08 -13.25 -8.35
C SER B 674 39.34 -13.00 -9.20
N TRP B 675 40.34 -13.86 -9.01
CA TRP B 675 41.63 -13.75 -9.71
C TRP B 675 41.87 -14.95 -10.62
N THR B 676 42.76 -14.77 -11.59
CA THR B 676 43.16 -15.85 -12.51
C THR B 676 44.51 -16.40 -12.07
N PRO B 677 44.64 -17.75 -11.98
CA PRO B 677 45.95 -18.34 -11.68
C PRO B 677 46.91 -18.33 -12.88
N LYS B 678 48.16 -18.70 -12.62
CA LYS B 678 49.22 -18.71 -13.64
C LYS B 678 48.91 -19.67 -14.79
N ARG B 679 49.38 -19.30 -15.98
CA ARG B 679 49.27 -20.16 -17.15
C ARG B 679 50.41 -21.17 -17.17
N ASN B 680 50.22 -22.24 -17.94
CA ASN B 680 51.28 -23.25 -18.12
C ASN B 680 52.40 -22.64 -18.95
N ARG B 681 53.62 -22.73 -18.42
CA ARG B 681 54.79 -22.07 -19.01
C ARG B 681 55.76 -23.03 -19.70
N SER B 682 55.36 -24.30 -19.85
CA SER B 682 56.18 -25.30 -20.54
C SER B 682 56.37 -25.03 -22.03
N ILE B 683 55.49 -24.20 -22.62
CA ILE B 683 55.61 -23.79 -24.02
C ILE B 683 56.80 -22.83 -24.28
N LEU B 684 57.37 -22.25 -23.22
CA LEU B 684 58.62 -21.46 -23.33
C LEU B 684 59.79 -22.25 -23.91
N ASN B 685 59.98 -23.48 -23.41
CA ASN B 685 61.08 -24.35 -23.84
C ASN B 685 60.96 -24.78 -25.31
N THR B 686 59.75 -25.14 -25.72
CA THR B 686 59.49 -25.73 -27.04
C THR B 686 59.54 -24.69 -28.18
N ASN B 687 59.50 -25.20 -29.41
CA ASN B 687 59.60 -24.39 -30.63
C ASN B 687 58.38 -23.49 -30.90
N GLN B 688 57.31 -23.62 -30.10
CA GLN B 688 56.12 -22.77 -30.24
C GLN B 688 56.23 -21.46 -29.40
N ARG B 689 57.45 -21.02 -29.12
CA ARG B 689 57.67 -19.88 -28.23
C ARG B 689 57.09 -18.56 -28.77
N GLY B 690 57.06 -18.40 -30.10
CA GLY B 690 56.50 -17.21 -30.73
C GLY B 690 55.00 -17.00 -30.53
N ILE B 691 54.26 -18.10 -30.39
CA ILE B 691 52.79 -18.04 -30.24
C ILE B 691 52.42 -17.30 -28.93
N LEU B 692 53.31 -17.34 -27.94
CA LEU B 692 53.19 -16.49 -26.75
C LEU B 692 53.30 -15.00 -27.11
N GLU B 693 54.28 -14.65 -27.93
CA GLU B 693 54.48 -13.25 -28.34
C GLU B 693 53.34 -12.75 -29.22
N ASP B 694 52.91 -13.58 -30.18
CA ASP B 694 51.74 -13.23 -31.01
C ASP B 694 50.53 -12.83 -30.15
N GLU B 695 50.23 -13.65 -29.16
CA GLU B 695 49.14 -13.41 -28.21
C GLU B 695 49.22 -12.05 -27.52
N ARG B 696 50.43 -11.66 -27.11
CA ARG B 696 50.66 -10.33 -26.52
C ARG B 696 50.23 -9.22 -27.47
N ILE B 697 50.55 -9.38 -28.75
CA ILE B 697 50.21 -8.39 -29.77
C ILE B 697 48.69 -8.42 -30.01
N TYR B 698 48.13 -9.61 -30.20
CA TYR B 698 46.69 -9.75 -30.48
C TYR B 698 45.81 -9.24 -29.33
N GLN B 699 46.14 -9.61 -28.10
CA GLN B 699 45.39 -9.19 -26.92
C GLN B 699 45.48 -7.68 -26.69
N LYS B 700 46.68 -7.13 -26.82
CA LYS B 700 46.89 -5.69 -26.67
C LYS B 700 46.33 -4.87 -27.85
N CYS B 701 46.22 -5.49 -29.03
CA CYS B 701 45.51 -4.87 -30.16
C CYS B 701 44.01 -4.75 -29.91
N CYS B 702 43.43 -5.77 -29.29
CA CYS B 702 42.02 -5.71 -28.88
C CYS B 702 41.84 -4.76 -27.69
N GLN B 703 42.76 -4.83 -26.72
CA GLN B 703 42.76 -3.94 -25.56
C GLN B 703 42.62 -2.46 -25.95
N VAL B 704 43.42 -2.03 -26.93
CA VAL B 704 43.34 -0.65 -27.44
C VAL B 704 42.06 -0.37 -28.23
N PHE B 705 41.60 -1.36 -29.01
CA PHE B 705 40.33 -1.24 -29.75
C PHE B 705 39.18 -1.00 -28.77
N GLU B 706 39.17 -1.76 -27.68
CA GLU B 706 38.14 -1.65 -26.64
C GLU B 706 38.07 -0.29 -25.93
N LYS B 707 39.15 0.51 -26.02
CA LYS B 707 39.12 1.90 -25.56
C LYS B 707 38.26 2.76 -26.48
N PHE B 708 38.36 2.54 -27.79
CA PHE B 708 37.55 3.24 -28.78
C PHE B 708 36.12 2.71 -28.86
N PHE B 709 35.98 1.39 -28.82
CA PHE B 709 34.67 0.72 -28.85
C PHE B 709 34.47 -0.16 -27.60
N PRO B 710 34.06 0.46 -26.46
CA PRO B 710 33.62 -0.27 -25.27
C PRO B 710 32.60 -1.40 -25.48
N SER B 711 31.63 -1.17 -26.37
CA SER B 711 30.58 -2.16 -26.67
C SER B 711 31.07 -3.56 -27.05
N SER B 712 32.22 -3.64 -27.73
CA SER B 712 32.81 -4.92 -28.15
C SER B 712 32.98 -5.96 -27.04
N THR B 713 33.09 -5.50 -25.78
CA THR B 713 33.13 -6.41 -24.63
C THR B 713 31.78 -7.08 -24.33
N TYR B 714 30.66 -6.40 -24.64
CA TYR B 714 29.31 -6.97 -24.42
C TYR B 714 28.78 -7.69 -25.66
N ARG B 715 28.45 -6.94 -26.70
CA ARG B 715 28.00 -7.50 -27.97
C ARG B 715 29.18 -7.53 -28.93
N ARG B 716 29.30 -8.60 -29.71
CA ARG B 716 30.42 -8.73 -30.66
C ARG B 716 30.39 -7.60 -31.69
N PRO B 717 31.58 -7.05 -32.03
CA PRO B 717 31.61 -5.94 -32.97
C PRO B 717 31.50 -6.45 -34.40
N ILE B 718 30.40 -6.11 -35.06
CA ILE B 718 30.12 -6.55 -36.43
C ILE B 718 30.60 -5.48 -37.41
N GLY B 719 31.59 -5.82 -38.24
CA GLY B 719 32.11 -4.89 -39.25
C GLY B 719 33.11 -5.50 -40.21
N MET B 720 32.94 -5.19 -41.50
CA MET B 720 33.84 -5.67 -42.55
C MET B 720 35.10 -4.80 -42.71
N ALA B 721 35.06 -3.56 -42.21
CA ALA B 721 36.18 -2.63 -42.32
C ALA B 721 37.31 -2.96 -41.34
N SER B 722 38.45 -2.29 -41.50
CA SER B 722 39.64 -2.55 -40.69
C SER B 722 39.53 -2.00 -39.26
N MET B 723 40.24 -2.66 -38.34
CA MET B 723 40.30 -2.23 -36.94
C MET B 723 40.82 -0.81 -36.80
N LEU B 724 41.91 -0.51 -37.51
CA LEU B 724 42.50 0.83 -37.53
C LEU B 724 41.52 1.87 -38.07
N ASP B 725 40.94 1.56 -39.23
CA ASP B 725 39.96 2.43 -39.90
C ASP B 725 38.72 2.67 -39.03
N ALA B 726 38.30 1.64 -38.28
CA ALA B 726 37.21 1.79 -37.31
C ALA B 726 37.57 2.76 -36.17
N MET B 727 38.77 2.61 -35.62
CA MET B 727 39.25 3.44 -34.52
C MET B 727 39.47 4.89 -34.95
N LEU B 728 40.11 5.08 -36.12
CA LEU B 728 40.36 6.42 -36.66
C LEU B 728 39.07 7.20 -36.91
N SER B 729 38.06 6.53 -37.49
CA SER B 729 36.75 7.15 -37.73
C SER B 729 36.03 7.50 -36.42
N ARG B 730 36.19 6.66 -35.40
CA ARG B 730 35.65 6.95 -34.07
C ARG B 730 36.34 8.17 -33.46
N ALA B 731 37.68 8.13 -33.44
CA ALA B 731 38.50 9.19 -32.83
C ALA B 731 38.19 10.59 -33.34
N ARG B 732 38.05 10.72 -34.67
CA ARG B 732 37.74 12.01 -35.31
C ARG B 732 36.40 12.58 -34.85
N ILE B 733 35.37 11.75 -34.84
CA ILE B 733 34.01 12.17 -34.50
C ILE B 733 33.86 12.38 -32.98
N ASP B 734 34.46 11.49 -32.18
CA ASP B 734 34.44 11.65 -30.72
C ASP B 734 35.09 12.97 -30.28
N ALA B 735 36.27 13.25 -30.83
CA ALA B 735 36.98 14.50 -30.57
C ALA B 735 36.19 15.74 -31.03
N ARG B 736 35.43 15.62 -32.11
CA ARG B 736 34.56 16.69 -32.60
C ARG B 736 33.31 16.88 -31.73
N ILE B 737 32.71 15.78 -31.25
CA ILE B 737 31.59 15.87 -30.30
C ILE B 737 32.07 16.43 -28.95
N ASP B 738 33.25 16.01 -28.50
CA ASP B 738 33.85 16.57 -27.27
C ASP B 738 34.29 18.03 -27.43
N LEU B 739 34.54 18.49 -28.66
CA LEU B 739 34.83 19.89 -28.93
C LEU B 739 33.57 20.76 -28.86
N GLU B 740 32.62 20.50 -29.76
CA GLU B 740 31.47 21.39 -29.98
C GLU B 740 30.63 21.57 -28.72
N SER B 741 30.05 20.48 -28.23
CA SER B 741 29.23 20.49 -27.02
C SER B 741 30.07 20.28 -25.77
N GLY B 742 31.00 19.33 -25.83
CA GLY B 742 31.75 18.89 -24.64
C GLY B 742 32.80 19.87 -24.13
N ARG B 743 33.70 19.35 -23.30
CA ARG B 743 34.73 20.14 -22.63
C ARG B 743 36.14 19.73 -23.10
N ILE B 744 36.45 20.08 -24.35
CA ILE B 744 37.79 19.95 -24.94
C ILE B 744 38.07 21.20 -25.78
N SER B 745 39.30 21.69 -25.74
CA SER B 745 39.68 22.94 -26.41
C SER B 745 40.02 22.76 -27.89
N SER B 746 40.02 23.87 -28.61
CA SER B 746 40.27 23.90 -30.05
C SER B 746 41.69 23.42 -30.40
N GLN B 747 42.67 23.79 -29.57
CA GLN B 747 44.04 23.28 -29.72
C GLN B 747 44.16 21.78 -29.40
N ASP B 748 43.39 21.32 -28.41
CA ASP B 748 43.33 19.88 -28.07
C ASP B 748 42.65 19.06 -29.18
N PHE B 749 41.62 19.63 -29.80
CA PHE B 749 40.98 19.01 -30.97
C PHE B 749 41.94 18.88 -32.16
N SER B 750 42.65 19.97 -32.47
CA SER B 750 43.64 20.01 -33.55
C SER B 750 44.70 18.93 -33.41
N GLU B 751 45.25 18.81 -32.20
CA GLU B 751 46.22 17.76 -31.84
C GLU B 751 45.76 16.38 -32.31
N ILE B 752 44.52 16.04 -31.93
CA ILE B 752 43.93 14.73 -32.23
C ILE B 752 43.86 14.54 -33.75
N THR B 753 43.08 15.39 -34.42
CA THR B 753 42.90 15.32 -35.88
C THR B 753 44.23 15.29 -36.64
N ASN B 754 45.19 16.13 -36.22
CA ASN B 754 46.55 16.10 -36.79
C ASN B 754 47.26 14.78 -36.53
N THR B 755 47.08 14.20 -35.34
CA THR B 755 47.66 12.88 -35.05
C THR B 755 47.03 11.79 -35.93
N CYS B 756 45.70 11.84 -36.07
CA CYS B 756 44.96 10.93 -36.97
C CYS B 756 45.40 11.08 -38.42
N LYS B 757 45.59 12.31 -38.87
CA LYS B 757 46.13 12.59 -40.20
C LYS B 757 47.54 12.02 -40.41
N ALA B 758 48.39 12.16 -39.39
CA ALA B 758 49.73 11.56 -39.40
C ALA B 758 49.69 10.02 -39.43
N ILE B 759 48.82 9.45 -38.60
CA ILE B 759 48.59 8.00 -38.58
C ILE B 759 48.06 7.50 -39.94
N GLU B 760 47.17 8.28 -40.55
CA GLU B 760 46.65 7.97 -41.89
C GLU B 760 47.76 7.94 -42.95
N ALA B 761 48.73 8.86 -42.84
CA ALA B 761 49.91 8.85 -43.70
C ALA B 761 50.82 7.66 -43.40
N LEU B 762 51.10 7.44 -42.11
CA LEU B 762 51.94 6.31 -41.67
C LEU B 762 51.33 4.93 -41.99
N LYS B 763 50.01 4.87 -42.13
CA LYS B 763 49.32 3.69 -42.67
C LYS B 763 49.65 3.50 -44.16
N ARG B 764 49.40 4.54 -44.93
CA ARG B 764 49.58 4.53 -46.40
C ARG B 764 51.04 4.34 -46.82
N GLN B 765 51.98 4.82 -46.01
CA GLN B 765 53.43 4.63 -46.27
C GLN B 765 53.88 3.16 -46.24
N GLY B 766 53.13 2.29 -45.54
CA GLY B 766 53.40 0.85 -45.54
C GLY B 766 52.18 0.06 -45.97
N GLY C 9 40.15 12.78 -24.32
CA GLY C 9 40.64 11.44 -24.75
C GLY C 9 41.82 11.55 -25.70
N MET C 10 42.91 12.14 -25.19
CA MET C 10 44.16 12.32 -25.95
C MET C 10 45.14 11.16 -25.76
N GLU C 11 45.14 10.58 -24.56
CA GLU C 11 46.00 9.41 -24.23
C GLU C 11 45.88 8.28 -25.26
N ARG C 12 44.65 7.92 -25.60
CA ARG C 12 44.37 6.78 -26.47
C ARG C 12 44.87 6.98 -27.90
N ILE C 13 44.76 8.20 -28.44
CA ILE C 13 45.23 8.49 -29.79
C ILE C 13 46.77 8.57 -29.83
N LYS C 14 47.38 9.07 -28.75
CA LYS C 14 48.86 9.00 -28.63
C LYS C 14 49.36 7.57 -28.39
N GLU C 15 48.54 6.73 -27.75
CA GLU C 15 48.84 5.31 -27.62
C GLU C 15 48.77 4.59 -28.98
N LEU C 16 47.74 4.90 -29.76
CA LEU C 16 47.57 4.32 -31.10
C LEU C 16 48.67 4.74 -32.09
N MET C 17 49.16 5.97 -31.95
CA MET C 17 50.30 6.45 -32.74
C MET C 17 51.52 5.55 -32.52
N GLU C 18 51.81 5.25 -31.26
CA GLU C 18 52.91 4.36 -30.89
C GLU C 18 52.65 2.90 -31.29
N MET C 19 51.38 2.48 -31.27
CA MET C 19 50.98 1.17 -31.80
C MET C 19 51.28 1.07 -33.30
N VAL C 20 50.83 2.08 -34.06
CA VAL C 20 51.01 2.12 -35.51
C VAL C 20 52.49 2.25 -35.92
N LYS C 21 53.31 2.89 -35.08
CA LYS C 21 54.77 2.99 -35.33
C LYS C 21 55.45 1.63 -35.53
N ASN C 22 55.04 0.63 -34.76
CA ASN C 22 55.58 -0.73 -34.88
C ASN C 22 55.00 -1.45 -36.10
N SER C 23 55.89 -2.02 -36.93
CA SER C 23 55.50 -2.67 -38.19
C SER C 23 54.75 -4.00 -38.00
N ARG C 24 55.07 -4.73 -36.93
CA ARG C 24 54.47 -6.05 -36.65
C ARG C 24 52.97 -5.96 -36.31
N MET C 25 52.57 -4.93 -35.58
CA MET C 25 51.17 -4.77 -35.14
C MET C 25 50.33 -3.83 -36.01
N ARG C 26 50.97 -2.89 -36.72
CA ARG C 26 50.27 -2.10 -37.74
C ARG C 26 49.81 -3.00 -38.91
N GLU C 27 50.57 -4.07 -39.16
CA GLU C 27 50.12 -5.18 -40.03
C GLU C 27 48.78 -5.73 -39.55
N ILE C 28 48.73 -6.14 -38.29
CA ILE C 28 47.56 -6.77 -37.69
C ILE C 28 46.36 -5.79 -37.63
N LEU C 29 46.61 -4.55 -37.21
CA LEU C 29 45.56 -3.53 -37.14
C LEU C 29 44.93 -3.17 -38.50
N THR C 30 45.72 -3.25 -39.57
CA THR C 30 45.25 -2.98 -40.94
C THR C 30 44.63 -4.21 -41.61
N THR C 31 45.28 -5.37 -41.46
CA THR C 31 44.81 -6.61 -42.10
C THR C 31 43.52 -7.15 -41.50
N THR C 32 43.53 -7.43 -40.19
CA THR C 32 42.38 -8.07 -39.53
C THR C 32 41.20 -7.10 -39.42
N SER C 33 40.05 -7.53 -39.93
CA SER C 33 38.83 -6.72 -39.91
C SER C 33 38.15 -6.74 -38.53
N VAL C 34 37.07 -5.96 -38.41
CA VAL C 34 36.29 -5.89 -37.17
C VAL C 34 35.51 -7.19 -36.91
N ASP C 35 35.13 -7.91 -37.98
CA ASP C 35 34.59 -9.28 -37.84
C ASP C 35 35.67 -10.21 -37.30
N HIS C 36 36.79 -10.25 -38.01
CA HIS C 36 37.93 -11.12 -37.67
C HIS C 36 38.62 -10.78 -36.34
N MET C 37 38.42 -9.56 -35.80
CA MET C 37 38.97 -9.22 -34.48
C MET C 37 38.45 -10.13 -33.36
N ALA C 38 37.18 -10.53 -33.47
CA ALA C 38 36.55 -11.46 -32.51
C ALA C 38 37.20 -12.85 -32.48
N VAL C 39 37.89 -13.22 -33.56
CA VAL C 39 38.67 -14.46 -33.60
C VAL C 39 40.03 -14.27 -32.89
N ILE C 40 40.75 -13.20 -33.24
CA ILE C 40 42.07 -12.94 -32.64
C ILE C 40 42.02 -12.45 -31.18
N LYS C 41 40.85 -11.97 -30.73
CA LYS C 41 40.62 -11.70 -29.31
C LYS C 41 40.77 -12.97 -28.46
N LYS C 42 40.20 -14.08 -28.96
CA LYS C 42 40.23 -15.37 -28.27
C LYS C 42 41.45 -16.25 -28.61
N TYR C 43 42.40 -15.73 -29.38
CA TYR C 43 43.63 -16.43 -29.74
C TYR C 43 44.55 -16.52 -28.53
N THR C 44 44.81 -17.74 -28.07
CA THR C 44 45.74 -17.98 -26.96
C THR C 44 46.52 -19.29 -27.13
N SER C 45 47.80 -19.28 -26.75
CA SER C 45 48.66 -20.47 -26.79
C SER C 45 48.25 -21.51 -25.72
N GLY C 46 47.77 -21.00 -24.59
CA GLY C 46 47.27 -21.84 -23.51
C GLY C 46 45.93 -22.46 -23.85
N ARG C 47 45.67 -23.63 -23.29
CA ARG C 47 44.40 -24.36 -23.50
C ARG C 47 43.71 -24.58 -22.15
N GLN C 48 42.43 -24.93 -22.23
CA GLN C 48 41.57 -25.01 -21.04
C GLN C 48 42.07 -26.05 -20.04
N GLU C 49 41.85 -25.76 -18.77
CA GLU C 49 42.26 -26.62 -17.68
C GLU C 49 41.39 -27.89 -17.62
N LYS C 50 42.05 -29.04 -17.54
CA LYS C 50 41.36 -30.34 -17.61
C LYS C 50 40.85 -30.80 -16.23
N ASN C 51 41.71 -30.69 -15.21
CA ASN C 51 41.37 -31.03 -13.83
C ASN C 51 41.75 -29.84 -12.92
N PRO C 52 40.89 -28.81 -12.86
CA PRO C 52 41.23 -27.58 -12.12
C PRO C 52 41.28 -27.77 -10.60
N ALA C 53 40.39 -28.61 -10.08
CA ALA C 53 40.40 -28.97 -8.65
C ALA C 53 41.77 -29.45 -8.19
N LEU C 54 42.42 -30.28 -9.02
CA LEU C 54 43.79 -30.72 -8.78
C LEU C 54 44.80 -29.60 -8.98
N ARG C 55 44.66 -28.89 -10.11
CA ARG C 55 45.62 -27.85 -10.48
C ARG C 55 45.68 -26.69 -9.49
N MET C 56 44.57 -26.38 -8.82
CA MET C 56 44.57 -25.36 -7.76
C MET C 56 45.22 -25.87 -6.47
N LYS C 57 44.86 -27.08 -6.06
CA LYS C 57 45.58 -27.80 -4.99
C LYS C 57 47.09 -27.80 -5.21
N TRP C 58 47.49 -28.05 -6.46
CA TRP C 58 48.91 -28.01 -6.85
C TRP C 58 49.47 -26.57 -6.80
N MET C 59 48.84 -25.65 -7.52
CA MET C 59 49.34 -24.28 -7.66
C MET C 59 49.37 -23.49 -6.37
N MET C 60 48.37 -23.66 -5.50
CA MET C 60 48.35 -22.94 -4.21
C MET C 60 49.49 -23.33 -3.26
N ALA C 61 50.18 -24.44 -3.54
CA ALA C 61 51.45 -24.75 -2.87
C ALA C 61 52.63 -23.92 -3.41
N MET C 62 52.56 -23.49 -4.67
CA MET C 62 53.63 -22.68 -5.28
C MET C 62 53.74 -21.29 -4.67
N LYS C 63 54.88 -20.64 -4.90
CA LYS C 63 55.20 -19.36 -4.28
C LYS C 63 54.40 -18.22 -4.91
N TYR C 64 54.38 -18.18 -6.24
CA TYR C 64 53.70 -17.12 -7.01
C TYR C 64 52.72 -17.73 -8.03
N PRO C 65 51.52 -18.15 -7.55
CA PRO C 65 50.51 -18.79 -8.41
C PRO C 65 49.61 -17.82 -9.17
N ILE C 66 49.21 -16.70 -8.56
CA ILE C 66 48.24 -15.78 -9.15
C ILE C 66 48.94 -14.88 -10.17
N SER C 67 48.22 -14.45 -11.20
CA SER C 67 48.69 -13.42 -12.13
C SER C 67 47.88 -12.14 -11.93
N ALA C 68 48.53 -11.00 -12.20
CA ALA C 68 47.93 -9.68 -12.00
C ALA C 68 48.58 -8.65 -12.90
N SER C 69 47.88 -7.54 -13.14
CA SER C 69 48.30 -6.52 -14.10
C SER C 69 49.64 -5.88 -13.73
N SER C 70 50.42 -5.54 -14.77
CA SER C 70 51.74 -4.91 -14.62
C SER C 70 51.77 -3.72 -13.66
N ARG C 71 50.67 -2.97 -13.60
CA ARG C 71 50.54 -1.83 -12.68
C ARG C 71 50.33 -2.20 -11.19
N ILE C 72 50.31 -3.49 -10.85
CA ILE C 72 50.38 -3.92 -9.43
C ILE C 72 51.71 -3.50 -8.79
N ARG C 73 52.78 -3.49 -9.59
CA ARG C 73 54.11 -3.04 -9.17
C ARG C 73 54.10 -1.57 -8.69
N GLU C 74 53.21 -0.77 -9.25
CA GLU C 74 53.00 0.62 -8.82
C GLU C 74 52.17 0.68 -7.54
N MET C 75 51.10 -0.11 -7.47
CA MET C 75 50.06 0.04 -6.44
C MET C 75 50.45 -0.49 -5.06
N ILE C 76 51.08 -1.67 -5.00
CA ILE C 76 51.45 -2.32 -3.73
C ILE C 76 52.98 -2.48 -3.63
N PRO C 77 53.51 -2.62 -2.39
CA PRO C 77 54.97 -2.76 -2.23
C PRO C 77 55.49 -4.14 -2.65
N GLU C 78 56.80 -4.25 -2.85
CA GLU C 78 57.43 -5.49 -3.30
C GLU C 78 57.50 -6.52 -2.17
N LYS C 79 57.94 -6.06 -0.99
CA LYS C 79 58.04 -6.87 0.22
C LYS C 79 57.07 -6.31 1.27
N ASP C 80 56.22 -7.16 1.85
CA ASP C 80 55.23 -6.70 2.84
C ASP C 80 55.82 -6.60 4.26
N GLU C 81 55.07 -5.98 5.16
CA GLU C 81 55.55 -5.64 6.51
C GLU C 81 56.11 -6.83 7.30
N ASP C 82 55.49 -8.00 7.16
CA ASP C 82 55.94 -9.23 7.82
C ASP C 82 57.14 -9.89 7.14
N GLY C 83 57.47 -9.48 5.92
CA GLY C 83 58.62 -10.02 5.17
C GLY C 83 58.26 -11.10 4.15
N ASN C 84 57.09 -10.97 3.51
CA ASN C 84 56.68 -11.83 2.40
C ASN C 84 56.80 -11.04 1.10
N THR C 85 57.24 -11.72 0.03
CA THR C 85 57.32 -11.11 -1.30
C THR C 85 55.92 -11.09 -1.90
N LEU C 86 55.44 -9.89 -2.27
CA LEU C 86 54.08 -9.73 -2.80
C LEU C 86 54.00 -9.93 -4.31
N TRP C 87 54.97 -9.37 -5.05
CA TRP C 87 55.04 -9.54 -6.51
C TRP C 87 56.47 -9.75 -7.00
N THR C 88 56.56 -10.17 -8.26
CA THR C 88 57.82 -10.36 -8.97
C THR C 88 57.74 -9.73 -10.36
N ASN C 89 58.90 -9.59 -11.01
CA ASN C 89 58.97 -9.03 -12.37
C ASN C 89 58.81 -10.09 -13.47
N THR C 90 58.82 -11.39 -13.09
CA THR C 90 58.62 -12.48 -14.04
C THR C 90 57.17 -12.48 -14.57
N LYS C 91 57.03 -12.31 -15.88
CA LYS C 91 55.72 -12.14 -16.51
C LYS C 91 55.04 -13.48 -16.81
N ASP C 92 53.72 -13.44 -16.88
CA ASP C 92 52.89 -14.64 -17.14
C ASP C 92 53.03 -15.04 -18.62
N ALA C 93 52.71 -16.30 -18.92
CA ALA C 93 52.83 -16.84 -20.28
C ALA C 93 51.99 -16.06 -21.30
N GLY C 94 52.66 -15.28 -22.15
CA GLY C 94 52.02 -14.52 -23.23
C GLY C 94 51.19 -13.32 -22.78
N SER C 95 51.62 -12.66 -21.69
CA SER C 95 50.89 -11.53 -21.11
C SER C 95 51.85 -10.47 -20.56
N ASN C 96 51.34 -9.25 -20.39
CA ASN C 96 52.03 -8.21 -19.64
C ASN C 96 51.84 -8.36 -18.12
N ARG C 97 50.90 -9.23 -17.73
CA ARG C 97 50.67 -9.57 -16.32
C ARG C 97 51.90 -10.22 -15.69
N VAL C 98 52.04 -10.05 -14.38
CA VAL C 98 53.18 -10.58 -13.62
C VAL C 98 52.73 -11.53 -12.51
N LEU C 99 53.56 -12.53 -12.22
CA LEU C 99 53.22 -13.57 -11.24
C LEU C 99 53.37 -13.03 -9.82
N VAL C 100 52.33 -13.20 -9.00
CA VAL C 100 52.26 -12.63 -7.64
C VAL C 100 51.86 -13.66 -6.59
N SER C 101 52.08 -13.30 -5.33
CA SER C 101 51.83 -14.18 -4.19
C SER C 101 50.43 -13.95 -3.62
N PRO C 102 49.79 -15.00 -3.06
CA PRO C 102 48.47 -14.81 -2.44
C PRO C 102 48.48 -13.87 -1.22
N ASN C 103 49.66 -13.60 -0.67
CA ASN C 103 49.86 -12.51 0.30
C ASN C 103 49.53 -11.12 -0.26
N ALA C 104 49.64 -10.94 -1.59
CA ALA C 104 49.26 -9.68 -2.24
C ALA C 104 47.78 -9.34 -2.07
N VAL C 105 46.93 -10.35 -2.31
CA VAL C 105 45.47 -10.20 -2.18
C VAL C 105 45.10 -9.92 -0.72
N THR C 106 45.70 -10.66 0.20
CA THR C 106 45.50 -10.45 1.64
C THR C 106 46.02 -9.08 2.09
N TRP C 107 47.14 -8.63 1.51
CA TRP C 107 47.68 -7.29 1.76
C TRP C 107 46.69 -6.22 1.27
N TRP C 108 46.30 -6.32 0.00
CA TRP C 108 45.38 -5.33 -0.60
C TRP C 108 44.17 -5.07 0.26
N ASN C 109 43.55 -6.15 0.76
CA ASN C 109 42.30 -6.06 1.52
C ASN C 109 42.43 -5.38 2.90
N ARG C 110 43.64 -5.35 3.48
CA ARG C 110 43.88 -4.66 4.75
C ARG C 110 44.58 -3.31 4.62
N ALA C 111 45.54 -3.20 3.69
CA ALA C 111 46.39 -2.01 3.55
C ALA C 111 46.23 -1.23 2.23
N GLY C 112 45.49 -1.77 1.26
CA GLY C 112 45.34 -1.12 -0.05
C GLY C 112 44.51 0.15 -0.08
N PRO C 113 44.26 0.71 -1.28
CA PRO C 113 43.44 1.92 -1.42
C PRO C 113 41.95 1.66 -1.17
N VAL C 114 41.33 2.48 -0.32
CA VAL C 114 39.90 2.37 -0.03
C VAL C 114 39.11 3.01 -1.18
N SER C 115 37.96 2.41 -1.50
CA SER C 115 37.14 2.83 -2.64
C SER C 115 35.66 2.92 -2.26
N ASP C 116 34.96 3.88 -2.86
CA ASP C 116 33.54 4.12 -2.59
C ASP C 116 32.70 2.99 -3.19
N VAL C 117 31.72 2.50 -2.42
CA VAL C 117 30.86 1.39 -2.86
C VAL C 117 29.41 1.56 -2.38
N VAL C 118 28.92 2.80 -2.44
CA VAL C 118 27.51 3.10 -2.09
C VAL C 118 26.54 2.63 -3.19
N HIS C 119 26.96 2.74 -4.46
CA HIS C 119 26.15 2.28 -5.60
C HIS C 119 26.22 0.76 -5.86
N TYR C 120 27.15 0.05 -5.21
CA TYR C 120 27.35 -1.39 -5.45
C TYR C 120 26.10 -2.27 -5.28
N PRO C 121 25.35 -2.11 -4.17
CA PRO C 121 24.11 -2.89 -3.98
C PRO C 121 23.00 -2.70 -5.04
N ARG C 122 23.05 -1.61 -5.81
CA ARG C 122 22.10 -1.36 -6.91
C ARG C 122 22.45 -2.14 -8.20
N VAL C 123 23.74 -2.37 -8.43
CA VAL C 123 24.21 -3.13 -9.59
C VAL C 123 23.89 -4.60 -9.38
N TYR C 124 24.29 -5.13 -8.22
CA TYR C 124 24.04 -6.52 -7.83
C TYR C 124 22.65 -6.73 -7.18
N LYS C 125 21.68 -5.87 -7.52
CA LYS C 125 20.35 -5.88 -6.87
C LYS C 125 19.71 -7.27 -6.89
N MET C 126 19.88 -7.98 -8.00
CA MET C 126 19.42 -9.38 -8.14
C MET C 126 19.88 -10.27 -6.99
N TYR C 127 21.14 -10.14 -6.59
CA TYR C 127 21.68 -10.91 -5.46
C TYR C 127 21.14 -10.39 -4.12
N PHE C 128 21.22 -9.08 -3.93
CA PHE C 128 20.77 -8.44 -2.67
C PHE C 128 19.29 -8.67 -2.36
N ASP C 129 18.45 -8.75 -3.39
CA ASP C 129 17.03 -9.13 -3.22
C ASP C 129 16.87 -10.47 -2.48
N ARG C 130 17.72 -11.45 -2.81
CA ARG C 130 17.68 -12.77 -2.16
C ARG C 130 17.94 -12.69 -0.65
N LEU C 131 18.83 -11.79 -0.24
CA LEU C 131 19.10 -11.54 1.17
C LEU C 131 17.90 -10.85 1.83
N GLU C 132 17.30 -9.90 1.11
CA GLU C 132 16.10 -9.20 1.58
C GLU C 132 14.93 -10.16 1.79
N ARG C 133 14.72 -11.08 0.84
CA ARG C 133 13.65 -12.08 0.96
C ARG C 133 13.86 -13.07 2.11
N LEU C 134 15.11 -13.43 2.37
CA LEU C 134 15.44 -14.34 3.48
C LEU C 134 15.39 -13.62 4.83
N THR C 135 15.89 -12.39 4.89
CA THR C 135 15.93 -11.59 6.13
C THR C 135 14.52 -11.33 6.66
N HIS C 136 13.67 -10.76 5.79
CA HIS C 136 12.30 -10.39 6.16
C HIS C 136 11.28 -11.53 6.01
N GLY C 137 11.72 -12.70 5.53
CA GLY C 137 10.86 -13.88 5.42
C GLY C 137 10.55 -14.51 6.77
N THR C 138 9.36 -15.09 6.88
CA THR C 138 8.86 -15.67 8.14
C THR C 138 8.79 -17.19 8.07
N PHE C 139 9.09 -17.86 9.19
CA PHE C 139 9.08 -19.32 9.28
C PHE C 139 7.84 -19.85 9.99
N GLY C 140 7.46 -21.06 9.63
CA GLY C 140 6.37 -21.80 10.28
C GLY C 140 6.86 -23.18 10.72
N PRO C 141 5.94 -24.06 11.16
CA PRO C 141 6.33 -25.39 11.61
C PRO C 141 6.72 -26.34 10.47
N VAL C 142 7.36 -27.44 10.83
CA VAL C 142 7.75 -28.48 9.89
C VAL C 142 6.72 -29.62 9.93
N LYS C 143 6.15 -29.93 8.77
CA LYS C 143 5.28 -31.11 8.63
C LYS C 143 6.08 -32.25 8.02
N PHE C 144 5.79 -33.48 8.46
CA PHE C 144 6.43 -34.69 7.96
C PHE C 144 5.43 -35.58 7.22
N TYR C 145 5.61 -35.71 5.91
CA TYR C 145 4.78 -36.60 5.07
C TYR C 145 5.42 -36.86 3.70
N ASN C 146 4.85 -37.80 2.95
CA ASN C 146 5.32 -38.10 1.59
C ASN C 146 5.19 -36.88 0.67
N GLN C 147 6.31 -36.17 0.48
CA GLN C 147 6.34 -34.97 -0.34
C GLN C 147 6.26 -35.37 -1.81
N VAL C 148 5.11 -35.13 -2.42
CA VAL C 148 4.85 -35.55 -3.81
C VAL C 148 5.34 -34.49 -4.78
N LYS C 149 6.61 -34.62 -5.19
CA LYS C 149 7.22 -33.68 -6.13
C LYS C 149 6.73 -33.94 -7.55
N VAL C 150 6.74 -32.89 -8.37
CA VAL C 150 6.29 -32.94 -9.77
C VAL C 150 7.30 -32.18 -10.64
N ARG C 151 7.69 -32.80 -11.75
CA ARG C 151 8.70 -32.24 -12.65
C ARG C 151 8.07 -31.24 -13.61
N LYS C 152 8.09 -29.96 -13.23
CA LYS C 152 7.52 -28.85 -14.01
C LYS C 152 8.60 -27.81 -14.30
N ARG C 153 8.38 -27.01 -15.34
CA ARG C 153 9.27 -25.89 -15.67
C ARG C 153 8.81 -24.64 -14.90
N VAL C 154 9.77 -23.94 -14.26
CA VAL C 154 9.47 -22.78 -13.41
C VAL C 154 10.54 -21.69 -13.54
N ASP C 155 10.22 -20.51 -13.02
CA ASP C 155 11.13 -19.36 -13.04
C ASP C 155 12.19 -19.45 -11.93
N ILE C 156 13.43 -19.12 -12.29
CA ILE C 156 14.57 -19.13 -11.36
C ILE C 156 15.02 -17.70 -11.00
N ASN C 157 14.33 -16.70 -11.57
CA ASN C 157 14.80 -15.32 -11.58
C ASN C 157 13.74 -14.39 -10.97
N PRO C 158 13.54 -14.44 -9.65
CA PRO C 158 12.57 -13.55 -9.02
C PRO C 158 12.98 -12.07 -9.09
N GLY C 159 12.02 -11.21 -9.38
CA GLY C 159 12.30 -9.79 -9.64
C GLY C 159 12.84 -9.54 -11.03
N HIS C 160 12.35 -10.30 -12.01
CA HIS C 160 12.69 -10.06 -13.42
C HIS C 160 11.72 -9.04 -14.01
N LYS C 161 12.22 -8.23 -14.95
CA LYS C 161 11.38 -7.36 -15.76
C LYS C 161 11.14 -8.06 -17.09
N ASP C 162 9.91 -8.53 -17.30
CA ASP C 162 9.57 -9.47 -18.38
C ASP C 162 10.03 -8.98 -19.76
N LEU C 163 11.20 -9.45 -20.18
CA LEU C 163 11.81 -9.10 -21.47
C LEU C 163 12.51 -10.31 -22.08
N THR C 164 12.51 -10.39 -23.42
CA THR C 164 13.31 -11.36 -24.14
C THR C 164 14.77 -10.91 -24.19
N SER C 165 15.65 -11.84 -24.55
CA SER C 165 17.09 -11.57 -24.63
C SER C 165 17.41 -10.41 -25.60
N ARG C 166 16.73 -10.40 -26.75
CA ARG C 166 16.84 -9.30 -27.71
C ARG C 166 16.35 -7.96 -27.13
N GLU C 167 15.16 -7.99 -26.52
CA GLU C 167 14.58 -6.80 -25.89
C GLU C 167 15.48 -6.22 -24.80
N ALA C 168 16.00 -7.10 -23.95
CA ALA C 168 16.88 -6.71 -22.86
C ALA C 168 18.25 -6.22 -23.35
N GLN C 169 18.78 -6.84 -24.43
CA GLN C 169 20.07 -6.43 -24.99
C GLN C 169 20.07 -4.96 -25.43
N GLU C 170 19.01 -4.54 -26.11
CA GLU C 170 18.82 -3.13 -26.49
C GLU C 170 18.84 -2.22 -25.24
N VAL C 171 18.05 -2.60 -24.24
CA VAL C 171 17.92 -1.84 -22.98
C VAL C 171 19.26 -1.73 -22.26
N ILE C 172 20.00 -2.83 -22.20
CA ILE C 172 21.34 -2.85 -21.60
C ILE C 172 22.27 -1.94 -22.41
N MET C 173 22.28 -2.14 -23.73
CA MET C 173 23.12 -1.33 -24.63
C MET C 173 22.85 0.17 -24.45
N GLU C 174 21.58 0.55 -24.39
CA GLU C 174 21.17 1.94 -24.19
C GLU C 174 21.58 2.51 -22.82
N VAL C 175 21.68 1.65 -21.80
CA VAL C 175 22.15 2.06 -20.48
C VAL C 175 23.68 2.18 -20.45
N VAL C 176 24.37 1.08 -20.74
CA VAL C 176 25.83 1.01 -20.55
C VAL C 176 26.67 1.59 -21.72
N PHE C 177 26.18 1.46 -22.96
CA PHE C 177 26.91 1.94 -24.15
C PHE C 177 26.03 2.77 -25.09
N PRO C 178 25.32 3.79 -24.55
CA PRO C 178 24.32 4.55 -25.33
C PRO C 178 24.83 5.12 -26.65
N ASN C 179 26.11 5.49 -26.70
CA ASN C 179 26.73 6.05 -27.90
C ASN C 179 26.87 5.04 -29.03
N GLU C 180 27.06 3.75 -28.70
CA GLU C 180 27.35 2.71 -29.70
C GLU C 180 26.20 1.70 -29.91
N VAL C 181 24.96 2.20 -29.93
CA VAL C 181 23.81 1.38 -30.32
C VAL C 181 23.74 1.44 -31.85
N GLY C 182 23.22 0.38 -32.47
CA GLY C 182 23.11 0.29 -33.93
C GLY C 182 21.95 1.12 -34.47
N ALA C 183 21.02 0.46 -35.16
CA ALA C 183 19.81 1.10 -35.67
C ALA C 183 18.59 0.91 -34.75
N ARG C 184 18.73 0.04 -33.75
CA ARG C 184 17.59 -0.39 -32.93
C ARG C 184 17.13 0.66 -31.91
N THR C 185 15.98 1.27 -32.20
CA THR C 185 15.27 2.09 -31.22
C THR C 185 14.59 1.17 -30.20
N LEU C 186 14.36 1.71 -29.00
CA LEU C 186 13.62 1.00 -27.97
C LEU C 186 12.13 1.01 -28.35
N SER C 187 11.65 -0.15 -28.82
CA SER C 187 10.30 -0.26 -29.38
C SER C 187 9.22 -0.12 -28.30
N SER C 188 9.31 -0.96 -27.27
CA SER C 188 8.31 -1.01 -26.20
C SER C 188 8.42 0.18 -25.25
N ASP C 189 7.29 0.61 -24.71
CA ASP C 189 7.24 1.64 -23.68
C ASP C 189 7.83 1.13 -22.36
N ALA C 190 7.64 -0.17 -22.11
CA ALA C 190 8.29 -0.85 -20.99
C ALA C 190 9.80 -0.72 -21.03
N GLN C 191 10.39 -0.84 -22.22
CA GLN C 191 11.84 -0.67 -22.40
C GLN C 191 12.29 0.78 -22.11
N LEU C 192 11.57 1.74 -22.68
CA LEU C 192 11.86 3.17 -22.50
C LEU C 192 11.86 3.62 -21.04
N THR C 193 10.92 3.09 -20.25
CA THR C 193 10.86 3.37 -18.81
C THR C 193 12.04 2.75 -18.06
N ILE C 194 12.26 1.45 -18.30
CA ILE C 194 13.34 0.69 -17.63
C ILE C 194 14.71 1.32 -17.93
N THR C 195 14.93 1.74 -19.18
CA THR C 195 16.16 2.42 -19.57
C THR C 195 16.44 3.67 -18.73
N LYS C 196 15.40 4.47 -18.49
CA LYS C 196 15.53 5.68 -17.65
C LYS C 196 15.64 5.33 -16.17
N GLU C 197 14.83 4.38 -15.71
CA GLU C 197 14.92 3.90 -14.33
C GLU C 197 16.31 3.40 -13.98
N LYS C 198 16.89 2.58 -14.87
CA LYS C 198 18.20 1.98 -14.62
C LYS C 198 19.37 2.97 -14.83
N LYS C 199 19.15 4.00 -15.64
CA LYS C 199 20.15 5.08 -15.81
C LYS C 199 20.35 5.91 -14.55
N GLU C 200 19.25 6.31 -13.92
CA GLU C 200 19.30 7.08 -12.68
C GLU C 200 19.68 6.21 -11.47
N GLU C 201 19.35 4.93 -11.51
CA GLU C 201 19.82 3.95 -10.50
C GLU C 201 21.35 3.98 -10.38
N LEU C 202 22.01 3.75 -11.51
CA LEU C 202 23.46 3.55 -11.56
C LEU C 202 24.23 4.79 -12.03
N LYS C 203 23.74 5.99 -11.70
CA LYS C 203 24.38 7.25 -12.14
C LYS C 203 25.62 7.54 -11.29
N ASN C 204 26.73 7.84 -11.96
CA ASN C 204 28.03 8.05 -11.32
C ASN C 204 28.41 6.89 -10.38
N CYS C 205 28.30 5.67 -10.91
CA CYS C 205 28.69 4.45 -10.19
C CYS C 205 29.96 3.89 -10.82
N LYS C 206 31.08 4.02 -10.11
CA LYS C 206 32.38 3.55 -10.59
C LYS C 206 32.49 2.03 -10.43
N ILE C 207 32.34 1.32 -11.54
CA ILE C 207 32.50 -0.14 -11.59
C ILE C 207 32.65 -0.55 -13.06
N SER C 208 33.32 -1.67 -13.31
CA SER C 208 33.52 -2.16 -14.69
C SER C 208 32.18 -2.34 -15.42
N PRO C 209 31.97 -1.64 -16.57
CA PRO C 209 30.75 -1.80 -17.37
C PRO C 209 30.42 -3.26 -17.76
N ILE C 210 31.46 -4.03 -18.06
CA ILE C 210 31.36 -5.47 -18.34
C ILE C 210 30.54 -6.19 -17.26
N MET C 211 30.85 -5.88 -16.00
CA MET C 211 30.13 -6.45 -14.86
C MET C 211 28.68 -6.00 -14.80
N VAL C 212 28.44 -4.72 -15.11
CA VAL C 212 27.09 -4.14 -15.09
C VAL C 212 26.22 -4.78 -16.18
N ALA C 213 26.80 -4.94 -17.37
CA ALA C 213 26.10 -5.58 -18.49
C ALA C 213 25.64 -7.00 -18.12
N TYR C 214 26.59 -7.81 -17.63
CA TYR C 214 26.29 -9.16 -17.15
C TYR C 214 25.18 -9.13 -16.10
N MET C 215 25.35 -8.27 -15.09
CA MET C 215 24.38 -8.18 -14.01
C MET C 215 22.98 -7.78 -14.48
N LEU C 216 22.91 -6.80 -15.38
CA LEU C 216 21.63 -6.38 -15.96
C LEU C 216 21.01 -7.46 -16.85
N GLU C 217 21.84 -8.15 -17.64
CA GLU C 217 21.37 -9.26 -18.47
C GLU C 217 20.74 -10.37 -17.63
N ARG C 218 21.40 -10.71 -16.53
CA ARG C 218 20.87 -11.70 -15.58
C ARG C 218 19.67 -11.19 -14.78
N GLU C 219 19.71 -9.91 -14.42
CA GLU C 219 18.64 -9.27 -13.62
C GLU C 219 17.34 -9.10 -14.41
N LEU C 220 17.46 -8.66 -15.66
CA LEU C 220 16.28 -8.32 -16.48
C LEU C 220 15.54 -9.54 -17.03
N VAL C 221 16.27 -10.42 -17.71
CA VAL C 221 15.66 -11.48 -18.53
C VAL C 221 15.11 -12.63 -17.68
N ARG C 222 13.95 -13.16 -18.06
CA ARG C 222 13.41 -14.38 -17.44
C ARG C 222 14.33 -15.56 -17.68
N ARG C 223 14.64 -16.29 -16.62
CA ARG C 223 15.47 -17.50 -16.72
C ARG C 223 14.74 -18.65 -16.04
N THR C 224 14.48 -19.72 -16.80
CA THR C 224 13.68 -20.87 -16.33
C THR C 224 14.44 -22.18 -16.40
N ARG C 225 14.01 -23.13 -15.58
CA ARG C 225 14.54 -24.50 -15.58
C ARG C 225 13.48 -25.51 -15.15
N PHE C 226 13.72 -26.77 -15.53
CA PHE C 226 12.93 -27.90 -15.02
C PHE C 226 13.43 -28.25 -13.63
N LEU C 227 12.51 -28.33 -12.68
CA LEU C 227 12.81 -28.74 -11.31
C LEU C 227 11.68 -29.63 -10.78
N PRO C 228 11.96 -30.43 -9.75
CA PRO C 228 10.89 -31.15 -9.05
C PRO C 228 10.25 -30.28 -7.96
N ILE C 229 9.02 -29.82 -8.18
CA ILE C 229 8.31 -28.92 -7.25
C ILE C 229 7.07 -29.60 -6.67
N ALA C 230 6.83 -29.38 -5.38
CA ALA C 230 5.58 -29.79 -4.73
C ALA C 230 4.90 -28.54 -4.19
N GLY C 231 3.74 -28.21 -4.76
CA GLY C 231 2.94 -27.06 -4.34
C GLY C 231 3.33 -25.76 -5.03
N ALA C 232 4.02 -24.88 -4.30
CA ALA C 232 4.26 -23.50 -4.74
C ALA C 232 5.29 -23.40 -5.86
N THR C 233 4.90 -22.79 -6.98
CA THR C 233 5.77 -22.66 -8.16
C THR C 233 6.22 -21.22 -8.48
N SER C 234 5.94 -20.27 -7.60
CA SER C 234 6.36 -18.87 -7.80
C SER C 234 7.86 -18.72 -7.62
N SER C 235 8.46 -17.82 -8.41
CA SER C 235 9.92 -17.58 -8.41
C SER C 235 10.50 -17.26 -7.03
N THR C 236 9.72 -16.59 -6.17
CA THR C 236 10.14 -16.31 -4.80
C THR C 236 10.19 -17.57 -3.91
N TYR C 237 9.38 -18.57 -4.25
CA TYR C 237 9.39 -19.88 -3.56
C TYR C 237 10.33 -20.91 -4.21
N VAL C 238 10.55 -20.79 -5.52
CA VAL C 238 11.52 -21.61 -6.25
C VAL C 238 12.94 -21.29 -5.77
N GLU C 239 13.21 -19.99 -5.60
CA GLU C 239 14.44 -19.47 -4.96
C GLU C 239 14.95 -20.32 -3.79
N VAL C 240 14.03 -20.76 -2.93
CA VAL C 240 14.35 -21.49 -1.70
C VAL C 240 13.80 -22.94 -1.65
N LEU C 241 13.69 -23.59 -2.82
CA LEU C 241 13.22 -25.00 -2.90
C LEU C 241 13.95 -25.94 -1.94
N HIS C 242 15.27 -25.79 -1.87
CA HIS C 242 16.11 -26.53 -0.92
C HIS C 242 15.70 -26.32 0.55
N LEU C 243 15.24 -25.12 0.89
CA LEU C 243 14.80 -24.80 2.24
C LEU C 243 13.34 -25.18 2.51
N THR C 244 12.46 -25.02 1.51
CA THR C 244 11.02 -25.22 1.70
C THR C 244 10.60 -26.69 1.80
N GLN C 245 11.13 -27.53 0.91
CA GLN C 245 10.69 -28.93 0.80
C GLN C 245 11.86 -29.92 0.85
N GLY C 246 11.54 -31.17 1.17
CA GLY C 246 12.50 -32.27 1.10
C GLY C 246 11.85 -33.53 0.56
N THR C 247 12.45 -34.67 0.88
CA THR C 247 11.92 -35.98 0.50
C THR C 247 10.71 -36.36 1.35
N CYS C 248 10.82 -36.11 2.67
CA CYS C 248 9.79 -36.47 3.65
C CYS C 248 9.22 -35.30 4.47
N TRP C 249 9.71 -34.07 4.23
CA TRP C 249 9.38 -32.93 5.08
C TRP C 249 9.00 -31.67 4.29
N GLU C 250 8.15 -30.86 4.93
CA GLU C 250 7.68 -29.58 4.38
C GLU C 250 7.89 -28.48 5.44
N GLN C 251 8.93 -27.68 5.25
CA GLN C 251 9.24 -26.54 6.12
C GLN C 251 8.37 -25.36 5.66
N GLN C 252 7.39 -24.98 6.48
CA GLN C 252 6.50 -23.86 6.13
C GLN C 252 7.25 -22.54 6.17
N TYR C 253 7.11 -21.74 5.12
CA TYR C 253 7.87 -20.52 4.95
C TYR C 253 7.16 -19.57 3.98
N THR C 254 7.27 -18.27 4.26
CA THR C 254 6.79 -17.22 3.35
C THR C 254 7.85 -16.12 3.32
N PRO C 255 8.41 -15.82 2.12
CA PRO C 255 9.50 -14.83 2.03
C PRO C 255 9.02 -13.38 2.17
N GLY C 256 9.95 -12.51 2.53
CA GLY C 256 9.68 -11.10 2.73
C GLY C 256 9.34 -10.37 1.43
N GLY C 257 8.66 -9.23 1.57
CA GLY C 257 8.19 -8.46 0.42
C GLY C 257 6.84 -8.98 -0.07
N GLU C 258 6.07 -8.09 -0.67
CA GLU C 258 4.73 -8.42 -1.15
C GLU C 258 4.79 -9.27 -2.42
N ALA C 259 3.91 -10.26 -2.52
CA ALA C 259 3.89 -11.19 -3.66
C ALA C 259 3.25 -10.54 -4.89
N GLU C 260 3.46 -11.17 -6.05
CA GLU C 260 2.97 -10.64 -7.33
C GLU C 260 1.45 -10.79 -7.45
N ASN C 261 0.80 -9.77 -8.00
CA ASN C 261 -0.67 -9.74 -8.12
C ASN C 261 -1.22 -10.80 -9.08
N ASP C 262 -0.53 -11.00 -10.20
CA ASP C 262 -0.87 -12.08 -11.15
C ASP C 262 -0.85 -13.46 -10.48
N ASP C 263 0.15 -13.69 -9.62
CA ASP C 263 0.28 -14.95 -8.89
C ASP C 263 -0.83 -15.13 -7.85
N LEU C 264 -1.14 -14.06 -7.12
CA LEU C 264 -2.25 -14.05 -6.17
C LEU C 264 -3.60 -14.27 -6.86
N ASP C 265 -3.77 -13.65 -8.03
CA ASP C 265 -4.95 -13.87 -8.88
C ASP C 265 -5.00 -15.33 -9.39
N GLN C 266 -3.85 -15.85 -9.80
CA GLN C 266 -3.75 -17.24 -10.30
C GLN C 266 -4.08 -18.26 -9.21
N THR C 267 -3.35 -18.19 -8.09
CA THR C 267 -3.55 -19.12 -6.97
C THR C 267 -4.97 -19.09 -6.41
N LEU C 268 -5.57 -17.89 -6.39
CA LEU C 268 -6.97 -17.71 -5.99
C LEU C 268 -7.92 -18.57 -6.83
N ILE C 269 -7.69 -18.57 -8.14
CA ILE C 269 -8.51 -19.35 -9.08
C ILE C 269 -8.36 -20.84 -8.79
N ILE C 270 -7.12 -21.29 -8.58
CA ILE C 270 -6.86 -22.70 -8.27
C ILE C 270 -7.52 -23.10 -6.95
N ALA C 271 -7.30 -22.28 -5.91
CA ALA C 271 -7.93 -22.50 -4.61
C ALA C 271 -9.45 -22.58 -4.71
N SER C 272 -10.04 -21.57 -5.34
CA SER C 272 -11.48 -21.50 -5.57
C SER C 272 -11.98 -22.73 -6.32
N ARG C 273 -11.30 -23.10 -7.41
CA ARG C 273 -11.62 -24.29 -8.19
C ARG C 273 -11.56 -25.57 -7.36
N ASN C 274 -10.48 -25.73 -6.59
CA ASN C 274 -10.36 -26.88 -5.68
C ASN C 274 -11.48 -26.92 -4.64
N ILE C 275 -11.78 -25.76 -4.05
CA ILE C 275 -12.87 -25.65 -3.06
C ILE C 275 -14.25 -25.98 -3.68
N VAL C 276 -14.51 -25.46 -4.88
CA VAL C 276 -15.74 -25.78 -5.61
C VAL C 276 -15.82 -27.27 -5.94
N ARG C 277 -14.77 -27.81 -6.55
CA ARG C 277 -14.71 -29.24 -6.90
C ARG C 277 -14.85 -30.16 -5.68
N ARG C 278 -14.24 -29.77 -4.56
CA ARG C 278 -14.42 -30.52 -3.30
C ARG C 278 -15.87 -30.45 -2.81
N SER C 279 -16.47 -29.26 -2.86
CA SER C 279 -17.84 -29.07 -2.37
C SER C 279 -18.93 -29.81 -3.16
N ILE C 280 -18.71 -30.03 -4.46
CA ILE C 280 -19.69 -30.74 -5.32
C ILE C 280 -19.95 -32.18 -4.84
N VAL C 281 -18.90 -32.86 -4.36
CA VAL C 281 -19.01 -34.24 -3.89
C VAL C 281 -19.74 -34.35 -2.55
N ALA C 282 -19.51 -33.38 -1.65
CA ALA C 282 -20.11 -33.40 -0.30
C ALA C 282 -21.61 -33.14 -0.32
N ILE C 283 -22.27 -33.50 0.79
CA ILE C 283 -23.69 -33.21 1.00
C ILE C 283 -23.76 -31.80 1.59
N ASP C 284 -24.75 -31.02 1.13
CA ASP C 284 -24.81 -29.57 1.39
C ASP C 284 -23.53 -28.87 0.90
N PRO C 285 -23.36 -28.76 -0.44
CA PRO C 285 -22.17 -28.11 -1.03
C PRO C 285 -21.92 -26.67 -0.57
N LEU C 286 -22.97 -25.85 -0.53
CA LEU C 286 -22.83 -24.44 -0.10
C LEU C 286 -22.17 -24.31 1.28
N ALA C 287 -22.60 -25.14 2.22
CA ALA C 287 -22.05 -25.14 3.59
C ALA C 287 -20.60 -25.61 3.63
N SER C 288 -20.28 -26.64 2.84
CA SER C 288 -18.90 -27.12 2.67
C SER C 288 -18.01 -26.01 2.10
N LEU C 289 -18.50 -25.36 1.05
CA LEU C 289 -17.79 -24.24 0.42
C LEU C 289 -17.60 -23.07 1.38
N LEU C 290 -18.66 -22.69 2.09
CA LEU C 290 -18.57 -21.67 3.15
C LEU C 290 -17.55 -22.05 4.23
N SER C 291 -17.62 -23.31 4.66
CA SER C 291 -16.68 -23.85 5.65
C SER C 291 -15.23 -23.79 5.19
N MET C 292 -14.98 -24.21 3.95
CA MET C 292 -13.63 -24.12 3.38
C MET C 292 -13.16 -22.69 3.14
N CYS C 293 -14.06 -21.84 2.64
CA CYS C 293 -13.74 -20.42 2.35
C CYS C 293 -13.25 -19.66 3.57
N HIS C 294 -13.94 -19.84 4.71
CA HIS C 294 -13.52 -19.20 5.96
C HIS C 294 -12.18 -19.72 6.48
N THR C 295 -11.93 -21.02 6.32
CA THR C 295 -10.70 -21.65 6.79
C THR C 295 -9.48 -21.36 5.92
N THR C 296 -9.66 -21.34 4.60
CA THR C 296 -8.53 -21.25 3.65
C THR C 296 -7.74 -19.94 3.76
N SER C 297 -6.41 -20.07 3.68
CA SER C 297 -5.46 -18.96 3.85
C SER C 297 -4.35 -19.02 2.79
N ILE C 298 -4.32 -18.05 1.88
CA ILE C 298 -3.31 -17.99 0.81
C ILE C 298 -2.12 -17.14 1.25
N SER C 299 -0.98 -17.80 1.50
CA SER C 299 0.27 -17.14 1.86
C SER C 299 0.12 -16.26 3.12
N SER C 300 -0.41 -16.87 4.18
CA SER C 300 -0.71 -16.19 5.45
C SER C 300 -1.67 -14.99 5.29
N GLU C 301 -2.81 -15.25 4.65
CA GLU C 301 -3.86 -14.24 4.45
C GLU C 301 -5.18 -14.95 4.12
N PRO C 302 -6.26 -14.73 4.92
CA PRO C 302 -7.52 -15.45 4.70
C PRO C 302 -8.19 -15.23 3.34
N LEU C 303 -8.69 -16.32 2.74
CA LEU C 303 -9.33 -16.29 1.41
C LEU C 303 -10.50 -15.30 1.32
N VAL C 304 -11.26 -15.18 2.41
CA VAL C 304 -12.48 -14.37 2.45
C VAL C 304 -12.16 -12.89 2.15
N GLU C 305 -11.18 -12.34 2.84
CA GLU C 305 -10.79 -10.93 2.63
C GLU C 305 -10.09 -10.69 1.29
N ILE C 306 -9.48 -11.74 0.72
CA ILE C 306 -8.89 -11.67 -0.63
C ILE C 306 -10.01 -11.65 -1.68
N LEU C 307 -11.00 -12.53 -1.52
CA LEU C 307 -12.17 -12.57 -2.41
C LEU C 307 -12.95 -11.25 -2.45
N ARG C 308 -13.05 -10.56 -1.31
CA ARG C 308 -13.68 -9.23 -1.26
C ARG C 308 -12.95 -8.19 -2.11
N SER C 309 -11.63 -8.16 -2.00
CA SER C 309 -10.79 -7.15 -2.66
C SER C 309 -10.37 -7.47 -4.10
N ASN C 310 -10.24 -8.75 -4.45
CA ASN C 310 -9.75 -9.11 -5.80
C ASN C 310 -10.78 -8.88 -6.91
N PRO C 311 -10.33 -8.39 -8.08
CA PRO C 311 -11.22 -8.15 -9.22
C PRO C 311 -11.23 -9.31 -10.25
N THR C 312 -10.94 -10.54 -9.81
CA THR C 312 -10.69 -11.65 -10.72
C THR C 312 -11.99 -12.23 -11.26
N ASP C 313 -12.20 -12.08 -12.57
CA ASP C 313 -13.41 -12.56 -13.24
C ASP C 313 -13.24 -14.02 -13.68
N GLU C 314 -13.64 -14.95 -12.82
CA GLU C 314 -13.49 -16.39 -13.09
C GLU C 314 -14.66 -17.18 -12.49
N GLN C 315 -15.08 -18.22 -13.19
CA GLN C 315 -16.29 -19.00 -12.84
C GLN C 315 -16.29 -19.54 -11.40
N ALA C 316 -15.28 -20.34 -11.06
CA ALA C 316 -15.14 -20.91 -9.71
C ALA C 316 -14.92 -19.85 -8.61
N VAL C 317 -14.28 -18.74 -8.96
CA VAL C 317 -14.09 -17.62 -8.04
C VAL C 317 -15.43 -16.92 -7.75
N ASN C 318 -16.20 -16.70 -8.82
CA ASN C 318 -17.53 -16.10 -8.71
C ASN C 318 -18.55 -16.98 -7.98
N ILE C 319 -18.31 -18.30 -7.94
CA ILE C 319 -19.08 -19.20 -7.08
C ILE C 319 -18.75 -18.94 -5.61
N CYS C 320 -17.46 -18.80 -5.28
CA CYS C 320 -17.03 -18.46 -3.92
C CYS C 320 -17.49 -17.08 -3.49
N LYS C 321 -17.39 -16.10 -4.39
CA LYS C 321 -17.91 -14.74 -4.14
C LYS C 321 -19.42 -14.71 -3.87
N ALA C 322 -20.17 -15.58 -4.54
CA ALA C 322 -21.63 -15.66 -4.40
C ALA C 322 -22.06 -16.23 -3.05
N ALA C 323 -21.30 -17.20 -2.55
CA ALA C 323 -21.51 -17.72 -1.19
C ALA C 323 -21.22 -16.66 -0.13
N LEU C 324 -20.19 -15.85 -0.36
CA LEU C 324 -19.83 -14.75 0.55
C LEU C 324 -20.54 -13.41 0.25
N GLY C 325 -21.41 -13.37 -0.76
CA GLY C 325 -22.26 -12.22 -1.05
C GLY C 325 -21.54 -11.00 -1.58
N ILE C 326 -20.52 -11.24 -2.41
CA ILE C 326 -19.64 -10.19 -2.93
C ILE C 326 -20.13 -9.81 -4.33
N ARG C 327 -19.72 -8.64 -4.82
CA ARG C 327 -20.06 -8.19 -6.19
C ARG C 327 -19.38 -9.09 -7.22
N ILE C 328 -20.14 -9.50 -8.25
CA ILE C 328 -19.69 -10.55 -9.19
C ILE C 328 -19.81 -10.09 -10.64
N ASN C 329 -18.73 -10.27 -11.41
CA ASN C 329 -18.77 -10.11 -12.86
C ASN C 329 -18.82 -11.51 -13.48
N ASN C 330 -19.97 -11.87 -14.04
CA ASN C 330 -20.14 -13.17 -14.72
C ASN C 330 -19.32 -13.20 -16.00
N SER C 331 -18.05 -13.57 -15.87
CA SER C 331 -17.13 -13.53 -17.01
C SER C 331 -15.90 -14.42 -16.82
N PHE C 332 -15.22 -14.68 -17.93
CA PHE C 332 -13.95 -15.41 -17.95
C PHE C 332 -13.07 -14.88 -19.07
N SER C 333 -11.75 -14.85 -18.82
CA SER C 333 -10.79 -14.33 -19.79
C SER C 333 -10.32 -15.42 -20.75
N PHE C 334 -9.88 -14.99 -21.94
CA PHE C 334 -9.32 -15.90 -22.94
C PHE C 334 -8.51 -15.10 -23.96
N GLY C 335 -7.19 -15.33 -24.00
CA GLY C 335 -6.29 -14.65 -24.93
C GLY C 335 -6.31 -13.14 -24.80
N GLY C 336 -6.35 -12.65 -23.56
CA GLY C 336 -6.40 -11.21 -23.26
C GLY C 336 -7.81 -10.65 -23.11
N TYR C 337 -8.71 -11.04 -24.02
CA TYR C 337 -10.07 -10.54 -24.05
C TYR C 337 -10.93 -11.26 -23.00
N ASN C 338 -11.90 -10.53 -22.43
CA ASN C 338 -12.83 -11.11 -21.44
C ASN C 338 -14.19 -11.40 -22.09
N PHE C 339 -14.77 -12.55 -21.74
CA PHE C 339 -16.03 -13.03 -22.31
C PHE C 339 -17.11 -13.09 -21.25
N LYS C 340 -18.26 -12.44 -21.51
CA LYS C 340 -19.41 -12.44 -20.58
C LYS C 340 -20.61 -13.07 -21.28
N ARG C 341 -21.09 -14.19 -20.74
CA ARG C 341 -22.21 -14.92 -21.33
C ARG C 341 -23.52 -14.18 -21.08
N VAL C 342 -24.18 -13.75 -22.15
CA VAL C 342 -25.44 -13.00 -22.09
C VAL C 342 -26.62 -13.98 -22.09
N LYS C 343 -26.67 -14.83 -23.11
CA LYS C 343 -27.77 -15.79 -23.28
C LYS C 343 -27.26 -17.20 -23.53
N GLY C 344 -28.02 -18.19 -23.07
CA GLY C 344 -27.79 -19.60 -23.41
C GLY C 344 -26.85 -20.33 -22.48
N SER C 345 -26.61 -21.61 -22.78
CA SER C 345 -25.67 -22.44 -22.03
C SER C 345 -25.21 -23.64 -22.86
N SER C 346 -24.18 -24.33 -22.37
CA SER C 346 -23.57 -25.45 -23.10
C SER C 346 -22.97 -26.50 -22.18
N GLN C 347 -23.14 -27.77 -22.54
CA GLN C 347 -22.47 -28.88 -21.87
C GLN C 347 -21.04 -29.00 -22.39
N ARG C 348 -20.13 -29.32 -21.47
CA ARG C 348 -18.69 -29.43 -21.77
C ARG C 348 -18.34 -30.87 -22.16
N THR C 349 -18.66 -31.24 -23.39
CA THR C 349 -18.47 -32.62 -23.86
C THR C 349 -17.00 -32.85 -24.25
N GLU C 350 -16.55 -34.09 -24.09
CA GLU C 350 -15.16 -34.45 -24.37
C GLU C 350 -15.10 -35.39 -25.58
N LYS C 351 -14.59 -34.90 -26.70
CA LYS C 351 -14.55 -35.65 -27.96
C LYS C 351 -13.26 -35.37 -28.73
N ALA C 352 -12.53 -36.44 -29.07
CA ALA C 352 -11.23 -36.31 -29.75
C ALA C 352 -11.41 -35.95 -31.23
N VAL C 353 -10.53 -35.09 -31.74
CA VAL C 353 -10.61 -34.62 -33.14
C VAL C 353 -9.21 -34.50 -33.78
N LEU C 354 -9.17 -34.76 -35.08
CA LEU C 354 -7.94 -34.65 -35.89
C LEU C 354 -7.78 -33.23 -36.43
N THR C 355 -6.55 -32.71 -36.37
CA THR C 355 -6.22 -31.39 -36.90
C THR C 355 -5.85 -31.46 -38.38
N GLY C 356 -5.60 -30.30 -38.98
CA GLY C 356 -5.03 -30.19 -40.32
C GLY C 356 -3.54 -30.50 -40.35
N ASN C 357 -2.91 -30.47 -39.18
CA ASN C 357 -1.52 -30.92 -39.01
C ASN C 357 -1.39 -32.44 -38.83
N LEU C 358 -2.49 -33.20 -38.99
CA LEU C 358 -2.52 -34.66 -38.87
C LEU C 358 -2.05 -35.13 -37.49
N GLN C 359 -2.81 -34.74 -36.48
CA GLN C 359 -2.52 -35.07 -35.08
C GLN C 359 -3.83 -35.32 -34.33
N THR C 360 -3.97 -36.52 -33.75
CA THR C 360 -5.13 -36.86 -32.91
C THR C 360 -5.02 -36.12 -31.59
N LEU C 361 -6.14 -35.58 -31.13
CA LEU C 361 -6.17 -34.69 -29.96
C LEU C 361 -7.50 -34.83 -29.23
N THR C 362 -7.40 -35.20 -27.96
CA THR C 362 -8.57 -35.27 -27.09
C THR C 362 -8.88 -33.86 -26.56
N MET C 363 -10.04 -33.32 -26.97
CA MET C 363 -10.45 -31.95 -26.65
C MET C 363 -11.71 -31.94 -25.79
N THR C 364 -11.82 -30.90 -24.96
CA THR C 364 -13.07 -30.61 -24.24
C THR C 364 -13.86 -29.59 -25.10
N ILE C 365 -14.83 -30.09 -25.93
CA ILE C 365 -15.68 -29.24 -26.85
C ILE C 365 -16.95 -28.80 -26.11
N PHE C 366 -17.33 -27.54 -26.32
CA PHE C 366 -18.49 -26.93 -25.67
C PHE C 366 -19.71 -27.02 -26.57
N GLU C 367 -20.71 -27.91 -26.23
CA GLU C 367 -21.86 -28.22 -27.10
C GLU C 367 -23.14 -27.56 -26.61
N GLY C 368 -23.58 -26.51 -27.30
CA GLY C 368 -24.81 -25.79 -26.97
C GLY C 368 -24.79 -24.36 -27.47
N TYR C 369 -25.98 -23.79 -27.71
CA TYR C 369 -26.10 -22.42 -28.20
C TYR C 369 -25.83 -21.41 -27.08
N GLU C 370 -25.00 -20.41 -27.41
CA GLU C 370 -24.55 -19.39 -26.46
C GLU C 370 -24.34 -18.05 -27.17
N GLU C 371 -24.72 -16.97 -26.48
CA GLU C 371 -24.45 -15.61 -26.93
C GLU C 371 -23.54 -14.92 -25.93
N PHE C 372 -22.32 -14.58 -26.36
CA PHE C 372 -21.32 -13.91 -25.53
C PHE C 372 -21.16 -12.44 -25.92
N ASN C 373 -20.85 -11.63 -24.91
CA ASN C 373 -20.39 -10.26 -25.10
C ASN C 373 -18.90 -10.24 -24.77
N VAL C 374 -18.10 -9.68 -25.68
CA VAL C 374 -16.63 -9.77 -25.62
C VAL C 374 -16.00 -8.38 -25.62
N SER C 375 -14.95 -8.20 -24.83
CA SER C 375 -14.26 -6.92 -24.71
C SER C 375 -12.81 -7.04 -24.22
N GLY C 376 -12.05 -5.97 -24.44
CA GLY C 376 -10.65 -5.88 -24.02
C GLY C 376 -9.77 -5.15 -25.04
N LYS C 377 -8.66 -4.61 -24.55
CA LYS C 377 -7.63 -3.97 -25.38
C LYS C 377 -8.22 -2.76 -26.14
N ARG C 378 -8.09 -2.70 -27.47
CA ARG C 378 -8.73 -1.65 -28.28
C ARG C 378 -9.92 -2.18 -29.08
N ALA C 379 -10.52 -3.29 -28.61
CA ALA C 379 -11.54 -4.01 -29.38
C ALA C 379 -12.68 -4.54 -28.51
N SER C 380 -13.74 -4.98 -29.18
CA SER C 380 -14.93 -5.52 -28.52
C SER C 380 -15.87 -6.15 -29.55
N ALA C 381 -16.72 -7.08 -29.11
CA ALA C 381 -17.63 -7.77 -30.01
C ALA C 381 -18.82 -8.42 -29.32
N VAL C 382 -19.77 -8.86 -30.14
CA VAL C 382 -20.90 -9.69 -29.71
C VAL C 382 -20.79 -11.00 -30.49
N LEU C 383 -20.55 -12.10 -29.79
CA LEU C 383 -20.39 -13.42 -30.39
C LEU C 383 -21.64 -14.26 -30.17
N LYS C 384 -21.97 -15.07 -31.18
CA LYS C 384 -23.09 -16.02 -31.12
C LYS C 384 -22.55 -17.36 -31.63
N LYS C 385 -22.54 -18.35 -30.75
CA LYS C 385 -21.77 -19.58 -30.97
C LYS C 385 -22.60 -20.82 -30.60
N GLY C 386 -22.38 -21.91 -31.32
CA GLY C 386 -22.98 -23.21 -31.04
C GLY C 386 -21.91 -24.28 -30.88
N ALA C 387 -22.30 -25.54 -31.03
CA ALA C 387 -21.37 -26.66 -30.97
C ALA C 387 -20.48 -26.68 -32.21
N GLN C 388 -19.23 -26.25 -32.05
CA GLN C 388 -18.27 -26.13 -33.16
C GLN C 388 -18.85 -25.32 -34.33
N ARG C 389 -19.40 -24.17 -34.02
CA ARG C 389 -20.05 -23.33 -35.03
C ARG C 389 -20.12 -21.86 -34.58
N LEU C 390 -19.59 -20.97 -35.39
CA LEU C 390 -19.70 -19.53 -35.18
C LEU C 390 -20.88 -19.05 -36.00
N ILE C 391 -21.97 -18.68 -35.32
CA ILE C 391 -23.19 -18.21 -36.00
C ILE C 391 -22.99 -16.77 -36.44
N GLN C 392 -22.61 -15.91 -35.50
CA GLN C 392 -22.39 -14.49 -35.79
C GLN C 392 -21.34 -13.86 -34.87
N ALA C 393 -20.65 -12.85 -35.39
CA ALA C 393 -19.63 -12.11 -34.63
C ALA C 393 -19.59 -10.66 -35.10
N ILE C 394 -20.17 -9.75 -34.31
CA ILE C 394 -20.25 -8.33 -34.66
C ILE C 394 -19.13 -7.58 -33.93
N ILE C 395 -18.01 -7.36 -34.62
CA ILE C 395 -16.78 -6.85 -34.01
C ILE C 395 -16.59 -5.35 -34.27
N GLY C 396 -16.02 -4.66 -33.29
CA GLY C 396 -15.68 -3.23 -33.41
C GLY C 396 -14.51 -2.86 -32.52
N GLY C 397 -13.84 -1.76 -32.85
CA GLY C 397 -12.67 -1.32 -32.08
C GLY C 397 -12.06 -0.03 -32.60
N ARG C 398 -10.85 0.28 -32.11
CA ARG C 398 -10.16 1.51 -32.51
C ARG C 398 -9.34 1.36 -33.80
N THR C 399 -8.65 0.23 -33.95
CA THR C 399 -7.83 -0.06 -35.14
C THR C 399 -8.31 -1.34 -35.81
N LEU C 400 -8.03 -1.47 -37.11
CA LEU C 400 -8.33 -2.71 -37.86
C LEU C 400 -7.50 -3.89 -37.33
N GLU C 401 -6.27 -3.59 -36.93
CA GLU C 401 -5.36 -4.55 -36.29
C GLU C 401 -6.05 -5.26 -35.12
N ASP C 402 -6.56 -4.47 -34.19
CA ASP C 402 -7.18 -4.98 -32.96
C ASP C 402 -8.55 -5.63 -33.22
N ILE C 403 -9.25 -5.16 -34.25
CA ILE C 403 -10.49 -5.80 -34.72
C ILE C 403 -10.19 -7.19 -35.27
N LEU C 404 -9.20 -7.28 -36.16
CA LEU C 404 -8.81 -8.56 -36.76
C LEU C 404 -8.20 -9.53 -35.72
N ASN C 405 -7.36 -9.00 -34.83
CA ASN C 405 -6.81 -9.80 -33.72
C ASN C 405 -7.90 -10.48 -32.89
N LEU C 406 -8.97 -9.74 -32.60
CA LEU C 406 -10.14 -10.28 -31.91
C LEU C 406 -10.90 -11.28 -32.80
N MET C 407 -11.07 -10.94 -34.09
CA MET C 407 -11.71 -11.84 -35.05
C MET C 407 -11.03 -13.20 -35.08
N ILE C 408 -9.69 -13.20 -35.14
CA ILE C 408 -8.90 -14.43 -35.09
C ILE C 408 -9.19 -15.19 -33.79
N THR C 409 -9.08 -14.48 -32.66
CA THR C 409 -9.32 -15.04 -31.33
C THR C 409 -10.72 -15.67 -31.19
N LEU C 410 -11.72 -15.04 -31.79
CA LEU C 410 -13.09 -15.58 -31.81
C LEU C 410 -13.19 -16.79 -32.75
N MET C 411 -12.67 -16.65 -33.98
CA MET C 411 -12.61 -17.78 -34.92
C MET C 411 -11.92 -19.01 -34.32
N VAL C 412 -10.93 -18.78 -33.45
CA VAL C 412 -10.35 -19.86 -32.64
C VAL C 412 -11.32 -20.33 -31.55
N PHE C 413 -11.94 -19.37 -30.85
CA PHE C 413 -12.91 -19.65 -29.78
C PHE C 413 -14.11 -20.49 -30.24
N SER C 414 -14.47 -20.39 -31.51
CA SER C 414 -15.58 -21.16 -32.10
C SER C 414 -15.42 -22.68 -32.05
N GLN C 415 -14.18 -23.15 -32.22
CA GLN C 415 -13.86 -24.59 -32.31
C GLN C 415 -14.45 -25.27 -33.56
N GLU C 416 -14.56 -24.52 -34.66
CA GLU C 416 -15.09 -25.08 -35.92
C GLU C 416 -14.09 -26.03 -36.56
N GLU C 417 -14.61 -27.05 -37.25
CA GLU C 417 -13.76 -27.98 -38.02
C GLU C 417 -12.96 -27.25 -39.12
N LYS C 418 -13.50 -26.12 -39.60
CA LYS C 418 -12.81 -25.25 -40.56
C LYS C 418 -11.43 -24.79 -40.09
N MET C 419 -11.34 -24.28 -38.86
CA MET C 419 -10.06 -23.75 -38.35
C MET C 419 -9.08 -24.85 -37.97
N LEU C 420 -9.59 -25.90 -37.31
CA LEU C 420 -8.79 -27.07 -36.95
C LEU C 420 -8.08 -27.69 -38.15
N LYS C 421 -8.82 -27.86 -39.25
CA LYS C 421 -8.27 -28.45 -40.48
C LYS C 421 -7.49 -27.47 -41.38
N ALA C 422 -7.14 -26.28 -40.85
CA ALA C 422 -6.23 -25.34 -41.52
C ALA C 422 -4.95 -25.09 -40.71
N VAL C 423 -4.57 -26.03 -39.84
CA VAL C 423 -3.35 -25.91 -39.05
C VAL C 423 -2.15 -26.37 -39.89
N ARG C 424 -1.32 -25.42 -40.32
CA ARG C 424 -0.14 -25.68 -41.14
C ARG C 424 1.16 -25.48 -40.35
N GLY C 425 2.26 -25.99 -40.88
CA GLY C 425 3.56 -25.91 -40.23
C GLY C 425 3.67 -26.86 -39.04
N ASP C 426 4.61 -26.57 -38.14
CA ASP C 426 4.81 -27.35 -36.94
C ASP C 426 3.99 -26.76 -35.78
N LEU C 427 3.20 -27.62 -35.13
CA LEU C 427 2.40 -27.21 -33.97
C LEU C 427 2.01 -28.44 -33.13
N ASN C 428 2.94 -28.88 -32.30
CA ASN C 428 2.70 -29.98 -31.38
C ASN C 428 1.87 -29.48 -30.20
N PHE C 429 0.98 -30.34 -29.70
CA PHE C 429 0.19 -30.05 -28.50
C PHE C 429 0.79 -30.71 -27.24
N VAL C 430 2.11 -30.90 -27.26
CA VAL C 430 2.86 -31.44 -26.14
C VAL C 430 4.22 -30.73 -26.00
N ASN C 431 4.69 -30.61 -24.75
CA ASN C 431 5.93 -29.88 -24.43
C ASN C 431 7.16 -30.61 -24.96
N ARG C 432 8.30 -29.90 -25.03
CA ARG C 432 9.60 -30.52 -25.34
C ARG C 432 9.93 -31.73 -24.47
N ALA C 433 9.37 -31.80 -23.25
CA ALA C 433 9.45 -32.96 -22.38
C ALA C 433 8.18 -33.84 -22.36
N ASN C 434 7.45 -33.88 -23.48
CA ASN C 434 6.25 -34.73 -23.65
C ASN C 434 5.15 -34.54 -22.60
N GLN C 435 4.95 -33.29 -22.18
CA GLN C 435 3.89 -32.92 -21.23
C GLN C 435 2.66 -32.41 -21.99
N ARG C 436 1.47 -32.67 -21.46
CA ARG C 436 0.22 -32.24 -22.11
C ARG C 436 0.04 -30.72 -22.06
N LEU C 437 -0.09 -30.09 -23.22
CA LEU C 437 -0.32 -28.63 -23.30
C LEU C 437 -1.79 -28.28 -23.49
N ASN C 438 -2.10 -27.00 -23.27
CA ASN C 438 -3.43 -26.47 -23.55
C ASN C 438 -3.57 -26.27 -25.06
N PRO C 439 -4.52 -26.97 -25.70
CA PRO C 439 -4.66 -26.86 -27.16
C PRO C 439 -5.20 -25.53 -27.65
N MET C 440 -6.21 -24.99 -26.96
CA MET C 440 -6.86 -23.74 -27.36
C MET C 440 -5.88 -22.57 -27.48
N TYR C 441 -5.00 -22.42 -26.48
CA TYR C 441 -3.96 -21.37 -26.52
C TYR C 441 -2.89 -21.65 -27.58
N GLN C 442 -2.54 -22.92 -27.77
CA GLN C 442 -1.60 -23.32 -28.82
C GLN C 442 -2.13 -22.96 -30.21
N LEU C 443 -3.39 -23.30 -30.46
CA LEU C 443 -4.09 -22.90 -31.69
C LEU C 443 -4.09 -21.37 -31.84
N LEU C 444 -4.44 -20.68 -30.77
CA LEU C 444 -4.54 -19.22 -30.76
C LEU C 444 -3.20 -18.54 -31.08
N ARG C 445 -2.15 -18.96 -30.38
CA ARG C 445 -0.81 -18.38 -30.60
C ARG C 445 -0.24 -18.74 -31.97
N HIS C 446 -0.61 -19.90 -32.51
CA HIS C 446 -0.30 -20.28 -33.89
C HIS C 446 -1.02 -19.36 -34.87
N PHE C 447 -2.35 -19.28 -34.75
CA PHE C 447 -3.16 -18.53 -35.71
C PHE C 447 -3.00 -17.00 -35.61
N GLN C 448 -2.65 -16.47 -34.43
CA GLN C 448 -2.35 -15.03 -34.30
C GLN C 448 -1.03 -14.62 -34.95
N LYS C 449 -0.13 -15.58 -35.14
CA LYS C 449 1.10 -15.36 -35.92
C LYS C 449 0.86 -15.68 -37.40
N ASP C 450 0.17 -16.79 -37.68
CA ASP C 450 -0.13 -17.21 -39.06
C ASP C 450 -1.65 -17.30 -39.30
N SER C 451 -2.23 -16.24 -39.83
CA SER C 451 -3.67 -16.16 -40.09
C SER C 451 -4.06 -16.73 -41.46
N SER C 452 -3.28 -16.39 -42.49
CA SER C 452 -3.61 -16.63 -43.92
C SER C 452 -4.28 -17.98 -44.27
N THR C 453 -3.83 -19.07 -43.65
CA THR C 453 -4.39 -20.40 -43.92
C THR C 453 -5.83 -20.55 -43.41
N LEU C 454 -6.10 -19.99 -42.24
CA LEU C 454 -7.45 -19.98 -41.66
C LEU C 454 -8.42 -19.20 -42.54
N LEU C 455 -8.04 -17.97 -42.88
CA LEU C 455 -8.91 -17.03 -43.59
C LEU C 455 -9.39 -17.54 -44.95
N LYS C 456 -8.47 -18.14 -45.71
CA LYS C 456 -8.81 -18.72 -47.02
C LYS C 456 -9.60 -20.04 -46.91
N ASN C 457 -9.39 -20.79 -45.83
CA ASN C 457 -10.19 -22.00 -45.55
C ASN C 457 -11.57 -21.68 -44.97
N TRP C 458 -11.73 -20.50 -44.39
CA TRP C 458 -12.98 -20.09 -43.72
C TRP C 458 -14.16 -19.89 -44.68
N GLY C 459 -13.88 -19.26 -45.83
CA GLY C 459 -14.91 -19.00 -46.84
C GLY C 459 -15.63 -17.67 -46.61
N THR C 460 -16.40 -17.23 -47.60
CA THR C 460 -17.10 -15.94 -47.57
C THR C 460 -18.63 -16.08 -47.62
N GLU C 461 -19.31 -14.98 -47.31
CA GLU C 461 -20.78 -14.92 -47.22
C GLU C 461 -21.30 -13.58 -47.76
N GLU C 462 -22.49 -13.59 -48.35
CA GLU C 462 -23.13 -12.38 -48.87
C GLU C 462 -23.72 -11.55 -47.72
N ILE C 463 -23.44 -10.25 -47.70
CA ILE C 463 -23.92 -9.35 -46.63
C ILE C 463 -25.14 -8.56 -47.11
N ASP C 464 -26.14 -8.39 -46.24
CA ASP C 464 -27.25 -7.45 -46.49
C ASP C 464 -26.72 -6.00 -46.42
N PRO C 465 -27.18 -5.13 -47.36
CA PRO C 465 -26.65 -3.76 -47.39
C PRO C 465 -27.29 -2.87 -46.32
N ILE C 466 -26.72 -2.88 -45.13
CA ILE C 466 -27.20 -2.10 -43.99
C ILE C 466 -26.12 -1.08 -43.62
N MET C 467 -26.50 0.19 -43.51
CA MET C 467 -25.53 1.27 -43.24
C MET C 467 -25.01 1.23 -41.81
N GLY C 468 -23.89 0.52 -41.62
CA GLY C 468 -23.29 0.31 -40.29
C GLY C 468 -22.60 -1.04 -40.16
N ILE C 469 -23.26 -2.08 -40.69
CA ILE C 469 -22.77 -3.46 -40.61
C ILE C 469 -21.90 -3.77 -41.85
N ALA C 470 -20.63 -3.39 -41.77
CA ALA C 470 -19.67 -3.64 -42.88
C ALA C 470 -19.14 -5.08 -42.84
N GLY C 471 -18.39 -5.47 -43.88
CA GLY C 471 -17.85 -6.83 -44.00
C GLY C 471 -16.32 -6.86 -44.00
N ILE C 472 -15.76 -7.92 -43.41
CA ILE C 472 -14.30 -8.13 -43.39
C ILE C 472 -13.98 -9.33 -44.29
N MET C 473 -13.07 -9.10 -45.24
CA MET C 473 -12.69 -10.13 -46.24
C MET C 473 -11.44 -10.92 -45.82
N PRO C 474 -11.25 -12.14 -46.40
CA PRO C 474 -10.09 -12.98 -46.05
C PRO C 474 -8.70 -12.41 -46.38
N ASP C 475 -8.61 -11.30 -47.10
CA ASP C 475 -7.36 -10.54 -47.26
C ASP C 475 -7.36 -9.22 -46.43
N GLY C 476 -8.17 -9.18 -45.36
CA GLY C 476 -8.20 -8.02 -44.47
C GLY C 476 -8.81 -6.75 -45.03
N THR C 477 -9.62 -6.88 -46.09
CA THR C 477 -10.27 -5.74 -46.74
C THR C 477 -11.63 -5.49 -46.09
N ILE C 478 -12.02 -4.21 -46.04
CA ILE C 478 -13.29 -3.77 -45.46
C ILE C 478 -14.31 -3.65 -46.59
N ASN C 479 -14.89 -4.79 -46.96
CA ASN C 479 -15.82 -4.88 -48.10
C ASN C 479 -17.27 -4.71 -47.64
N LYS C 480 -18.08 -4.08 -48.49
CA LYS C 480 -19.47 -3.74 -48.17
C LYS C 480 -20.53 -4.71 -48.74
N THR C 481 -20.12 -5.59 -49.65
CA THR C 481 -21.00 -6.63 -50.21
C THR C 481 -20.70 -8.02 -49.62
N GLN C 482 -19.41 -8.38 -49.55
CA GLN C 482 -18.96 -9.68 -49.06
C GLN C 482 -18.26 -9.56 -47.70
N THR C 483 -18.10 -10.71 -47.04
CA THR C 483 -17.48 -10.80 -45.71
C THR C 483 -17.16 -12.25 -45.37
N LEU C 484 -16.46 -12.45 -44.26
CA LEU C 484 -16.19 -13.81 -43.74
C LEU C 484 -17.43 -14.39 -43.06
N MET C 485 -17.59 -15.71 -43.20
CA MET C 485 -18.77 -16.46 -42.73
C MET C 485 -19.16 -16.17 -41.26
N GLY C 486 -20.15 -15.31 -41.09
CA GLY C 486 -20.63 -14.90 -39.77
C GLY C 486 -19.99 -13.66 -39.16
N VAL C 487 -18.88 -13.18 -39.74
CA VAL C 487 -18.15 -12.03 -39.20
C VAL C 487 -18.71 -10.73 -39.78
N ARG C 488 -18.98 -9.77 -38.90
CA ARG C 488 -19.52 -8.46 -39.28
C ARG C 488 -18.74 -7.35 -38.58
N LEU C 489 -18.44 -6.27 -39.30
CA LEU C 489 -17.74 -5.11 -38.75
C LEU C 489 -18.75 -4.03 -38.37
N SER C 490 -18.66 -3.54 -37.13
CA SER C 490 -19.50 -2.45 -36.64
C SER C 490 -18.74 -1.13 -36.78
N GLN C 491 -19.16 -0.31 -37.73
CA GLN C 491 -18.47 0.95 -38.07
C GLN C 491 -18.43 1.96 -36.93
N GLY C 492 -19.50 1.99 -36.12
CA GLY C 492 -19.55 2.83 -34.92
C GLY C 492 -19.07 2.15 -33.65
N GLY C 493 -18.38 1.01 -33.76
CA GLY C 493 -17.97 0.22 -32.58
C GLY C 493 -19.13 -0.51 -31.93
N VAL C 494 -18.91 -0.95 -30.69
CA VAL C 494 -19.93 -1.64 -29.89
C VAL C 494 -19.99 -1.01 -28.50
N ASP C 495 -21.21 -0.77 -28.02
CA ASP C 495 -21.43 -0.12 -26.72
C ASP C 495 -21.00 -1.07 -25.59
N GLU C 496 -20.42 -0.49 -24.54
CA GLU C 496 -19.80 -1.26 -23.46
C GLU C 496 -19.90 -0.53 -22.11
N TYR C 497 -19.19 -1.07 -21.10
CA TYR C 497 -19.22 -0.63 -19.69
C TYR C 497 -20.25 -1.40 -18.87
N SER C 498 -21.45 -1.62 -19.43
CA SER C 498 -22.43 -2.55 -18.86
C SER C 498 -21.86 -3.96 -18.67
N PHE C 499 -20.95 -4.34 -19.56
CA PHE C 499 -20.10 -5.53 -19.41
C PHE C 499 -19.39 -5.58 -18.06
N ASN C 500 -18.66 -4.51 -17.74
CA ASN C 500 -17.81 -4.45 -16.53
C ASN C 500 -18.58 -4.32 -15.20
N GLU C 501 -19.84 -3.85 -15.25
CA GLU C 501 -20.61 -3.59 -14.02
C GLU C 501 -20.79 -4.84 -13.15
N ARG C 502 -20.31 -4.75 -11.91
CA ARG C 502 -20.27 -5.87 -10.99
C ARG C 502 -21.65 -6.07 -10.34
N ILE C 503 -22.25 -7.23 -10.58
CA ILE C 503 -23.65 -7.50 -10.22
C ILE C 503 -23.74 -8.05 -8.80
N ARG C 504 -24.89 -7.80 -8.16
CA ARG C 504 -25.29 -8.43 -6.90
C ARG C 504 -26.03 -9.72 -7.26
N VAL C 505 -25.51 -10.86 -6.81
CA VAL C 505 -25.94 -12.19 -7.28
C VAL C 505 -26.23 -13.15 -6.11
N ASN C 506 -27.17 -14.07 -6.33
CA ASN C 506 -27.57 -15.09 -5.34
C ASN C 506 -27.06 -16.49 -5.71
N ILE C 507 -27.14 -17.41 -4.74
CA ILE C 507 -26.66 -18.79 -4.90
C ILE C 507 -27.52 -19.77 -4.09
N ASP C 508 -27.68 -20.99 -4.61
CA ASP C 508 -28.47 -22.03 -3.92
C ASP C 508 -27.58 -23.03 -3.15
N LYS C 509 -28.19 -24.07 -2.58
CA LYS C 509 -27.49 -25.11 -1.81
C LYS C 509 -26.39 -25.83 -2.62
N TYR C 510 -26.74 -26.20 -3.86
CA TYR C 510 -25.86 -26.97 -4.75
C TYR C 510 -25.01 -26.09 -5.69
N LEU C 511 -24.66 -24.88 -5.25
CA LEU C 511 -23.70 -24.00 -5.94
C LEU C 511 -24.10 -23.55 -7.37
N ARG C 512 -25.40 -23.47 -7.64
CA ARG C 512 -25.91 -22.84 -8.87
C ARG C 512 -26.09 -21.36 -8.57
N VAL C 513 -25.50 -20.51 -9.42
CA VAL C 513 -25.44 -19.06 -9.19
C VAL C 513 -26.58 -18.34 -9.95
N ARG C 514 -27.58 -17.90 -9.18
CA ARG C 514 -28.80 -17.28 -9.73
C ARG C 514 -28.72 -15.76 -9.61
N ASN C 515 -29.00 -15.02 -10.70
CA ASN C 515 -29.00 -13.55 -10.65
C ASN C 515 -30.25 -13.01 -9.93
N GLU C 516 -30.23 -11.73 -9.56
CA GLU C 516 -31.35 -11.07 -8.86
C GLU C 516 -32.70 -11.19 -9.59
N LYS C 517 -32.68 -11.23 -10.92
CA LYS C 517 -33.87 -11.50 -11.74
C LYS C 517 -34.46 -12.89 -11.45
N GLY C 518 -33.59 -13.86 -11.22
CA GLY C 518 -33.97 -15.24 -10.92
C GLY C 518 -33.68 -16.18 -12.08
N GLU C 519 -32.44 -16.12 -12.57
CA GLU C 519 -31.99 -16.92 -13.72
C GLU C 519 -30.55 -17.37 -13.49
N LEU C 520 -30.21 -18.55 -14.00
CA LEU C 520 -28.91 -19.18 -13.77
C LEU C 520 -27.82 -18.54 -14.61
N LEU C 521 -26.71 -18.15 -13.97
CA LEU C 521 -25.53 -17.60 -14.65
C LEU C 521 -24.38 -18.60 -14.70
N ILE C 522 -23.98 -19.11 -13.54
CA ILE C 522 -22.85 -20.04 -13.40
C ILE C 522 -23.32 -21.31 -12.71
N SER C 523 -22.90 -22.46 -13.23
CA SER C 523 -23.24 -23.78 -12.67
C SER C 523 -21.94 -24.53 -12.34
N PRO C 524 -21.97 -25.46 -11.34
CA PRO C 524 -20.75 -26.22 -11.02
C PRO C 524 -20.22 -27.11 -12.15
N GLU C 525 -21.10 -27.54 -13.05
CA GLU C 525 -20.71 -28.27 -14.26
C GLU C 525 -19.80 -27.46 -15.19
N GLU C 526 -19.98 -26.16 -15.29
CA GLU C 526 -19.16 -25.25 -16.13
C GLU C 526 -17.71 -25.11 -15.66
N VAL C 527 -17.48 -25.33 -14.32
CA VAL C 527 -16.14 -25.20 -13.75
C VAL C 527 -15.24 -26.28 -14.33
N SER C 528 -14.12 -25.86 -14.94
CA SER C 528 -13.16 -26.79 -15.54
C SER C 528 -12.40 -27.54 -14.45
N GLU C 529 -12.12 -28.82 -14.69
CA GLU C 529 -11.35 -29.64 -13.75
C GLU C 529 -9.87 -29.68 -14.15
N ALA C 530 -9.30 -28.50 -14.38
CA ALA C 530 -7.89 -28.37 -14.75
C ALA C 530 -7.05 -28.36 -13.48
N GLN C 531 -6.52 -29.54 -13.13
CA GLN C 531 -5.77 -29.73 -11.90
C GLN C 531 -4.37 -29.14 -12.04
N GLY C 532 -4.28 -27.81 -11.93
CA GLY C 532 -3.04 -27.07 -12.13
C GLY C 532 -2.31 -26.83 -10.83
N GLN C 533 -0.98 -26.67 -10.92
CA GLN C 533 -0.16 -26.31 -9.76
C GLN C 533 -0.22 -24.80 -9.51
N GLU C 534 0.02 -24.42 -8.26
CA GLU C 534 -0.25 -23.08 -7.77
C GLU C 534 1.05 -22.28 -7.61
N LYS C 535 0.97 -20.97 -7.84
CA LYS C 535 2.13 -20.09 -7.75
C LYS C 535 2.48 -19.86 -6.29
N LEU C 536 1.53 -19.30 -5.55
CA LEU C 536 1.66 -19.09 -4.11
C LEU C 536 1.01 -20.26 -3.37
N PRO C 537 1.46 -20.54 -2.13
CA PRO C 537 0.99 -21.72 -1.41
C PRO C 537 -0.41 -21.53 -0.81
N ILE C 538 -1.32 -22.44 -1.16
CA ILE C 538 -2.66 -22.47 -0.57
C ILE C 538 -2.59 -23.31 0.71
N ASN C 539 -3.27 -22.83 1.75
CA ASN C 539 -3.40 -23.57 3.02
C ASN C 539 -4.88 -23.69 3.37
N TYR C 540 -5.44 -24.87 3.18
CA TYR C 540 -6.81 -25.18 3.59
C TYR C 540 -6.72 -25.67 5.02
N ASN C 541 -7.39 -24.99 5.95
CA ASN C 541 -7.41 -25.39 7.36
C ASN C 541 -8.75 -26.06 7.67
N SER C 542 -9.08 -27.08 6.87
CA SER C 542 -10.38 -27.76 6.93
C SER C 542 -10.16 -29.26 7.08
N SER C 543 -11.10 -29.92 7.75
CA SER C 543 -11.12 -31.39 7.86
C SER C 543 -11.55 -32.07 6.57
N LEU C 544 -12.29 -31.33 5.72
CA LEU C 544 -12.73 -31.83 4.42
C LEU C 544 -11.56 -32.01 3.45
N MET C 545 -10.65 -31.04 3.43
CA MET C 545 -9.49 -31.07 2.53
C MET C 545 -8.26 -31.68 3.23
N TRP C 546 -7.37 -32.27 2.44
CA TRP C 546 -6.12 -32.85 2.96
C TRP C 546 -5.11 -31.76 3.35
N GLU C 547 -4.03 -32.17 4.02
CA GLU C 547 -2.95 -31.25 4.42
C GLU C 547 -2.37 -30.43 3.25
N VAL C 548 -2.21 -31.09 2.11
CA VAL C 548 -1.81 -30.42 0.86
C VAL C 548 -2.55 -31.10 -0.29
N ASN C 549 -3.10 -30.31 -1.20
CA ASN C 549 -3.91 -30.81 -2.31
C ASN C 549 -3.03 -31.00 -3.57
N GLY C 550 -3.67 -31.39 -4.67
CA GLY C 550 -2.98 -31.75 -5.91
C GLY C 550 -3.27 -33.22 -6.14
N PRO C 551 -3.74 -33.59 -7.36
CA PRO C 551 -4.28 -34.95 -7.59
C PRO C 551 -3.38 -36.11 -7.13
N GLU C 552 -2.07 -35.98 -7.34
CA GLU C 552 -1.12 -37.02 -6.93
C GLU C 552 -1.08 -37.15 -5.41
N SER C 553 -1.16 -36.01 -4.71
CA SER C 553 -1.23 -36.00 -3.25
C SER C 553 -2.49 -36.69 -2.71
N ILE C 554 -3.60 -36.57 -3.44
CA ILE C 554 -4.89 -37.16 -3.03
C ILE C 554 -4.83 -38.69 -3.01
N LEU C 555 -4.27 -39.29 -4.07
CA LEU C 555 -4.10 -40.74 -4.14
C LEU C 555 -3.23 -41.26 -3.01
N THR C 556 -2.08 -40.60 -2.78
CA THR C 556 -1.17 -41.00 -1.71
C THR C 556 -1.80 -40.81 -0.32
N ASN C 557 -2.36 -39.63 -0.06
CA ASN C 557 -3.01 -39.35 1.24
C ASN C 557 -4.25 -40.21 1.52
N THR C 558 -5.03 -40.52 0.47
CA THR C 558 -6.21 -41.38 0.63
C THR C 558 -5.80 -42.82 0.99
N TYR C 559 -4.95 -43.44 0.17
CA TYR C 559 -4.47 -44.80 0.44
C TYR C 559 -3.60 -44.90 1.69
N HIS C 560 -2.86 -43.83 2.01
CA HIS C 560 -2.08 -43.78 3.26
C HIS C 560 -2.98 -43.79 4.49
N TRP C 561 -4.05 -43.00 4.47
CA TRP C 561 -5.02 -42.96 5.57
C TRP C 561 -5.75 -44.30 5.79
N ILE C 562 -6.01 -45.03 4.71
CA ILE C 562 -6.64 -46.37 4.80
C ILE C 562 -5.71 -47.34 5.53
N ILE C 563 -4.43 -47.35 5.14
CA ILE C 563 -3.41 -48.21 5.77
C ILE C 563 -3.13 -47.75 7.22
N LYS C 564 -3.10 -46.44 7.43
CA LYS C 564 -2.87 -45.85 8.76
C LYS C 564 -3.86 -46.35 9.81
N ASN C 565 -5.15 -46.34 9.47
CA ASN C 565 -6.22 -46.80 10.36
C ASN C 565 -6.84 -48.11 9.87
N TRP C 566 -6.02 -49.02 9.34
CA TRP C 566 -6.52 -50.27 8.72
C TRP C 566 -7.20 -51.21 9.73
N GLU C 567 -6.70 -51.27 10.97
CA GLU C 567 -7.30 -52.14 11.98
C GLU C 567 -8.72 -51.71 12.36
N LEU C 568 -8.96 -50.39 12.40
CA LEU C 568 -10.30 -49.85 12.65
C LEU C 568 -11.23 -50.12 11.46
N LEU C 569 -10.72 -49.93 10.24
CA LEU C 569 -11.51 -50.08 9.01
C LEU C 569 -11.81 -51.53 8.63
N LYS C 570 -10.86 -52.43 8.89
CA LYS C 570 -11.03 -53.87 8.58
C LYS C 570 -12.20 -54.50 9.33
N THR C 571 -12.36 -54.15 10.61
CA THR C 571 -13.50 -54.59 11.41
C THR C 571 -14.81 -53.93 10.95
N GLN C 572 -14.72 -52.67 10.52
CA GLN C 572 -15.86 -51.94 9.99
C GLN C 572 -16.30 -52.45 8.60
N TRP C 573 -15.37 -53.06 7.87
CA TRP C 573 -15.65 -53.67 6.57
C TRP C 573 -16.47 -54.97 6.72
N MET C 574 -16.11 -55.78 7.71
CA MET C 574 -16.78 -57.06 7.98
C MET C 574 -18.21 -56.83 8.49
N THR C 575 -18.32 -56.00 9.52
CA THR C 575 -19.60 -55.67 10.15
C THR C 575 -19.94 -54.19 9.96
N ASP C 576 -21.12 -53.90 9.40
CA ASP C 576 -21.60 -52.54 9.13
C ASP C 576 -20.73 -51.81 8.08
N PRO C 577 -20.79 -52.25 6.80
CA PRO C 577 -19.95 -51.70 5.74
C PRO C 577 -20.46 -50.40 5.09
N THR C 578 -21.75 -50.09 5.24
CA THR C 578 -22.33 -48.88 4.63
C THR C 578 -21.77 -47.57 5.23
N VAL C 579 -21.42 -47.59 6.52
CA VAL C 579 -20.81 -46.44 7.18
C VAL C 579 -19.38 -46.23 6.68
N LEU C 580 -18.67 -47.34 6.43
CA LEU C 580 -17.34 -47.30 5.81
C LEU C 580 -17.37 -46.69 4.41
N TYR C 581 -18.41 -47.02 3.63
CA TYR C 581 -18.58 -46.46 2.29
C TYR C 581 -18.92 -44.97 2.33
N ASN C 582 -19.82 -44.58 3.23
CA ASN C 582 -20.23 -43.16 3.36
C ASN C 582 -19.38 -42.35 4.36
N ARG C 583 -18.12 -42.71 4.54
CA ARG C 583 -17.18 -41.90 5.35
C ARG C 583 -16.72 -40.68 4.57
N ILE C 584 -16.58 -39.56 5.26
CA ILE C 584 -16.21 -38.28 4.64
C ILE C 584 -14.74 -38.17 4.16
N GLU C 585 -13.89 -39.12 4.57
CA GLU C 585 -12.48 -39.12 4.16
C GLU C 585 -12.27 -39.60 2.72
N PHE C 586 -13.24 -40.32 2.17
CA PHE C 586 -13.18 -40.82 0.78
C PHE C 586 -13.72 -39.84 -0.27
N GLU C 587 -14.34 -38.74 0.17
CA GLU C 587 -14.87 -37.72 -0.76
C GLU C 587 -13.81 -37.06 -1.66
N PRO C 588 -12.70 -36.51 -1.09
CA PRO C 588 -11.68 -35.91 -1.95
C PRO C 588 -11.11 -36.81 -3.04
N PHE C 589 -11.10 -38.13 -2.80
CA PHE C 589 -10.75 -39.11 -3.84
C PHE C 589 -11.70 -39.04 -5.03
N GLN C 590 -13.01 -38.93 -4.75
CA GLN C 590 -14.03 -38.91 -5.82
C GLN C 590 -13.82 -37.83 -6.88
N THR C 591 -13.13 -36.73 -6.52
CA THR C 591 -12.77 -35.69 -7.50
C THR C 591 -11.81 -36.18 -8.59
N LEU C 592 -11.02 -37.22 -8.30
CA LEU C 592 -10.13 -37.84 -9.30
C LEU C 592 -10.88 -38.70 -10.32
N ILE C 593 -12.01 -39.27 -9.91
CA ILE C 593 -12.81 -40.16 -10.76
C ILE C 593 -13.63 -39.29 -11.71
N PRO C 594 -13.80 -39.72 -12.98
CA PRO C 594 -14.73 -39.00 -13.88
C PRO C 594 -16.16 -38.97 -13.35
N LYS C 595 -16.88 -37.87 -13.61
CA LYS C 595 -18.20 -37.65 -13.02
C LYS C 595 -19.26 -38.66 -13.48
N GLY C 596 -19.15 -39.15 -14.71
CA GLY C 596 -20.07 -40.15 -15.25
C GLY C 596 -19.93 -41.54 -14.63
N ASN C 597 -18.68 -41.95 -14.40
CA ASN C 597 -18.37 -43.31 -13.93
C ASN C 597 -18.59 -43.53 -12.41
N ARG C 598 -18.40 -42.48 -11.61
CA ARG C 598 -18.51 -42.53 -10.13
C ARG C 598 -19.58 -43.49 -9.59
N ALA C 599 -20.77 -43.44 -10.18
CA ALA C 599 -21.91 -44.28 -9.78
C ALA C 599 -21.69 -45.76 -10.12
N ILE C 600 -21.27 -46.04 -11.35
CA ILE C 600 -21.11 -47.43 -11.80
C ILE C 600 -19.83 -48.09 -11.26
N TYR C 601 -18.79 -47.28 -11.04
CA TYR C 601 -17.55 -47.75 -10.41
C TYR C 601 -17.74 -48.21 -8.95
N SER C 602 -18.58 -47.50 -8.20
CA SER C 602 -18.90 -47.87 -6.81
C SER C 602 -19.77 -49.14 -6.72
N GLY C 603 -20.78 -49.20 -7.59
CA GLY C 603 -21.67 -50.37 -7.69
C GLY C 603 -20.93 -51.65 -8.04
N PHE C 604 -20.03 -51.55 -9.03
CA PHE C 604 -19.14 -52.66 -9.40
C PHE C 604 -18.27 -53.11 -8.23
N THR C 605 -17.77 -52.16 -7.45
CA THR C 605 -16.96 -52.45 -6.25
C THR C 605 -17.77 -53.12 -5.13
N ARG C 606 -18.86 -52.47 -4.70
CA ARG C 606 -19.68 -52.99 -3.58
C ARG C 606 -20.06 -54.48 -3.72
N THR C 607 -20.48 -54.85 -4.93
CA THR C 607 -20.80 -56.25 -5.25
C THR C 607 -19.58 -57.17 -5.13
N LEU C 608 -18.41 -56.69 -5.57
CA LEU C 608 -17.16 -57.44 -5.41
C LEU C 608 -16.74 -57.56 -3.94
N PHE C 609 -17.02 -56.52 -3.15
CA PHE C 609 -16.82 -56.59 -1.69
C PHE C 609 -17.80 -57.56 -1.02
N GLN C 610 -19.06 -57.57 -1.44
CA GLN C 610 -20.03 -58.54 -0.89
C GLN C 610 -19.76 -59.98 -1.35
N GLN C 611 -19.28 -60.15 -2.59
CA GLN C 611 -18.78 -61.45 -3.08
C GLN C 611 -17.63 -62.00 -2.23
N MET C 612 -16.76 -61.11 -1.76
CA MET C 612 -15.67 -61.47 -0.86
C MET C 612 -16.18 -61.89 0.53
N ARG C 613 -17.21 -61.19 1.03
CA ARG C 613 -17.87 -61.57 2.29
C ARG C 613 -18.65 -62.88 2.19
N ASP C 614 -19.32 -63.11 1.05
CA ASP C 614 -20.12 -64.34 0.84
C ASP C 614 -19.26 -65.60 0.74
N VAL C 615 -18.26 -65.59 -0.14
CA VAL C 615 -17.41 -66.75 -0.38
C VAL C 615 -16.36 -66.90 0.73
N GLU C 616 -16.31 -68.09 1.34
CA GLU C 616 -15.36 -68.39 2.42
C GLU C 616 -13.98 -68.71 1.83
N GLY C 617 -12.94 -68.30 2.54
CA GLY C 617 -11.55 -68.55 2.12
C GLY C 617 -10.91 -67.35 1.43
N THR C 618 -11.61 -66.82 0.42
CA THR C 618 -11.15 -65.63 -0.30
C THR C 618 -11.32 -64.37 0.55
N PHE C 619 -10.21 -63.82 1.02
CA PHE C 619 -10.19 -62.53 1.71
C PHE C 619 -8.83 -61.87 1.47
N ASP C 620 -8.82 -60.90 0.55
CA ASP C 620 -7.59 -60.20 0.14
C ASP C 620 -7.64 -58.76 0.65
N SER C 621 -6.89 -58.49 1.72
CA SER C 621 -6.79 -57.15 2.31
C SER C 621 -6.17 -56.11 1.36
N ILE C 622 -5.31 -56.55 0.44
CA ILE C 622 -4.72 -55.68 -0.57
C ILE C 622 -5.78 -55.24 -1.58
N GLN C 623 -6.60 -56.19 -2.04
CA GLN C 623 -7.69 -55.90 -2.99
C GLN C 623 -8.78 -55.02 -2.39
N ILE C 624 -8.99 -55.13 -1.07
CA ILE C 624 -9.93 -54.25 -0.36
C ILE C 624 -9.40 -52.81 -0.34
N ILE C 625 -8.17 -52.64 0.14
CA ILE C 625 -7.53 -51.31 0.26
C ILE C 625 -7.45 -50.62 -1.11
N LYS C 626 -7.09 -51.38 -2.15
CA LYS C 626 -7.02 -50.87 -3.53
C LYS C 626 -8.34 -50.25 -4.00
N LEU C 627 -9.43 -51.00 -3.84
CA LEU C 627 -10.73 -50.62 -4.39
C LEU C 627 -11.65 -49.86 -3.43
N LEU C 628 -11.27 -49.74 -2.16
CA LEU C 628 -12.13 -49.13 -1.12
C LEU C 628 -12.63 -47.70 -1.41
N PRO C 629 -11.74 -46.78 -1.86
CA PRO C 629 -12.20 -45.42 -2.13
C PRO C 629 -13.13 -45.26 -3.34
N PHE C 630 -13.11 -46.22 -4.26
CA PHE C 630 -14.04 -46.23 -5.42
C PHE C 630 -15.47 -46.54 -4.98
N SER C 631 -15.62 -47.28 -3.88
CA SER C 631 -16.92 -47.64 -3.34
C SER C 631 -17.72 -46.47 -2.77
N ALA C 632 -17.04 -45.41 -2.32
CA ALA C 632 -17.68 -44.28 -1.63
C ALA C 632 -18.50 -43.37 -2.56
N HIS C 633 -19.64 -43.90 -3.01
CA HIS C 633 -20.57 -43.16 -3.88
C HIS C 633 -21.89 -43.95 -3.98
N PRO C 634 -23.03 -43.25 -4.16
CA PRO C 634 -24.29 -43.97 -4.45
C PRO C 634 -24.19 -44.84 -5.72
N PRO C 635 -24.37 -46.17 -5.57
CA PRO C 635 -24.08 -47.09 -6.67
C PRO C 635 -25.18 -47.23 -7.72
N SER C 636 -24.79 -47.65 -8.92
CA SER C 636 -25.73 -48.05 -9.98
C SER C 636 -25.78 -49.57 -10.06
N LEU C 637 -26.97 -50.10 -10.37
CA LEU C 637 -27.21 -51.54 -10.41
C LEU C 637 -26.88 -52.19 -11.77
N GLY C 638 -26.32 -51.42 -12.73
CA GLY C 638 -26.02 -51.93 -14.06
C GLY C 638 -24.86 -52.90 -14.10
N ARG C 639 -25.11 -54.11 -14.61
CA ARG C 639 -24.10 -55.17 -14.70
C ARG C 639 -23.21 -54.97 -15.94
N THR C 640 -22.00 -54.47 -15.72
CA THR C 640 -20.99 -54.34 -16.77
C THR C 640 -19.61 -54.65 -16.18
N GLN C 641 -18.77 -55.31 -16.98
CA GLN C 641 -17.44 -55.74 -16.54
C GLN C 641 -16.41 -54.62 -16.70
N PHE C 642 -15.48 -54.54 -15.74
CA PHE C 642 -14.39 -53.57 -15.77
C PHE C 642 -13.06 -54.27 -15.49
N SER C 643 -12.15 -54.23 -16.46
CA SER C 643 -10.76 -54.67 -16.25
C SER C 643 -9.93 -53.62 -15.50
N SER C 644 -10.39 -52.36 -15.50
CA SER C 644 -9.69 -51.27 -14.80
C SER C 644 -10.58 -50.05 -14.54
N PHE C 645 -10.18 -49.24 -13.55
CA PHE C 645 -10.80 -47.94 -13.28
C PHE C 645 -9.89 -46.82 -13.79
N THR C 646 -10.46 -45.88 -14.56
CA THR C 646 -9.73 -44.70 -15.04
C THR C 646 -9.75 -43.57 -14.00
N LEU C 647 -8.66 -42.82 -13.94
CA LEU C 647 -8.52 -41.67 -13.04
C LEU C 647 -7.88 -40.51 -13.80
N ASN C 648 -8.44 -39.31 -13.66
CA ASN C 648 -7.88 -38.10 -14.29
C ASN C 648 -6.93 -37.36 -13.35
N ILE C 649 -5.63 -37.50 -13.60
CA ILE C 649 -4.60 -36.78 -12.86
C ILE C 649 -3.92 -35.79 -13.83
N ARG C 650 -4.11 -34.49 -13.55
CA ARG C 650 -3.59 -33.39 -14.39
C ARG C 650 -3.96 -33.52 -15.87
N GLY C 651 -5.16 -34.04 -16.13
CA GLY C 651 -5.61 -34.36 -17.47
C GLY C 651 -5.32 -35.80 -17.89
N ALA C 652 -4.17 -36.34 -17.46
CA ALA C 652 -3.71 -37.66 -17.91
C ALA C 652 -4.59 -38.79 -17.35
N PRO C 653 -5.25 -39.58 -18.24
CA PRO C 653 -6.09 -40.67 -17.77
C PRO C 653 -5.27 -41.91 -17.38
N LEU C 654 -4.97 -42.03 -16.08
CA LEU C 654 -4.24 -43.18 -15.55
C LEU C 654 -5.20 -44.29 -15.14
N ARG C 655 -4.92 -45.51 -15.59
CA ARG C 655 -5.80 -46.66 -15.35
C ARG C 655 -5.26 -47.57 -14.24
N LEU C 656 -6.09 -47.76 -13.21
CA LEU C 656 -5.81 -48.71 -12.12
C LEU C 656 -6.49 -50.04 -12.44
N LEU C 657 -5.68 -51.08 -12.61
CA LEU C 657 -6.19 -52.43 -12.90
C LEU C 657 -6.85 -53.01 -11.66
N ILE C 658 -7.90 -53.80 -11.86
CA ILE C 658 -8.66 -54.37 -10.75
C ILE C 658 -7.86 -55.51 -10.12
N ARG C 659 -7.45 -56.47 -10.94
CA ARG C 659 -6.63 -57.60 -10.49
C ARG C 659 -5.15 -57.29 -10.67
N GLY C 660 -4.37 -57.60 -9.64
CA GLY C 660 -2.91 -57.49 -9.70
C GLY C 660 -2.38 -56.07 -9.50
N ASN C 661 -1.07 -55.95 -9.61
CA ASN C 661 -0.38 -54.67 -9.41
C ASN C 661 -0.57 -53.76 -10.61
N SER C 662 -0.48 -52.45 -10.37
CA SER C 662 -0.68 -51.43 -11.39
C SER C 662 0.36 -50.31 -11.27
N GLN C 663 0.34 -49.40 -12.24
CA GLN C 663 1.19 -48.20 -12.20
C GLN C 663 0.76 -47.28 -11.05
N VAL C 664 -0.56 -47.12 -10.88
CA VAL C 664 -1.12 -46.26 -9.84
C VAL C 664 -0.94 -46.91 -8.47
N PHE C 665 -1.50 -48.10 -8.32
CA PHE C 665 -1.44 -48.88 -7.08
C PHE C 665 -0.58 -50.12 -7.30
N ASN C 666 0.61 -50.12 -6.69
CA ASN C 666 1.55 -51.24 -6.76
C ASN C 666 1.75 -51.78 -5.34
N TYR C 667 1.91 -53.10 -5.22
CA TYR C 667 2.28 -53.75 -3.96
C TYR C 667 3.54 -54.58 -4.19
N ASN C 668 4.67 -54.08 -3.71
CA ASN C 668 5.95 -54.76 -3.86
C ASN C 668 6.10 -55.77 -2.73
N GLN C 669 6.06 -57.05 -3.06
CA GLN C 669 6.11 -58.13 -2.06
C GLN C 669 7.51 -58.30 -1.45
N MET C 670 8.54 -57.83 -2.14
CA MET C 670 9.92 -57.83 -1.61
C MET C 670 10.03 -56.87 -0.42
N GLU C 671 9.64 -55.62 -0.64
CA GLU C 671 9.61 -54.61 0.44
C GLU C 671 8.47 -54.84 1.44
N ASN C 672 7.38 -55.47 0.99
CA ASN C 672 6.11 -55.55 1.72
C ASN C 672 5.61 -54.13 2.04
N VAL C 673 5.24 -53.43 0.97
CA VAL C 673 4.81 -52.04 1.05
C VAL C 673 4.03 -51.67 -0.21
N ILE C 674 3.04 -50.78 -0.05
CA ILE C 674 2.23 -50.31 -1.17
C ILE C 674 2.87 -49.03 -1.73
N ILE C 675 3.22 -49.06 -3.01
CA ILE C 675 3.83 -47.94 -3.73
C ILE C 675 2.78 -47.29 -4.62
N VAL C 676 2.27 -46.14 -4.21
CA VAL C 676 1.30 -45.35 -5.00
C VAL C 676 2.04 -44.24 -5.75
N LEU C 677 2.05 -44.32 -7.08
CA LEU C 677 2.70 -43.34 -7.95
C LEU C 677 4.19 -43.15 -7.65
N GLY C 678 4.89 -44.26 -7.42
CA GLY C 678 6.31 -44.24 -7.06
C GLY C 678 6.61 -43.66 -5.69
N LYS C 679 5.65 -43.75 -4.78
CA LYS C 679 5.79 -43.26 -3.40
C LYS C 679 5.16 -44.25 -2.43
N SER C 680 5.93 -44.67 -1.43
CA SER C 680 5.47 -45.64 -0.43
C SER C 680 4.38 -45.05 0.47
N VAL C 681 3.23 -45.71 0.54
CA VAL C 681 2.12 -45.27 1.43
C VAL C 681 2.04 -46.05 2.74
N GLY C 682 2.55 -47.28 2.76
CA GLY C 682 2.58 -48.10 3.98
C GLY C 682 2.59 -49.61 3.74
N SER C 683 2.78 -50.36 4.82
CA SER C 683 2.64 -51.81 4.85
C SER C 683 1.34 -52.16 5.59
N PRO C 684 0.67 -53.28 5.22
CA PRO C 684 -0.57 -53.65 5.93
C PRO C 684 -0.38 -53.98 7.43
N SER C 687 0.57 -59.09 7.71
CA SER C 687 -0.70 -59.75 8.00
C SER C 687 -1.09 -60.78 6.93
N ILE C 688 -0.22 -60.99 5.94
CA ILE C 688 -0.56 -61.74 4.72
C ILE C 688 0.03 -63.17 4.77
N LEU C 689 0.59 -63.58 5.91
CA LEU C 689 1.20 -64.91 6.07
C LEU C 689 0.22 -66.05 5.74
N THR C 690 -0.88 -66.11 6.49
CA THR C 690 -1.93 -67.11 6.27
C THR C 690 -2.79 -66.81 5.04
N GLU C 691 -2.86 -65.53 4.66
CA GLU C 691 -3.65 -65.08 3.51
C GLU C 691 -3.06 -65.56 2.17
N SER C 692 -3.91 -65.63 1.16
CA SER C 692 -3.59 -65.95 -0.26
C SER C 692 -4.12 -67.33 -0.64
N SER C 693 -4.95 -67.39 -1.69
CA SER C 693 -5.49 -68.65 -2.21
C SER C 693 -5.63 -68.61 -3.74
N SER C 694 -5.83 -69.78 -4.33
CA SER C 694 -6.06 -69.91 -5.78
C SER C 694 -7.40 -69.33 -6.24
N ILE C 695 -8.34 -69.16 -5.30
CA ILE C 695 -9.65 -68.60 -5.59
C ILE C 695 -9.58 -67.09 -5.44
N GLU C 696 -10.17 -66.35 -6.39
CA GLU C 696 -10.29 -64.88 -6.33
C GLU C 696 -11.73 -64.45 -6.53
N SER C 697 -12.27 -63.73 -5.55
CA SER C 697 -13.67 -63.28 -5.55
C SER C 697 -13.82 -61.89 -6.16
N ALA C 698 -13.13 -60.91 -5.57
CA ALA C 698 -13.26 -59.50 -5.96
C ALA C 698 -12.44 -59.14 -7.19
N VAL C 699 -12.90 -59.61 -8.36
CA VAL C 699 -12.27 -59.31 -9.65
C VAL C 699 -13.32 -59.06 -10.74
N LEU C 700 -14.18 -60.04 -10.98
CA LEU C 700 -15.24 -59.96 -11.98
C LEU C 700 -16.63 -60.05 -11.35
N ARG C 701 -17.57 -59.27 -11.89
CA ARG C 701 -18.93 -59.17 -11.34
C ARG C 701 -19.73 -60.45 -11.59
N GLY C 702 -20.02 -61.17 -10.51
CA GLY C 702 -20.72 -62.46 -10.59
C GLY C 702 -19.88 -63.60 -11.14
N PHE C 703 -18.60 -63.64 -10.75
CA PHE C 703 -17.64 -64.64 -11.22
C PHE C 703 -16.56 -64.90 -10.17
N LEU C 704 -15.93 -66.07 -10.26
CA LEU C 704 -14.82 -66.45 -9.38
C LEU C 704 -13.67 -67.06 -10.18
N ILE C 705 -12.46 -66.50 -10.04
CA ILE C 705 -11.28 -67.03 -10.71
C ILE C 705 -10.71 -68.16 -9.84
N LEU C 706 -10.54 -69.34 -10.46
CA LEU C 706 -10.06 -70.55 -9.80
C LEU C 706 -8.69 -70.99 -10.34
N GLY C 707 -7.64 -70.26 -9.96
CA GLY C 707 -6.27 -70.59 -10.37
C GLY C 707 -6.00 -70.45 -11.86
N LYS C 708 -4.96 -71.14 -12.34
CA LYS C 708 -4.52 -71.04 -13.73
C LYS C 708 -5.47 -71.74 -14.70
N ALA C 709 -5.32 -71.43 -15.99
CA ALA C 709 -6.21 -71.96 -17.03
C ALA C 709 -5.95 -73.43 -17.32
N ASN C 710 -6.98 -74.11 -17.83
CA ASN C 710 -6.94 -75.53 -18.16
C ASN C 710 -7.49 -75.75 -19.57
N SER C 711 -6.67 -76.32 -20.45
CA SER C 711 -7.01 -76.52 -21.87
C SER C 711 -8.29 -77.35 -22.12
N LYS C 712 -8.63 -78.23 -21.17
CA LYS C 712 -9.84 -79.06 -21.26
C LYS C 712 -11.13 -78.36 -20.78
N TYR C 713 -11.14 -77.02 -20.75
CA TYR C 713 -12.39 -76.24 -20.68
C TYR C 713 -12.48 -75.28 -21.89
N GLY C 714 -12.08 -75.78 -23.07
CA GLY C 714 -12.17 -74.99 -24.32
C GLY C 714 -11.10 -73.94 -24.47
N PRO C 715 -11.19 -73.12 -25.54
CA PRO C 715 -10.20 -72.05 -25.78
C PRO C 715 -10.40 -70.84 -24.87
N VAL C 716 -9.37 -70.01 -24.76
CA VAL C 716 -9.42 -68.79 -23.93
C VAL C 716 -10.42 -67.78 -24.48
N LEU C 717 -10.98 -66.97 -23.58
CA LEU C 717 -11.99 -65.96 -23.91
C LEU C 717 -11.60 -64.58 -23.36
N THR C 718 -12.25 -63.54 -23.91
CA THR C 718 -12.10 -62.18 -23.40
C THR C 718 -13.17 -61.87 -22.35
N ILE C 719 -12.97 -60.77 -21.63
CA ILE C 719 -13.87 -60.37 -20.54
C ILE C 719 -15.27 -60.01 -21.06
N GLY C 720 -15.32 -59.45 -22.28
CA GLY C 720 -16.58 -59.21 -22.98
C GLY C 720 -17.40 -60.44 -23.33
N GLU C 721 -16.74 -61.58 -23.53
CA GLU C 721 -17.43 -62.84 -23.89
C GLU C 721 -18.07 -63.59 -22.70
N LEU C 722 -17.86 -63.11 -21.48
CA LEU C 722 -18.40 -63.74 -20.26
C LEU C 722 -19.94 -63.80 -20.14
N ASP C 723 -20.65 -62.95 -20.88
CA ASP C 723 -22.13 -62.95 -20.86
C ASP C 723 -22.77 -64.25 -21.34
N LYS C 724 -22.09 -64.97 -22.24
CA LYS C 724 -22.62 -66.22 -22.81
C LYS C 724 -22.08 -67.45 -22.06
N LEU C 725 -22.44 -67.56 -20.78
CA LEU C 725 -22.04 -68.69 -19.93
C LEU C 725 -23.13 -68.99 -18.90
N GLY C 726 -23.41 -70.28 -18.69
CA GLY C 726 -24.41 -70.72 -17.71
C GLY C 726 -23.89 -70.64 -16.29
N ARG C 727 -24.81 -70.55 -15.34
CA ARG C 727 -24.47 -70.46 -13.91
C ARG C 727 -23.99 -71.81 -13.38
N GLY C 728 -22.74 -71.85 -12.91
CA GLY C 728 -22.05 -73.10 -12.55
C GLY C 728 -20.98 -73.49 -13.55
N GLU C 729 -21.09 -72.99 -14.78
CA GLU C 729 -20.18 -73.37 -15.87
C GLU C 729 -18.83 -72.67 -15.76
N LYS C 730 -17.79 -73.32 -16.28
CA LYS C 730 -16.41 -72.81 -16.25
C LYS C 730 -15.87 -72.49 -17.64
N ALA C 731 -14.87 -71.61 -17.68
CA ALA C 731 -14.19 -71.24 -18.93
C ALA C 731 -12.85 -70.56 -18.66
N ASN C 732 -11.96 -70.61 -19.66
CA ASN C 732 -10.66 -69.93 -19.60
C ASN C 732 -10.81 -68.49 -20.08
N VAL C 733 -10.25 -67.54 -19.31
CA VAL C 733 -10.38 -66.11 -19.60
C VAL C 733 -9.01 -65.42 -19.54
N LEU C 734 -8.73 -64.59 -20.55
CA LEU C 734 -7.53 -63.73 -20.54
C LEU C 734 -7.85 -62.50 -19.68
N ILE C 735 -7.47 -62.55 -18.40
CA ILE C 735 -7.97 -61.59 -17.41
C ILE C 735 -7.30 -60.21 -17.48
N GLY C 736 -5.98 -60.19 -17.63
CA GLY C 736 -5.23 -58.93 -17.57
C GLY C 736 -3.74 -59.16 -17.35
N GLN C 737 -2.93 -58.30 -17.98
CA GLN C 737 -1.46 -58.44 -18.02
C GLN C 737 -1.03 -59.79 -18.61
N GLY C 738 -1.67 -60.17 -19.72
CA GLY C 738 -1.37 -61.42 -20.43
C GLY C 738 -1.56 -62.72 -19.66
N ASP C 739 -2.40 -62.70 -18.63
CA ASP C 739 -2.65 -63.87 -17.78
C ASP C 739 -3.96 -64.54 -18.17
N THR C 740 -3.87 -65.81 -18.56
CA THR C 740 -5.02 -66.65 -18.87
C THR C 740 -5.35 -67.48 -17.62
N VAL C 741 -6.58 -67.36 -17.13
CA VAL C 741 -7.01 -68.02 -15.88
C VAL C 741 -8.37 -68.72 -16.03
N LEU C 742 -8.56 -69.78 -15.24
CA LEU C 742 -9.82 -70.51 -15.22
C LEU C 742 -10.81 -69.73 -14.36
N VAL C 743 -12.03 -69.54 -14.89
CA VAL C 743 -13.06 -68.75 -14.20
C VAL C 743 -14.36 -69.54 -14.14
N MET C 744 -15.11 -69.36 -13.05
CA MET C 744 -16.40 -70.01 -12.85
C MET C 744 -17.47 -68.94 -12.58
N LYS C 745 -18.63 -69.10 -13.22
CA LYS C 745 -19.78 -68.22 -13.00
C LYS C 745 -20.55 -68.72 -11.78
N ARG C 746 -20.44 -68.00 -10.66
CA ARG C 746 -21.14 -68.36 -9.42
C ARG C 746 -22.66 -68.29 -9.59
N LYS C 747 -23.37 -69.17 -8.89
CA LYS C 747 -24.82 -69.30 -9.02
C LYS C 747 -25.59 -68.24 -8.22
N ARG C 748 -25.14 -67.98 -6.99
CA ARG C 748 -25.74 -66.92 -6.15
C ARG C 748 -25.30 -65.52 -6.59
N ASP C 749 -26.02 -64.52 -6.09
CA ASP C 749 -25.70 -63.10 -6.31
C ASP C 749 -25.55 -62.39 -4.97
N SER C 750 -25.14 -61.12 -5.01
CA SER C 750 -24.91 -60.30 -3.81
C SER C 750 -25.44 -58.88 -4.00
N SER C 751 -25.80 -58.23 -2.89
CA SER C 751 -26.38 -56.87 -2.92
C SER C 751 -26.33 -56.19 -1.55
N ILE C 752 -26.29 -54.86 -1.56
CA ILE C 752 -26.35 -54.03 -0.34
C ILE C 752 -27.22 -52.79 -0.58
N LEU C 753 -28.06 -52.44 0.39
CA LEU C 753 -28.79 -51.15 0.39
C LEU C 753 -27.96 -50.07 1.09
N THR C 754 -27.90 -48.88 0.48
CA THR C 754 -27.12 -47.73 1.01
C THR C 754 -27.98 -46.90 1.99
N ASP C 755 -27.32 -46.07 2.79
CA ASP C 755 -28.00 -45.09 3.66
C ASP C 755 -27.68 -43.66 3.20
N SER C 756 -28.33 -43.24 2.11
CA SER C 756 -28.18 -41.89 1.54
C SER C 756 -29.34 -41.56 0.59
N GLN C 757 -29.38 -40.33 0.10
CA GLN C 757 -30.47 -39.85 -0.78
C GLN C 757 -29.88 -39.26 -2.08
N THR C 758 -30.51 -38.23 -2.67
CA THR C 758 -30.01 -37.58 -3.88
C THR C 758 -29.89 -36.08 -3.68
N SER D 14 -76.94 16.89 -5.99
CA SER D 14 -76.82 16.10 -4.72
C SER D 14 -76.11 14.76 -4.98
N MET D 15 -74.84 14.85 -5.36
CA MET D 15 -73.98 13.68 -5.56
C MET D 15 -73.60 13.12 -4.20
N GLU D 16 -73.08 14.00 -3.33
CA GLU D 16 -72.75 13.68 -1.94
C GLU D 16 -73.87 12.91 -1.23
N ASN D 17 -75.12 13.25 -1.54
CA ASN D 17 -76.29 12.51 -1.06
C ASN D 17 -76.25 11.06 -1.56
N PHE D 18 -76.17 10.89 -2.88
CA PHE D 18 -76.19 9.55 -3.51
C PHE D 18 -75.11 8.62 -2.94
N VAL D 19 -73.91 9.16 -2.76
CA VAL D 19 -72.79 8.38 -2.22
C VAL D 19 -73.10 7.91 -0.79
N ARG D 20 -73.68 8.79 0.02
CA ARG D 20 -74.10 8.41 1.38
C ARG D 20 -75.29 7.45 1.38
N THR D 21 -76.14 7.55 0.36
CA THR D 21 -77.27 6.64 0.17
C THR D 21 -76.79 5.22 -0.19
N ASN D 22 -75.98 5.10 -1.24
CA ASN D 22 -75.64 3.77 -1.79
C ASN D 22 -74.58 2.96 -1.02
N PHE D 23 -73.61 3.64 -0.42
CA PHE D 23 -72.50 2.98 0.31
C PHE D 23 -72.75 2.91 1.82
N ASN D 24 -72.13 1.94 2.48
CA ASN D 24 -72.29 1.72 3.95
C ASN D 24 -71.35 2.64 4.76
N PRO D 25 -71.68 2.92 6.04
CA PRO D 25 -70.94 3.92 6.86
C PRO D 25 -69.42 3.74 6.98
N MET D 26 -68.96 2.50 7.15
CA MET D 26 -67.52 2.20 7.30
C MET D 26 -66.69 2.73 6.12
N ILE D 27 -67.18 2.46 4.92
CA ILE D 27 -66.53 2.91 3.68
C ILE D 27 -66.63 4.43 3.53
N LEU D 28 -67.76 5.02 3.95
CA LEU D 28 -67.92 6.48 3.98
C LEU D 28 -66.94 7.16 4.94
N GLU D 29 -66.71 6.52 6.10
CA GLU D 29 -65.70 7.00 7.05
C GLU D 29 -64.29 6.90 6.46
N ARG D 30 -63.94 5.71 5.98
CA ARG D 30 -62.62 5.48 5.36
C ARG D 30 -62.37 6.33 4.09
N ALA D 31 -63.44 6.69 3.39
CA ALA D 31 -63.35 7.60 2.25
C ALA D 31 -63.02 9.02 2.71
N GLU D 32 -63.79 9.53 3.67
CA GLU D 32 -63.58 10.87 4.23
C GLU D 32 -62.23 11.02 4.93
N LYS D 33 -61.85 10.00 5.71
CA LYS D 33 -60.51 9.95 6.35
C LYS D 33 -59.38 10.11 5.33
N THR D 34 -59.45 9.33 4.25
CA THR D 34 -58.47 9.42 3.16
C THR D 34 -58.60 10.71 2.33
N MET D 35 -59.81 11.27 2.28
CA MET D 35 -60.06 12.56 1.59
C MET D 35 -59.50 13.75 2.36
N LYS D 36 -59.54 13.69 3.70
CA LYS D 36 -58.92 14.72 4.55
C LYS D 36 -57.38 14.69 4.51
N GLU D 37 -56.79 13.52 4.29
CA GLU D 37 -55.33 13.39 4.13
C GLU D 37 -54.83 14.10 2.88
N TYR D 38 -55.51 13.88 1.76
CA TYR D 38 -55.20 14.55 0.49
C TYR D 38 -55.54 16.05 0.55
N GLY D 39 -56.50 16.41 1.42
CA GLY D 39 -56.77 17.80 1.76
C GLY D 39 -57.95 18.37 0.99
N GLU D 40 -59.09 17.69 1.11
CA GLU D 40 -60.33 18.15 0.46
C GLU D 40 -61.55 17.50 1.15
N ASN D 41 -62.75 17.90 0.73
CA ASN D 41 -63.99 17.48 1.41
C ASN D 41 -65.07 16.96 0.46
N PRO D 42 -66.03 16.14 0.97
CA PRO D 42 -67.12 15.64 0.14
C PRO D 42 -68.16 16.68 -0.25
N GLN D 43 -68.22 17.80 0.48
CA GLN D 43 -69.11 18.91 0.15
C GLN D 43 -68.71 19.52 -1.21
N ASN D 44 -67.41 19.71 -1.42
CA ASN D 44 -66.88 20.19 -2.69
C ASN D 44 -66.84 19.09 -3.76
N GLU D 45 -66.00 18.07 -3.54
CA GLU D 45 -65.63 17.10 -4.59
C GLU D 45 -66.45 15.80 -4.54
N GLY D 46 -67.75 15.91 -4.86
CA GLY D 46 -68.66 14.76 -4.89
C GLY D 46 -68.27 13.68 -5.89
N ASN D 47 -67.89 14.11 -7.09
CA ASN D 47 -67.44 13.19 -8.15
C ASN D 47 -66.22 12.38 -7.70
N LYS D 48 -65.25 13.04 -7.06
CA LYS D 48 -64.08 12.35 -6.51
C LYS D 48 -64.44 11.48 -5.31
N PHE D 49 -65.34 11.97 -4.45
CA PHE D 49 -65.81 11.24 -3.27
C PHE D 49 -66.40 9.87 -3.62
N ALA D 50 -67.24 9.84 -4.66
CA ALA D 50 -67.82 8.58 -5.17
C ALA D 50 -66.73 7.63 -5.69
N ALA D 51 -65.76 8.19 -6.41
CA ALA D 51 -64.66 7.41 -6.99
C ALA D 51 -63.81 6.73 -5.92
N ILE D 52 -63.57 7.44 -4.82
CA ILE D 52 -62.84 6.88 -3.68
C ILE D 52 -63.71 5.83 -2.98
N SER D 53 -64.98 6.16 -2.74
CA SER D 53 -65.93 5.22 -2.12
C SER D 53 -66.02 3.88 -2.87
N THR D 54 -66.21 3.96 -4.19
CA THR D 54 -66.30 2.77 -5.03
C THR D 54 -65.02 1.93 -4.99
N HIS D 55 -63.88 2.60 -5.24
CA HIS D 55 -62.56 1.96 -5.18
C HIS D 55 -62.29 1.30 -3.83
N MET D 56 -62.72 1.97 -2.75
CA MET D 56 -62.60 1.40 -1.41
C MET D 56 -63.49 0.15 -1.29
N GLU D 57 -64.75 0.26 -1.71
CA GLU D 57 -65.68 -0.89 -1.66
C GLU D 57 -65.21 -2.09 -2.49
N VAL D 58 -64.64 -1.84 -3.66
CA VAL D 58 -64.12 -2.92 -4.51
C VAL D 58 -62.92 -3.59 -3.83
N CYS D 59 -62.01 -2.78 -3.28
CA CYS D 59 -60.86 -3.29 -2.52
C CYS D 59 -61.28 -4.12 -1.29
N PHE D 60 -62.41 -3.75 -0.66
CA PHE D 60 -62.99 -4.58 0.42
C PHE D 60 -63.62 -5.86 -0.14
N MET D 61 -64.49 -5.73 -1.15
CA MET D 61 -65.18 -6.87 -1.76
C MET D 61 -64.24 -7.91 -2.40
N TYR D 62 -63.08 -7.45 -2.87
CA TYR D 62 -62.04 -8.36 -3.40
C TYR D 62 -61.47 -9.27 -2.29
N SER D 63 -61.33 -8.71 -1.08
CA SER D 63 -60.79 -9.43 0.08
C SER D 63 -61.84 -10.26 0.83
N ASP D 64 -63.01 -9.65 1.07
CA ASP D 64 -64.06 -10.22 1.92
C ASP D 64 -64.37 -11.70 1.67
N PHE D 65 -64.54 -12.45 2.76
CA PHE D 65 -64.97 -13.84 2.75
C PHE D 65 -63.92 -14.88 2.29
N HIS D 66 -62.68 -14.46 2.06
CA HIS D 66 -61.60 -15.35 1.62
C HIS D 66 -60.58 -15.58 2.74
N PHE D 67 -60.36 -16.86 3.08
CA PHE D 67 -59.46 -17.24 4.18
C PHE D 67 -58.49 -18.36 3.77
N ILE D 68 -57.45 -18.55 4.59
CA ILE D 68 -56.47 -19.62 4.43
C ILE D 68 -56.46 -20.45 5.71
N ASP D 69 -56.58 -21.78 5.58
CA ASP D 69 -56.78 -22.67 6.76
C ASP D 69 -55.44 -22.98 7.45
N LEU D 70 -55.48 -23.84 8.45
CA LEU D 70 -54.27 -24.34 9.12
C LEU D 70 -53.30 -25.06 8.16
N GLU D 71 -53.86 -25.77 7.17
CA GLU D 71 -53.03 -26.46 6.16
C GLU D 71 -52.29 -25.51 5.20
N GLY D 72 -52.86 -24.32 5.00
CA GLY D 72 -52.34 -23.35 4.02
C GLY D 72 -53.05 -23.40 2.68
N ASN D 73 -54.35 -23.72 2.71
CA ASN D 73 -55.18 -23.87 1.52
C ASN D 73 -56.29 -22.81 1.51
N THR D 74 -56.58 -22.28 0.31
CA THR D 74 -57.56 -21.21 0.15
C THR D 74 -58.99 -21.73 0.35
N ILE D 75 -59.80 -20.97 1.08
CA ILE D 75 -61.22 -21.30 1.28
C ILE D 75 -62.06 -20.03 1.28
N VAL D 76 -63.29 -20.16 0.76
CA VAL D 76 -64.23 -19.05 0.66
C VAL D 76 -65.37 -19.31 1.64
N LYS D 77 -65.39 -18.57 2.75
CA LYS D 77 -66.39 -18.78 3.82
C LYS D 77 -66.92 -17.46 4.35
N GLU D 78 -68.09 -17.49 4.98
CA GLU D 78 -68.78 -16.27 5.46
C GLU D 78 -68.69 -16.02 6.98
N ASN D 79 -68.00 -16.89 7.72
CA ASN D 79 -67.66 -16.62 9.13
C ASN D 79 -66.56 -15.57 9.25
N ASN D 83 -63.46 -19.15 12.60
CA ASN D 83 -63.04 -18.78 13.95
C ASN D 83 -61.90 -19.67 14.43
N ALA D 84 -60.73 -19.06 14.67
CA ALA D 84 -59.54 -19.71 15.25
C ALA D 84 -58.70 -20.48 14.22
N MET D 85 -59.35 -21.34 13.44
CA MET D 85 -58.67 -22.19 12.46
C MET D 85 -58.20 -21.44 11.22
N LEU D 86 -58.88 -20.34 10.90
CA LEU D 86 -58.68 -19.60 9.64
C LEU D 86 -57.93 -18.28 9.84
N LYS D 87 -57.11 -17.91 8.85
CA LYS D 87 -56.49 -16.57 8.77
C LYS D 87 -56.94 -15.88 7.49
N HIS D 88 -56.83 -14.55 7.46
CA HIS D 88 -57.24 -13.75 6.29
C HIS D 88 -56.35 -14.02 5.08
N ARG D 89 -56.96 -14.19 3.91
CA ARG D 89 -56.22 -14.46 2.68
C ARG D 89 -55.50 -13.22 2.16
N PHE D 90 -56.18 -12.07 2.19
CA PHE D 90 -55.62 -10.79 1.72
C PHE D 90 -55.35 -9.83 2.88
N GLU D 91 -54.36 -8.96 2.67
CA GLU D 91 -54.06 -7.87 3.59
C GLU D 91 -54.56 -6.57 2.96
N ILE D 92 -55.49 -5.90 3.63
CA ILE D 92 -56.10 -4.67 3.12
C ILE D 92 -55.20 -3.47 3.40
N ILE D 93 -54.45 -3.06 2.38
CA ILE D 93 -53.54 -1.91 2.47
C ILE D 93 -54.29 -0.60 2.15
N GLU D 94 -55.17 -0.62 1.15
CA GLU D 94 -55.98 0.55 0.80
C GLU D 94 -57.03 0.81 1.89
N GLY D 95 -57.09 2.06 2.35
CA GLY D 95 -57.92 2.46 3.49
C GLY D 95 -57.11 2.94 4.68
N GLN D 96 -55.96 2.30 4.89
CA GLN D 96 -55.01 2.67 5.94
C GLN D 96 -54.32 3.99 5.59
N GLU D 97 -53.78 4.67 6.61
CA GLU D 97 -53.02 5.90 6.41
C GLU D 97 -51.64 5.60 5.82
N ARG D 98 -51.18 6.46 4.92
CA ARG D 98 -49.94 6.25 4.15
C ARG D 98 -48.79 5.74 5.01
N ASN D 99 -48.47 6.49 6.06
CA ASN D 99 -47.38 6.12 6.99
C ASN D 99 -47.57 4.74 7.68
N ILE D 100 -48.81 4.33 7.90
CA ILE D 100 -49.10 2.99 8.45
C ILE D 100 -48.93 1.96 7.33
N ALA D 101 -49.67 2.15 6.24
CA ALA D 101 -49.64 1.28 5.06
C ALA D 101 -48.22 0.98 4.56
N TRP D 102 -47.38 2.01 4.52
CA TRP D 102 -45.98 1.84 4.13
C TRP D 102 -45.18 1.00 5.14
N THR D 103 -45.52 1.08 6.42
CA THR D 103 -44.95 0.19 7.43
C THR D 103 -45.43 -1.25 7.20
N ILE D 104 -46.71 -1.41 6.86
CA ILE D 104 -47.28 -2.74 6.55
C ILE D 104 -46.60 -3.35 5.33
N VAL D 105 -46.44 -2.56 4.27
CA VAL D 105 -45.79 -3.00 3.03
C VAL D 105 -44.33 -3.39 3.29
N ASN D 106 -43.61 -2.56 4.04
CA ASN D 106 -42.21 -2.84 4.41
C ASN D 106 -42.10 -4.08 5.31
N SER D 107 -43.04 -4.21 6.25
CA SER D 107 -43.11 -5.41 7.11
C SER D 107 -43.25 -6.70 6.27
N ILE D 108 -44.08 -6.63 5.24
CA ILE D 108 -44.27 -7.76 4.30
C ILE D 108 -43.01 -7.96 3.44
N CYS D 109 -42.51 -6.87 2.85
CA CYS D 109 -41.33 -6.93 1.97
C CYS D 109 -40.04 -7.37 2.68
N ASN D 110 -39.93 -7.09 3.98
CA ASN D 110 -38.74 -7.50 4.76
C ASN D 110 -38.68 -9.02 5.00
N MET D 111 -39.81 -9.64 5.33
CA MET D 111 -39.83 -11.09 5.62
C MET D 111 -39.63 -11.97 4.39
N THR D 112 -40.12 -11.52 3.23
CA THR D 112 -39.90 -12.22 1.95
C THR D 112 -38.68 -11.62 1.22
N GLU D 113 -38.38 -12.16 0.04
CA GLU D 113 -37.35 -11.58 -0.84
C GLU D 113 -37.89 -10.45 -1.75
N ASN D 114 -39.14 -10.02 -1.52
CA ASN D 114 -39.79 -9.00 -2.35
C ASN D 114 -39.16 -7.62 -2.08
N SER D 115 -38.86 -6.90 -3.17
CA SER D 115 -38.36 -5.53 -3.08
C SER D 115 -39.51 -4.55 -2.85
N LYS D 116 -39.16 -3.30 -2.54
CA LYS D 116 -40.16 -2.26 -2.30
C LYS D 116 -40.83 -1.85 -3.62
N PRO D 117 -42.18 -1.92 -3.68
CA PRO D 117 -42.87 -1.33 -4.83
C PRO D 117 -42.92 0.19 -4.68
N ARG D 118 -42.46 0.92 -5.69
CA ARG D 118 -42.39 2.39 -5.65
C ARG D 118 -43.74 3.02 -5.38
N PHE D 119 -44.74 2.62 -6.16
CA PHE D 119 -46.11 3.07 -5.96
C PHE D 119 -46.83 2.13 -5.00
N LEU D 120 -47.57 2.72 -4.06
CA LEU D 120 -48.20 1.99 -2.97
C LEU D 120 -49.32 1.07 -3.48
N PRO D 121 -49.19 -0.27 -3.28
CA PRO D 121 -50.25 -1.18 -3.72
C PRO D 121 -51.49 -1.14 -2.81
N ASP D 122 -52.61 -1.64 -3.34
CA ASP D 122 -53.90 -1.58 -2.66
C ASP D 122 -54.22 -2.82 -1.81
N LEU D 123 -53.85 -4.01 -2.29
CA LEU D 123 -53.98 -5.26 -1.51
C LEU D 123 -52.72 -6.12 -1.60
N TYR D 124 -52.67 -7.19 -0.80
CA TYR D 124 -51.60 -8.19 -0.86
C TYR D 124 -52.13 -9.58 -0.52
N ASP D 125 -51.87 -10.55 -1.41
CA ASP D 125 -52.38 -11.92 -1.25
C ASP D 125 -51.32 -12.84 -0.64
N TYR D 126 -51.66 -13.45 0.49
CA TYR D 126 -50.75 -14.36 1.20
C TYR D 126 -50.55 -15.72 0.51
N LYS D 127 -51.50 -16.13 -0.34
CA LYS D 127 -51.38 -17.38 -1.10
C LYS D 127 -50.31 -17.26 -2.19
N THR D 128 -50.49 -16.29 -3.09
CA THR D 128 -49.54 -16.04 -4.17
C THR D 128 -48.31 -15.25 -3.73
N ASN D 129 -48.38 -14.60 -2.56
CA ASN D 129 -47.28 -13.78 -2.00
C ASN D 129 -46.88 -12.62 -2.92
N LYS D 130 -47.88 -12.02 -3.57
CA LYS D 130 -47.68 -10.87 -4.47
C LYS D 130 -48.70 -9.78 -4.16
N PHE D 131 -48.32 -8.53 -4.43
CA PHE D 131 -49.19 -7.37 -4.22
C PHE D 131 -50.19 -7.21 -5.35
N ILE D 132 -51.30 -6.54 -5.03
CA ILE D 132 -52.40 -6.33 -5.97
C ILE D 132 -52.77 -4.84 -6.01
N GLU D 133 -52.76 -4.26 -7.22
CA GLU D 133 -53.24 -2.91 -7.46
C GLU D 133 -54.59 -3.02 -8.17
N ILE D 134 -55.63 -2.45 -7.57
CA ILE D 134 -56.98 -2.48 -8.13
C ILE D 134 -57.36 -1.10 -8.68
N GLY D 135 -58.02 -1.08 -9.83
CA GLY D 135 -58.51 0.14 -10.45
C GLY D 135 -59.96 0.00 -10.89
N VAL D 136 -60.77 1.00 -10.58
CA VAL D 136 -62.17 1.06 -11.00
C VAL D 136 -62.30 2.17 -12.04
N THR D 137 -62.83 1.84 -13.22
CA THR D 137 -62.91 2.81 -14.33
C THR D 137 -64.31 2.98 -14.90
N ARG D 138 -64.70 4.23 -15.13
CA ARG D 138 -65.94 4.57 -15.83
C ARG D 138 -65.82 4.32 -17.34
N ARG D 139 -64.63 4.60 -17.88
CA ARG D 139 -64.32 4.35 -19.29
C ARG D 139 -64.04 2.86 -19.53
N LYS D 140 -63.69 2.48 -20.77
CA LYS D 140 -63.47 1.08 -21.14
C LYS D 140 -62.30 0.44 -20.41
N VAL D 141 -62.45 -0.85 -20.09
CA VAL D 141 -61.51 -1.60 -19.25
C VAL D 141 -60.11 -1.76 -19.86
N GLU D 142 -60.03 -1.79 -21.19
CA GLU D 142 -58.76 -1.95 -21.90
C GLU D 142 -57.88 -0.71 -21.71
N ASP D 143 -58.45 0.47 -22.00
CA ASP D 143 -57.75 1.77 -21.87
C ASP D 143 -57.01 1.90 -20.55
N TYR D 144 -57.76 1.77 -19.46
CA TYR D 144 -57.25 1.98 -18.10
C TYR D 144 -56.15 0.98 -17.71
N TYR D 145 -56.18 -0.22 -18.28
CA TYR D 145 -55.15 -1.23 -18.00
C TYR D 145 -53.78 -0.82 -18.56
N TYR D 146 -53.74 -0.40 -19.82
CA TYR D 146 -52.48 0.02 -20.45
C TYR D 146 -51.96 1.34 -19.88
N GLU D 147 -52.87 2.19 -19.43
CA GLU D 147 -52.53 3.44 -18.73
C GLU D 147 -51.89 3.17 -17.37
N LYS D 148 -52.45 2.22 -16.61
CA LYS D 148 -51.95 1.89 -15.26
C LYS D 148 -50.78 0.88 -15.25
N ALA D 149 -50.67 0.05 -16.29
CA ALA D 149 -49.50 -0.82 -16.47
C ALA D 149 -48.26 -0.03 -16.86
N SER D 150 -48.45 1.02 -17.66
CA SER D 150 -47.40 2.00 -17.97
C SER D 150 -46.85 2.66 -16.70
N LYS D 151 -47.74 3.02 -15.79
CA LYS D 151 -47.37 3.59 -14.48
C LYS D 151 -46.59 2.59 -13.63
N LEU D 152 -47.06 1.34 -13.55
CA LEU D 152 -46.44 0.29 -12.74
C LEU D 152 -45.49 -0.63 -13.52
N LYS D 153 -44.77 -0.08 -14.51
CA LYS D 153 -43.77 -0.83 -15.26
C LYS D 153 -42.56 -1.13 -14.39
N GLY D 154 -41.94 -2.29 -14.61
CA GLY D 154 -40.76 -2.72 -13.86
C GLY D 154 -41.13 -3.59 -12.68
N GLU D 155 -41.70 -2.98 -11.65
CA GLU D 155 -42.07 -3.68 -10.41
C GLU D 155 -43.23 -4.66 -10.65
N ASN D 156 -43.12 -5.86 -10.06
CA ASN D 156 -44.16 -6.91 -10.23
C ASN D 156 -45.31 -6.73 -9.24
N VAL D 157 -46.45 -6.27 -9.77
CA VAL D 157 -47.69 -6.11 -9.00
C VAL D 157 -48.83 -6.65 -9.87
N TYR D 158 -49.80 -7.32 -9.24
CA TYR D 158 -50.97 -7.83 -9.95
C TYR D 158 -51.95 -6.69 -10.21
N ILE D 159 -52.08 -6.30 -11.48
CA ILE D 159 -53.04 -5.27 -11.89
C ILE D 159 -54.36 -5.96 -12.23
N HIS D 160 -55.41 -5.60 -11.48
CA HIS D 160 -56.76 -6.07 -11.75
C HIS D 160 -57.68 -4.86 -11.92
N ILE D 161 -58.24 -4.71 -13.12
CA ILE D 161 -59.10 -3.58 -13.44
C ILE D 161 -60.54 -4.08 -13.59
N PHE D 162 -61.45 -3.43 -12.86
CA PHE D 162 -62.90 -3.60 -13.05
C PHE D 162 -63.46 -2.33 -13.68
N SER D 163 -64.54 -2.48 -14.46
CA SER D 163 -65.24 -1.32 -15.01
C SER D 163 -66.71 -1.27 -14.60
N PHE D 164 -67.24 -0.05 -14.45
CA PHE D 164 -68.68 0.18 -14.22
C PHE D 164 -69.55 -0.49 -15.29
N ASP D 165 -69.05 -0.53 -16.52
CA ASP D 165 -69.72 -1.22 -17.63
C ASP D 165 -70.00 -2.71 -17.35
N GLY D 166 -69.18 -3.33 -16.49
CA GLY D 166 -69.40 -4.69 -16.00
C GLY D 166 -68.48 -5.74 -16.58
N GLU D 167 -67.23 -5.37 -16.87
CA GLU D 167 -66.19 -6.31 -17.30
C GLU D 167 -64.88 -6.04 -16.56
N GLU D 168 -63.93 -6.96 -16.72
CA GLU D 168 -62.65 -6.91 -16.01
C GLU D 168 -61.46 -7.22 -16.89
N MET D 169 -60.27 -6.85 -16.41
CA MET D 169 -59.01 -7.20 -17.08
C MET D 169 -57.90 -7.40 -16.03
N ALA D 170 -57.19 -8.52 -16.14
CA ALA D 170 -56.15 -8.90 -15.17
C ALA D 170 -54.77 -8.92 -15.84
N THR D 171 -53.74 -9.07 -15.01
CA THR D 171 -52.36 -9.20 -15.50
C THR D 171 -52.16 -10.56 -16.17
N ASP D 172 -51.98 -10.53 -17.50
CA ASP D 172 -51.89 -11.72 -18.35
C ASP D 172 -53.18 -12.58 -18.37
N ASP D 173 -54.30 -11.99 -17.97
CA ASP D 173 -55.58 -12.68 -17.82
C ASP D 173 -55.54 -13.98 -16.97
N GLU D 174 -54.71 -13.97 -15.92
CA GLU D 174 -54.68 -15.05 -14.91
C GLU D 174 -55.40 -14.56 -13.66
N TYR D 175 -56.63 -15.04 -13.46
CA TYR D 175 -57.49 -14.56 -12.38
C TYR D 175 -57.25 -15.38 -11.10
N ILE D 176 -56.63 -14.76 -10.10
CA ILE D 176 -56.37 -15.42 -8.81
C ILE D 176 -57.64 -15.68 -7.98
N LEU D 177 -58.64 -14.82 -8.14
CA LEU D 177 -59.90 -14.92 -7.40
C LEU D 177 -60.92 -15.77 -8.19
N ASP D 178 -61.84 -16.40 -7.47
CA ASP D 178 -62.87 -17.25 -8.11
C ASP D 178 -63.96 -16.44 -8.84
N GLU D 179 -64.65 -17.13 -9.75
CA GLU D 179 -65.66 -16.50 -10.63
C GLU D 179 -66.86 -15.95 -9.87
N GLU D 180 -67.31 -16.70 -8.87
CA GLU D 180 -68.45 -16.31 -8.02
C GLU D 180 -68.24 -14.95 -7.37
N SER D 181 -67.03 -14.71 -6.85
CA SER D 181 -66.67 -13.42 -6.24
C SER D 181 -66.45 -12.33 -7.29
N ARG D 182 -65.67 -12.66 -8.33
CA ARG D 182 -65.40 -11.71 -9.42
C ARG D 182 -66.66 -11.23 -10.15
N ALA D 183 -67.67 -12.08 -10.22
CA ALA D 183 -68.99 -11.70 -10.75
C ALA D 183 -69.70 -10.68 -9.86
N ARG D 184 -69.76 -10.97 -8.55
CA ARG D 184 -70.48 -10.11 -7.59
C ARG D 184 -69.97 -8.67 -7.49
N ILE D 185 -68.68 -8.46 -7.78
CA ILE D 185 -68.11 -7.11 -7.89
C ILE D 185 -68.68 -6.41 -9.14
N LYS D 186 -68.60 -7.10 -10.27
CA LYS D 186 -69.15 -6.59 -11.54
C LYS D 186 -70.67 -6.37 -11.49
N THR D 187 -71.35 -7.12 -10.63
CA THR D 187 -72.77 -6.87 -10.34
C THR D 187 -72.91 -5.54 -9.59
N ARG D 188 -72.21 -5.43 -8.46
CA ARG D 188 -72.22 -4.22 -7.62
C ARG D 188 -71.90 -2.97 -8.43
N LEU D 189 -70.89 -3.07 -9.31
CA LEU D 189 -70.53 -1.97 -10.21
C LEU D 189 -71.63 -1.62 -11.22
N PHE D 190 -72.26 -2.64 -11.82
CA PHE D 190 -73.31 -2.43 -12.82
C PHE D 190 -74.56 -1.82 -12.18
N VAL D 191 -74.93 -2.36 -11.02
CA VAL D 191 -76.03 -1.81 -10.22
C VAL D 191 -75.77 -0.33 -9.92
N LEU D 192 -74.56 -0.01 -9.47
CA LEU D 192 -74.15 1.39 -9.26
C LEU D 192 -74.23 2.22 -10.54
N ARG D 193 -73.76 1.65 -11.66
CA ARG D 193 -73.84 2.34 -12.95
C ARG D 193 -75.27 2.65 -13.36
N GLN D 194 -76.18 1.69 -13.21
CA GLN D 194 -77.60 1.93 -13.50
C GLN D 194 -78.27 2.89 -12.51
N GLU D 195 -77.93 2.74 -11.23
CA GLU D 195 -78.40 3.65 -10.18
C GLU D 195 -77.95 5.10 -10.42
N LEU D 196 -76.71 5.28 -10.87
CA LEU D 196 -76.21 6.62 -11.26
C LEU D 196 -76.93 7.18 -12.49
N ALA D 197 -77.20 6.31 -13.47
CA ALA D 197 -77.88 6.68 -14.71
C ALA D 197 -79.34 7.04 -14.49
N THR D 198 -80.01 6.28 -13.63
CA THR D 198 -81.40 6.58 -13.24
C THR D 198 -81.49 7.86 -12.41
N ALA D 199 -80.53 8.06 -11.50
CA ALA D 199 -80.41 9.29 -10.71
C ALA D 199 -80.02 10.50 -11.58
N GLY D 200 -79.31 10.25 -12.67
CA GLY D 200 -78.91 11.27 -13.63
C GLY D 200 -77.52 11.83 -13.40
N LEU D 201 -76.72 11.15 -12.58
CA LEU D 201 -75.38 11.59 -12.23
C LEU D 201 -74.30 11.00 -13.14
N TRP D 202 -74.64 9.92 -13.86
CA TRP D 202 -73.66 9.16 -14.66
C TRP D 202 -72.87 10.00 -15.66
N ASP D 203 -73.55 10.92 -16.35
CA ASP D 203 -72.88 11.82 -17.31
C ASP D 203 -71.86 12.74 -16.63
N SER D 204 -72.24 13.33 -15.49
CA SER D 204 -71.34 14.21 -14.74
C SER D 204 -70.20 13.45 -14.07
N PHE D 205 -70.51 12.25 -13.57
CA PHE D 205 -69.55 11.36 -12.91
C PHE D 205 -68.52 10.82 -13.92
N ARG D 206 -69.00 10.32 -15.05
CA ARG D 206 -68.14 9.79 -16.12
C ARG D 206 -67.19 10.87 -16.68
N GLN D 207 -67.68 12.10 -16.80
CA GLN D 207 -66.90 13.24 -17.27
C GLN D 207 -65.70 13.62 -16.37
N SER D 208 -65.81 13.35 -15.07
CA SER D 208 -64.76 13.75 -14.11
C SER D 208 -63.44 12.99 -14.31
N GLU D 209 -63.53 11.68 -14.60
CA GLU D 209 -62.34 10.86 -14.85
C GLU D 209 -61.68 11.25 -16.17
N LYS D 210 -60.42 11.68 -16.09
CA LYS D 210 -59.68 12.15 -17.27
C LYS D 210 -58.19 12.04 -17.06
N LEU D 215 -51.13 23.78 -6.18
CA LEU D 215 -50.71 24.78 -5.20
C LEU D 215 -51.88 25.69 -4.81
N GLU D 216 -52.13 25.81 -3.51
CA GLU D 216 -53.07 26.80 -2.98
C GLU D 216 -52.83 27.00 -1.48
N GLU D 217 -53.17 28.19 -0.98
CA GLU D 217 -53.01 28.50 0.45
C GLU D 217 -53.88 29.70 0.84
N GLU D 218 -54.91 29.44 1.65
CA GLU D 218 -55.87 30.46 2.07
C GLU D 218 -55.52 30.98 3.47
N PHE D 219 -55.36 32.30 3.59
CA PHE D 219 -55.17 32.96 4.88
C PHE D 219 -55.62 34.41 4.81
N SER D 220 -56.63 34.76 5.62
CA SER D 220 -57.13 36.14 5.71
C SER D 220 -57.68 36.41 7.10
N TYR D 221 -57.79 37.69 7.44
CA TYR D 221 -58.21 38.10 8.77
C TYR D 221 -59.73 38.00 8.93
N PRO D 222 -60.21 37.45 10.07
CA PRO D 222 -61.63 37.52 10.41
C PRO D 222 -61.96 38.89 11.01
N PRO D 223 -63.25 39.20 11.25
CA PRO D 223 -63.67 40.53 11.71
C PRO D 223 -62.88 41.14 12.89
N THR D 224 -62.74 40.38 13.97
CA THR D 224 -62.12 40.87 15.21
C THR D 224 -60.67 41.29 15.01
N PHE D 225 -59.91 40.44 14.33
CA PHE D 225 -58.51 40.76 13.98
C PHE D 225 -58.42 41.81 12.88
N GLN D 226 -59.35 41.81 11.92
CA GLN D 226 -59.39 42.82 10.86
C GLN D 226 -59.58 44.22 11.44
N ARG D 227 -60.54 44.35 12.37
CA ARG D 227 -60.71 45.59 13.14
C ARG D 227 -59.43 45.96 13.90
N LEU D 228 -58.78 44.95 14.47
CA LEU D 228 -57.53 45.14 15.21
C LEU D 228 -56.41 45.67 14.31
N ALA D 229 -56.32 45.15 13.09
CA ALA D 229 -55.32 45.55 12.10
C ALA D 229 -55.49 47.00 11.66
N ASN D 230 -56.74 47.46 11.63
CA ASN D 230 -57.03 48.86 11.30
C ASN D 230 -56.56 49.84 12.39
N GLN D 231 -56.45 49.37 13.63
CA GLN D 231 -55.92 50.20 14.73
C GLN D 231 -54.40 50.37 14.58
N SER D 232 -53.72 49.26 14.25
CA SER D 232 -52.26 49.15 14.34
C SER D 232 -51.55 49.55 13.05
N LEU D 233 -51.81 50.77 12.59
CA LEU D 233 -51.16 51.32 11.41
C LEU D 233 -50.87 52.81 11.68
N PRO D 234 -50.03 53.45 10.84
CA PRO D 234 -49.68 54.86 11.12
C PRO D 234 -50.88 55.83 11.09
N PRO D 235 -50.72 57.05 11.65
CA PRO D 235 -51.79 58.03 11.59
C PRO D 235 -52.03 58.51 10.15
N SER D 236 -53.23 59.00 9.88
CA SER D 236 -53.71 59.34 8.53
C SER D 236 -53.91 58.09 7.65
N PHE D 237 -54.30 56.98 8.28
CA PHE D 237 -54.70 55.75 7.57
C PHE D 237 -55.87 55.09 8.30
N LYS D 238 -56.90 54.71 7.55
CA LYS D 238 -58.14 54.17 8.12
C LYS D 238 -58.17 52.65 8.07
N ASP D 239 -57.77 52.08 6.93
CA ASP D 239 -57.93 50.65 6.63
C ASP D 239 -56.57 49.99 6.42
N TYR D 240 -56.47 48.72 6.83
CA TYR D 240 -55.25 47.91 6.66
C TYR D 240 -54.86 47.77 5.19
N HIS D 241 -55.82 47.41 4.35
CA HIS D 241 -55.59 47.22 2.92
C HIS D 241 -55.20 48.53 2.21
N GLN D 242 -55.75 49.66 2.68
CA GLN D 242 -55.38 50.99 2.18
C GLN D 242 -53.90 51.27 2.41
N PHE D 243 -53.41 50.94 3.60
CA PHE D 243 -51.98 51.05 3.94
C PHE D 243 -51.17 50.06 3.12
N LYS D 244 -51.59 48.78 3.16
CA LYS D 244 -50.96 47.71 2.38
C LYS D 244 -50.75 48.10 0.91
N ALA D 245 -51.77 48.70 0.30
CA ALA D 245 -51.68 49.22 -1.06
C ALA D 245 -50.68 50.38 -1.18
N TYR D 246 -50.68 51.28 -0.18
CA TYR D 246 -49.73 52.41 -0.16
C TYR D 246 -48.27 51.94 -0.06
N VAL D 247 -48.02 50.93 0.76
CA VAL D 247 -46.68 50.38 0.96
C VAL D 247 -46.16 49.74 -0.34
N SER D 248 -47.04 49.03 -1.05
CA SER D 248 -46.70 48.46 -2.36
C SER D 248 -46.52 49.54 -3.41
N SER D 249 -47.44 50.51 -3.43
CA SER D 249 -47.44 51.60 -4.41
C SER D 249 -46.38 52.69 -4.16
N PHE D 250 -45.74 52.68 -2.99
CA PHE D 250 -44.77 53.72 -2.63
C PHE D 250 -43.56 53.75 -3.58
N LYS D 251 -43.14 54.97 -3.90
CA LYS D 251 -41.91 55.21 -4.65
C LYS D 251 -41.18 56.40 -4.01
N ALA D 252 -39.90 56.23 -3.73
CA ALA D 252 -39.12 57.25 -3.01
C ALA D 252 -38.85 58.46 -3.87
N ASN D 253 -38.92 59.64 -3.26
CA ASN D 253 -38.65 60.92 -3.94
C ASN D 253 -37.72 61.79 -3.08
N GLY D 254 -36.60 61.19 -2.67
CA GLY D 254 -35.64 61.84 -1.79
C GLY D 254 -36.16 62.20 -0.40
N ASN D 255 -37.14 61.42 0.09
CA ASN D 255 -37.88 61.74 1.32
C ASN D 255 -36.96 61.95 2.54
N ILE D 256 -35.96 61.07 2.66
CA ILE D 256 -34.92 61.20 3.69
C ILE D 256 -34.14 62.50 3.49
N GLU D 257 -33.75 62.77 2.25
CA GLU D 257 -32.92 63.94 1.93
C GLU D 257 -33.66 65.27 2.15
N ALA D 258 -34.97 65.26 1.90
CA ALA D 258 -35.83 66.42 2.17
C ALA D 258 -36.16 66.55 3.65
N LYS D 259 -36.56 65.44 4.27
CA LYS D 259 -36.96 65.45 5.70
C LYS D 259 -35.77 65.63 6.65
N LEU D 260 -34.55 65.36 6.18
CA LEU D 260 -33.32 65.66 6.92
C LEU D 260 -33.11 67.18 7.07
N GLY D 261 -33.27 67.90 5.97
CA GLY D 261 -33.14 69.37 5.96
C GLY D 261 -34.21 70.08 6.78
N ALA D 262 -35.43 69.54 6.77
CA ALA D 262 -36.53 70.05 7.59
C ALA D 262 -36.33 69.84 9.10
N MET D 263 -35.61 68.77 9.47
CA MET D 263 -35.29 68.48 10.87
C MET D 263 -34.39 69.57 11.47
N SER D 264 -34.51 69.79 12.77
CA SER D 264 -33.75 70.81 13.49
C SER D 264 -32.25 70.53 13.53
N GLU D 265 -31.46 71.60 13.64
CA GLU D 265 -30.00 71.50 13.72
C GLU D 265 -29.49 71.08 15.10
N LYS D 266 -30.36 71.15 16.11
CA LYS D 266 -30.02 70.71 17.48
C LYS D 266 -29.83 69.18 17.59
N VAL D 267 -30.42 68.43 16.67
CA VAL D 267 -30.17 66.99 16.55
C VAL D 267 -28.84 66.79 15.81
N ASN D 268 -27.77 66.55 16.57
CA ASN D 268 -26.43 66.34 15.99
C ASN D 268 -25.49 65.59 16.95
N ALA D 269 -24.51 64.91 16.37
CA ALA D 269 -23.51 64.16 17.13
C ALA D 269 -22.15 64.82 16.92
N GLN D 270 -21.85 65.82 17.75
CA GLN D 270 -20.60 66.57 17.68
C GLN D 270 -19.49 65.81 18.39
N ILE D 271 -18.32 65.75 17.77
CA ILE D 271 -17.18 64.97 18.27
C ILE D 271 -16.28 65.89 19.12
N GLU D 272 -16.27 65.65 20.43
CA GLU D 272 -15.38 66.39 21.34
C GLU D 272 -14.03 65.67 21.38
N SER D 273 -13.02 66.25 20.73
CA SER D 273 -11.72 65.60 20.55
C SER D 273 -11.08 65.22 21.88
N PHE D 274 -10.78 63.93 22.03
CA PHE D 274 -10.31 63.37 23.29
C PHE D 274 -8.80 63.59 23.47
N ASP D 275 -8.41 64.04 24.65
CA ASP D 275 -7.01 64.17 25.04
C ASP D 275 -6.91 63.82 26.53
N PRO D 276 -6.05 62.85 26.90
CA PRO D 276 -5.84 62.50 28.32
C PRO D 276 -5.45 63.66 29.25
N ARG D 277 -4.71 64.64 28.71
CA ARG D 277 -4.28 65.82 29.48
C ARG D 277 -5.41 66.83 29.74
N THR D 278 -6.39 66.91 28.84
CA THR D 278 -7.57 67.78 29.02
C THR D 278 -8.56 67.24 30.05
N ILE D 279 -8.79 65.92 30.06
CA ILE D 279 -9.82 65.31 30.92
C ILE D 279 -9.50 65.35 32.41
N ARG D 280 -10.55 65.37 33.23
CA ARG D 280 -10.43 65.43 34.69
C ARG D 280 -10.26 64.04 35.30
N GLU D 281 -10.12 63.99 36.62
CA GLU D 281 -10.07 62.73 37.38
C GLU D 281 -11.44 62.33 37.91
N LEU D 282 -11.58 61.08 38.32
CA LEU D 282 -12.84 60.55 38.83
C LEU D 282 -13.19 61.13 40.20
N GLU D 283 -14.43 61.61 40.34
CA GLU D 283 -14.96 62.12 41.59
C GLU D 283 -15.22 60.97 42.56
N LEU D 284 -14.35 60.85 43.57
CA LEU D 284 -14.54 59.87 44.65
C LEU D 284 -15.62 60.38 45.62
N PRO D 285 -16.51 59.48 46.09
CA PRO D 285 -17.60 59.86 46.99
C PRO D 285 -17.11 60.19 48.42
N GLU D 286 -17.82 61.10 49.08
CA GLU D 286 -17.44 61.62 50.41
C GLU D 286 -18.41 61.19 51.51
N GLY D 287 -17.90 61.13 52.75
CA GLY D 287 -18.70 60.76 53.92
C GLY D 287 -17.87 60.02 54.96
N LYS D 288 -18.46 58.96 55.53
CA LYS D 288 -17.81 58.14 56.55
C LYS D 288 -16.77 57.21 55.90
N PHE D 289 -15.79 56.76 56.68
CA PHE D 289 -14.76 55.82 56.19
C PHE D 289 -15.34 54.41 55.96
N CYS D 290 -14.79 53.71 54.97
CA CYS D 290 -15.28 52.39 54.54
C CYS D 290 -14.90 51.26 55.51
N THR D 291 -15.73 50.21 55.54
CA THR D 291 -15.62 49.10 56.49
C THR D 291 -15.15 47.81 55.81
N GLN D 292 -14.49 46.94 56.57
CA GLN D 292 -14.14 45.60 56.10
C GLN D 292 -15.39 44.74 55.96
N ARG D 293 -15.81 44.51 54.72
CA ARG D 293 -17.03 43.75 54.40
C ARG D 293 -16.80 42.27 54.05
N SER D 294 -15.54 41.82 54.05
CA SER D 294 -15.22 40.43 53.69
C SER D 294 -15.70 39.45 54.75
N LYS D 295 -15.97 38.21 54.31
CA LYS D 295 -16.55 37.18 55.16
C LYS D 295 -15.56 36.61 56.19
N PHE D 296 -14.26 36.76 55.91
CA PHE D 296 -13.20 36.37 56.82
C PHE D 296 -12.05 37.39 56.79
N LEU D 297 -11.14 37.28 57.75
CA LEU D 297 -10.04 38.22 57.93
C LEU D 297 -8.93 37.89 56.93
N LEU D 298 -8.40 38.92 56.28
CA LEU D 298 -7.38 38.75 55.25
C LEU D 298 -5.97 38.84 55.85
N MET D 299 -5.37 40.03 55.92
CA MET D 299 -4.01 40.19 56.46
C MET D 299 -3.95 39.99 57.98
N ASP D 300 -5.04 40.32 58.68
CA ASP D 300 -5.03 40.41 60.15
C ASP D 300 -5.17 39.06 60.89
N ALA D 301 -5.54 38.00 60.18
CA ALA D 301 -5.83 36.70 60.83
C ALA D 301 -4.59 36.06 61.46
N MET D 302 -4.82 35.26 62.50
CA MET D 302 -3.76 34.56 63.24
C MET D 302 -3.87 33.05 63.05
N LYS D 303 -2.73 32.40 62.80
CA LYS D 303 -2.68 30.97 62.50
C LYS D 303 -2.29 30.17 63.74
N LEU D 304 -3.26 29.42 64.29
CA LEU D 304 -2.96 28.41 65.31
C LEU D 304 -2.63 27.11 64.58
N SER D 305 -1.34 26.89 64.31
CA SER D 305 -0.89 25.82 63.42
C SER D 305 -0.41 24.57 64.16
N VAL D 306 -0.47 23.43 63.46
CA VAL D 306 0.10 22.16 63.94
C VAL D 306 0.90 21.48 62.82
N LEU D 307 2.11 21.04 63.15
CA LEU D 307 2.98 20.35 62.19
C LEU D 307 2.56 18.88 62.05
N ASN D 308 2.29 18.46 60.80
CA ASN D 308 2.02 17.05 60.45
C ASN D 308 0.70 16.48 61.02
N PRO D 309 0.27 15.29 60.54
CA PRO D 309 -0.91 14.63 61.12
C PRO D 309 -0.79 14.20 62.58
N ALA D 310 -1.94 14.12 63.26
CA ALA D 310 -2.02 13.66 64.64
C ALA D 310 -3.46 13.28 64.99
N HIS D 311 -3.64 12.13 65.63
CA HIS D 311 -4.96 11.60 66.03
C HIS D 311 -5.79 11.15 64.81
N GLU D 312 -6.97 10.60 65.08
CA GLU D 312 -7.92 10.19 64.03
C GLU D 312 -8.55 11.31 63.19
N GLY D 313 -8.18 12.57 63.44
CA GLY D 313 -8.62 13.70 62.62
C GLY D 313 -8.03 13.75 61.22
N GLU D 314 -7.49 14.90 60.84
CA GLU D 314 -7.03 15.18 59.46
C GLU D 314 -8.19 15.22 58.45
N GLY D 315 -8.84 14.07 58.23
CA GLY D 315 -10.06 14.01 57.42
C GLY D 315 -11.26 14.64 58.10
N ILE D 316 -11.41 14.39 59.40
CA ILE D 316 -12.52 14.93 60.20
C ILE D 316 -12.22 16.42 60.49
N PRO D 317 -13.23 17.31 60.35
CA PRO D 317 -12.95 18.76 60.44
C PRO D 317 -12.68 19.30 61.85
N MET D 318 -13.49 18.91 62.83
CA MET D 318 -13.38 19.44 64.20
C MET D 318 -12.15 18.92 64.96
N LYS D 319 -11.78 17.67 64.71
CA LYS D 319 -10.56 17.08 65.30
C LYS D 319 -9.25 17.72 64.79
N ASP D 320 -9.32 18.43 63.66
CA ASP D 320 -8.21 19.32 63.25
C ASP D 320 -8.18 20.54 64.16
N ALA D 321 -9.35 21.14 64.38
CA ALA D 321 -9.50 22.32 65.24
C ALA D 321 -9.18 22.06 66.72
N LYS D 322 -9.47 20.85 67.20
CA LYS D 322 -9.08 20.44 68.56
C LYS D 322 -7.56 20.38 68.72
N ALA D 323 -6.88 19.78 67.74
CA ALA D 323 -5.41 19.70 67.74
C ALA D 323 -4.75 21.07 67.63
N CYS D 324 -5.33 21.96 66.82
CA CYS D 324 -4.85 23.33 66.66
C CYS D 324 -5.01 24.19 67.93
N LEU D 325 -6.11 24.01 68.65
CA LEU D 325 -6.35 24.72 69.92
C LEU D 325 -5.38 24.34 71.04
N ASP D 326 -4.93 23.08 71.06
CA ASP D 326 -4.01 22.59 72.09
C ASP D 326 -2.57 23.12 71.98
N THR D 327 -2.20 23.72 70.84
CA THR D 327 -0.90 24.39 70.71
C THR D 327 -0.87 25.77 71.40
N PHE D 328 -2.03 26.32 71.75
CA PHE D 328 -2.12 27.60 72.47
C PHE D 328 -2.71 27.40 73.88
N TRP D 329 -1.94 27.81 74.89
CA TRP D 329 -2.38 27.82 76.29
C TRP D 329 -2.11 29.18 76.90
N GLY D 330 -3.05 30.10 76.72
CA GLY D 330 -2.98 31.43 77.32
C GLY D 330 -4.31 32.17 77.31
N TRP D 331 -5.37 31.44 77.68
CA TRP D 331 -6.75 31.95 77.64
C TRP D 331 -7.12 32.68 78.93
N LYS D 332 -7.49 33.95 78.82
CA LYS D 332 -8.10 34.72 79.92
C LYS D 332 -9.61 34.52 79.92
N LYS D 333 -10.29 35.18 80.86
CA LYS D 333 -11.74 35.36 80.80
C LYS D 333 -12.00 36.43 79.75
N ALA D 334 -13.03 36.25 78.94
CA ALA D 334 -13.34 37.15 77.82
C ALA D 334 -13.65 38.57 78.28
N THR D 335 -13.12 39.56 77.55
CA THR D 335 -13.31 40.97 77.86
C THR D 335 -13.49 41.78 76.57
N ILE D 336 -14.60 42.51 76.47
CA ILE D 336 -14.93 43.31 75.28
C ILE D 336 -14.04 44.56 75.23
N ILE D 337 -13.31 44.72 74.13
CA ILE D 337 -12.41 45.89 73.94
C ILE D 337 -12.70 46.74 72.68
N LYS D 338 -13.70 46.36 71.88
CA LYS D 338 -14.15 47.14 70.74
C LYS D 338 -15.63 46.84 70.49
N LYS D 339 -16.47 47.86 70.65
CA LYS D 339 -17.91 47.69 70.66
C LYS D 339 -18.48 47.72 69.24
N HIS D 340 -19.31 46.74 68.90
CA HIS D 340 -20.15 46.78 67.69
C HIS D 340 -21.32 47.74 67.98
N GLU D 341 -21.14 48.99 67.56
CA GLU D 341 -21.95 50.13 68.01
C GLU D 341 -23.47 49.88 68.04
N LYS D 342 -23.98 49.24 67.00
CA LYS D 342 -25.43 48.99 66.88
C LYS D 342 -25.88 47.71 67.61
N GLY D 343 -24.97 46.75 67.82
CA GLY D 343 -25.31 45.45 68.43
C GLY D 343 -25.33 45.43 69.95
N VAL D 344 -26.03 44.44 70.50
CA VAL D 344 -26.06 44.15 71.94
C VAL D 344 -24.85 43.27 72.30
N ASN D 345 -23.77 43.93 72.70
CA ASN D 345 -22.42 43.32 72.73
C ASN D 345 -22.21 42.20 73.78
N THR D 346 -23.05 42.17 74.80
CA THR D 346 -23.05 41.07 75.78
C THR D 346 -23.24 39.69 75.13
N ASN D 347 -24.04 39.62 74.06
CA ASN D 347 -24.29 38.34 73.35
C ASN D 347 -23.02 37.76 72.72
N TYR D 348 -22.23 38.63 72.07
CA TYR D 348 -20.98 38.22 71.40
C TYR D 348 -20.00 37.52 72.35
N LEU D 349 -19.91 38.02 73.59
CA LEU D 349 -19.08 37.39 74.62
C LEU D 349 -19.63 36.02 74.99
N MET D 350 -20.94 35.95 75.23
CA MET D 350 -21.62 34.69 75.58
C MET D 350 -21.54 33.62 74.49
N ILE D 351 -21.60 34.04 73.23
CA ILE D 351 -21.49 33.12 72.09
C ILE D 351 -20.11 32.44 72.06
N TRP D 352 -19.04 33.23 72.19
CA TRP D 352 -17.67 32.71 72.25
C TRP D 352 -17.45 31.78 73.45
N GLU D 353 -17.97 32.17 74.61
CA GLU D 353 -17.90 31.33 75.81
C GLU D 353 -18.67 30.02 75.64
N GLN D 354 -19.88 30.10 75.07
CA GLN D 354 -20.68 28.90 74.77
C GLN D 354 -19.98 28.00 73.74
N LEU D 355 -19.34 28.62 72.74
CA LEU D 355 -18.55 27.89 71.75
C LEU D 355 -17.37 27.17 72.40
N LEU D 356 -16.55 27.92 73.14
CA LEU D 356 -15.39 27.36 73.82
C LEU D 356 -15.76 26.33 74.88
N GLU D 357 -16.93 26.49 75.50
CA GLU D 357 -17.50 25.48 76.41
C GLU D 357 -17.94 24.23 75.65
N SER D 358 -18.66 24.42 74.54
CA SER D 358 -19.17 23.29 73.75
C SER D 358 -18.07 22.48 73.05
N ILE D 359 -17.02 23.17 72.56
CA ILE D 359 -15.86 22.50 71.95
C ILE D 359 -15.15 21.56 72.95
N LYS D 360 -15.02 22.03 74.20
CA LYS D 360 -14.47 21.24 75.30
C LYS D 360 -15.35 20.03 75.62
N GLU D 361 -16.66 20.25 75.68
CA GLU D 361 -17.62 19.20 76.06
C GLU D 361 -18.00 18.20 74.96
N MET D 362 -17.83 18.57 73.68
CA MET D 362 -18.23 17.69 72.57
C MET D 362 -17.36 16.42 72.44
N GLU D 363 -17.96 15.36 71.93
CA GLU D 363 -17.25 14.15 71.49
C GLU D 363 -17.81 13.67 70.16
N GLY D 364 -16.93 13.21 69.27
CA GLY D 364 -17.32 12.74 67.93
C GLY D 364 -16.77 13.64 66.84
N LYS D 365 -17.55 13.77 65.75
CA LYS D 365 -17.10 14.47 64.54
C LYS D 365 -17.74 15.84 64.33
N PHE D 366 -19.06 15.91 64.48
CA PHE D 366 -19.82 17.16 64.26
C PHE D 366 -20.24 17.79 65.58
N LEU D 367 -20.52 19.10 65.54
CA LEU D 367 -20.94 19.87 66.72
C LEU D 367 -22.08 20.83 66.40
N ASN D 368 -23.28 20.47 66.85
CA ASN D 368 -24.44 21.35 66.79
C ASN D 368 -24.58 22.07 68.14
N LEU D 369 -24.52 23.41 68.12
CA LEU D 369 -24.68 24.20 69.36
C LEU D 369 -26.14 24.24 69.79
N LYS D 370 -26.36 24.42 71.08
CA LYS D 370 -27.73 24.47 71.62
C LYS D 370 -28.35 25.85 71.35
N LYS D 371 -29.65 25.86 71.06
CA LYS D 371 -30.36 27.09 70.69
C LYS D 371 -30.61 27.98 71.91
N THR D 372 -29.63 28.83 72.21
CA THR D 372 -29.70 29.77 73.34
C THR D 372 -29.99 31.19 72.85
N ASN D 373 -30.77 31.94 73.63
CA ASN D 373 -31.28 33.26 73.22
C ASN D 373 -30.21 34.33 72.87
N HIS D 374 -29.00 34.18 73.41
CA HIS D 374 -27.86 35.01 72.99
C HIS D 374 -27.33 34.63 71.59
N LEU D 375 -27.33 33.33 71.28
CA LEU D 375 -26.92 32.83 69.96
C LEU D 375 -28.01 33.07 68.90
N LYS D 376 -29.26 32.89 69.32
CA LYS D 376 -30.45 33.21 68.51
C LYS D 376 -30.48 34.65 68.03
N TRP D 377 -30.04 35.59 68.86
CA TRP D 377 -29.88 36.99 68.46
C TRP D 377 -28.84 37.11 67.35
N GLY D 378 -27.67 36.50 67.58
CA GLY D 378 -26.57 36.52 66.62
C GLY D 378 -26.86 35.85 65.29
N LEU D 379 -27.70 34.80 65.31
CA LEU D 379 -28.12 34.10 64.10
C LEU D 379 -29.49 34.53 63.53
N GLY D 380 -30.19 35.41 64.24
CA GLY D 380 -31.43 36.03 63.74
C GLY D 380 -32.67 35.16 63.81
N GLU D 381 -32.85 34.46 64.92
CA GLU D 381 -33.99 33.56 65.10
C GLU D 381 -35.28 34.36 65.31
N GLY D 382 -36.30 34.06 64.51
CA GLY D 382 -37.58 34.75 64.58
C GLY D 382 -37.59 36.21 64.14
N GLN D 383 -36.48 36.70 63.55
CA GLN D 383 -36.38 38.09 63.10
C GLN D 383 -37.19 38.34 61.82
N ALA D 384 -37.53 37.26 61.10
CA ALA D 384 -38.46 37.35 59.98
C ALA D 384 -39.84 37.78 60.47
N PRO D 385 -40.39 38.86 59.90
CA PRO D 385 -41.81 39.12 60.12
C PRO D 385 -42.67 38.02 59.51
N GLU D 386 -43.78 37.68 60.18
CA GLU D 386 -44.68 36.62 59.69
C GLU D 386 -45.45 37.08 58.46
N LYS D 387 -45.60 36.18 57.49
CA LYS D 387 -46.28 36.48 56.23
C LYS D 387 -47.79 36.40 56.42
N MET D 388 -48.50 37.39 55.87
CA MET D 388 -49.95 37.49 56.03
C MET D 388 -50.62 38.04 54.76
N ASP D 389 -51.94 37.93 54.72
CA ASP D 389 -52.75 38.50 53.64
C ASP D 389 -52.83 40.01 53.87
N PHE D 390 -53.00 40.77 52.78
CA PHE D 390 -53.20 42.22 52.86
C PHE D 390 -54.52 42.55 53.56
N GLU D 391 -55.56 41.81 53.21
CA GLU D 391 -56.90 41.94 53.82
C GLU D 391 -56.89 41.77 55.35
N ASP D 392 -55.98 40.94 55.85
CA ASP D 392 -55.83 40.73 57.30
C ASP D 392 -55.21 41.93 58.05
N CYS D 393 -54.45 42.78 57.35
CA CYS D 393 -53.82 43.96 57.97
C CYS D 393 -53.76 45.16 57.01
N LYS D 394 -54.93 45.60 56.55
CA LYS D 394 -55.03 46.77 55.66
C LYS D 394 -54.62 48.08 56.35
N GLU D 395 -55.40 48.49 57.35
CA GLU D 395 -55.20 49.78 58.02
C GLU D 395 -54.21 49.65 59.18
N VAL D 396 -52.92 49.60 58.84
CA VAL D 396 -51.82 49.68 59.81
C VAL D 396 -51.09 51.00 59.55
N PRO D 397 -50.71 51.75 60.60
CA PRO D 397 -50.15 53.11 60.36
C PRO D 397 -48.77 53.14 59.68
N ASP D 398 -47.84 52.30 60.14
CA ASP D 398 -46.45 52.31 59.65
C ASP D 398 -46.13 51.23 58.59
N LEU D 399 -47.16 50.67 57.95
CA LEU D 399 -46.97 49.68 56.88
C LEU D 399 -46.48 50.37 55.60
N PHE D 400 -45.23 50.09 55.24
CA PHE D 400 -44.60 50.62 54.02
C PHE D 400 -43.96 49.47 53.24
N GLN D 401 -43.52 49.76 52.01
CA GLN D 401 -42.65 48.85 51.26
C GLN D 401 -41.26 48.81 51.90
N TYR D 402 -40.46 47.83 51.49
CA TYR D 402 -39.10 47.68 52.00
C TYR D 402 -38.25 48.85 51.50
N LYS D 403 -37.20 49.17 52.26
CA LYS D 403 -36.40 50.38 52.01
C LYS D 403 -35.71 50.31 50.64
N SER D 404 -36.40 50.85 49.63
CA SER D 404 -35.94 50.84 48.24
C SER D 404 -35.12 52.11 47.93
N GLU D 405 -33.99 52.24 48.60
CA GLU D 405 -33.14 53.43 48.53
C GLU D 405 -31.72 53.05 48.12
N PRO D 406 -30.91 54.05 47.69
CA PRO D 406 -29.51 53.76 47.34
C PRO D 406 -28.63 53.46 48.55
N PRO D 407 -27.40 52.96 48.32
CA PRO D 407 -26.50 52.70 49.45
C PRO D 407 -25.90 53.99 50.03
N GLU D 408 -25.46 53.92 51.28
CA GLU D 408 -24.83 55.06 51.95
C GLU D 408 -23.41 55.25 51.44
N LYS D 409 -23.11 56.45 50.94
CA LYS D 409 -21.80 56.78 50.35
C LYS D 409 -20.69 56.68 51.39
N ARG D 410 -19.52 56.18 50.96
CA ARG D 410 -18.35 56.06 51.83
C ARG D 410 -17.10 56.63 51.18
N LYS D 411 -16.11 56.96 52.02
CA LYS D 411 -14.85 57.56 51.57
C LYS D 411 -13.76 56.50 51.47
N LEU D 412 -12.80 56.72 50.58
CA LEU D 412 -11.62 55.87 50.43
C LEU D 412 -10.76 55.87 51.70
N ALA D 413 -10.28 54.69 52.09
CA ALA D 413 -9.41 54.53 53.26
C ALA D 413 -8.10 53.83 52.88
N SER D 414 -7.11 53.96 53.76
CA SER D 414 -5.77 53.43 53.52
C SER D 414 -5.66 51.91 53.75
N TRP D 415 -6.61 51.31 54.47
CA TRP D 415 -6.56 49.88 54.79
C TRP D 415 -6.73 48.96 53.57
N ILE D 416 -7.62 49.33 52.66
CA ILE D 416 -7.89 48.52 51.46
C ILE D 416 -6.68 48.43 50.52
N GLN D 417 -5.92 49.52 50.41
CA GLN D 417 -4.67 49.54 49.65
C GLN D 417 -3.62 48.63 50.30
N SER D 418 -3.47 48.74 51.62
CA SER D 418 -2.53 47.91 52.38
C SER D 418 -2.90 46.43 52.35
N GLU D 419 -4.20 46.13 52.38
CA GLU D 419 -4.69 44.76 52.22
C GLU D 419 -4.23 44.13 50.90
N PHE D 420 -4.24 44.93 49.84
CA PHE D 420 -3.78 44.49 48.51
C PHE D 420 -2.27 44.29 48.46
N ASN D 421 -1.54 45.27 49.00
CA ASN D 421 -0.09 45.16 49.20
C ASN D 421 0.28 43.85 49.88
N LYS D 422 -0.39 43.55 51.00
CA LYS D 422 -0.16 42.32 51.75
C LYS D 422 -0.67 41.07 51.02
N ALA D 423 -1.77 41.21 50.28
CA ALA D 423 -2.28 40.12 49.42
C ALA D 423 -1.31 39.75 48.29
N SER D 424 -0.60 40.75 47.77
CA SER D 424 0.41 40.54 46.71
C SER D 424 1.68 39.80 47.17
N GLU D 425 1.96 39.79 48.47
CA GLU D 425 3.23 39.25 49.01
C GLU D 425 3.35 37.72 48.99
N LEU D 426 4.59 37.26 49.12
CA LEU D 426 4.94 35.85 49.23
C LEU D 426 4.91 35.37 50.69
N THR D 427 4.88 34.06 50.86
CA THR D 427 4.98 33.41 52.18
C THR D 427 5.77 32.11 52.08
N ASN D 428 6.15 31.57 53.23
CA ASN D 428 6.89 30.31 53.31
C ASN D 428 6.04 29.04 53.11
N SER D 429 4.72 29.18 53.02
CA SER D 429 3.80 28.05 52.82
C SER D 429 3.23 28.01 51.40
N ASN D 430 3.36 26.85 50.74
CA ASN D 430 2.70 26.57 49.46
C ASN D 430 1.25 26.20 49.74
N TRP D 431 0.34 27.13 49.47
CA TRP D 431 -1.07 26.98 49.82
C TRP D 431 -1.84 26.12 48.81
N ILE D 432 -1.59 26.35 47.52
CA ILE D 432 -2.27 25.61 46.45
C ILE D 432 -1.62 24.25 46.26
N GLU D 433 -2.45 23.21 46.23
CA GLU D 433 -2.02 21.85 45.88
C GLU D 433 -2.84 21.39 44.68
N PHE D 434 -2.17 21.06 43.59
CA PHE D 434 -2.83 20.64 42.36
C PHE D 434 -3.04 19.12 42.34
N ASP D 435 -4.18 18.70 41.79
CA ASP D 435 -4.44 17.27 41.56
C ASP D 435 -3.60 16.76 40.39
N GLU D 436 -3.55 15.44 40.26
CA GLU D 436 -2.67 14.77 39.28
C GLU D 436 -3.00 15.08 37.83
N LEU D 437 -2.04 14.78 36.96
CA LEU D 437 -2.12 15.04 35.52
C LEU D 437 -1.69 13.79 34.77
N GLY D 438 -2.01 13.73 33.47
CA GLY D 438 -1.55 12.65 32.60
C GLY D 438 -0.04 12.69 32.35
N ASN D 439 0.50 11.59 31.87
CA ASN D 439 1.94 11.48 31.58
C ASN D 439 2.30 12.34 30.39
N ASP D 440 3.37 13.14 30.52
CA ASP D 440 3.81 14.05 29.47
C ASP D 440 4.51 13.29 28.35
N VAL D 441 3.79 13.08 27.24
CA VAL D 441 4.31 12.38 26.07
C VAL D 441 4.77 13.39 25.01
N ALA D 442 3.88 14.31 24.64
CA ALA D 442 4.15 15.30 23.60
C ALA D 442 5.19 16.33 24.08
N PRO D 443 6.17 16.70 23.22
CA PRO D 443 7.17 17.71 23.59
C PRO D 443 6.59 19.02 24.14
N ILE D 444 5.49 19.47 23.55
CA ILE D 444 4.75 20.64 24.06
C ILE D 444 4.26 20.45 25.50
N GLU D 445 3.87 19.23 25.87
CA GLU D 445 3.43 18.92 27.24
C GLU D 445 4.58 18.94 28.27
N HIS D 446 5.81 18.72 27.82
CA HIS D 446 6.99 18.90 28.68
C HIS D 446 7.28 20.37 28.90
N ILE D 447 7.24 21.16 27.82
CA ILE D 447 7.45 22.62 27.89
C ILE D 447 6.35 23.26 28.74
N ALA D 448 5.11 22.81 28.54
CA ALA D 448 3.97 23.26 29.33
C ALA D 448 4.12 22.95 30.82
N SER D 449 4.66 21.78 31.14
CA SER D 449 4.93 21.38 32.53
C SER D 449 6.06 22.21 33.13
N ARG D 450 7.16 22.32 32.38
CA ARG D 450 8.30 23.17 32.76
C ARG D 450 7.85 24.61 33.03
N ARG D 451 7.03 25.17 32.13
CA ARG D 451 6.46 26.51 32.30
C ARG D 451 5.46 26.58 33.47
N ARG D 452 4.68 25.52 33.65
CA ARG D 452 3.72 25.42 34.75
C ARG D 452 4.41 25.34 36.12
N ASN D 453 5.60 24.73 36.17
CA ASN D 453 6.38 24.66 37.41
C ASN D 453 6.82 26.05 37.94
N PHE D 454 7.19 26.94 37.02
CA PHE D 454 7.53 28.34 37.38
C PHE D 454 6.33 29.11 37.92
N PHE D 455 5.15 28.85 37.36
CA PHE D 455 3.90 29.44 37.87
C PHE D 455 3.53 28.85 39.23
N THR D 456 3.53 27.52 39.31
CA THR D 456 3.24 26.78 40.54
C THR D 456 3.95 27.38 41.77
N ALA D 457 5.24 27.67 41.62
CA ALA D 457 6.01 28.31 42.69
C ALA D 457 5.51 29.72 43.00
N GLU D 458 5.40 30.55 41.97
CA GLU D 458 5.05 31.97 42.13
C GLU D 458 3.62 32.20 42.66
N VAL D 459 2.71 31.28 42.34
CA VAL D 459 1.33 31.34 42.77
C VAL D 459 1.15 30.72 44.16
N SER D 460 1.51 29.44 44.29
CA SER D 460 1.27 28.67 45.53
C SER D 460 1.81 29.35 46.79
N GLN D 461 2.97 30.01 46.66
CA GLN D 461 3.59 30.74 47.78
C GLN D 461 2.94 32.10 48.09
N CYS D 462 2.16 32.66 47.16
CA CYS D 462 1.52 33.97 47.35
C CYS D 462 0.46 33.96 48.45
N ARG D 463 0.29 35.11 49.13
CA ARG D 463 -0.71 35.21 50.20
C ARG D 463 -2.16 35.20 49.68
N ALA D 464 -2.37 35.65 48.44
CA ALA D 464 -3.70 35.54 47.80
C ALA D 464 -4.24 34.10 47.80
N SER D 465 -3.36 33.14 47.53
CA SER D 465 -3.69 31.71 47.57
C SER D 465 -4.21 31.28 48.95
N GLU D 466 -3.57 31.79 50.01
CA GLU D 466 -4.02 31.54 51.38
C GLU D 466 -5.48 31.93 51.55
N TYR D 467 -5.87 33.08 50.99
CA TYR D 467 -7.26 33.54 51.02
C TYR D 467 -8.15 32.65 50.14
N ILE D 468 -7.66 32.28 48.95
CA ILE D 468 -8.41 31.38 48.06
C ILE D 468 -8.75 30.06 48.79
N MET D 469 -7.72 29.38 49.28
CA MET D 469 -7.89 28.10 50.00
C MET D 469 -8.79 28.24 51.23
N LYS D 470 -8.72 29.40 51.89
CA LYS D 470 -9.57 29.73 53.04
C LYS D 470 -11.03 29.81 52.60
N ALA D 471 -11.29 30.68 51.61
CA ALA D 471 -12.64 30.88 51.07
C ALA D 471 -13.25 29.58 50.54
N VAL D 472 -12.44 28.82 49.80
CA VAL D 472 -12.87 27.53 49.26
C VAL D 472 -13.32 26.60 50.39
N TYR D 473 -12.48 26.42 51.41
CA TYR D 473 -12.81 25.57 52.56
C TYR D 473 -14.04 26.08 53.30
N ILE D 474 -14.06 27.37 53.63
CA ILE D 474 -15.19 27.97 54.35
C ILE D 474 -16.49 27.71 53.57
N ASN D 475 -16.51 28.12 52.31
CA ASN D 475 -17.73 28.06 51.50
C ASN D 475 -18.16 26.63 51.11
N THR D 476 -17.19 25.77 50.77
CA THR D 476 -17.48 24.36 50.47
C THR D 476 -18.09 23.66 51.67
N ALA D 477 -17.47 23.86 52.83
CA ALA D 477 -17.99 23.31 54.10
C ALA D 477 -19.34 23.93 54.46
N LEU D 478 -19.49 25.24 54.24
CA LEU D 478 -20.73 25.95 54.56
C LEU D 478 -21.91 25.57 53.68
N LEU D 479 -21.69 25.39 52.38
CA LEU D 479 -22.77 24.94 51.47
C LEU D 479 -23.26 23.54 51.83
N ASN D 480 -22.32 22.62 52.06
CA ASN D 480 -22.65 21.22 52.42
C ASN D 480 -23.40 21.11 53.75
N SER D 481 -23.03 21.97 54.71
CA SER D 481 -23.75 22.09 55.98
C SER D 481 -25.13 22.73 55.79
N SER D 482 -25.17 23.79 54.98
CA SER D 482 -26.40 24.55 54.71
C SER D 482 -27.52 23.69 54.10
N CYS D 483 -27.16 22.71 53.28
CA CYS D 483 -28.14 21.82 52.67
C CYS D 483 -28.58 20.70 53.61
N THR D 484 -27.60 20.04 54.25
CA THR D 484 -27.87 18.89 55.12
C THR D 484 -28.47 19.29 56.46
N ALA D 485 -27.78 20.19 57.17
CA ALA D 485 -28.21 20.65 58.50
C ALA D 485 -28.91 21.99 58.40
N MET D 486 -30.19 21.96 58.01
CA MET D 486 -30.97 23.17 57.76
C MET D 486 -31.38 23.87 59.05
N GLU D 487 -31.76 23.08 60.06
CA GLU D 487 -32.20 23.60 61.36
C GLU D 487 -31.06 23.80 62.37
N GLU D 488 -30.01 22.99 62.27
CA GLU D 488 -29.00 22.90 63.34
C GLU D 488 -27.98 24.05 63.23
N TYR D 489 -27.62 24.63 64.37
CA TYR D 489 -26.53 25.61 64.43
C TYR D 489 -25.20 24.87 64.50
N GLN D 490 -24.65 24.55 63.33
CA GLN D 490 -23.38 23.81 63.23
C GLN D 490 -22.18 24.74 63.35
N VAL D 491 -21.13 24.23 63.99
CA VAL D 491 -19.83 24.89 64.06
C VAL D 491 -18.98 24.40 62.90
N ILE D 492 -18.34 25.32 62.19
CA ILE D 492 -17.44 25.00 61.08
C ILE D 492 -16.11 25.72 61.32
N PRO D 493 -15.00 24.96 61.43
CA PRO D 493 -13.70 25.59 61.63
C PRO D 493 -13.14 26.21 60.35
N ILE D 494 -12.18 27.12 60.49
CA ILE D 494 -11.55 27.80 59.35
C ILE D 494 -10.14 27.23 59.19
N ILE D 495 -10.00 26.28 58.24
CA ILE D 495 -8.78 25.49 58.06
C ILE D 495 -8.13 25.74 56.69
N THR D 496 -6.80 25.77 56.65
CA THR D 496 -6.04 25.69 55.40
C THR D 496 -4.83 24.78 55.59
N LYS D 497 -4.87 23.61 54.96
CA LYS D 497 -3.74 22.68 55.00
C LYS D 497 -2.72 23.09 53.94
N CYS D 498 -1.44 23.10 54.33
CA CYS D 498 -0.36 23.60 53.46
C CYS D 498 0.92 22.79 53.60
N ARG D 499 1.91 23.13 52.78
CA ARG D 499 3.25 22.54 52.86
C ARG D 499 4.28 23.65 52.97
N ASP D 500 5.23 23.52 53.91
CA ASP D 500 6.28 24.54 54.09
C ASP D 500 7.31 24.50 52.95
N THR D 501 8.10 25.57 52.82
CA THR D 501 9.23 25.60 51.87
C THR D 501 10.26 24.48 52.13
N SER D 502 10.37 24.03 53.38
CA SER D 502 11.14 22.83 53.72
C SER D 502 10.57 21.54 53.10
N GLY D 503 9.26 21.51 52.89
CA GLY D 503 8.55 20.35 52.33
C GLY D 503 7.80 19.53 53.37
N GLN D 504 7.41 20.17 54.48
CA GLN D 504 6.72 19.51 55.57
C GLN D 504 5.26 19.97 55.62
N ARG D 505 4.38 19.05 56.04
CA ARG D 505 2.94 19.31 56.13
C ARG D 505 2.61 20.23 57.30
N ARG D 506 1.49 20.93 57.19
CA ARG D 506 1.01 21.83 58.25
C ARG D 506 -0.50 22.10 58.08
N THR D 507 -1.21 22.12 59.21
CA THR D 507 -2.64 22.46 59.28
C THR D 507 -2.80 23.72 60.14
N ASN D 508 -3.29 24.80 59.52
CA ASN D 508 -3.48 26.09 60.20
C ASN D 508 -4.95 26.30 60.55
N LEU D 509 -5.21 26.90 61.72
CA LEU D 509 -6.55 27.28 62.16
C LEU D 509 -6.62 28.80 62.36
N TYR D 510 -7.62 29.43 61.75
CA TYR D 510 -7.85 30.89 61.86
C TYR D 510 -8.96 31.27 62.83
N GLY D 511 -9.96 30.40 62.97
CA GLY D 511 -11.10 30.65 63.86
C GLY D 511 -12.25 29.67 63.69
N PHE D 512 -13.47 30.16 63.96
CA PHE D 512 -14.69 29.37 63.83
C PHE D 512 -15.83 30.17 63.21
N ILE D 513 -16.72 29.45 62.53
CA ILE D 513 -17.94 29.99 61.92
C ILE D 513 -19.13 29.17 62.41
N ILE D 514 -20.02 29.82 63.18
CA ILE D 514 -21.26 29.20 63.65
C ILE D 514 -22.34 29.51 62.63
N LYS D 515 -22.91 28.46 62.03
CA LYS D 515 -23.95 28.59 61.02
C LYS D 515 -25.31 28.82 61.66
N GLY D 516 -26.19 29.53 60.97
CA GLY D 516 -27.59 29.70 61.38
C GLY D 516 -28.51 28.75 60.63
N ARG D 517 -29.81 29.06 60.65
CA ARG D 517 -30.80 28.26 59.92
C ARG D 517 -30.66 28.50 58.43
N SER D 518 -30.69 27.41 57.66
CA SER D 518 -30.44 27.47 56.21
C SER D 518 -31.56 26.78 55.41
N HIS D 519 -32.76 27.35 55.53
CA HIS D 519 -33.90 26.99 54.68
C HIS D 519 -33.93 27.94 53.49
N LEU D 520 -33.10 27.64 52.49
CA LEU D 520 -32.83 28.56 51.38
C LEU D 520 -33.74 28.31 50.18
N ARG D 521 -34.64 29.25 49.93
CA ARG D 521 -35.61 29.14 48.83
C ARG D 521 -34.88 29.39 47.52
N ASN D 522 -34.53 30.66 47.25
CA ASN D 522 -33.83 31.04 46.02
C ASN D 522 -32.34 31.13 46.26
N ASP D 523 -31.59 31.37 45.18
CA ASP D 523 -30.13 31.54 45.24
C ASP D 523 -29.71 32.70 46.15
N THR D 524 -30.43 33.81 46.07
CA THR D 524 -30.11 35.03 46.81
C THR D 524 -30.44 34.99 48.31
N ASP D 525 -31.26 34.04 48.73
CA ASP D 525 -31.64 33.91 50.15
C ASP D 525 -30.44 33.59 51.03
N VAL D 526 -30.42 34.18 52.22
CA VAL D 526 -29.21 34.25 53.05
C VAL D 526 -29.24 33.23 54.20
N VAL D 527 -28.06 32.72 54.55
CA VAL D 527 -27.84 31.98 55.79
C VAL D 527 -27.01 32.89 56.68
N ASN D 528 -27.57 33.31 57.81
CA ASN D 528 -26.84 34.13 58.77
C ASN D 528 -25.86 33.24 59.55
N PHE D 529 -24.60 33.70 59.66
CA PHE D 529 -23.58 32.99 60.43
C PHE D 529 -22.78 33.96 61.31
N ILE D 530 -22.10 33.42 62.32
CA ILE D 530 -21.29 34.23 63.24
C ILE D 530 -19.81 33.90 63.06
N SER D 531 -19.06 34.85 62.52
CA SER D 531 -17.62 34.71 62.30
C SER D 531 -16.87 35.05 63.58
N LEU D 532 -16.08 34.09 64.09
CA LEU D 532 -15.22 34.33 65.27
C LEU D 532 -13.76 33.99 64.93
N GLU D 533 -12.92 35.00 64.74
CA GLU D 533 -11.58 34.79 64.17
C GLU D 533 -10.43 35.32 65.03
N PHE D 534 -9.33 34.58 65.09
CA PHE D 534 -8.16 34.96 65.89
C PHE D 534 -7.32 36.01 65.16
N SER D 535 -6.81 37.00 65.90
CA SER D 535 -5.99 38.07 65.31
C SER D 535 -5.15 38.82 66.35
N LEU D 536 -3.96 39.26 65.93
CA LEU D 536 -3.03 40.01 66.80
C LEU D 536 -3.14 41.54 66.67
N THR D 537 -3.83 42.03 65.63
CA THR D 537 -3.94 43.47 65.38
C THR D 537 -4.89 44.14 66.36
N ASP D 538 -4.54 45.36 66.79
CA ASP D 538 -5.36 46.15 67.70
C ASP D 538 -6.44 46.88 66.90
N PRO D 539 -7.73 46.72 67.29
CA PRO D 539 -8.83 47.35 66.54
C PRO D 539 -8.98 48.87 66.75
N ARG D 540 -8.54 49.38 67.90
CA ARG D 540 -8.66 50.81 68.22
C ARG D 540 -7.71 51.72 67.43
N ASN D 541 -6.63 51.16 66.88
CA ASN D 541 -5.71 51.92 66.02
C ASN D 541 -6.32 52.29 64.65
N GLU D 542 -7.17 51.41 64.13
CA GLU D 542 -7.89 51.63 62.86
C GLU D 542 -9.37 51.29 63.05
N ILE D 543 -10.02 52.11 63.88
CA ILE D 543 -11.41 51.88 64.33
C ILE D 543 -12.45 51.82 63.21
N HIS D 544 -12.27 52.62 62.16
CA HIS D 544 -13.20 52.65 61.02
C HIS D 544 -13.26 51.33 60.25
N LYS D 545 -12.11 50.67 60.10
CA LYS D 545 -12.00 49.39 59.38
C LYS D 545 -12.93 48.30 59.91
N TRP D 546 -13.09 48.26 61.24
CA TRP D 546 -13.81 47.18 61.92
C TRP D 546 -15.20 47.62 62.43
N GLU D 547 -15.82 48.58 61.73
CA GLU D 547 -17.08 49.22 62.17
C GLU D 547 -18.19 48.22 62.55
N LYS D 548 -18.29 47.11 61.83
CA LYS D 548 -19.32 46.08 62.11
C LYS D 548 -18.85 44.94 63.04
N TYR D 549 -17.56 44.94 63.42
CA TYR D 549 -17.00 43.86 64.26
C TYR D 549 -17.13 44.18 65.76
N CYS D 550 -17.22 43.11 66.56
CA CYS D 550 -17.09 43.20 68.02
C CYS D 550 -15.89 42.36 68.44
N VAL D 551 -14.86 43.01 68.99
CA VAL D 551 -13.60 42.34 69.32
C VAL D 551 -13.50 42.07 70.81
N LEU D 552 -13.06 40.86 71.16
CA LEU D 552 -12.86 40.43 72.55
C LEU D 552 -11.37 40.13 72.77
N GLU D 553 -10.81 40.63 73.87
CA GLU D 553 -9.45 40.29 74.27
C GLU D 553 -9.49 39.00 75.09
N ILE D 554 -9.26 37.88 74.40
CA ILE D 554 -9.50 36.54 74.97
C ILE D 554 -8.27 35.86 75.59
N GLY D 555 -7.06 36.30 75.24
CA GLY D 555 -5.85 35.65 75.73
C GLY D 555 -4.55 36.39 75.49
N ASP D 556 -3.43 35.74 75.84
CA ASP D 556 -2.09 36.33 75.67
C ASP D 556 -1.06 35.28 75.26
N MET D 557 -0.04 35.69 74.50
CA MET D 557 1.03 34.78 74.07
C MET D 557 2.38 35.46 73.84
N GLU D 558 3.42 34.64 73.75
CA GLU D 558 4.80 35.08 73.53
C GLU D 558 5.13 35.11 72.04
N ILE D 559 5.78 36.18 71.60
CA ILE D 559 6.29 36.32 70.22
C ILE D 559 7.75 36.80 70.26
N ARG D 560 8.58 36.19 69.42
CA ARG D 560 9.99 36.54 69.30
C ARG D 560 10.17 37.53 68.15
N THR D 561 10.64 38.74 68.48
CA THR D 561 10.98 39.77 67.49
C THR D 561 12.34 39.44 66.87
N SER D 562 12.67 40.09 65.76
CA SER D 562 14.00 39.98 65.14
C SER D 562 15.14 40.17 66.14
N ILE D 563 15.02 41.18 67.01
CA ILE D 563 16.01 41.44 68.07
C ILE D 563 15.48 40.95 69.42
N SER D 564 14.37 41.55 69.88
CA SER D 564 13.80 41.29 71.21
C SER D 564 12.86 40.07 71.23
N THR D 565 12.21 39.84 72.38
CA THR D 565 11.18 38.79 72.53
C THR D 565 10.02 39.32 73.40
N ILE D 566 8.94 39.77 72.75
CA ILE D 566 7.88 40.56 73.40
C ILE D 566 6.55 39.79 73.47
N MET D 567 5.96 39.73 74.67
CA MET D 567 4.64 39.11 74.87
C MET D 567 3.53 40.06 74.39
N LYS D 568 2.49 39.49 73.78
CA LYS D 568 1.35 40.28 73.27
C LYS D 568 -0.01 39.60 73.52
N PRO D 569 -1.10 40.41 73.55
CA PRO D 569 -2.45 39.88 73.71
C PRO D 569 -3.09 39.48 72.39
N VAL D 570 -3.92 38.43 72.42
CA VAL D 570 -4.66 37.96 71.24
C VAL D 570 -6.10 38.48 71.26
N TYR D 571 -6.61 38.83 70.08
CA TYR D 571 -7.95 39.40 69.91
C TYR D 571 -8.79 38.43 69.09
N LEU D 572 -10.02 38.17 69.56
CA LEU D 572 -11.00 37.38 68.85
C LEU D 572 -12.03 38.30 68.21
N TYR D 573 -11.93 38.47 66.89
CA TYR D 573 -12.87 39.30 66.12
C TYR D 573 -14.14 38.50 65.89
N VAL D 574 -15.22 38.91 66.56
CA VAL D 574 -16.54 38.31 66.44
C VAL D 574 -17.42 39.22 65.57
N ARG D 575 -18.22 38.61 64.70
CA ARG D 575 -19.03 39.38 63.75
C ARG D 575 -20.21 38.57 63.22
N THR D 576 -21.42 39.13 63.36
CA THR D 576 -22.62 38.58 62.74
C THR D 576 -22.59 38.91 61.25
N ASN D 577 -22.81 37.89 60.41
CA ASN D 577 -22.68 38.02 58.96
C ASN D 577 -23.73 37.15 58.26
N GLY D 578 -23.78 37.24 56.93
CA GLY D 578 -24.72 36.47 56.13
C GLY D 578 -24.22 36.26 54.71
N THR D 579 -24.36 35.03 54.20
CA THR D 579 -23.99 34.69 52.83
C THR D 579 -25.09 33.86 52.17
N SER D 580 -25.10 33.90 50.83
CA SER D 580 -26.12 33.27 50.00
C SER D 580 -25.54 32.18 49.10
N LYS D 581 -26.42 31.29 48.65
CA LYS D 581 -26.05 30.13 47.82
C LYS D 581 -25.19 30.53 46.64
N ILE D 582 -25.65 31.54 45.90
CA ILE D 582 -24.88 32.13 44.81
C ILE D 582 -23.48 32.61 45.25
N LYS D 583 -23.40 33.28 46.39
CA LYS D 583 -22.11 33.84 46.86
C LYS D 583 -21.15 32.76 47.34
N MET D 584 -21.65 31.78 48.10
CA MET D 584 -20.78 30.67 48.53
C MET D 584 -20.45 29.67 47.40
N LYS D 585 -21.36 29.50 46.44
CA LYS D 585 -21.09 28.71 45.22
C LYS D 585 -19.89 29.27 44.45
N TRP D 586 -19.88 30.58 44.22
CA TRP D 586 -18.75 31.25 43.55
C TRP D 586 -17.52 31.33 44.45
N GLY D 587 -17.74 31.31 45.76
CA GLY D 587 -16.66 31.11 46.73
C GLY D 587 -15.97 29.76 46.60
N MET D 588 -16.77 28.70 46.38
CA MET D 588 -16.21 27.36 46.13
C MET D 588 -15.32 27.32 44.88
N GLU D 589 -15.75 28.03 43.83
CA GLU D 589 -15.07 28.05 42.54
C GLU D 589 -13.97 29.13 42.42
N MET D 590 -13.47 29.64 43.55
CA MET D 590 -12.48 30.73 43.53
C MET D 590 -11.14 30.30 42.93
N ARG D 591 -10.83 29.02 42.97
CA ARG D 591 -9.60 28.48 42.36
C ARG D 591 -9.36 28.94 40.91
N ARG D 592 -10.42 29.23 40.15
CA ARG D 592 -10.29 29.76 38.79
C ARG D 592 -9.65 31.17 38.71
N CYS D 593 -9.52 31.86 39.85
CA CYS D 593 -8.77 33.12 39.92
C CYS D 593 -7.33 33.02 39.43
N LEU D 594 -6.71 31.84 39.59
CA LEU D 594 -5.37 31.59 39.08
C LEU D 594 -5.29 31.76 37.56
N LEU D 595 -6.28 31.22 36.86
CA LEU D 595 -6.29 31.20 35.39
C LEU D 595 -6.32 32.60 34.76
N GLN D 596 -7.12 33.50 35.34
CA GLN D 596 -7.20 34.91 34.89
C GLN D 596 -5.84 35.59 34.91
N SER D 597 -5.05 35.30 35.95
CA SER D 597 -3.68 35.80 36.07
C SER D 597 -2.74 35.07 35.12
N LEU D 598 -2.71 33.74 35.24
CA LEU D 598 -1.72 32.92 34.53
C LEU D 598 -1.88 32.89 33.01
N GLN D 599 -3.11 32.97 32.52
CA GLN D 599 -3.37 33.12 31.08
C GLN D 599 -2.80 34.44 30.58
N GLN D 600 -3.07 35.52 31.34
CA GLN D 600 -2.56 36.85 31.02
C GLN D 600 -1.04 36.93 31.09
N VAL D 601 -0.44 36.27 32.09
CA VAL D 601 1.03 36.19 32.19
C VAL D 601 1.57 35.40 31.01
N GLU D 602 1.01 34.21 30.78
CA GLU D 602 1.46 33.30 29.71
C GLU D 602 1.33 33.94 28.32
N SER D 603 0.26 34.70 28.10
CA SER D 603 0.10 35.45 26.85
C SER D 603 1.21 36.48 26.63
N MET D 604 1.66 37.13 27.71
CA MET D 604 2.76 38.09 27.65
C MET D 604 4.12 37.41 27.37
N ILE D 605 4.28 36.19 27.86
CA ILE D 605 5.46 35.37 27.58
C ILE D 605 5.44 34.91 26.13
N GLU D 606 4.31 34.31 25.72
CA GLU D 606 4.12 33.84 24.34
C GLU D 606 4.14 34.97 23.30
N ALA D 607 3.76 36.18 23.71
CA ALA D 607 3.89 37.37 22.83
C ALA D 607 5.36 37.63 22.45
N GLU D 608 6.24 37.55 23.45
CA GLU D 608 7.69 37.70 23.22
C GLU D 608 8.33 36.44 22.62
N SER D 609 7.84 35.26 22.99
CA SER D 609 8.37 33.99 22.47
C SER D 609 8.32 33.90 20.94
N ALA D 610 7.20 34.36 20.37
CA ALA D 610 6.98 34.35 18.92
C ALA D 610 7.99 35.21 18.19
N VAL D 611 8.10 36.47 18.61
CA VAL D 611 9.04 37.42 18.01
C VAL D 611 10.50 37.06 18.29
N LYS D 612 10.80 36.53 19.48
CA LYS D 612 12.18 36.12 19.80
C LYS D 612 12.57 34.76 19.19
N GLU D 613 11.56 33.97 18.79
CA GLU D 613 11.76 32.64 18.20
C GLU D 613 12.46 31.66 19.15
N LYS D 614 12.01 31.67 20.41
CA LYS D 614 12.61 30.87 21.46
C LYS D 614 11.65 30.80 22.64
N ASP D 615 11.73 29.73 23.42
CA ASP D 615 10.94 29.59 24.64
C ASP D 615 11.42 30.59 25.70
N MET D 616 10.77 31.75 25.74
CA MET D 616 11.12 32.82 26.69
C MET D 616 10.71 32.54 28.15
N THR D 617 9.97 31.45 28.38
CA THR D 617 9.65 30.95 29.73
C THR D 617 10.77 31.14 30.75
N GLU D 618 11.93 30.54 30.50
CA GLU D 618 13.03 30.55 31.47
C GLU D 618 13.72 31.92 31.57
N PRO D 619 14.09 32.55 30.41
CA PRO D 619 14.66 33.91 30.49
C PRO D 619 13.74 35.05 30.98
N PHE D 620 12.47 34.77 31.25
CA PHE D 620 11.58 35.73 31.91
C PHE D 620 11.70 35.64 33.43
N PHE D 621 11.59 34.42 33.96
CA PHE D 621 11.67 34.18 35.40
C PHE D 621 13.10 34.24 35.93
N ARG D 622 14.00 33.51 35.26
CA ARG D 622 15.36 33.30 35.76
C ARG D 622 16.22 34.56 35.59
N ASN D 623 16.24 35.10 34.37
CA ASN D 623 16.92 36.37 34.09
C ASN D 623 16.05 37.51 34.65
N ARG D 624 16.33 37.88 35.89
CA ARG D 624 15.51 38.84 36.62
C ARG D 624 15.77 40.27 36.13
N GLU D 625 14.71 40.91 35.63
CA GLU D 625 14.78 42.31 35.18
C GLU D 625 13.48 43.03 35.59
N ASN D 626 13.64 44.17 36.27
CA ASN D 626 12.48 45.00 36.67
C ASN D 626 12.04 45.86 35.49
N ASP D 627 11.05 45.37 34.73
CA ASP D 627 10.57 46.04 33.53
C ASP D 627 9.05 45.87 33.28
N TRP D 628 8.26 45.94 34.37
CA TRP D 628 6.80 46.02 34.28
C TRP D 628 6.26 46.94 35.39
N PRO D 629 5.64 48.08 35.04
CA PRO D 629 5.14 48.98 36.07
C PRO D 629 3.94 48.39 36.83
N ILE D 630 4.17 47.99 38.09
CA ILE D 630 3.13 47.35 38.92
C ILE D 630 2.78 48.08 40.23
N GLY D 631 3.55 49.11 40.59
CA GLY D 631 3.31 49.86 41.83
C GLY D 631 3.83 51.28 41.76
N GLU D 632 3.41 52.09 42.73
CA GLU D 632 3.78 53.51 42.81
C GLU D 632 4.25 53.84 44.23
N SER D 633 5.53 54.14 44.37
CA SER D 633 6.16 54.50 45.65
C SER D 633 6.31 56.02 45.77
N PRO D 634 6.73 56.54 46.96
CA PRO D 634 7.01 57.98 47.12
C PRO D 634 8.00 58.59 46.12
N GLN D 635 8.95 57.79 45.62
CA GLN D 635 9.90 58.26 44.60
C GLN D 635 9.22 58.43 43.24
N GLY D 636 8.50 57.40 42.81
CA GLY D 636 7.81 57.41 41.51
C GLY D 636 7.04 56.13 41.24
N ILE D 637 7.10 55.66 39.99
CA ILE D 637 6.41 54.44 39.57
C ILE D 637 7.42 53.29 39.54
N GLU D 638 7.29 52.36 40.49
CA GLU D 638 8.21 51.24 40.64
C GLU D 638 7.87 50.11 39.67
N LYS D 639 8.91 49.54 39.08
CA LYS D 639 8.77 48.41 38.15
C LYS D 639 9.08 47.10 38.87
N GLY D 640 8.42 46.02 38.42
CA GLY D 640 8.59 44.68 38.98
C GLY D 640 8.78 43.63 37.89
N THR D 641 8.98 42.39 38.32
CA THR D 641 9.25 41.26 37.42
C THR D 641 7.99 40.45 37.12
N ILE D 642 8.11 39.56 36.13
CA ILE D 642 7.02 38.67 35.71
C ILE D 642 6.41 37.85 36.87
N GLY D 643 7.24 37.49 37.86
CA GLY D 643 6.79 36.84 39.08
C GLY D 643 5.95 37.76 39.96
N LYS D 644 6.35 39.03 40.05
CA LYS D 644 5.57 40.04 40.76
C LYS D 644 4.25 40.32 40.02
N VAL D 645 4.32 40.41 38.69
CA VAL D 645 3.13 40.64 37.85
C VAL D 645 2.09 39.54 38.06
N CYS D 646 2.57 38.29 38.10
CA CYS D 646 1.71 37.12 38.37
C CYS D 646 0.90 37.28 39.66
N ARG D 647 1.60 37.62 40.75
CA ARG D 647 0.95 37.78 42.06
C ARG D 647 0.09 39.04 42.15
N VAL D 648 0.55 40.14 41.53
CA VAL D 648 -0.22 41.38 41.46
C VAL D 648 -1.55 41.13 40.72
N LEU D 649 -1.46 40.53 39.54
CA LEU D 649 -2.65 40.20 38.74
C LEU D 649 -3.51 39.11 39.39
N LEU D 650 -2.88 38.19 40.14
CA LEU D 650 -3.62 37.20 40.93
C LEU D 650 -4.43 37.89 42.03
N ALA D 651 -3.77 38.75 42.79
CA ALA D 651 -4.41 39.50 43.88
C ALA D 651 -5.66 40.26 43.41
N LYS D 652 -5.57 40.90 42.24
CA LYS D 652 -6.71 41.60 41.62
C LYS D 652 -7.84 40.61 41.34
N SER D 653 -7.48 39.48 40.74
CA SER D 653 -8.44 38.41 40.41
C SER D 653 -9.12 37.84 41.66
N VAL D 654 -8.37 37.72 42.75
CA VAL D 654 -8.94 37.29 44.03
C VAL D 654 -9.85 38.37 44.63
N PHE D 655 -9.34 39.59 44.73
CA PHE D 655 -10.10 40.72 45.30
C PHE D 655 -11.38 41.02 44.52
N ASN D 656 -11.36 40.84 43.20
CA ASN D 656 -12.58 40.89 42.39
C ASN D 656 -13.59 39.83 42.85
N SER D 657 -13.10 38.63 43.19
CA SER D 657 -13.95 37.54 43.69
C SER D 657 -14.46 37.78 45.10
N ILE D 658 -13.60 38.30 45.98
CA ILE D 658 -13.97 38.56 47.38
C ILE D 658 -14.92 39.76 47.46
N TYR D 659 -14.51 40.89 46.88
CA TYR D 659 -15.33 42.12 46.89
C TYR D 659 -16.20 42.20 45.64
N ALA D 660 -16.98 41.14 45.41
CA ALA D 660 -17.84 41.03 44.24
C ALA D 660 -19.12 41.81 44.51
N SER D 661 -19.44 42.72 43.60
CA SER D 661 -20.57 43.64 43.76
C SER D 661 -21.05 44.17 42.42
N ALA D 662 -22.26 44.71 42.43
CA ALA D 662 -22.83 45.40 41.27
C ALA D 662 -22.03 46.65 40.89
N GLN D 663 -21.45 47.30 41.90
CA GLN D 663 -20.69 48.53 41.74
C GLN D 663 -19.40 48.28 40.94
N LEU D 664 -18.67 47.24 41.33
CA LEU D 664 -17.49 46.77 40.59
C LEU D 664 -17.85 46.41 39.16
N GLU D 665 -18.92 45.63 39.03
CA GLU D 665 -19.43 45.17 37.74
C GLU D 665 -19.74 46.34 36.80
N GLY D 666 -20.46 47.33 37.32
CA GLY D 666 -20.79 48.54 36.56
C GLY D 666 -19.59 49.43 36.27
N PHE D 667 -18.76 49.65 37.29
CA PHE D 667 -17.54 50.46 37.16
C PHE D 667 -16.60 49.91 36.09
N SER D 668 -16.29 48.62 36.22
CA SER D 668 -15.34 47.94 35.34
C SER D 668 -15.70 48.07 33.86
N ALA D 669 -16.98 47.91 33.56
CA ALA D 669 -17.49 48.02 32.18
C ALA D 669 -17.32 49.43 31.61
N GLU D 670 -17.71 50.44 32.38
CA GLU D 670 -17.68 51.83 31.92
C GLU D 670 -16.27 52.44 31.92
N SER D 671 -15.44 52.11 32.91
CA SER D 671 -14.05 52.60 32.93
C SER D 671 -13.21 52.08 31.75
N ARG D 672 -13.54 50.86 31.31
CA ARG D 672 -12.91 50.24 30.13
C ARG D 672 -13.00 51.10 28.87
N LYS D 673 -14.12 51.79 28.69
CA LYS D 673 -14.34 52.67 27.53
C LYS D 673 -13.36 53.86 27.55
N LEU D 674 -13.13 54.41 28.74
CA LEU D 674 -12.17 55.49 28.93
C LEU D 674 -10.73 54.97 28.80
N LEU D 675 -10.47 53.79 29.39
CA LEU D 675 -9.18 53.09 29.19
C LEU D 675 -8.85 52.88 27.71
N LEU D 676 -9.85 52.42 26.95
CA LEU D 676 -9.72 52.23 25.49
C LEU D 676 -9.49 53.54 24.74
N LEU D 677 -10.14 54.62 25.18
CA LEU D 677 -9.91 55.96 24.61
C LEU D 677 -8.47 56.44 24.83
N ILE D 678 -7.98 56.27 26.06
CA ILE D 678 -6.58 56.59 26.38
C ILE D 678 -5.61 55.79 25.48
N GLN D 679 -5.90 54.49 25.32
CA GLN D 679 -5.11 53.63 24.44
C GLN D 679 -5.22 54.02 22.96
N ALA D 680 -6.40 54.46 22.51
CA ALA D 680 -6.60 54.95 21.14
C ALA D 680 -5.90 56.29 20.90
N PHE D 681 -5.82 57.12 21.94
CA PHE D 681 -5.00 58.34 21.88
C PHE D 681 -3.53 57.97 21.83
N ARG D 682 -3.09 57.09 22.73
CA ARG D 682 -1.67 56.71 22.80
C ARG D 682 -1.20 55.91 21.57
N ASP D 683 -2.12 55.20 20.92
CA ASP D 683 -1.89 54.60 19.59
C ASP D 683 -1.81 55.64 18.47
N ASN D 684 -2.28 56.86 18.74
CA ASN D 684 -2.28 58.00 17.81
C ASN D 684 -3.39 57.80 16.77
N LEU D 685 -4.60 57.56 17.27
CA LEU D 685 -5.78 57.40 16.39
C LEU D 685 -6.82 58.51 16.55
N ASP D 686 -6.37 59.73 16.88
CA ASP D 686 -7.21 60.93 16.97
C ASP D 686 -8.63 60.66 17.54
N PRO D 687 -8.70 60.11 18.77
CA PRO D 687 -9.99 59.68 19.31
C PRO D 687 -10.93 60.83 19.65
N GLY D 688 -12.20 60.50 19.84
CA GLY D 688 -13.24 61.47 20.18
C GLY D 688 -14.43 60.86 20.89
N THR D 689 -15.19 61.69 21.58
CA THR D 689 -16.40 61.28 22.29
C THR D 689 -17.55 62.21 21.94
N PHE D 690 -18.76 61.65 21.93
CA PHE D 690 -19.97 62.42 21.65
C PHE D 690 -20.45 63.13 22.91
N ASP D 691 -20.32 62.46 24.05
CA ASP D 691 -20.64 63.03 25.36
C ASP D 691 -19.70 62.43 26.41
N LEU D 692 -18.61 63.13 26.69
CA LEU D 692 -17.60 62.67 27.66
C LEU D 692 -18.13 62.69 29.10
N LYS D 693 -18.73 63.82 29.48
CA LYS D 693 -19.19 64.03 30.86
C LYS D 693 -20.39 63.15 31.23
N GLY D 694 -21.14 62.69 30.22
CA GLY D 694 -22.20 61.69 30.40
C GLY D 694 -21.65 60.32 30.77
N LEU D 695 -20.51 59.96 30.19
CA LEU D 695 -19.80 58.72 30.54
C LEU D 695 -19.29 58.79 31.99
N TYR D 696 -18.57 59.87 32.29
CA TYR D 696 -18.09 60.15 33.66
C TYR D 696 -19.17 59.98 34.73
N GLU D 697 -20.37 60.48 34.44
CA GLU D 697 -21.53 60.30 35.33
C GLU D 697 -21.90 58.82 35.49
N ALA D 698 -21.87 58.07 34.39
CA ALA D 698 -22.14 56.63 34.43
C ALA D 698 -21.05 55.84 35.17
N ILE D 699 -19.79 56.31 35.10
CA ILE D 699 -18.68 55.73 35.87
C ILE D 699 -18.84 56.05 37.36
N GLU D 700 -19.03 57.34 37.66
CA GLU D 700 -19.14 57.82 39.04
C GLU D 700 -20.41 57.38 39.76
N GLU D 701 -21.49 57.11 39.00
CA GLU D 701 -22.72 56.53 39.56
C GLU D 701 -22.45 55.20 40.28
N CYS D 702 -21.55 54.40 39.71
CA CYS D 702 -21.19 53.09 40.27
C CYS D 702 -20.37 53.16 41.57
N ILE D 703 -19.52 54.18 41.71
CA ILE D 703 -18.62 54.29 42.86
C ILE D 703 -19.43 54.82 44.05
N ILE D 704 -19.75 53.93 45.00
CA ILE D 704 -20.63 54.26 46.13
C ILE D 704 -19.96 53.93 47.48
N ASN D 705 -20.01 52.67 47.92
CA ASN D 705 -19.53 52.26 49.25
C ASN D 705 -18.50 51.12 49.29
N ASP D 706 -18.33 50.39 48.19
CA ASP D 706 -17.49 49.19 48.17
C ASP D 706 -16.01 49.61 48.21
N PRO D 707 -15.23 49.10 49.20
CA PRO D 707 -13.81 49.49 49.31
C PRO D 707 -12.96 49.22 48.06
N TRP D 708 -13.23 48.09 47.41
CA TRP D 708 -12.50 47.64 46.22
C TRP D 708 -12.75 48.56 45.01
N VAL D 709 -14.01 48.93 44.82
CA VAL D 709 -14.42 49.86 43.75
C VAL D 709 -13.75 51.22 43.94
N LEU D 710 -13.76 51.69 45.19
CA LEU D 710 -13.10 52.94 45.57
C LEU D 710 -11.59 52.89 45.33
N LEU D 711 -10.97 51.74 45.62
CA LEU D 711 -9.54 51.52 45.36
C LEU D 711 -9.22 51.49 43.87
N ASN D 712 -10.04 50.75 43.11
CA ASN D 712 -9.90 50.74 41.63
C ASN D 712 -10.11 52.13 41.01
N ALA D 713 -11.10 52.86 41.51
CA ALA D 713 -11.36 54.24 41.10
C ALA D 713 -10.16 55.16 41.32
N SER D 714 -9.49 55.01 42.47
CA SER D 714 -8.26 55.74 42.77
C SER D 714 -7.10 55.27 41.88
N TRP D 715 -6.97 53.96 41.74
CA TRP D 715 -5.99 53.36 40.82
C TRP D 715 -6.11 53.93 39.39
N PHE D 716 -7.36 54.10 38.93
CA PHE D 716 -7.60 54.72 37.63
C PHE D 716 -7.05 56.16 37.55
N ASN D 717 -7.23 56.93 38.62
CA ASN D 717 -6.70 58.30 38.69
C ASN D 717 -5.16 58.27 38.74
N SER D 718 -4.62 57.37 39.56
CA SER D 718 -3.17 57.15 39.64
C SER D 718 -2.56 56.76 38.29
N PHE D 719 -3.27 55.93 37.52
CA PHE D 719 -2.90 55.63 36.12
C PHE D 719 -3.01 56.90 35.25
N LEU D 720 -4.16 57.56 35.33
CA LEU D 720 -4.44 58.75 34.52
C LEU D 720 -3.38 59.84 34.67
N LYS D 721 -2.99 60.12 35.93
CA LYS D 721 -1.90 61.08 36.18
C LYS D 721 -0.54 60.55 35.68
N ALA D 722 -0.29 59.26 35.92
CA ALA D 722 0.93 58.60 35.47
C ALA D 722 1.12 58.64 33.95
N VAL D 723 0.01 58.60 33.21
CA VAL D 723 0.06 58.83 31.75
C VAL D 723 0.40 60.29 31.46
N GLN D 724 -0.39 61.20 32.04
CA GLN D 724 -0.25 62.65 31.84
C GLN D 724 1.16 63.18 32.11
N LEU D 725 1.79 62.70 33.18
CA LEU D 725 3.16 63.11 33.50
C LEU D 725 4.19 62.60 32.47
N SER D 726 4.04 61.34 32.07
CA SER D 726 4.96 60.73 31.09
C SER D 726 4.78 61.25 29.66
N MET D 727 3.54 61.59 29.31
CA MET D 727 3.20 61.97 27.94
C MET D 727 3.65 63.40 27.60
N GLY D 728 3.08 64.38 28.30
CA GLY D 728 3.35 65.79 28.03
C GLY D 728 4.58 66.29 28.76
N MET E 10 5.95 51.42 49.15
CA MET E 10 5.37 51.22 47.79
C MET E 10 3.92 50.73 47.88
N ASP E 11 3.05 51.35 47.07
CA ASP E 11 1.65 50.92 46.92
C ASP E 11 1.49 50.21 45.57
N VAL E 12 0.86 49.03 45.59
CA VAL E 12 0.65 48.24 44.37
C VAL E 12 -0.55 48.81 43.60
N ASN E 13 -0.43 48.79 42.27
CA ASN E 13 -1.48 49.30 41.38
C ASN E 13 -1.40 48.54 40.03
N PRO E 14 -2.21 47.48 39.86
CA PRO E 14 -2.13 46.64 38.63
C PRO E 14 -2.43 47.39 37.33
N MET E 15 -3.38 48.33 37.38
CA MET E 15 -3.72 49.16 36.22
C MET E 15 -2.56 50.02 35.68
N LEU E 16 -1.45 50.11 36.41
CA LEU E 16 -0.20 50.64 35.86
C LEU E 16 0.39 49.78 34.73
N ILE E 17 0.09 48.47 34.71
CA ILE E 17 0.50 47.58 33.59
C ILE E 17 0.17 48.22 32.23
N PHE E 18 -1.02 48.83 32.16
CA PHE E 18 -1.50 49.53 30.95
C PHE E 18 -0.61 50.67 30.46
N LEU E 19 0.35 51.13 31.27
CA LEU E 19 1.43 52.01 30.81
C LEU E 19 2.30 51.29 29.77
N LYS E 20 2.69 50.05 30.07
CA LYS E 20 3.55 49.29 29.15
C LYS E 20 2.73 48.49 28.15
N VAL E 21 1.82 47.66 28.67
CA VAL E 21 1.04 46.75 27.82
C VAL E 21 -0.20 47.48 27.28
N PRO E 22 -0.51 47.33 25.98
CA PRO E 22 -1.76 47.91 25.48
C PRO E 22 -3.02 47.32 26.14
N VAL E 23 -4.05 48.15 26.28
CA VAL E 23 -5.30 47.79 26.97
C VAL E 23 -5.96 46.57 26.33
N GLN E 24 -6.03 46.56 25.00
CA GLN E 24 -6.60 45.44 24.26
C GLN E 24 -5.82 44.13 24.46
N ASN E 25 -4.49 44.21 24.45
CA ASN E 25 -3.63 43.03 24.67
C ASN E 25 -3.77 42.45 26.09
N ALA E 26 -4.06 43.31 27.07
CA ALA E 26 -4.29 42.87 28.46
C ALA E 26 -5.73 43.08 28.93
N ILE E 27 -6.68 43.03 27.98
CA ILE E 27 -8.09 43.30 28.26
C ILE E 27 -8.72 42.32 29.27
N SER E 28 -8.17 41.11 29.39
CA SER E 28 -8.61 40.11 30.38
C SER E 28 -8.64 40.65 31.82
N THR E 29 -7.66 41.47 32.17
CA THR E 29 -7.54 42.00 33.55
C THR E 29 -8.63 43.00 33.93
N THR E 30 -9.27 43.62 32.95
CA THR E 30 -10.36 44.57 33.20
C THR E 30 -11.68 43.89 33.61
N PHE E 31 -11.93 42.69 33.08
CA PHE E 31 -13.14 41.93 33.42
C PHE E 31 -13.00 41.25 34.78
N PRO E 32 -13.88 41.58 35.76
CA PRO E 32 -13.82 40.97 37.08
C PRO E 32 -14.80 39.78 37.19
N TYR E 33 -14.69 38.85 36.26
CA TYR E 33 -15.70 37.79 36.08
C TYR E 33 -15.40 36.53 36.91
N THR E 34 -14.36 36.56 37.73
CA THR E 34 -14.05 35.48 38.67
C THR E 34 -14.97 35.47 39.90
N GLY E 35 -15.58 36.61 40.21
CA GLY E 35 -16.56 36.72 41.30
C GLY E 35 -17.98 36.47 40.86
N ASP E 36 -18.90 36.40 41.82
CA ASP E 36 -20.32 36.18 41.54
C ASP E 36 -20.95 37.39 40.82
N PRO E 37 -21.98 37.15 39.99
CA PRO E 37 -22.62 38.26 39.29
C PRO E 37 -23.77 38.87 40.11
N PRO E 38 -24.27 40.05 39.69
CA PRO E 38 -25.38 40.67 40.40
C PRO E 38 -26.72 40.01 40.07
N TYR E 39 -27.47 39.64 41.12
CA TYR E 39 -28.82 39.07 40.98
C TYR E 39 -29.85 40.09 41.46
N SER E 40 -31.03 40.09 40.83
CA SER E 40 -32.18 40.82 41.31
C SER E 40 -32.90 39.95 42.33
N HIS E 41 -33.20 40.51 43.51
CA HIS E 41 -33.79 39.74 44.61
C HIS E 41 -35.30 39.62 44.46
N GLY E 42 -36.00 40.75 44.57
CA GLY E 42 -37.46 40.77 44.63
C GLY E 42 -38.12 40.87 43.27
N THR E 43 -39.30 41.48 43.25
CA THR E 43 -40.14 41.56 42.05
C THR E 43 -39.66 42.63 41.06
N GLY E 44 -39.90 42.37 39.78
CA GLY E 44 -39.55 43.30 38.70
C GLY E 44 -40.57 44.38 38.41
N THR E 45 -41.71 44.34 39.10
CA THR E 45 -42.79 45.31 38.93
C THR E 45 -42.30 46.76 38.93
N GLY E 46 -41.37 47.08 39.83
CA GLY E 46 -40.75 48.40 39.88
C GLY E 46 -39.99 48.79 38.62
N TYR E 47 -39.30 47.82 38.02
CA TYR E 47 -38.54 48.04 36.78
C TYR E 47 -39.45 48.07 35.55
N THR E 48 -40.44 47.18 35.53
CA THR E 48 -41.42 47.08 34.43
C THR E 48 -42.16 48.41 34.18
N MET E 49 -42.70 48.97 35.26
CA MET E 49 -43.40 50.26 35.20
C MET E 49 -42.49 51.38 34.67
N ASP E 50 -41.23 51.38 35.09
CA ASP E 50 -40.24 52.35 34.60
C ASP E 50 -40.02 52.18 33.10
N THR E 51 -39.90 50.93 32.63
CA THR E 51 -39.81 50.64 31.19
C THR E 51 -41.06 51.11 30.44
N VAL E 52 -42.24 50.80 31.00
CA VAL E 52 -43.51 51.23 30.40
C VAL E 52 -43.62 52.77 30.32
N ILE E 53 -43.17 53.44 31.38
CA ILE E 53 -43.19 54.92 31.43
C ILE E 53 -42.21 55.53 30.44
N ARG E 54 -40.97 55.05 30.42
CA ARG E 54 -39.95 55.57 29.47
C ARG E 54 -40.39 55.44 28.01
N THR E 55 -40.99 54.29 27.67
CA THR E 55 -41.48 54.04 26.30
C THR E 55 -42.51 55.09 25.85
N HIS E 56 -43.49 55.39 26.71
CA HIS E 56 -44.48 56.44 26.43
C HIS E 56 -43.90 57.85 26.53
N ASP E 57 -42.94 58.04 27.43
CA ASP E 57 -42.25 59.33 27.60
C ASP E 57 -41.39 59.71 26.38
N TYR E 58 -40.72 58.72 25.77
CA TYR E 58 -39.97 58.96 24.52
C TYR E 58 -40.88 59.18 23.30
N SER E 59 -42.13 58.73 23.40
CA SER E 59 -43.15 58.92 22.36
C SER E 59 -44.23 59.96 22.74
N SER E 60 -44.01 60.71 23.82
CA SER E 60 -45.02 61.60 24.43
C SER E 60 -45.75 62.55 23.47
N ARG E 61 -45.01 63.16 22.54
CA ARG E 61 -45.62 64.07 21.53
C ARG E 61 -46.48 63.37 20.46
N GLY E 62 -46.48 62.03 20.43
CA GLY E 62 -47.34 61.28 19.51
C GLY E 62 -48.83 61.43 19.76
N ILE E 63 -49.62 60.90 18.82
CA ILE E 63 -51.07 61.03 18.86
C ILE E 63 -51.67 59.83 19.61
N TRP E 64 -52.50 60.12 20.59
CA TRP E 64 -53.21 59.08 21.37
C TRP E 64 -54.43 58.57 20.61
N LYS E 65 -54.91 57.40 21.04
CA LYS E 65 -56.21 56.86 20.62
C LYS E 65 -56.61 55.70 21.51
N THR E 66 -57.88 55.30 21.46
CA THR E 66 -58.39 54.16 22.22
C THR E 66 -58.76 53.04 21.25
N ASN E 67 -58.41 51.80 21.62
CA ASN E 67 -58.61 50.64 20.76
C ASN E 67 -60.07 50.17 20.81
N SER E 68 -60.57 49.70 19.67
CA SER E 68 -61.97 49.29 19.53
C SER E 68 -62.28 48.02 20.33
N GLU E 69 -61.36 47.05 20.29
CA GLU E 69 -61.55 45.75 20.95
C GLU E 69 -60.93 45.72 22.36
N THR E 70 -59.67 46.15 22.45
CA THR E 70 -58.94 46.15 23.71
C THR E 70 -59.48 47.16 24.73
N GLY E 71 -59.84 48.35 24.23
CA GLY E 71 -60.24 49.47 25.08
C GLY E 71 -59.09 50.08 25.85
N ALA E 72 -57.88 50.00 25.28
CA ALA E 72 -56.65 50.49 25.91
C ALA E 72 -56.21 51.78 25.24
N GLN E 73 -55.56 52.65 26.01
CA GLN E 73 -54.95 53.86 25.44
C GLN E 73 -53.65 53.50 24.71
N GLN E 74 -53.61 53.83 23.41
CA GLN E 74 -52.51 53.44 22.52
C GLN E 74 -51.88 54.66 21.86
N LEU E 75 -50.64 54.95 22.26
CA LEU E 75 -49.88 56.11 21.76
C LEU E 75 -49.25 55.79 20.40
N ASN E 76 -49.37 56.70 19.45
CA ASN E 76 -49.00 56.46 18.05
C ASN E 76 -47.98 57.49 17.53
N PRO E 77 -46.68 57.30 17.89
CA PRO E 77 -45.65 58.29 17.54
C PRO E 77 -45.21 58.31 16.07
N ILE E 78 -45.18 57.15 15.42
CA ILE E 78 -44.82 57.05 13.98
C ILE E 78 -45.54 58.12 13.14
N ASP E 79 -44.79 58.75 12.22
CA ASP E 79 -45.26 59.92 11.46
C ASP E 79 -45.71 61.08 12.37
N GLY E 80 -45.01 61.26 13.49
CA GLY E 80 -45.28 62.34 14.44
C GLY E 80 -44.39 63.53 14.15
N PRO E 81 -44.27 64.46 15.12
CA PRO E 81 -43.40 65.62 14.93
C PRO E 81 -41.92 65.24 14.98
N LEU E 82 -41.12 65.82 14.09
CA LEU E 82 -39.69 65.55 14.06
C LEU E 82 -39.04 66.05 15.36
N PRO E 83 -38.15 65.24 15.97
CA PRO E 83 -37.53 65.69 17.21
C PRO E 83 -36.48 66.77 16.96
N GLU E 84 -36.32 67.66 17.94
CA GLU E 84 -35.38 68.79 17.84
C GLU E 84 -34.44 68.84 19.06
N ASP E 85 -33.97 67.65 19.44
CA ASP E 85 -33.01 67.49 20.54
C ASP E 85 -32.38 66.10 20.51
N ASN E 86 -31.23 65.94 21.15
CA ASN E 86 -30.46 64.69 21.13
C ASN E 86 -31.02 63.58 22.04
N GLU E 87 -32.11 63.84 22.77
CA GLU E 87 -32.73 62.84 23.64
C GLU E 87 -33.36 61.71 22.81
N PRO E 88 -33.51 60.50 23.40
CA PRO E 88 -34.14 59.39 22.67
C PRO E 88 -35.58 59.68 22.23
N SER E 89 -35.90 59.29 20.99
CA SER E 89 -37.17 59.63 20.35
C SER E 89 -37.81 58.39 19.71
N GLY E 90 -39.11 58.22 19.94
CA GLY E 90 -39.92 57.23 19.22
C GLY E 90 -40.53 57.77 17.92
N TYR E 91 -40.21 59.01 17.56
CA TYR E 91 -40.86 59.71 16.45
C TYR E 91 -40.12 59.36 15.16
N ALA E 92 -40.53 58.25 14.56
CA ALA E 92 -39.98 57.79 13.28
C ALA E 92 -40.87 58.24 12.14
N GLN E 93 -40.35 58.10 10.91
CA GLN E 93 -41.05 58.53 9.70
C GLN E 93 -41.15 57.39 8.68
N THR E 94 -42.38 56.99 8.35
CA THR E 94 -42.65 55.84 7.48
C THR E 94 -42.01 55.97 6.10
N ASP E 95 -42.16 57.15 5.50
CA ASP E 95 -41.57 57.45 4.19
C ASP E 95 -40.05 57.32 4.13
N CYS E 96 -39.37 57.54 5.26
CA CYS E 96 -37.92 57.33 5.35
C CYS E 96 -37.58 55.84 5.41
N VAL E 97 -38.30 55.10 6.24
CA VAL E 97 -38.12 53.64 6.36
C VAL E 97 -38.40 52.96 5.02
N LEU E 98 -39.53 53.31 4.41
CA LEU E 98 -39.87 52.77 3.09
C LEU E 98 -38.87 53.18 1.99
N GLU E 99 -38.17 54.29 2.17
CA GLU E 99 -37.04 54.65 1.30
C GLU E 99 -35.79 53.82 1.61
N LEU E 100 -35.53 53.56 2.89
CA LEU E 100 -34.41 52.69 3.30
C LEU E 100 -34.58 51.25 2.81
N ILE E 101 -35.77 50.70 3.00
CA ILE E 101 -36.08 49.32 2.58
C ILE E 101 -36.07 49.20 1.04
N GLU E 102 -36.55 50.23 0.35
CA GLU E 102 -36.41 50.34 -1.11
C GLU E 102 -34.95 50.40 -1.52
N GLY E 103 -34.18 51.25 -0.83
CA GLY E 103 -32.74 51.38 -1.04
C GLY E 103 -31.95 50.11 -0.82
N LEU E 104 -32.40 49.30 0.14
CA LEU E 104 -31.84 47.96 0.36
C LEU E 104 -32.12 47.01 -0.82
N ASP E 105 -33.35 47.07 -1.33
CA ASP E 105 -33.77 46.23 -2.47
C ASP E 105 -33.02 46.52 -3.77
N ARG E 106 -32.75 47.81 -4.05
CA ARG E 106 -31.89 48.19 -5.19
C ARG E 106 -30.48 47.63 -5.03
N SER E 107 -29.89 47.90 -3.86
CA SER E 107 -28.51 47.50 -3.57
C SER E 107 -28.31 45.98 -3.47
N HIS E 108 -29.37 45.25 -3.08
CA HIS E 108 -29.35 43.78 -3.08
C HIS E 108 -30.54 43.25 -3.92
N PRO E 109 -30.37 43.18 -5.26
CA PRO E 109 -31.49 42.83 -6.16
C PRO E 109 -31.95 41.39 -6.04
N GLY E 110 -33.27 41.20 -5.97
CA GLY E 110 -33.87 39.87 -5.84
C GLY E 110 -33.71 39.19 -4.49
N LEU E 111 -33.18 39.93 -3.50
CA LEU E 111 -32.91 39.39 -2.17
C LEU E 111 -34.20 39.08 -1.44
N PHE E 112 -35.17 39.98 -1.56
CA PHE E 112 -36.47 39.80 -0.91
C PHE E 112 -37.27 38.67 -1.55
N GLU E 113 -37.24 38.57 -2.87
CA GLU E 113 -37.92 37.49 -3.61
C GLU E 113 -37.49 36.10 -3.11
N THR E 114 -36.19 35.85 -3.18
CA THR E 114 -35.62 34.55 -2.83
C THR E 114 -35.79 34.22 -1.34
N ALA E 115 -35.66 35.23 -0.49
CA ALA E 115 -35.90 35.08 0.94
C ALA E 115 -37.36 34.79 1.27
N CYS E 116 -38.27 35.50 0.58
CA CYS E 116 -39.71 35.24 0.71
C CYS E 116 -40.08 33.84 0.22
N GLN E 117 -39.55 33.45 -0.94
CA GLN E 117 -39.84 32.13 -1.51
C GLN E 117 -39.42 30.96 -0.58
N GLU E 118 -38.31 31.14 0.14
CA GLU E 118 -37.88 30.16 1.14
C GLU E 118 -38.84 30.09 2.34
N THR E 119 -39.35 31.24 2.75
CA THR E 119 -40.34 31.32 3.84
C THR E 119 -41.68 30.69 3.41
N ILE E 120 -42.09 30.98 2.17
CA ILE E 120 -43.28 30.37 1.55
C ILE E 120 -43.27 28.83 1.69
N ASP E 121 -42.13 28.23 1.34
CA ASP E 121 -41.96 26.77 1.47
C ASP E 121 -42.05 26.34 2.93
N ALA E 122 -41.31 27.03 3.78
CA ALA E 122 -41.28 26.76 5.22
C ALA E 122 -42.66 26.81 5.88
N ILE E 123 -43.48 27.78 5.50
CA ILE E 123 -44.85 27.89 6.06
C ILE E 123 -45.68 26.65 5.75
N GLN E 124 -45.71 26.25 4.47
CA GLN E 124 -46.44 25.05 4.03
C GLN E 124 -45.83 23.76 4.59
N GLN E 125 -44.50 23.76 4.75
CA GLN E 125 -43.79 22.58 5.25
C GLN E 125 -43.95 22.36 6.77
N THR E 126 -43.82 23.43 7.56
CA THR E 126 -43.59 23.31 9.00
C THR E 126 -44.77 22.77 9.82
N ARG E 127 -44.45 21.90 10.78
CA ARG E 127 -45.41 21.27 11.68
C ARG E 127 -45.65 22.12 12.92
N VAL E 128 -46.74 21.82 13.65
CA VAL E 128 -46.98 22.39 14.98
C VAL E 128 -45.90 21.94 15.97
N ASP E 129 -45.47 20.67 15.82
CA ASP E 129 -44.32 20.08 16.54
C ASP E 129 -43.14 21.06 16.75
N LYS E 130 -42.85 21.86 15.74
CA LYS E 130 -41.79 22.87 15.77
C LYS E 130 -41.92 23.89 16.92
N LEU E 131 -43.15 24.24 17.28
CA LEU E 131 -43.39 25.32 18.26
C LEU E 131 -43.11 24.91 19.72
N THR E 132 -42.93 23.61 19.98
CA THR E 132 -42.51 23.10 21.29
C THR E 132 -41.06 23.46 21.63
N GLN E 133 -40.24 23.68 20.61
CA GLN E 133 -38.85 24.11 20.79
C GLN E 133 -38.78 25.53 21.31
N GLY E 134 -37.89 25.77 22.26
CA GLY E 134 -37.54 27.13 22.69
C GLY E 134 -37.74 27.43 24.16
N ARG E 135 -37.50 28.70 24.49
CA ARG E 135 -37.55 29.22 25.85
C ARG E 135 -38.98 29.25 26.39
N GLN E 136 -39.12 29.37 27.71
CA GLN E 136 -40.41 29.55 28.38
C GLN E 136 -41.26 30.63 27.72
N THR E 137 -42.55 30.35 27.57
CA THR E 137 -43.54 31.32 27.09
C THR E 137 -44.63 31.50 28.14
N TYR E 138 -45.40 32.59 28.00
CA TYR E 138 -46.52 32.88 28.89
C TYR E 138 -47.71 32.00 28.53
N ASP E 139 -48.09 31.10 29.44
CA ASP E 139 -49.25 30.24 29.23
C ASP E 139 -50.51 30.95 29.76
N TRP E 140 -51.23 31.59 28.84
CA TRP E 140 -52.50 32.28 29.16
C TRP E 140 -53.56 31.41 29.85
N THR E 141 -53.52 30.11 29.60
CA THR E 141 -54.37 29.13 30.29
C THR E 141 -54.23 29.18 31.81
N LEU E 142 -52.99 29.22 32.29
CA LEU E 142 -52.69 29.25 33.73
C LEU E 142 -52.12 30.58 34.22
N ASN E 143 -52.08 31.60 33.35
CA ASN E 143 -51.68 32.97 33.70
C ASN E 143 -50.27 33.07 34.32
N ARG E 144 -49.35 32.22 33.85
CA ARG E 144 -47.96 32.22 34.29
C ARG E 144 -47.02 31.70 33.20
N ASN E 145 -45.72 31.86 33.45
CA ASN E 145 -44.69 31.31 32.55
C ASN E 145 -44.63 29.79 32.70
N GLN E 146 -44.66 29.09 31.57
CA GLN E 146 -44.53 27.64 31.53
C GLN E 146 -43.55 27.29 30.40
N PRO E 147 -43.02 26.04 30.39
CA PRO E 147 -42.17 25.64 29.25
C PRO E 147 -42.95 25.51 27.93
N ALA E 148 -42.30 25.93 26.84
CA ALA E 148 -42.91 26.06 25.51
C ALA E 148 -43.81 24.89 25.09
N ALA E 149 -43.39 23.67 25.41
CA ALA E 149 -44.16 22.46 25.10
C ALA E 149 -45.53 22.45 25.78
N THR E 150 -45.56 22.80 27.07
CA THR E 150 -46.81 22.79 27.84
C THR E 150 -47.75 23.93 27.48
N ALA E 151 -47.18 25.10 27.19
CA ALA E 151 -47.98 26.25 26.74
C ALA E 151 -48.75 25.92 25.46
N LEU E 152 -48.08 25.25 24.52
CA LEU E 152 -48.70 24.78 23.28
C LEU E 152 -49.80 23.76 23.56
N ALA E 153 -49.49 22.77 24.40
CA ALA E 153 -50.45 21.71 24.75
C ALA E 153 -51.69 22.25 25.46
N ASN E 154 -51.49 23.18 26.38
CA ASN E 154 -52.59 23.84 27.10
C ASN E 154 -53.39 24.79 26.20
N THR E 155 -52.72 25.43 25.24
CA THR E 155 -53.41 26.26 24.25
C THR E 155 -54.26 25.40 23.30
N ILE E 156 -53.66 24.31 22.80
CA ILE E 156 -54.38 23.34 21.94
C ILE E 156 -55.52 22.64 22.71
N GLU E 157 -55.31 22.37 24.00
CA GLU E 157 -56.35 21.79 24.88
C GLU E 157 -57.64 22.62 24.83
N VAL E 158 -57.51 23.92 25.08
CA VAL E 158 -58.67 24.82 25.11
C VAL E 158 -59.24 25.03 23.70
N PHE E 159 -58.34 25.25 22.73
CA PHE E 159 -58.73 25.39 21.31
C PHE E 159 -59.57 24.19 20.84
N ARG E 160 -59.12 22.98 21.13
CA ARG E 160 -59.83 21.76 20.73
C ARG E 160 -61.08 21.47 21.59
N LYS E 161 -61.06 21.87 22.86
CA LYS E 161 -62.27 21.81 23.71
C LYS E 161 -63.35 22.77 23.20
N ASN E 162 -62.93 23.93 22.70
CA ASN E 162 -63.80 24.82 21.95
C ASN E 162 -63.85 24.35 20.48
N GLY E 163 -64.52 25.11 19.62
CA GLY E 163 -64.70 24.69 18.22
C GLY E 163 -63.50 24.74 17.27
N TYR E 164 -62.35 25.21 17.76
CA TYR E 164 -61.18 25.50 16.90
C TYR E 164 -60.22 24.32 16.82
N LYS E 165 -60.46 23.44 15.85
CA LYS E 165 -59.69 22.19 15.68
C LYS E 165 -59.17 21.98 14.25
N LEU E 166 -58.79 23.06 13.58
CA LEU E 166 -58.13 22.99 12.28
C LEU E 166 -56.70 22.46 12.42
N ASN E 167 -56.06 22.77 13.55
CA ASN E 167 -54.74 22.23 13.92
C ASN E 167 -54.61 20.69 13.92
N GLU E 168 -55.73 19.97 13.99
CA GLU E 168 -55.76 18.50 13.86
C GLU E 168 -55.06 17.95 12.61
N SER E 169 -54.95 18.76 11.54
CA SER E 169 -54.11 18.43 10.39
C SER E 169 -52.65 18.24 10.79
N GLY E 170 -52.14 19.12 11.65
CA GLY E 170 -50.79 19.03 12.20
C GLY E 170 -49.88 20.17 11.78
N ARG E 171 -50.11 20.72 10.59
CA ARG E 171 -49.30 21.81 10.05
C ARG E 171 -49.51 23.15 10.78
N LEU E 172 -48.42 23.92 10.89
CA LEU E 172 -48.37 25.13 11.73
C LEU E 172 -49.35 26.19 11.25
N ILE E 173 -49.31 26.45 9.95
CA ILE E 173 -50.25 27.36 9.27
C ILE E 173 -51.73 27.10 9.64
N ASP E 174 -52.10 25.83 9.79
CA ASP E 174 -53.47 25.48 10.22
C ASP E 174 -53.73 25.83 11.69
N PHE E 175 -52.71 25.70 12.54
CA PHE E 175 -52.80 26.17 13.94
C PHE E 175 -52.91 27.70 13.98
N LEU E 176 -52.10 28.38 13.18
CA LEU E 176 -52.17 29.85 13.08
C LEU E 176 -53.52 30.35 12.55
N LYS E 177 -54.16 29.55 11.70
CA LYS E 177 -55.55 29.81 11.29
C LYS E 177 -56.51 29.85 12.50
N ASP E 178 -56.36 28.91 13.42
CA ASP E 178 -57.20 28.86 14.63
C ASP E 178 -56.98 30.07 15.54
N VAL E 179 -55.74 30.55 15.62
CA VAL E 179 -55.37 31.66 16.52
C VAL E 179 -56.19 32.93 16.20
N LEU E 180 -56.34 33.24 14.92
CA LEU E 180 -57.14 34.40 14.50
C LEU E 180 -58.64 34.20 14.68
N LEU E 181 -59.11 32.97 14.47
CA LEU E 181 -60.52 32.62 14.69
C LEU E 181 -60.90 32.63 16.17
N SER E 182 -59.96 32.27 17.06
CA SER E 182 -60.19 32.23 18.51
C SER E 182 -60.63 33.57 19.13
N PHE E 183 -60.31 34.67 18.44
CA PHE E 183 -60.80 36.00 18.84
C PHE E 183 -62.31 36.18 18.62
N GLU E 184 -62.90 35.39 17.71
CA GLU E 184 -64.34 35.48 17.42
C GLU E 184 -65.25 34.90 18.52
N ASN E 185 -64.69 34.09 19.42
CA ASN E 185 -65.46 33.53 20.54
C ASN E 185 -65.79 34.63 21.54
N ASP E 186 -67.08 34.82 21.80
CA ASP E 186 -67.54 35.79 22.81
C ASP E 186 -67.19 35.34 24.25
N SER E 187 -67.40 34.06 24.53
CA SER E 187 -67.13 33.46 25.85
C SER E 187 -66.29 32.19 25.71
N MET E 188 -64.98 32.33 25.89
CA MET E 188 -64.04 31.22 25.71
C MET E 188 -63.98 30.36 26.98
N GLU E 189 -64.49 29.13 26.90
CA GLU E 189 -64.50 28.21 28.06
C GLU E 189 -63.11 27.64 28.32
N VAL E 190 -62.63 27.81 29.55
CA VAL E 190 -61.30 27.33 29.97
C VAL E 190 -61.42 26.57 31.29
N THR E 191 -60.78 25.39 31.35
CA THR E 191 -60.67 24.62 32.58
C THR E 191 -59.47 25.09 33.41
N THR E 192 -59.69 25.29 34.71
CA THR E 192 -58.63 25.69 35.65
C THR E 192 -58.69 24.78 36.89
N HIS E 193 -57.53 24.55 37.50
CA HIS E 193 -57.42 23.71 38.70
C HIS E 193 -58.07 24.37 39.92
N PHE E 194 -58.58 23.54 40.85
CA PHE E 194 -59.11 24.03 42.14
C PHE E 194 -58.92 23.00 43.25
N GLN E 195 -58.62 23.50 44.46
CA GLN E 195 -58.36 22.65 45.63
C GLN E 195 -59.67 22.21 46.32
N LYS E 196 -59.59 21.13 47.10
CA LYS E 196 -60.78 20.55 47.74
C LYS E 196 -60.38 19.67 48.94
N LYS E 197 -60.86 20.06 50.12
CA LYS E 197 -60.59 19.31 51.37
C LYS E 197 -61.55 18.14 51.55
N LYS E 198 -61.07 17.08 52.21
CA LYS E 198 -61.88 15.90 52.56
C LYS E 198 -61.44 15.32 53.90
N ARG E 199 -62.35 14.58 54.54
CA ARG E 199 -62.09 13.93 55.84
C ARG E 199 -62.03 12.40 55.72
N MET E 208 -59.66 8.85 61.72
CA MET E 208 -60.11 9.82 60.73
C MET E 208 -58.93 10.70 60.27
N ILE E 209 -58.71 10.74 58.96
CA ILE E 209 -57.61 11.50 58.36
C ILE E 209 -58.17 12.60 57.44
N THR E 210 -57.68 13.82 57.60
CA THR E 210 -58.16 14.97 56.82
C THR E 210 -57.23 15.21 55.62
N GLN E 211 -57.64 14.73 54.45
CA GLN E 211 -56.80 14.77 53.23
C GLN E 211 -57.37 15.72 52.17
N ARG E 212 -56.49 16.42 51.46
CA ARG E 212 -56.89 17.34 50.38
C ARG E 212 -56.64 16.74 49.00
N THR E 213 -57.44 17.18 48.02
CA THR E 213 -57.34 16.74 46.63
C THR E 213 -57.65 17.91 45.69
N ILE E 214 -57.09 17.85 44.47
CA ILE E 214 -57.23 18.93 43.48
C ILE E 214 -58.03 18.43 42.27
N GLY E 215 -58.96 19.27 41.79
CA GLY E 215 -59.89 18.90 40.71
C GLY E 215 -59.96 19.94 39.59
N LYS E 216 -61.06 19.93 38.85
CA LYS E 216 -61.27 20.83 37.70
C LYS E 216 -62.33 21.90 37.97
N LYS E 217 -62.25 23.01 37.23
CA LYS E 217 -63.28 24.06 37.27
C LYS E 217 -63.37 24.78 35.93
N ARG E 218 -64.56 24.74 35.32
CA ARG E 218 -64.84 25.45 34.07
C ARG E 218 -65.09 26.93 34.36
N VAL E 219 -64.36 27.80 33.66
CA VAL E 219 -64.54 29.25 33.77
C VAL E 219 -64.60 29.86 32.36
N LYS E 220 -65.48 30.83 32.16
CA LYS E 220 -65.63 31.50 30.85
C LYS E 220 -64.98 32.89 30.88
N LEU E 221 -64.20 33.18 29.83
CA LEU E 221 -63.56 34.48 29.64
C LEU E 221 -64.26 35.19 28.49
N THR E 222 -64.67 36.44 28.72
CA THR E 222 -65.25 37.28 27.65
C THR E 222 -64.19 37.74 26.64
N LYS E 223 -64.64 38.37 25.56
CA LYS E 223 -63.73 38.91 24.52
C LYS E 223 -62.58 39.74 25.09
N LYS E 224 -62.92 40.69 25.96
CA LYS E 224 -61.94 41.52 26.68
C LYS E 224 -60.91 40.63 27.40
N ASN E 225 -61.43 39.73 28.23
CA ASN E 225 -60.62 38.83 29.05
C ASN E 225 -59.69 37.94 28.22
N TYR E 226 -60.20 37.36 27.14
CA TYR E 226 -59.38 36.52 26.26
C TYR E 226 -58.38 37.35 25.45
N LEU E 227 -58.91 38.27 24.64
CA LEU E 227 -58.09 39.09 23.73
C LEU E 227 -56.92 39.78 24.42
N ILE E 228 -57.17 40.31 25.62
CA ILE E 228 -56.11 40.94 26.42
C ILE E 228 -55.09 39.90 26.92
N ARG E 229 -55.56 38.70 27.29
CA ARG E 229 -54.64 37.61 27.68
C ARG E 229 -53.80 37.08 26.51
N ALA E 230 -54.37 37.05 25.31
CA ALA E 230 -53.64 36.65 24.10
C ALA E 230 -52.51 37.63 23.74
N LEU E 231 -52.77 38.92 23.92
CA LEU E 231 -51.80 39.99 23.65
C LEU E 231 -50.98 40.40 24.89
N THR E 232 -50.94 39.54 25.91
CA THR E 232 -50.11 39.78 27.10
C THR E 232 -48.71 39.24 26.88
N LEU E 233 -47.71 40.08 27.14
CA LEU E 233 -46.33 39.66 27.28
C LEU E 233 -46.00 39.72 28.78
N ASN E 234 -45.57 38.60 29.36
CA ASN E 234 -45.22 38.54 30.78
C ASN E 234 -43.86 39.18 31.00
N THR E 235 -43.57 39.58 32.24
CA THR E 235 -42.31 40.25 32.58
C THR E 235 -41.58 39.56 33.73
N MET E 236 -40.25 39.57 33.64
CA MET E 236 -39.37 39.09 34.72
C MET E 236 -38.16 40.02 34.82
N THR E 237 -37.30 39.75 35.79
CA THR E 237 -36.03 40.47 35.94
C THR E 237 -34.89 39.64 35.35
N LYS E 238 -33.90 40.31 34.75
CA LYS E 238 -32.75 39.63 34.18
C LYS E 238 -31.69 39.37 35.26
N ASP E 239 -31.60 38.11 35.70
CA ASP E 239 -30.64 37.70 36.72
C ASP E 239 -29.26 37.52 36.11
N ALA E 240 -28.23 37.72 36.94
CA ALA E 240 -26.84 37.47 36.56
C ALA E 240 -26.32 38.31 35.39
N GLU E 241 -26.86 39.52 35.23
CA GLU E 241 -26.46 40.42 34.14
C GLU E 241 -25.18 41.15 34.53
N ARG E 242 -24.08 40.79 33.89
CA ARG E 242 -22.78 41.43 34.11
C ARG E 242 -22.68 42.75 33.33
N GLY E 243 -21.58 43.48 33.54
CA GLY E 243 -21.39 44.82 32.98
C GLY E 243 -22.42 45.89 33.28
N LYS E 244 -23.09 45.80 34.44
CA LYS E 244 -24.16 46.76 34.80
C LYS E 244 -24.27 47.00 36.30
N LEU E 245 -24.86 48.14 36.66
CA LEU E 245 -25.08 48.56 38.04
C LEU E 245 -26.48 48.17 38.51
N LYS E 246 -27.50 48.72 37.84
CA LYS E 246 -28.90 48.49 38.21
C LYS E 246 -29.51 47.37 37.36
N ARG E 247 -30.57 46.76 37.90
CA ARG E 247 -31.18 45.59 37.27
C ARG E 247 -32.10 45.97 36.12
N ARG E 248 -32.45 44.97 35.32
CA ARG E 248 -33.22 45.14 34.09
C ARG E 248 -34.53 44.35 34.14
N ALA E 249 -35.45 44.68 33.23
CA ALA E 249 -36.75 44.04 33.13
C ALA E 249 -36.92 43.31 31.80
N ILE E 250 -36.70 41.99 31.81
CA ILE E 250 -36.85 41.14 30.61
C ILE E 250 -38.31 40.72 30.44
N ALA E 251 -38.68 40.29 29.23
CA ALA E 251 -40.06 39.91 28.92
C ALA E 251 -40.20 38.58 28.19
N THR E 252 -41.42 38.05 28.22
CA THR E 252 -41.76 36.70 27.76
C THR E 252 -43.04 36.78 26.92
N PRO E 253 -43.07 36.13 25.73
CA PRO E 253 -44.24 36.25 24.85
C PRO E 253 -45.37 35.28 25.15
N GLY E 254 -46.58 35.63 24.72
CA GLY E 254 -47.75 34.73 24.79
C GLY E 254 -47.64 33.62 23.76
N MET E 255 -48.55 32.64 23.83
CA MET E 255 -48.50 31.48 22.94
C MET E 255 -49.17 31.69 21.57
N GLN E 256 -50.13 32.61 21.50
CA GLN E 256 -50.81 32.93 20.24
C GLN E 256 -49.86 33.64 19.28
N ILE E 257 -49.27 34.72 19.77
CA ILE E 257 -48.32 35.56 19.01
C ILE E 257 -47.02 34.82 18.62
N ARG E 258 -46.60 33.86 19.45
CA ARG E 258 -45.36 33.07 19.28
C ARG E 258 -45.24 32.46 17.88
N GLY E 259 -46.31 31.80 17.43
CA GLY E 259 -46.33 31.12 16.13
C GLY E 259 -46.00 31.98 14.93
N PHE E 260 -46.51 33.21 14.93
CA PHE E 260 -46.32 34.14 13.81
C PHE E 260 -44.92 34.75 13.82
N VAL E 261 -44.41 35.08 15.01
CA VAL E 261 -43.08 35.67 15.17
C VAL E 261 -41.99 34.78 14.55
N TYR E 262 -42.14 33.47 14.69
CA TYR E 262 -41.22 32.48 14.12
C TYR E 262 -40.97 32.73 12.63
N PHE E 263 -42.06 32.86 11.87
CA PHE E 263 -41.96 33.06 10.42
C PHE E 263 -41.42 34.45 10.03
N VAL E 264 -41.74 35.46 10.84
CA VAL E 264 -41.23 36.82 10.62
C VAL E 264 -39.73 36.88 10.89
N GLU E 265 -39.29 36.21 11.97
CA GLU E 265 -37.86 36.04 12.23
C GLU E 265 -37.16 35.16 11.19
N LEU E 266 -37.87 34.13 10.70
CA LEU E 266 -37.34 33.24 9.66
C LEU E 266 -37.17 33.97 8.32
N LEU E 267 -38.13 34.82 7.97
CA LEU E 267 -38.00 35.70 6.80
C LEU E 267 -36.77 36.57 6.93
N ALA E 268 -36.69 37.27 8.06
CA ALA E 268 -35.57 38.15 8.40
C ALA E 268 -34.22 37.43 8.36
N ARG E 269 -34.17 36.20 8.88
CA ARG E 269 -32.93 35.41 8.91
C ARG E 269 -32.39 35.19 7.50
N ASN E 270 -33.28 34.80 6.59
CA ASN E 270 -32.92 34.58 5.18
C ASN E 270 -32.43 35.88 4.51
N ILE E 271 -32.89 37.03 4.98
CA ILE E 271 -32.40 38.33 4.52
C ILE E 271 -30.99 38.55 5.09
N CYS E 272 -30.90 38.49 6.42
CA CYS E 272 -29.66 38.76 7.17
C CYS E 272 -28.48 37.86 6.78
N GLU E 273 -28.75 36.58 6.56
CA GLU E 273 -27.70 35.65 6.11
C GLU E 273 -26.97 36.13 4.86
N ARG E 274 -27.71 36.74 3.93
CA ARG E 274 -27.16 37.21 2.65
C ARG E 274 -26.66 38.66 2.63
N LEU E 275 -26.77 39.38 3.75
CA LEU E 275 -26.35 40.78 3.82
C LEU E 275 -24.91 40.93 4.28
N GLU E 276 -24.16 41.78 3.58
CA GLU E 276 -22.74 42.02 3.87
C GLU E 276 -22.55 42.65 5.24
N GLN E 277 -23.44 43.57 5.60
CA GLN E 277 -23.34 44.36 6.83
C GLN E 277 -24.11 43.77 8.03
N SER E 278 -24.63 42.54 7.89
CA SER E 278 -25.37 41.90 8.99
C SER E 278 -24.44 41.10 9.88
N GLY E 279 -24.51 41.35 11.19
CA GLY E 279 -23.73 40.59 12.18
C GLY E 279 -24.41 39.32 12.69
N LEU E 280 -25.66 39.11 12.29
CA LEU E 280 -26.44 37.93 12.69
C LEU E 280 -26.84 37.15 11.43
N PRO E 281 -27.15 35.85 11.55
CA PRO E 281 -27.17 35.08 12.80
C PRO E 281 -25.83 34.40 13.16
N VAL E 282 -24.73 34.84 12.55
CA VAL E 282 -23.45 34.11 12.57
C VAL E 282 -22.88 33.90 14.00
N GLY E 283 -22.15 32.80 14.17
CA GLY E 283 -21.54 32.43 15.45
C GLY E 283 -20.18 33.10 15.65
N GLY E 284 -19.50 32.70 16.72
CA GLY E 284 -18.26 33.34 17.20
C GLY E 284 -17.22 33.72 16.16
N ASN E 285 -16.52 32.71 15.64
CA ASN E 285 -15.42 32.92 14.69
C ASN E 285 -15.90 33.41 13.32
N GLU E 286 -17.08 32.93 12.92
CA GLU E 286 -17.72 33.37 11.67
C GLU E 286 -18.01 34.89 11.69
N LYS E 287 -18.47 35.38 12.84
CA LYS E 287 -18.70 36.82 13.04
C LYS E 287 -17.39 37.60 12.96
N LYS E 288 -16.37 37.10 13.67
CA LYS E 288 -15.01 37.65 13.63
C LYS E 288 -14.42 37.70 12.21
N ALA E 289 -14.68 36.66 11.42
CA ALA E 289 -14.28 36.65 10.01
C ALA E 289 -15.08 37.68 9.20
N LYS E 290 -16.41 37.65 9.38
CA LYS E 290 -17.32 38.54 8.66
C LYS E 290 -17.04 40.03 8.93
N LEU E 291 -16.62 40.35 10.16
CA LEU E 291 -16.14 41.69 10.50
C LEU E 291 -14.80 41.98 9.80
N ALA E 292 -13.79 41.17 10.13
CA ALA E 292 -12.44 41.31 9.55
C ALA E 292 -12.43 41.47 8.03
N ASN E 293 -13.38 40.81 7.35
CA ASN E 293 -13.53 40.98 5.90
C ASN E 293 -14.09 42.34 5.46
N VAL E 294 -15.06 42.92 6.19
CA VAL E 294 -15.61 44.24 5.80
C VAL E 294 -14.60 45.40 5.98
N ILE E 295 -13.68 45.23 6.94
CA ILE E 295 -12.55 46.18 7.10
C ILE E 295 -11.63 46.15 5.86
N LYS E 296 -11.35 44.96 5.35
CA LYS E 296 -10.54 44.80 4.12
C LYS E 296 -11.30 45.24 2.88
N LYS E 297 -12.61 44.92 2.84
CA LYS E 297 -13.54 45.45 1.84
C LYS E 297 -13.54 46.99 1.82
N MET E 298 -13.54 47.60 3.01
CA MET E 298 -13.49 49.07 3.10
C MET E 298 -12.19 49.66 2.55
N MET E 299 -11.06 49.07 2.94
CA MET E 299 -9.75 49.48 2.40
C MET E 299 -9.61 49.18 0.91
N ALA E 300 -10.31 48.14 0.42
CA ALA E 300 -10.41 47.90 -1.02
C ALA E 300 -11.24 48.98 -1.71
N LYS E 301 -12.39 49.31 -1.13
CA LYS E 301 -13.30 50.33 -1.67
C LYS E 301 -12.71 51.75 -1.68
N SER E 302 -12.08 52.13 -0.57
CA SER E 302 -11.53 53.49 -0.41
C SER E 302 -10.25 53.71 -1.23
N THR E 303 -9.87 54.98 -1.37
CA THR E 303 -8.63 55.38 -2.05
C THR E 303 -7.53 55.63 -1.02
N ASP E 304 -6.30 55.86 -1.52
CA ASP E 304 -5.13 56.08 -0.66
C ASP E 304 -5.19 57.39 0.14
N GLU E 305 -5.81 58.43 -0.43
CA GLU E 305 -5.85 59.76 0.20
C GLU E 305 -7.23 60.03 0.82
N GLU E 306 -7.65 59.11 1.69
CA GLU E 306 -8.90 59.21 2.43
C GLU E 306 -8.68 58.86 3.90
N LEU E 307 -9.29 59.63 4.79
CA LEU E 307 -9.28 59.37 6.23
C LEU E 307 -10.41 58.41 6.57
N SER E 308 -10.08 57.29 7.22
CA SER E 308 -11.07 56.30 7.63
C SER E 308 -11.22 56.30 9.16
N TYR E 309 -12.43 56.60 9.63
CA TYR E 309 -12.75 56.65 11.06
C TYR E 309 -13.79 55.59 11.42
N THR E 310 -13.43 54.72 12.37
CA THR E 310 -14.29 53.65 12.86
C THR E 310 -14.95 54.06 14.19
N ILE E 311 -16.27 54.21 14.20
CA ILE E 311 -17.00 54.57 15.42
C ILE E 311 -17.45 53.27 16.10
N THR E 312 -17.10 53.13 17.38
CA THR E 312 -17.49 51.99 18.20
C THR E 312 -18.86 52.29 18.78
N GLY E 313 -19.90 51.89 18.04
CA GLY E 313 -21.28 52.26 18.36
C GLY E 313 -21.96 51.43 19.44
N ASP E 314 -23.06 51.98 19.94
CA ASP E 314 -23.97 51.29 20.87
C ASP E 314 -25.25 52.13 20.95
N ASN E 315 -26.40 51.50 20.72
CA ASN E 315 -27.68 52.23 20.66
C ASN E 315 -28.42 52.21 22.01
N THR E 316 -28.96 53.37 22.39
CA THR E 316 -29.64 53.56 23.69
C THR E 316 -31.14 53.23 23.61
N LYS E 317 -31.62 52.41 24.55
CA LYS E 317 -33.03 51.96 24.61
C LYS E 317 -33.58 51.41 23.28
N TRP E 318 -32.73 50.63 22.61
CA TRP E 318 -32.99 50.04 21.29
C TRP E 318 -34.42 49.51 21.12
N ASN E 319 -34.90 48.81 22.14
CA ASN E 319 -36.24 48.22 22.12
C ASN E 319 -37.36 49.25 22.22
N GLU E 320 -37.18 50.26 23.09
CA GLU E 320 -38.27 51.19 23.43
C GLU E 320 -38.61 52.22 22.35
N ASN E 321 -37.67 52.48 21.43
CA ASN E 321 -37.85 53.51 20.40
C ASN E 321 -38.57 52.96 19.17
N GLN E 322 -38.00 51.91 18.58
CA GLN E 322 -38.54 51.30 17.35
C GLN E 322 -39.98 50.77 17.53
N ASN E 323 -40.87 51.19 16.63
CA ASN E 323 -42.31 50.98 16.78
C ASN E 323 -42.80 49.82 15.90
N PRO E 324 -43.68 48.94 16.45
CA PRO E 324 -44.21 47.81 15.66
C PRO E 324 -44.99 48.17 14.40
N ARG E 325 -45.45 49.42 14.27
CA ARG E 325 -46.01 49.93 13.02
C ARG E 325 -44.94 50.08 11.92
N ILE E 326 -43.71 50.41 12.33
CA ILE E 326 -42.57 50.45 11.39
C ILE E 326 -42.26 49.04 10.88
N PHE E 327 -42.31 48.06 11.77
CA PHE E 327 -42.11 46.64 11.40
C PHE E 327 -43.19 46.13 10.45
N LEU E 328 -44.43 46.56 10.66
CA LEU E 328 -45.52 46.29 9.72
C LEU E 328 -45.23 46.87 8.33
N ALA E 329 -44.71 48.11 8.31
CA ALA E 329 -44.26 48.72 7.05
C ALA E 329 -43.09 47.97 6.41
N MET E 330 -42.13 47.54 7.23
CA MET E 330 -40.99 46.75 6.74
C MET E 330 -41.42 45.40 6.16
N VAL E 331 -42.24 44.67 6.90
CA VAL E 331 -42.76 43.37 6.44
C VAL E 331 -43.54 43.55 5.13
N LEU E 332 -44.50 44.47 5.13
CA LEU E 332 -45.33 44.73 3.95
C LEU E 332 -44.55 45.20 2.73
N ARG E 333 -43.48 45.98 2.94
CA ARG E 333 -42.63 46.42 1.82
C ARG E 333 -41.66 45.34 1.36
N ILE E 334 -41.09 44.57 2.29
CA ILE E 334 -40.22 43.43 1.93
C ILE E 334 -41.02 42.36 1.18
N THR E 335 -42.22 42.06 1.66
CA THR E 335 -43.08 41.05 1.02
C THR E 335 -43.87 41.53 -0.21
N ALA E 336 -43.85 42.84 -0.49
CA ALA E 336 -44.54 43.42 -1.65
C ALA E 336 -44.18 42.70 -2.95
N GLY E 337 -45.21 42.15 -3.61
CA GLY E 337 -45.02 41.27 -4.76
C GLY E 337 -45.45 39.84 -4.48
N GLN E 338 -45.31 39.40 -3.23
CA GLN E 338 -45.67 38.04 -2.84
C GLN E 338 -47.19 37.92 -2.63
N PRO E 339 -47.73 36.69 -2.57
CA PRO E 339 -49.16 36.50 -2.33
C PRO E 339 -49.70 37.15 -1.05
N GLU E 340 -50.96 37.59 -1.13
CA GLU E 340 -51.56 38.40 -0.07
C GLU E 340 -51.79 37.62 1.23
N TRP E 341 -51.98 36.30 1.14
CA TRP E 341 -52.03 35.44 2.32
C TRP E 341 -50.69 35.45 3.08
N PHE E 342 -49.59 35.42 2.33
CA PHE E 342 -48.24 35.38 2.89
C PHE E 342 -47.89 36.72 3.55
N ARG E 343 -48.26 37.82 2.89
CA ARG E 343 -48.10 39.16 3.47
C ARG E 343 -48.89 39.32 4.77
N ASP E 344 -50.17 38.97 4.72
CA ASP E 344 -51.06 39.04 5.88
C ASP E 344 -50.58 38.15 7.03
N LEU E 345 -50.17 36.92 6.70
CA LEU E 345 -49.64 35.97 7.69
C LEU E 345 -48.45 36.53 8.47
N LEU E 346 -47.46 37.06 7.75
CA LEU E 346 -46.29 37.70 8.38
C LEU E 346 -46.66 39.01 9.07
N ALA E 347 -47.62 39.75 8.51
CA ALA E 347 -48.11 41.00 9.10
C ALA E 347 -48.82 40.84 10.46
N VAL E 348 -49.26 39.63 10.80
CA VAL E 348 -49.94 39.37 12.09
C VAL E 348 -49.13 39.81 13.31
N ALA E 349 -47.86 39.42 13.36
CA ALA E 349 -47.02 39.66 14.54
C ALA E 349 -46.80 41.15 14.86
N PRO E 350 -46.46 41.98 13.85
CA PRO E 350 -46.47 43.44 14.05
C PRO E 350 -47.80 44.01 14.58
N ILE E 351 -48.92 43.49 14.05
CA ILE E 351 -50.26 43.91 14.50
C ILE E 351 -50.48 43.51 15.96
N MET E 352 -50.15 42.27 16.31
CA MET E 352 -50.26 41.80 17.69
C MET E 352 -49.34 42.55 18.65
N PHE E 353 -48.13 42.88 18.19
CA PHE E 353 -47.20 43.71 18.99
C PHE E 353 -47.68 45.15 19.13
N SER E 354 -48.29 45.70 18.09
CA SER E 354 -48.77 47.08 18.09
C SER E 354 -49.96 47.34 19.03
N ASN E 355 -50.77 46.30 19.29
CA ASN E 355 -51.92 46.41 20.21
C ASN E 355 -51.71 45.63 21.51
N LYS E 356 -50.45 45.41 21.88
CA LYS E 356 -50.10 44.52 22.99
C LYS E 356 -50.36 45.13 24.37
N VAL E 357 -50.36 44.26 25.38
CA VAL E 357 -50.46 44.65 26.78
C VAL E 357 -49.28 44.03 27.54
N ALA E 358 -49.02 44.50 28.76
CA ALA E 358 -47.88 44.06 29.56
C ALA E 358 -48.28 43.77 31.01
N ARG E 359 -48.19 42.51 31.42
CA ARG E 359 -48.45 42.11 32.81
C ARG E 359 -47.26 42.55 33.68
N LEU E 360 -47.57 43.07 34.87
CA LEU E 360 -46.59 43.80 35.68
C LEU E 360 -46.03 42.97 36.85
N GLY E 361 -45.55 41.77 36.54
CA GLY E 361 -44.87 40.92 37.53
C GLY E 361 -45.77 40.40 38.64
N ARG E 362 -45.14 40.02 39.75
CA ARG E 362 -45.85 39.50 40.93
C ARG E 362 -46.55 40.61 41.72
N GLY E 363 -45.82 41.70 41.96
CA GLY E 363 -46.38 42.88 42.64
C GLY E 363 -45.38 43.53 43.58
N TYR E 364 -45.79 43.73 44.83
CA TYR E 364 -44.93 44.33 45.87
C TYR E 364 -45.09 43.64 47.22
N MET E 365 -44.09 43.82 48.08
CA MET E 365 -44.08 43.28 49.44
C MET E 365 -44.02 44.45 50.43
N PHE E 366 -44.92 44.45 51.41
CA PHE E 366 -44.91 45.45 52.49
C PHE E 366 -44.41 44.84 53.80
N GLU E 367 -43.77 45.68 54.61
CA GLU E 367 -43.24 45.32 55.94
C GLU E 367 -43.80 46.30 56.97
N SER E 368 -44.05 45.81 58.19
CA SER E 368 -44.47 46.66 59.31
C SER E 368 -43.47 46.55 60.47
N LYS E 369 -42.79 47.65 60.79
CA LYS E 369 -41.73 47.66 61.81
C LYS E 369 -42.26 47.50 63.24
N SER E 370 -43.35 48.20 63.55
CA SER E 370 -43.94 48.15 64.90
C SER E 370 -44.67 46.82 65.16
N MET E 371 -45.50 46.41 64.21
CA MET E 371 -46.23 45.13 64.30
C MET E 371 -45.34 43.91 64.09
N HIS E 372 -44.29 44.06 63.28
CA HIS E 372 -43.36 42.97 62.92
C HIS E 372 -44.06 41.88 62.09
N LEU E 373 -44.63 42.31 60.97
CA LEU E 373 -45.25 41.41 59.99
C LEU E 373 -45.10 41.96 58.57
N ARG E 374 -45.06 41.04 57.61
CA ARG E 374 -44.91 41.37 56.18
C ARG E 374 -46.10 40.86 55.39
N THR E 375 -46.29 41.38 54.17
CA THR E 375 -47.40 40.93 53.31
C THR E 375 -47.17 41.23 51.82
N GLN E 376 -47.51 40.25 50.98
CA GLN E 376 -47.38 40.36 49.52
C GLN E 376 -48.69 40.88 48.93
N ILE E 377 -48.62 41.95 48.13
CA ILE E 377 -49.80 42.50 47.44
C ILE E 377 -49.72 42.24 45.93
N SER E 378 -50.89 41.97 45.34
CA SER E 378 -50.97 41.54 43.94
C SER E 378 -50.76 42.69 42.96
N ALA E 379 -50.41 42.35 41.72
CA ALA E 379 -50.22 43.32 40.64
C ALA E 379 -51.54 43.95 40.19
N GLU E 380 -52.60 43.14 40.14
CA GLU E 380 -53.97 43.62 39.85
C GLU E 380 -54.47 44.67 40.85
N ASN E 381 -54.01 44.56 42.10
CA ASN E 381 -54.39 45.49 43.16
C ASN E 381 -53.69 46.86 43.09
N LEU E 382 -52.78 47.08 42.15
CA LEU E 382 -52.15 48.40 41.95
C LEU E 382 -53.12 49.52 41.51
N SER E 383 -54.25 49.15 40.91
CA SER E 383 -55.32 50.10 40.62
C SER E 383 -56.18 50.42 41.85
N ASP E 384 -56.53 49.38 42.63
CA ASP E 384 -57.36 49.51 43.83
C ASP E 384 -56.52 49.48 45.13
N ILE E 385 -55.83 50.58 45.42
CA ILE E 385 -54.96 50.66 46.60
C ILE E 385 -54.62 52.12 46.93
N ASN E 386 -54.47 52.42 48.22
CA ASN E 386 -54.05 53.75 48.69
C ASN E 386 -52.56 53.96 48.40
N LEU E 387 -52.18 55.21 48.15
CA LEU E 387 -50.78 55.55 47.81
C LEU E 387 -49.90 55.91 49.02
N ARG E 388 -50.43 55.74 50.24
CA ARG E 388 -49.65 55.95 51.48
C ARG E 388 -48.56 54.89 51.69
N TYR E 389 -48.78 53.68 51.19
CA TYR E 389 -47.86 52.56 51.39
C TYR E 389 -46.53 52.73 50.65
N PHE E 390 -46.59 53.33 49.46
CA PHE E 390 -45.42 53.44 48.57
C PHE E 390 -44.66 54.75 48.81
N ASN E 391 -43.39 54.79 48.40
CA ASN E 391 -42.56 56.00 48.50
C ASN E 391 -42.71 56.90 47.27
N GLU E 392 -42.27 58.15 47.41
CA GLU E 392 -42.45 59.22 46.41
C GLU E 392 -42.17 58.83 44.97
N ASP E 393 -41.06 58.14 44.74
CA ASP E 393 -40.68 57.69 43.40
C ASP E 393 -41.65 56.62 42.87
N THR E 394 -42.08 55.71 43.75
CA THR E 394 -42.97 54.62 43.36
C THR E 394 -44.40 55.09 43.14
N LYS E 395 -44.95 55.81 44.12
CA LYS E 395 -46.33 56.31 44.03
C LYS E 395 -46.57 57.29 42.87
N LYS E 396 -45.50 57.98 42.43
CA LYS E 396 -45.55 58.77 41.20
C LYS E 396 -45.75 57.88 39.97
N LYS E 397 -45.06 56.74 39.95
CA LYS E 397 -45.21 55.76 38.87
C LYS E 397 -46.55 55.04 38.90
N ILE E 398 -47.03 54.69 40.10
CA ILE E 398 -48.36 54.04 40.23
C ILE E 398 -49.47 54.94 39.65
N GLU E 399 -49.39 56.25 39.92
CA GLU E 399 -50.31 57.24 39.34
C GLU E 399 -50.23 57.29 37.81
N LYS E 400 -49.03 57.18 37.27
CA LYS E 400 -48.82 57.17 35.81
C LYS E 400 -49.35 55.89 35.15
N ILE E 401 -49.02 54.74 35.74
CA ILE E 401 -49.39 53.43 35.18
C ILE E 401 -50.91 53.17 35.20
N ARG E 402 -51.62 53.81 36.13
CA ARG E 402 -53.10 53.73 36.19
C ARG E 402 -53.82 54.26 34.94
N HIS E 403 -53.20 55.19 34.22
CA HIS E 403 -53.76 55.68 32.94
C HIS E 403 -53.80 54.60 31.86
N LEU E 404 -52.74 53.79 31.81
CA LEU E 404 -52.63 52.68 30.84
C LEU E 404 -53.30 51.37 31.30
N MET E 405 -53.72 51.31 32.57
CA MET E 405 -54.26 50.08 33.18
C MET E 405 -55.57 49.63 32.53
N VAL E 406 -55.57 48.40 31.99
CA VAL E 406 -56.77 47.75 31.43
C VAL E 406 -56.73 46.23 31.70
N GLU E 407 -57.77 45.73 32.36
CA GLU E 407 -57.83 44.33 32.84
C GLU E 407 -56.59 43.92 33.67
N GLY E 408 -56.14 44.84 34.52
CA GLY E 408 -54.97 44.61 35.37
C GLY E 408 -53.64 44.51 34.65
N THR E 409 -53.52 45.17 33.49
CA THR E 409 -52.32 45.14 32.66
C THR E 409 -52.14 46.47 31.92
N ALA E 410 -50.88 46.87 31.70
CA ALA E 410 -50.54 48.16 31.08
C ALA E 410 -50.23 48.01 29.58
N SER E 411 -50.97 48.75 28.74
CA SER E 411 -50.84 48.64 27.29
C SER E 411 -49.61 49.38 26.76
N LEU E 412 -48.66 48.63 26.21
CA LEU E 412 -47.45 49.20 25.62
C LEU E 412 -47.56 49.18 24.10
N SER E 413 -48.45 50.02 23.57
CA SER E 413 -48.66 50.11 22.12
C SER E 413 -47.41 50.56 21.33
N PRO E 414 -46.75 51.66 21.77
CA PRO E 414 -45.51 52.04 21.10
C PRO E 414 -44.32 51.24 21.64
N GLY E 415 -43.26 51.14 20.84
CA GLY E 415 -42.03 50.46 21.25
C GLY E 415 -42.14 48.94 21.28
N MET E 416 -41.00 48.28 21.09
CA MET E 416 -40.91 46.83 21.24
C MET E 416 -40.54 46.55 22.70
N MET E 417 -41.01 45.42 23.22
CA MET E 417 -40.80 45.11 24.64
C MET E 417 -39.36 44.69 24.88
N MET E 418 -38.95 43.60 24.24
CA MET E 418 -37.61 43.02 24.43
C MET E 418 -37.13 42.31 23.16
N GLY E 419 -35.94 41.73 23.22
CA GLY E 419 -35.33 41.00 22.10
C GLY E 419 -36.19 39.90 21.49
N MET E 420 -37.13 40.33 20.64
CA MET E 420 -38.09 39.45 19.98
C MET E 420 -37.88 39.45 18.47
N PHE E 421 -37.82 40.66 17.88
CA PHE E 421 -37.62 40.84 16.44
C PHE E 421 -36.15 41.08 16.02
N ASN E 422 -35.21 40.91 16.96
CA ASN E 422 -33.75 41.01 16.72
C ASN E 422 -33.29 41.00 15.26
N MET E 423 -33.67 39.95 14.54
CA MET E 423 -33.24 39.71 13.16
C MET E 423 -33.78 40.79 12.21
N LEU E 424 -35.10 40.97 12.22
CA LEU E 424 -35.76 42.02 11.42
C LEU E 424 -35.40 43.43 11.92
N SER E 425 -35.10 43.54 13.22
CA SER E 425 -34.59 44.78 13.81
C SER E 425 -33.21 45.12 13.23
N THR E 426 -32.37 44.11 13.05
CA THR E 426 -31.07 44.28 12.39
C THR E 426 -31.22 44.79 10.95
N VAL E 427 -32.21 44.25 10.22
CA VAL E 427 -32.46 44.66 8.82
C VAL E 427 -32.70 46.17 8.69
N LEU E 428 -33.40 46.76 9.66
CA LEU E 428 -33.60 48.21 9.71
C LEU E 428 -32.27 48.95 9.86
N GLY E 429 -31.42 48.47 10.77
CA GLY E 429 -30.10 49.06 11.01
C GLY E 429 -29.13 48.89 9.86
N VAL E 430 -29.23 47.76 9.15
CA VAL E 430 -28.40 47.47 7.98
C VAL E 430 -28.72 48.45 6.86
N SER E 431 -30.01 48.67 6.58
CA SER E 431 -30.44 49.60 5.52
C SER E 431 -29.85 51.02 5.65
N VAL E 432 -29.59 51.44 6.88
CA VAL E 432 -28.91 52.73 7.14
C VAL E 432 -27.44 52.64 6.72
N LEU E 433 -26.78 51.52 7.03
CA LEU E 433 -25.40 51.27 6.59
C LEU E 433 -25.31 51.13 5.05
N ASN E 434 -26.37 50.59 4.45
CA ASN E 434 -26.52 50.49 3.00
C ASN E 434 -26.64 51.86 2.34
N LEU E 435 -27.39 52.76 2.98
CA LEU E 435 -27.53 54.15 2.49
C LEU E 435 -26.20 54.89 2.32
N GLY E 436 -25.19 54.52 3.12
CA GLY E 436 -23.88 55.16 3.04
C GLY E 436 -22.95 54.84 1.87
N GLN E 437 -23.46 54.20 0.82
CA GLN E 437 -22.64 53.90 -0.36
C GLN E 437 -22.29 55.16 -1.16
N ARG E 438 -20.99 55.28 -1.49
CA ARG E 438 -20.42 56.38 -2.30
C ARG E 438 -21.34 56.83 -3.44
N GLU E 439 -21.78 55.86 -4.24
CA GLU E 439 -22.66 56.13 -5.40
C GLU E 439 -24.08 56.54 -5.01
N ILE E 440 -24.58 56.06 -3.87
CA ILE E 440 -25.90 56.47 -3.36
C ILE E 440 -25.85 57.89 -2.79
N LEU E 441 -24.83 58.19 -1.99
CA LEU E 441 -24.71 59.53 -1.37
C LEU E 441 -24.22 60.61 -2.35
N LYS E 442 -23.13 60.33 -3.04
CA LYS E 442 -22.47 61.27 -3.97
C LYS E 442 -21.97 62.56 -3.26
N ARG E 443 -21.49 62.40 -2.03
CA ARG E 443 -20.98 63.49 -1.21
C ARG E 443 -19.46 63.39 -1.11
N THR E 444 -18.85 64.29 -0.33
CA THR E 444 -17.43 64.16 0.04
C THR E 444 -17.16 62.97 0.97
N TYR E 445 -18.19 62.52 1.68
CA TYR E 445 -18.10 61.42 2.65
C TYR E 445 -18.93 60.21 2.22
N TRP E 446 -18.63 59.07 2.84
CA TRP E 446 -19.41 57.84 2.65
C TRP E 446 -19.07 56.85 3.76
N TRP E 447 -19.87 55.78 3.90
CA TRP E 447 -19.67 54.81 4.99
C TRP E 447 -20.14 53.39 4.72
N ASP E 448 -19.67 52.48 5.58
CA ASP E 448 -20.10 51.09 5.64
C ASP E 448 -19.80 50.59 7.05
N GLY E 449 -20.32 49.43 7.43
CA GLY E 449 -20.00 48.86 8.73
C GLY E 449 -20.63 47.52 9.04
N LEU E 450 -21.07 47.35 10.29
CA LEU E 450 -21.78 46.14 10.72
C LEU E 450 -22.79 46.46 11.82
N GLN E 451 -23.95 45.79 11.76
CA GLN E 451 -25.02 45.95 12.74
C GLN E 451 -25.43 44.57 13.27
N SER E 452 -25.67 44.49 14.57
CA SER E 452 -26.18 43.26 15.20
C SER E 452 -27.08 43.61 16.39
N SER E 453 -28.34 43.93 16.06
CA SER E 453 -29.35 44.37 17.03
C SER E 453 -28.94 45.69 17.74
N ASP E 454 -28.64 45.65 19.04
CA ASP E 454 -28.38 46.88 19.82
C ASP E 454 -27.00 47.50 19.57
N ASP E 455 -25.99 46.66 19.34
CA ASP E 455 -24.62 47.12 19.09
C ASP E 455 -24.36 47.20 17.59
N PHE E 456 -23.51 48.15 17.20
CA PHE E 456 -23.10 48.35 15.80
C PHE E 456 -21.70 48.96 15.70
N ALA E 457 -21.06 48.78 14.56
CA ALA E 457 -19.74 49.37 14.27
C ALA E 457 -19.82 50.05 12.92
N LEU E 458 -19.65 51.37 12.92
CA LEU E 458 -19.69 52.19 11.69
C LEU E 458 -18.27 52.55 11.29
N ILE E 459 -18.04 52.69 9.98
CA ILE E 459 -16.74 53.14 9.44
C ILE E 459 -17.00 54.21 8.39
N ILE E 460 -16.68 55.47 8.71
CA ILE E 460 -16.88 56.60 7.79
C ILE E 460 -15.56 56.96 7.12
N ASN E 461 -15.63 57.27 5.83
CA ASN E 461 -14.46 57.69 5.05
C ASN E 461 -14.71 59.04 4.36
N GLY E 462 -13.68 59.87 4.35
CA GLY E 462 -13.71 61.18 3.68
C GLY E 462 -12.31 61.67 3.39
N HIS E 463 -12.16 62.97 3.14
CA HIS E 463 -10.85 63.59 2.86
C HIS E 463 -10.28 64.39 4.05
N PHE E 464 -11.14 65.16 4.73
CA PHE E 464 -10.77 65.90 5.95
C PHE E 464 -11.75 65.58 7.07
N LYS E 465 -11.38 65.86 8.32
CA LYS E 465 -12.26 65.55 9.47
C LYS E 465 -13.58 66.37 9.44
N GLU E 466 -13.60 67.47 8.69
CA GLU E 466 -14.84 68.13 8.28
C GLU E 466 -15.83 67.12 7.66
N ASP E 467 -15.34 66.37 6.67
CA ASP E 467 -16.15 65.40 5.94
C ASP E 467 -16.63 64.24 6.83
N ILE E 468 -15.80 63.83 7.78
CA ILE E 468 -16.16 62.75 8.73
C ILE E 468 -17.27 63.23 9.65
N GLN E 469 -17.10 64.43 10.19
CA GLN E 469 -18.12 65.09 11.02
C GLN E 469 -19.42 65.25 10.25
N GLN E 470 -19.32 65.74 9.02
CA GLN E 470 -20.46 65.82 8.10
C GLN E 470 -21.18 64.48 7.95
N GLY E 471 -20.41 63.41 7.76
CA GLY E 471 -20.97 62.06 7.61
C GLY E 471 -21.63 61.52 8.86
N VAL E 472 -20.89 61.56 9.98
CA VAL E 472 -21.40 61.04 11.26
C VAL E 472 -22.75 61.66 11.61
N ASN E 473 -22.89 62.96 11.37
CA ASN E 473 -24.17 63.65 11.53
C ASN E 473 -25.23 63.10 10.57
N HIS E 474 -24.87 62.93 9.29
CA HIS E 474 -25.80 62.39 8.27
C HIS E 474 -26.30 60.99 8.65
N PHE E 475 -25.40 60.17 9.21
CA PHE E 475 -25.78 58.87 9.77
C PHE E 475 -26.71 59.06 10.96
N TYR E 476 -26.22 59.78 11.97
CA TYR E 476 -26.93 59.96 13.25
C TYR E 476 -28.35 60.54 13.12
N ARG E 477 -28.51 61.52 12.24
CA ARG E 477 -29.81 62.14 11.99
C ARG E 477 -30.75 61.20 11.21
N THR E 478 -30.19 60.49 10.24
CA THR E 478 -30.94 59.48 9.48
C THR E 478 -31.41 58.34 10.39
N CYS E 479 -30.55 57.95 11.33
CA CYS E 479 -30.92 56.99 12.37
C CYS E 479 -32.13 57.48 13.19
N LYS E 480 -32.05 58.74 13.65
CA LYS E 480 -33.14 59.36 14.41
C LYS E 480 -34.47 59.36 13.64
N LEU E 481 -34.41 59.66 12.34
CA LEU E 481 -35.60 59.68 11.47
C LEU E 481 -36.38 58.36 11.40
N VAL E 482 -35.74 57.24 11.75
CA VAL E 482 -36.39 55.91 11.73
C VAL E 482 -36.38 55.19 13.09
N GLY E 483 -36.22 55.94 14.18
CA GLY E 483 -36.24 55.38 15.52
C GLY E 483 -35.03 54.55 15.91
N ILE E 484 -33.85 54.94 15.41
CA ILE E 484 -32.57 54.40 15.88
C ILE E 484 -31.87 55.53 16.63
N ASN E 485 -31.43 55.25 17.85
CA ASN E 485 -30.93 56.27 18.76
C ASN E 485 -29.56 55.86 19.31
N MET E 486 -28.52 56.47 18.75
CA MET E 486 -27.15 56.18 19.18
C MET E 486 -26.93 56.70 20.60
N SER E 487 -26.31 55.88 21.45
CA SER E 487 -25.95 56.29 22.80
C SER E 487 -24.71 57.18 22.73
N GLN E 488 -24.89 58.48 22.95
CA GLN E 488 -23.76 59.43 22.92
C GLN E 488 -22.83 59.28 24.14
N LYS E 489 -23.33 58.68 25.23
CA LYS E 489 -22.50 58.38 26.40
C LYS E 489 -21.51 57.26 26.10
N LYS E 490 -22.06 56.10 25.73
CA LYS E 490 -21.29 54.85 25.62
C LYS E 490 -20.43 54.77 24.36
N SER E 491 -20.92 55.33 23.25
CA SER E 491 -20.21 55.27 21.98
C SER E 491 -19.00 56.20 21.95
N TYR E 492 -18.07 55.89 21.04
CA TYR E 492 -16.87 56.70 20.83
C TYR E 492 -16.24 56.44 19.46
N ILE E 493 -15.57 57.46 18.92
CA ILE E 493 -14.98 57.41 17.58
C ILE E 493 -13.47 57.50 17.64
N ASN E 494 -12.82 56.88 16.65
CA ASN E 494 -11.38 57.02 16.43
C ASN E 494 -11.02 56.60 15.00
N LYS E 495 -9.77 56.79 14.62
CA LYS E 495 -9.28 56.36 13.30
C LYS E 495 -9.30 54.84 13.20
N THR E 496 -9.55 54.34 11.99
CA THR E 496 -9.72 52.90 11.78
C THR E 496 -8.44 52.13 12.09
N GLY E 497 -8.56 51.15 12.97
CA GLY E 497 -7.40 50.44 13.52
C GLY E 497 -7.74 49.66 14.78
N THR E 498 -8.47 50.31 15.70
CA THR E 498 -8.96 49.67 16.92
C THR E 498 -10.47 49.89 17.08
N PHE E 499 -11.17 48.86 17.56
CA PHE E 499 -12.58 49.01 17.97
C PHE E 499 -13.06 47.85 18.86
N GLU E 500 -14.27 48.01 19.39
CA GLU E 500 -14.98 46.98 20.14
C GLU E 500 -16.31 46.68 19.44
N PHE E 501 -16.77 45.45 19.54
CA PHE E 501 -18.04 45.02 18.95
C PHE E 501 -18.54 43.77 19.67
N THR E 502 -19.66 43.89 20.39
CA THR E 502 -20.25 42.80 21.18
C THR E 502 -19.20 42.00 21.97
N SER E 503 -18.34 42.73 22.68
CA SER E 503 -17.24 42.17 23.50
C SER E 503 -16.09 41.50 22.72
N PHE E 504 -16.03 41.70 21.39
CA PHE E 504 -14.87 41.29 20.60
C PHE E 504 -13.99 42.53 20.43
N PHE E 505 -12.76 42.44 20.92
CA PHE E 505 -11.83 43.58 20.88
C PHE E 505 -10.85 43.46 19.72
N TYR E 506 -10.84 44.50 18.89
CA TYR E 506 -10.04 44.53 17.67
C TYR E 506 -8.91 45.55 17.83
N ARG E 507 -7.67 45.11 17.58
CA ARG E 507 -6.49 45.96 17.59
C ARG E 507 -5.61 45.55 16.41
N TYR E 508 -5.92 46.11 15.24
CA TYR E 508 -5.35 45.68 13.95
C TYR E 508 -5.56 44.18 13.70
N GLY E 509 -6.63 43.61 14.27
CA GLY E 509 -6.88 42.17 14.31
C GLY E 509 -7.49 41.81 15.65
N PHE E 510 -8.44 40.87 15.66
CA PHE E 510 -9.17 40.52 16.87
C PHE E 510 -8.28 39.86 17.93
N VAL E 511 -8.25 40.43 19.13
CA VAL E 511 -7.41 39.91 20.22
C VAL E 511 -8.19 39.01 21.16
N ALA E 512 -7.46 38.21 21.92
CA ALA E 512 -8.04 37.22 22.82
C ALA E 512 -8.64 37.90 24.05
N ASN E 513 -9.83 37.47 24.43
CA ASN E 513 -10.48 37.88 25.68
C ASN E 513 -10.88 36.61 26.43
N PHE E 514 -9.94 36.09 27.22
CA PHE E 514 -10.13 34.84 27.95
C PHE E 514 -11.14 34.98 29.10
N SER E 515 -11.03 36.07 29.85
CA SER E 515 -11.89 36.33 31.02
C SER E 515 -13.40 36.25 30.73
N MET E 516 -13.80 36.53 29.49
CA MET E 516 -15.18 36.34 29.03
C MET E 516 -15.68 34.90 29.22
N GLU E 517 -14.79 33.93 29.02
CA GLU E 517 -15.15 32.51 29.08
C GLU E 517 -14.99 31.85 30.47
N LEU E 518 -14.22 32.48 31.37
CA LEU E 518 -13.91 31.90 32.69
C LEU E 518 -15.06 31.17 33.41
N PRO E 519 -16.26 31.79 33.51
CA PRO E 519 -17.42 31.12 34.10
C PRO E 519 -17.72 29.69 33.59
N SER E 520 -17.36 29.39 32.34
CA SER E 520 -17.50 28.02 31.80
C SER E 520 -16.54 27.00 32.42
N PHE E 521 -15.36 27.45 32.87
CA PHE E 521 -14.35 26.53 33.43
C PHE E 521 -14.74 26.03 34.82
N GLY E 522 -15.61 25.03 34.84
CA GLY E 522 -16.07 24.44 36.09
C GLY E 522 -17.00 23.27 35.86
N VAL E 523 -17.66 22.83 36.93
CA VAL E 523 -18.57 21.71 36.87
C VAL E 523 -19.87 22.22 36.25
N ALA E 524 -20.22 21.69 35.07
CA ALA E 524 -21.39 22.14 34.30
C ALA E 524 -22.73 21.86 35.01
N GLY E 525 -22.77 20.82 35.84
CA GLY E 525 -23.95 20.47 36.62
C GLY E 525 -25.05 19.74 35.87
N ASN E 526 -24.68 18.88 34.93
CA ASN E 526 -25.62 18.02 34.21
C ASN E 526 -25.56 16.59 34.76
N ASN E 527 -24.40 15.94 34.60
CA ASN E 527 -24.12 14.63 35.20
C ASN E 527 -22.64 14.27 35.11
N GLU E 528 -22.25 13.26 35.88
CA GLU E 528 -20.84 12.84 35.99
C GLU E 528 -20.15 12.64 34.63
N SER E 529 -20.79 11.84 33.76
CA SER E 529 -20.23 11.53 32.44
C SER E 529 -20.19 12.74 31.51
N ALA E 530 -21.26 13.55 31.53
CA ALA E 530 -21.36 14.73 30.67
C ALA E 530 -20.35 15.81 31.08
N ASP E 531 -20.40 16.20 32.36
CA ASP E 531 -19.56 17.29 32.88
C ASP E 531 -18.08 17.11 32.60
N MET E 532 -17.60 15.87 32.72
CA MET E 532 -16.23 15.50 32.34
C MET E 532 -15.98 15.82 30.86
N SER E 533 -16.90 15.40 30.00
CA SER E 533 -16.77 15.66 28.56
C SER E 533 -16.85 17.15 28.23
N ILE E 534 -17.68 17.89 28.97
CA ILE E 534 -17.82 19.33 28.77
C ILE E 534 -16.54 20.03 29.21
N GLY E 535 -16.23 19.92 30.51
CA GLY E 535 -15.07 20.60 31.10
C GLY E 535 -13.75 20.44 30.37
N THR E 536 -13.51 19.25 29.82
CA THR E 536 -12.32 18.99 29.00
C THR E 536 -12.39 19.68 27.63
N THR E 537 -13.58 19.72 27.02
CA THR E 537 -13.78 20.38 25.73
C THR E 537 -13.76 21.91 25.86
N VAL E 538 -14.19 22.41 27.01
CA VAL E 538 -14.13 23.84 27.34
C VAL E 538 -12.68 24.34 27.30
N ILE E 539 -11.76 23.53 27.83
CA ILE E 539 -10.33 23.83 27.78
C ILE E 539 -9.83 23.72 26.34
N LYS E 540 -10.17 22.62 25.68
CA LYS E 540 -9.80 22.37 24.28
C LYS E 540 -10.16 23.56 23.39
N THR E 541 -11.43 23.96 23.41
CA THR E 541 -11.92 25.03 22.55
C THR E 541 -11.29 26.39 22.87
N ASN E 542 -11.06 26.67 24.16
CA ASN E 542 -10.39 27.91 24.57
C ASN E 542 -8.90 27.98 24.19
N MET E 543 -8.25 26.82 24.05
CA MET E 543 -6.87 26.77 23.54
C MET E 543 -6.76 27.19 22.07
N ILE E 544 -7.83 26.98 21.30
CA ILE E 544 -7.84 27.30 19.87
C ILE E 544 -8.20 28.76 19.64
N ASN E 545 -9.33 29.17 20.22
CA ASN E 545 -9.99 30.45 19.90
C ASN E 545 -9.53 31.60 20.80
N ASN E 546 -9.60 31.37 22.11
CA ASN E 546 -9.32 32.40 23.13
C ASN E 546 -7.88 32.40 23.65
N ASP E 547 -6.98 31.62 23.02
CA ASP E 547 -5.54 31.63 23.31
C ASP E 547 -5.20 31.31 24.78
N LEU E 548 -5.80 30.22 25.27
CA LEU E 548 -5.45 29.65 26.56
C LEU E 548 -4.12 28.92 26.37
N GLY E 549 -3.06 29.43 27.01
CA GLY E 549 -1.72 28.90 26.82
C GLY E 549 -1.52 27.51 27.46
N PRO E 550 -0.54 26.73 26.95
CA PRO E 550 -0.32 25.33 27.35
C PRO E 550 -0.32 25.06 28.86
N ALA E 551 0.48 25.82 29.60
CA ALA E 551 0.63 25.63 31.05
C ALA E 551 -0.65 25.96 31.82
N THR E 552 -1.29 27.06 31.46
CA THR E 552 -2.56 27.47 32.06
C THR E 552 -3.67 26.49 31.70
N ALA E 553 -3.61 25.93 30.49
CA ALA E 553 -4.51 24.84 30.08
C ALA E 553 -4.25 23.59 30.92
N GLN E 554 -2.98 23.26 31.12
CA GLN E 554 -2.60 22.15 32.01
C GLN E 554 -3.13 22.37 33.42
N MET E 555 -3.01 23.61 33.92
CA MET E 555 -3.60 23.97 35.21
C MET E 555 -5.12 23.80 35.21
N ALA E 556 -5.77 24.34 34.18
CA ALA E 556 -7.24 24.27 34.03
C ALA E 556 -7.78 22.84 34.22
N ILE E 557 -7.03 21.86 33.69
CA ILE E 557 -7.36 20.45 33.87
C ILE E 557 -7.28 20.09 35.36
N GLN E 558 -6.14 20.43 35.98
CA GLN E 558 -5.90 20.10 37.39
C GLN E 558 -6.92 20.73 38.34
N LEU E 559 -7.32 21.98 38.04
CA LEU E 559 -8.34 22.69 38.81
C LEU E 559 -9.73 22.13 38.53
N PHE E 560 -10.03 21.87 37.25
CA PHE E 560 -11.32 21.26 36.87
C PHE E 560 -11.53 19.89 37.50
N ILE E 561 -10.48 19.06 37.52
CA ILE E 561 -10.56 17.72 38.15
C ILE E 561 -10.86 17.84 39.64
N LYS E 562 -10.13 18.74 40.32
CA LYS E 562 -10.34 18.97 41.75
C LYS E 562 -11.73 19.55 42.02
N ASP E 563 -12.17 20.50 41.18
CA ASP E 563 -13.55 21.03 41.25
C ASP E 563 -14.58 19.89 41.08
N TYR E 564 -14.36 19.04 40.08
CA TYR E 564 -15.21 17.90 39.75
C TYR E 564 -15.28 16.89 40.90
N ARG E 565 -14.13 16.55 41.49
CA ARG E 565 -14.08 15.60 42.60
C ARG E 565 -14.87 16.08 43.83
N TYR E 566 -14.57 17.30 44.27
CA TYR E 566 -15.27 17.95 45.41
C TYR E 566 -16.77 18.12 45.17
N THR E 567 -17.16 18.46 43.93
CA THR E 567 -18.57 18.72 43.59
C THR E 567 -19.40 17.43 43.63
N TYR E 568 -18.95 16.42 42.90
CA TYR E 568 -19.65 15.13 42.84
C TYR E 568 -19.30 14.16 43.98
N ARG E 569 -18.38 14.55 44.86
CA ARG E 569 -17.95 13.73 46.02
C ARG E 569 -17.32 12.41 45.58
N CYS E 570 -16.65 12.44 44.43
CA CYS E 570 -15.99 11.25 43.86
C CYS E 570 -14.48 11.40 44.03
N HIS E 571 -14.07 11.52 45.30
CA HIS E 571 -12.67 11.70 45.65
C HIS E 571 -11.91 10.41 45.37
N ARG E 572 -10.65 10.52 44.97
CA ARG E 572 -9.86 9.36 44.54
C ARG E 572 -9.75 8.34 45.66
N GLY E 573 -10.04 7.08 45.33
CA GLY E 573 -10.26 6.01 46.32
C GLY E 573 -9.30 5.93 47.50
N ASP E 574 -8.02 6.20 47.26
CA ASP E 574 -7.00 6.17 48.31
C ASP E 574 -7.03 7.35 49.30
N THR E 575 -7.52 8.52 48.88
CA THR E 575 -7.46 9.73 49.73
C THR E 575 -8.45 9.67 50.90
N ASN E 576 -7.97 9.98 52.11
CA ASN E 576 -8.76 9.84 53.34
C ASN E 576 -9.55 11.11 53.67
N LEU E 577 -10.66 11.30 52.95
CA LEU E 577 -11.60 12.39 53.21
C LEU E 577 -12.97 11.80 53.56
N GLU E 578 -13.69 12.48 54.45
CA GLU E 578 -14.95 11.97 55.01
C GLU E 578 -16.17 12.45 54.20
N THR E 579 -16.68 11.60 53.31
CA THR E 579 -17.91 11.85 52.56
C THR E 579 -18.72 10.57 52.37
N ARG E 580 -20.02 10.73 52.14
CA ARG E 580 -20.97 9.61 52.05
C ARG E 580 -20.57 8.54 51.03
N ARG E 581 -20.09 8.99 49.86
CA ARG E 581 -19.72 8.09 48.77
C ARG E 581 -18.42 7.31 49.01
N THR E 582 -17.42 7.97 49.60
CA THR E 582 -16.07 7.41 49.73
C THR E 582 -15.99 6.02 50.37
N LYS E 583 -16.95 5.72 51.25
CA LYS E 583 -17.08 4.38 51.83
C LYS E 583 -17.36 3.33 50.74
N SER E 584 -18.34 3.59 49.89
CA SER E 584 -18.65 2.70 48.76
C SER E 584 -17.61 2.77 47.63
N ILE E 585 -16.95 3.93 47.47
CA ILE E 585 -15.87 4.07 46.48
C ILE E 585 -14.62 3.27 46.90
N LYS E 586 -14.31 3.30 48.19
CA LYS E 586 -13.20 2.50 48.75
C LYS E 586 -13.38 1.00 48.43
N ARG E 587 -14.61 0.51 48.60
CA ARG E 587 -14.95 -0.88 48.27
C ARG E 587 -14.64 -1.26 46.82
N LEU E 588 -14.89 -0.34 45.90
CA LEU E 588 -14.53 -0.54 44.49
C LEU E 588 -13.02 -0.45 44.33
N TRP E 589 -12.46 0.68 44.75
CA TRP E 589 -11.00 0.94 44.69
C TRP E 589 -10.17 -0.24 45.16
N THR E 590 -10.54 -0.82 46.30
CA THR E 590 -9.86 -2.03 46.82
C THR E 590 -10.12 -3.28 45.96
N GLU E 591 -11.35 -3.44 45.48
CA GLU E 591 -11.74 -4.63 44.70
C GLU E 591 -11.17 -4.67 43.27
N THR E 592 -10.94 -3.49 42.68
CA THR E 592 -10.50 -3.39 41.29
C THR E 592 -9.02 -3.73 41.14
N ILE E 593 -8.68 -4.46 40.07
CA ILE E 593 -7.31 -4.86 39.80
C ILE E 593 -6.54 -3.68 39.22
N SER E 594 -6.97 -3.20 38.05
CA SER E 594 -6.33 -2.07 37.37
C SER E 594 -6.92 -0.76 37.87
N LYS E 595 -6.10 0.02 38.58
CA LYS E 595 -6.53 1.29 39.18
C LYS E 595 -6.79 2.37 38.12
N ALA E 596 -5.95 2.42 37.09
CA ALA E 596 -6.11 3.37 35.99
C ALA E 596 -7.37 3.13 35.14
N GLY E 597 -7.90 1.91 35.18
CA GLY E 597 -9.18 1.58 34.53
C GLY E 597 -10.39 2.30 35.08
N LEU E 598 -10.38 2.63 36.38
CA LEU E 598 -11.51 3.31 37.03
C LEU E 598 -11.68 4.75 36.54
N LEU E 599 -12.93 5.15 36.33
CA LEU E 599 -13.25 6.55 35.98
C LEU E 599 -13.12 7.42 37.21
N VAL E 600 -12.82 8.70 36.99
CA VAL E 600 -12.69 9.69 38.08
C VAL E 600 -14.00 9.75 38.89
N ALA E 601 -15.12 9.69 38.17
CA ALA E 601 -16.46 9.55 38.78
C ALA E 601 -16.58 8.42 39.81
N ASP E 602 -15.80 7.34 39.62
CA ASP E 602 -15.67 6.27 40.61
C ASP E 602 -14.30 6.28 41.32
N GLY E 603 -13.81 7.48 41.64
CA GLY E 603 -12.58 7.64 42.43
C GLY E 603 -11.29 7.11 41.83
N GLY E 604 -11.22 7.11 40.50
CA GLY E 604 -10.01 6.73 39.77
C GLY E 604 -9.10 7.93 39.52
N PRO E 605 -8.00 7.74 38.77
CA PRO E 605 -7.06 8.82 38.47
C PRO E 605 -7.45 9.66 37.26
N ASN E 606 -6.84 10.84 37.14
CA ASN E 606 -7.05 11.73 36.01
C ASN E 606 -6.15 11.30 34.85
N PRO E 607 -6.75 10.82 33.74
CA PRO E 607 -5.94 10.45 32.59
C PRO E 607 -5.50 11.62 31.72
N TYR E 608 -6.19 12.77 31.83
CA TYR E 608 -6.09 13.83 30.85
C TYR E 608 -4.83 14.69 30.91
N ASN E 609 -4.53 15.27 29.75
CA ASN E 609 -3.43 16.21 29.53
C ASN E 609 -3.74 16.81 28.15
N LEU E 610 -3.05 17.90 27.79
CA LEU E 610 -3.27 18.61 26.52
C LEU E 610 -3.73 17.71 25.35
N ARG E 611 -2.96 16.67 25.06
CA ARG E 611 -3.24 15.77 23.94
C ARG E 611 -4.55 14.98 24.07
N ASN E 612 -4.88 14.53 25.29
CA ASN E 612 -6.03 13.63 25.51
C ASN E 612 -7.41 14.31 25.49
N LEU E 613 -7.44 15.64 25.63
CA LEU E 613 -8.68 16.41 25.86
C LEU E 613 -9.84 16.09 24.92
N HIS E 614 -9.54 15.81 23.66
CA HIS E 614 -10.56 15.49 22.65
C HIS E 614 -11.11 14.04 22.70
N ILE E 615 -10.53 13.17 23.53
CA ILE E 615 -11.01 11.78 23.67
C ILE E 615 -11.91 11.67 24.92
N PRO E 616 -13.07 11.00 24.81
CA PRO E 616 -13.89 10.75 26.02
C PRO E 616 -13.21 9.84 27.05
N GLU E 617 -13.50 10.08 28.33
CA GLU E 617 -12.87 9.36 29.45
C GLU E 617 -13.07 7.84 29.34
N VAL E 618 -14.29 7.44 28.99
CA VAL E 618 -14.68 6.02 28.92
C VAL E 618 -13.86 5.32 27.85
N CYS E 619 -13.88 5.90 26.65
CA CYS E 619 -13.10 5.41 25.52
C CYS E 619 -11.58 5.46 25.77
N LEU E 620 -11.12 6.49 26.49
CA LEU E 620 -9.71 6.60 26.87
C LEU E 620 -9.28 5.49 27.85
N LYS E 621 -10.08 5.27 28.89
CA LYS E 621 -9.79 4.22 29.90
C LYS E 621 -10.29 2.80 29.53
N TRP E 622 -10.96 2.65 28.38
CA TRP E 622 -11.39 1.34 27.86
C TRP E 622 -10.27 0.30 27.79
N SER E 623 -9.09 0.73 27.36
CA SER E 623 -7.90 -0.12 27.27
C SER E 623 -7.48 -0.65 28.64
N LEU E 624 -7.37 0.25 29.61
CA LEU E 624 -6.94 -0.07 30.99
C LEU E 624 -8.08 -0.56 31.91
N MET E 625 -9.30 -0.63 31.38
CA MET E 625 -10.48 -1.00 32.18
C MET E 625 -10.46 -2.47 32.63
N ASP E 626 -11.16 -2.75 33.72
CA ASP E 626 -11.39 -4.13 34.18
C ASP E 626 -12.62 -4.71 33.48
N PRO E 627 -12.50 -5.93 32.89
CA PRO E 627 -13.63 -6.50 32.14
C PRO E 627 -14.93 -6.63 32.97
N ASP E 628 -14.79 -6.91 34.26
CA ASP E 628 -15.91 -6.89 35.21
C ASP E 628 -16.48 -5.48 35.35
N TYR E 629 -15.59 -4.48 35.50
CA TYR E 629 -15.99 -3.08 35.69
C TYR E 629 -16.73 -2.56 34.45
N ARG E 630 -16.04 -2.57 33.31
CA ARG E 630 -16.60 -2.07 32.05
C ARG E 630 -17.91 -2.74 31.64
N GLY E 631 -18.11 -4.00 32.05
CA GLY E 631 -19.39 -4.67 31.86
C GLY E 631 -20.51 -4.02 32.66
N ARG E 632 -20.23 -3.69 33.91
CA ARG E 632 -21.24 -3.11 34.81
C ARG E 632 -21.47 -1.63 34.51
N LEU E 633 -20.37 -0.90 34.29
CA LEU E 633 -20.41 0.53 33.95
C LEU E 633 -21.23 0.80 32.69
N CYS E 634 -20.98 0.02 31.64
CA CYS E 634 -21.64 0.17 30.33
C CYS E 634 -22.72 -0.89 30.08
N ASN E 635 -23.43 -1.31 31.13
CA ASN E 635 -24.57 -2.21 30.98
C ASN E 635 -25.72 -1.39 30.36
N PRO E 636 -26.22 -1.80 29.18
CA PRO E 636 -27.38 -1.08 28.61
C PRO E 636 -28.67 -1.21 29.42
N ASN E 637 -28.79 -2.27 30.23
CA ASN E 637 -29.98 -2.53 31.04
C ASN E 637 -30.00 -1.82 32.40
N ASN E 638 -29.12 -0.83 32.62
CA ASN E 638 -29.09 -0.09 33.90
C ASN E 638 -30.31 0.83 34.05
N PRO E 639 -30.70 1.15 35.31
CA PRO E 639 -31.87 2.00 35.56
C PRO E 639 -31.56 3.51 35.67
N PHE E 640 -30.29 3.90 35.56
CA PHE E 640 -29.86 5.28 35.78
C PHE E 640 -30.05 6.16 34.55
N VAL E 641 -29.68 5.63 33.38
CA VAL E 641 -29.86 6.33 32.10
C VAL E 641 -31.34 6.43 31.73
N HIS E 642 -31.69 7.50 31.02
CA HIS E 642 -33.06 7.73 30.55
C HIS E 642 -33.06 8.31 29.13
N HIS E 643 -32.98 7.44 28.14
CA HIS E 643 -33.07 7.85 26.74
C HIS E 643 -34.53 8.16 26.40
N MET E 644 -34.74 9.27 25.71
CA MET E 644 -36.10 9.72 25.32
C MET E 644 -36.25 9.92 23.81
N GLU E 645 -35.32 10.66 23.21
CA GLU E 645 -35.39 11.04 21.80
C GLU E 645 -33.97 11.29 21.30
N VAL E 646 -33.71 10.97 20.04
CA VAL E 646 -32.35 11.06 19.49
C VAL E 646 -31.87 12.51 19.43
N GLU E 647 -32.69 13.38 18.86
CA GLU E 647 -32.34 14.82 18.72
C GLU E 647 -31.99 15.52 20.04
N SER E 648 -32.53 15.04 21.16
CA SER E 648 -32.18 15.54 22.49
C SER E 648 -30.97 14.84 23.16
N THR E 649 -30.44 13.78 22.53
CA THR E 649 -29.38 12.97 23.14
C THR E 649 -28.01 13.68 23.06
N ASN E 650 -27.25 13.58 24.14
CA ASN E 650 -25.95 14.25 24.29
C ASN E 650 -26.03 15.77 24.09
N LEU E 651 -26.98 16.38 24.79
CA LEU E 651 -27.16 17.84 24.78
C LEU E 651 -27.34 18.37 26.20
N ALA E 652 -26.35 19.13 26.67
CA ALA E 652 -26.43 19.85 27.94
C ALA E 652 -26.89 21.28 27.68
N VAL E 653 -27.16 22.01 28.75
CA VAL E 653 -27.49 23.43 28.69
C VAL E 653 -26.47 24.20 29.53
N VAL E 654 -25.86 25.23 28.93
CA VAL E 654 -24.86 26.06 29.61
C VAL E 654 -25.15 27.55 29.34
N MET E 655 -25.02 28.38 30.37
CA MET E 655 -25.19 29.82 30.27
C MET E 655 -23.81 30.49 30.39
N PRO E 656 -23.36 31.20 29.33
CA PRO E 656 -22.07 31.90 29.39
C PRO E 656 -22.16 33.23 30.12
N ALA E 657 -21.06 33.99 30.16
CA ALA E 657 -21.02 35.29 30.82
C ALA E 657 -21.88 36.32 30.09
N HIS E 658 -21.66 36.47 28.79
CA HIS E 658 -22.45 37.33 27.91
C HIS E 658 -23.19 36.47 26.88
N GLY E 659 -24.48 36.22 27.13
CA GLY E 659 -25.32 35.46 26.22
C GLY E 659 -26.66 35.10 26.83
N PRO E 660 -27.67 34.77 25.99
CA PRO E 660 -28.99 34.47 26.54
C PRO E 660 -29.08 33.07 27.14
N ALA E 661 -29.00 32.03 26.30
CA ALA E 661 -29.09 30.65 26.74
C ALA E 661 -28.58 29.74 25.62
N LYS E 662 -27.67 28.83 25.94
CA LYS E 662 -27.05 27.95 24.96
C LYS E 662 -27.17 26.48 25.36
N SER E 663 -27.52 25.64 24.38
CA SER E 663 -27.45 24.19 24.53
C SER E 663 -26.17 23.70 23.84
N LEU E 664 -25.36 22.92 24.57
CA LEU E 664 -24.05 22.46 24.12
C LEU E 664 -24.03 20.95 23.94
N GLU E 665 -23.38 20.48 22.86
CA GLU E 665 -23.21 19.06 22.60
C GLU E 665 -21.94 18.55 23.28
N TYR E 666 -21.98 17.30 23.76
CA TYR E 666 -20.83 16.67 24.41
C TYR E 666 -20.67 15.21 23.98
N ASP E 667 -19.42 14.77 23.87
CA ASP E 667 -19.08 13.42 23.42
C ASP E 667 -18.74 12.51 24.60
N ALA E 668 -19.59 11.52 24.87
CA ALA E 668 -19.36 10.56 25.95
C ALA E 668 -20.14 9.27 25.76
N VAL E 669 -19.64 8.20 26.37
CA VAL E 669 -20.25 6.87 26.26
C VAL E 669 -21.42 6.75 27.24
N ALA E 670 -22.46 6.02 26.84
CA ALA E 670 -23.67 5.85 27.65
C ALA E 670 -23.44 4.92 28.85
N THR E 671 -22.83 5.48 29.89
CA THR E 671 -22.53 4.76 31.13
C THR E 671 -23.62 4.99 32.17
N THR E 672 -23.50 4.31 33.30
CA THR E 672 -24.34 4.56 34.48
C THR E 672 -24.20 6.00 35.01
N HIS E 673 -23.04 6.62 34.78
CA HIS E 673 -22.79 8.01 35.18
C HIS E 673 -23.58 9.07 34.40
N SER E 674 -24.17 8.68 33.26
CA SER E 674 -25.11 9.54 32.53
C SER E 674 -26.51 9.41 33.15
N TRP E 675 -26.70 10.07 34.29
CA TRP E 675 -27.97 10.03 35.03
C TRP E 675 -28.63 11.40 35.09
N THR E 676 -29.93 11.41 35.35
CA THR E 676 -30.69 12.64 35.52
C THR E 676 -30.90 12.91 37.02
N PRO E 677 -30.64 14.16 37.48
CA PRO E 677 -30.93 14.48 38.88
C PRO E 677 -32.42 14.69 39.16
N LYS E 678 -32.77 14.83 40.44
CA LYS E 678 -34.16 14.99 40.86
C LYS E 678 -34.77 16.28 40.33
N ARG E 679 -36.08 16.23 40.09
CA ARG E 679 -36.84 17.41 39.67
C ARG E 679 -37.23 18.24 40.88
N ASN E 680 -37.57 19.50 40.65
CA ASN E 680 -38.04 20.39 41.70
C ASN E 680 -39.42 19.95 42.15
N ARG E 681 -39.57 19.74 43.45
CA ARG E 681 -40.77 19.16 44.03
C ARG E 681 -41.66 20.17 44.77
N SER E 682 -41.33 21.47 44.66
CA SER E 682 -42.15 22.54 45.25
C SER E 682 -43.54 22.67 44.66
N ILE E 683 -43.74 22.15 43.44
CA ILE E 683 -45.06 22.14 42.79
C ILE E 683 -46.07 21.15 43.45
N LEU E 684 -45.58 20.25 44.30
CA LEU E 684 -46.46 19.38 45.11
C LEU E 684 -47.39 20.17 46.05
N ASN E 685 -46.83 21.17 46.73
CA ASN E 685 -47.59 22.00 47.67
C ASN E 685 -48.69 22.83 46.98
N THR E 686 -48.35 23.43 45.84
CA THR E 686 -49.23 24.37 45.15
C THR E 686 -50.40 23.69 44.42
N ASN E 687 -51.34 24.52 43.95
CA ASN E 687 -52.55 24.05 43.27
C ASN E 687 -52.33 23.42 41.88
N GLN E 688 -51.09 23.46 41.38
CA GLN E 688 -50.74 22.82 40.09
C GLN E 688 -50.33 21.35 40.26
N ARG E 689 -50.78 20.69 41.33
CA ARG E 689 -50.36 19.32 41.66
C ARG E 689 -50.77 18.30 40.59
N GLY E 690 -51.91 18.53 39.92
CA GLY E 690 -52.39 17.65 38.85
C GLY E 690 -51.50 17.56 37.62
N ILE E 691 -50.79 18.65 37.32
CA ILE E 691 -49.93 18.72 36.12
C ILE E 691 -48.79 17.70 36.22
N LEU E 692 -48.38 17.35 37.44
CA LEU E 692 -47.49 16.21 37.68
C LEU E 692 -48.13 14.89 37.27
N GLU E 693 -49.39 14.67 37.65
CA GLU E 693 -50.11 13.44 37.31
C GLU E 693 -50.37 13.33 35.81
N ASP E 694 -50.79 14.42 35.19
CA ASP E 694 -50.97 14.46 33.72
C ASP E 694 -49.72 13.97 32.99
N GLU E 695 -48.57 14.51 33.39
CA GLU E 695 -47.26 14.13 32.83
C GLU E 695 -46.99 12.63 32.91
N ARG E 696 -47.32 12.01 34.03
CA ARG E 696 -47.19 10.55 34.20
C ARG E 696 -47.99 9.81 33.13
N ILE E 697 -49.21 10.29 32.86
CA ILE E 697 -50.08 9.66 31.86
C ILE E 697 -49.52 9.92 30.46
N TYR E 698 -49.18 11.18 30.16
CA TYR E 698 -48.66 11.54 28.83
C TYR E 698 -47.34 10.82 28.49
N GLN E 699 -46.39 10.79 29.43
CA GLN E 699 -45.11 10.13 29.21
C GLN E 699 -45.25 8.62 29.05
N LYS E 700 -46.07 8.00 29.91
CA LYS E 700 -46.32 6.56 29.81
C LYS E 700 -47.19 6.18 28.61
N CYS E 701 -48.01 7.10 28.12
CA CYS E 701 -48.75 6.91 26.85
C CYS E 701 -47.80 6.87 25.64
N CYS E 702 -46.79 7.74 25.65
CA CYS E 702 -45.74 7.71 24.62
C CYS E 702 -44.83 6.50 24.79
N GLN E 703 -44.48 6.20 26.04
CA GLN E 703 -43.65 5.01 26.37
C GLN E 703 -44.21 3.73 25.74
N VAL E 704 -45.52 3.51 25.87
CA VAL E 704 -46.18 2.34 25.27
C VAL E 704 -46.25 2.44 23.74
N PHE E 705 -46.49 3.63 23.21
CA PHE E 705 -46.50 3.86 21.75
C PHE E 705 -45.15 3.48 21.16
N GLU E 706 -44.07 3.91 21.83
CA GLU E 706 -42.70 3.62 21.38
C GLU E 706 -42.34 2.12 21.35
N LYS E 707 -43.10 1.28 22.05
CA LYS E 707 -42.98 -0.18 21.92
C LYS E 707 -43.48 -0.65 20.55
N PHE E 708 -44.60 -0.08 20.10
CA PHE E 708 -45.16 -0.40 18.79
C PHE E 708 -44.41 0.29 17.65
N PHE E 709 -44.04 1.55 17.85
CA PHE E 709 -43.28 2.33 16.87
C PHE E 709 -41.96 2.83 17.45
N PRO E 710 -40.92 1.97 17.49
CA PRO E 710 -39.54 2.36 17.82
C PRO E 710 -39.00 3.61 17.10
N SER E 711 -39.31 3.76 15.81
CA SER E 711 -38.82 4.88 15.00
C SER E 711 -39.12 6.28 15.57
N SER E 712 -40.25 6.43 16.26
CA SER E 712 -40.66 7.70 16.87
C SER E 712 -39.60 8.36 17.76
N THR E 713 -38.70 7.56 18.33
CA THR E 713 -37.57 8.08 19.10
C THR E 713 -36.51 8.80 18.24
N TYR E 714 -36.34 8.36 16.99
CA TYR E 714 -35.35 8.97 16.08
C TYR E 714 -35.98 10.08 15.22
N ARG E 715 -36.83 9.68 14.27
CA ARG E 715 -37.58 10.63 13.44
C ARG E 715 -38.97 10.80 14.02
N ARG E 716 -39.48 12.03 14.02
CA ARG E 716 -40.81 12.31 14.58
C ARG E 716 -41.88 11.53 13.82
N PRO E 717 -42.87 10.97 14.55
CA PRO E 717 -43.90 10.17 13.89
C PRO E 717 -44.96 11.08 13.26
N ILE E 718 -45.02 11.07 11.93
CA ILE E 718 -45.97 11.92 11.18
C ILE E 718 -47.24 11.12 10.88
N GLY E 719 -48.36 11.56 11.45
CA GLY E 719 -49.65 10.90 11.24
C GLY E 719 -50.85 11.67 11.77
N MET E 720 -51.89 11.76 10.96
CA MET E 720 -53.15 12.40 11.35
C MET E 720 -54.09 11.48 12.15
N ALA E 721 -53.89 10.16 12.04
CA ALA E 721 -54.72 9.17 12.74
C ALA E 721 -54.40 9.10 14.24
N SER E 722 -55.23 8.37 14.98
CA SER E 722 -55.11 8.28 16.44
C SER E 722 -53.97 7.36 16.88
N MET E 723 -53.41 7.65 18.05
CA MET E 723 -52.34 6.84 18.66
C MET E 723 -52.77 5.39 18.84
N LEU E 724 -53.96 5.20 19.39
CA LEU E 724 -54.54 3.87 19.58
C LEU E 724 -54.71 3.13 18.25
N ASP E 725 -55.34 3.81 17.29
CA ASP E 725 -55.58 3.27 15.95
C ASP E 725 -54.28 2.92 15.24
N ALA E 726 -53.23 3.72 15.45
CA ALA E 726 -51.90 3.42 14.92
C ALA E 726 -51.31 2.14 15.52
N MET E 727 -51.42 2.01 16.85
CA MET E 727 -50.89 0.85 17.58
C MET E 727 -51.66 -0.43 17.24
N LEU E 728 -52.99 -0.35 17.22
CA LEU E 728 -53.84 -1.50 16.87
C LEU E 728 -53.55 -2.05 15.46
N SER E 729 -53.40 -1.14 14.49
CA SER E 729 -53.06 -1.53 13.11
C SER E 729 -51.67 -2.15 13.02
N ARG E 730 -50.72 -1.66 13.82
CA ARG E 730 -49.38 -2.26 13.91
C ARG E 730 -49.46 -3.66 14.50
N ALA E 731 -50.12 -3.77 15.67
CA ALA E 731 -50.23 -5.04 16.41
C ALA E 731 -50.78 -6.20 15.58
N ARG E 732 -51.84 -5.93 14.81
CA ARG E 732 -52.47 -6.93 13.95
C ARG E 732 -51.52 -7.48 12.88
N ILE E 733 -50.82 -6.57 12.21
CA ILE E 733 -49.92 -6.93 11.11
C ILE E 733 -48.61 -7.55 11.63
N ASP E 734 -48.08 -7.00 12.72
CA ASP E 734 -46.87 -7.57 13.37
C ASP E 734 -47.09 -9.02 13.81
N ALA E 735 -48.22 -9.25 14.49
CA ALA E 735 -48.61 -10.59 14.92
C ALA E 735 -48.83 -11.56 13.74
N ARG E 736 -49.32 -11.05 12.61
CA ARG E 736 -49.49 -11.85 11.39
C ARG E 736 -48.15 -12.14 10.70
N ILE E 737 -47.24 -11.16 10.67
CA ILE E 737 -45.87 -11.41 10.15
C ILE E 737 -45.11 -12.38 11.06
N ASP E 738 -45.25 -12.23 12.38
CA ASP E 738 -44.66 -13.18 13.33
C ASP E 738 -45.31 -14.58 13.29
N LEU E 739 -46.54 -14.68 12.81
CA LEU E 739 -47.20 -15.97 12.59
C LEU E 739 -46.66 -16.68 11.35
N GLU E 740 -46.86 -16.07 10.18
CA GLU E 740 -46.61 -16.74 8.89
C GLU E 740 -45.16 -17.19 8.73
N SER E 741 -44.25 -16.22 8.73
CA SER E 741 -42.81 -16.49 8.61
C SER E 741 -42.16 -16.74 9.97
N GLY E 742 -42.51 -15.92 10.95
CA GLY E 742 -41.84 -15.94 12.27
C GLY E 742 -42.15 -17.12 13.15
N ARG E 743 -41.83 -16.96 14.44
CA ARG E 743 -41.97 -18.04 15.44
C ARG E 743 -43.02 -17.66 16.49
N ILE E 744 -44.29 -17.66 16.08
CA ILE E 744 -45.45 -17.52 16.97
C ILE E 744 -46.54 -18.49 16.50
N SER E 745 -47.23 -19.11 17.45
CA SER E 745 -48.24 -20.14 17.14
C SER E 745 -49.61 -19.56 16.78
N SER E 746 -50.43 -20.41 16.16
CA SER E 746 -51.76 -20.04 15.70
C SER E 746 -52.70 -19.64 16.84
N GLN E 747 -52.60 -20.34 17.97
CA GLN E 747 -53.33 -19.96 19.20
C GLN E 747 -52.82 -18.66 19.81
N ASP E 748 -51.51 -18.42 19.74
CA ASP E 748 -50.91 -17.15 20.19
C ASP E 748 -51.31 -15.97 19.30
N PHE E 749 -51.41 -16.22 17.99
CA PHE E 749 -51.93 -15.20 17.05
C PHE E 749 -53.39 -14.83 17.35
N SER E 750 -54.22 -15.86 17.54
CA SER E 750 -55.65 -15.68 17.84
C SER E 750 -55.86 -14.81 19.09
N GLU E 751 -55.11 -15.12 20.14
CA GLU E 751 -55.11 -14.33 21.39
C GLU E 751 -54.97 -12.84 21.11
N ILE E 752 -53.94 -12.49 20.32
CA ILE E 752 -53.64 -11.09 20.00
C ILE E 752 -54.83 -10.46 19.27
N THR E 753 -55.15 -10.98 18.09
CA THR E 753 -56.27 -10.45 17.28
C THR E 753 -57.57 -10.34 18.07
N ASN E 754 -57.89 -11.37 18.87
CA ASN E 754 -59.05 -11.33 19.77
C ASN E 754 -58.94 -10.23 20.82
N THR E 755 -57.73 -10.02 21.37
CA THR E 755 -57.52 -8.91 22.30
C THR E 755 -57.71 -7.54 21.62
N CYS E 756 -57.16 -7.40 20.42
CA CYS E 756 -57.34 -6.20 19.60
C CYS E 756 -58.82 -5.95 19.26
N LYS E 757 -59.53 -7.01 18.91
CA LYS E 757 -60.98 -6.94 18.68
C LYS E 757 -61.75 -6.49 19.93
N ALA E 758 -61.36 -7.02 21.09
CA ALA E 758 -61.94 -6.59 22.37
C ALA E 758 -61.62 -5.12 22.70
N ILE E 759 -60.37 -4.73 22.48
CA ILE E 759 -59.95 -3.32 22.65
C ILE E 759 -60.70 -2.39 21.69
N GLU E 760 -60.92 -2.85 20.46
CA GLU E 760 -61.74 -2.10 19.48
C GLU E 760 -63.18 -1.89 19.95
N ALA E 761 -63.75 -2.90 20.59
CA ALA E 761 -65.08 -2.77 21.22
C ALA E 761 -65.04 -1.82 22.43
N LEU E 762 -64.06 -2.04 23.31
CA LEU E 762 -63.88 -1.18 24.50
C LEU E 762 -63.56 0.30 24.17
N LYS E 763 -63.00 0.54 22.98
CA LYS E 763 -62.86 1.89 22.44
C LYS E 763 -64.24 2.47 22.09
N ARG E 764 -64.98 1.74 21.26
CA ARG E 764 -66.29 2.18 20.76
C ARG E 764 -67.34 2.31 21.87
N GLN E 765 -67.23 1.50 22.92
CA GLN E 765 -68.15 1.61 24.08
C GLN E 765 -68.05 2.94 24.85
N GLY E 766 -66.91 3.64 24.73
CA GLY E 766 -66.75 4.98 25.31
C GLY E 766 -66.33 6.00 24.27
N SER F 8 -41.72 -9.57 23.58
CA SER F 8 -43.11 -9.17 23.97
C SER F 8 -44.11 -9.41 22.82
N GLY F 9 -44.47 -10.68 22.62
CA GLY F 9 -45.47 -11.05 21.61
C GLY F 9 -46.86 -10.59 22.00
N MET F 10 -47.34 -11.10 23.13
CA MET F 10 -48.64 -10.71 23.71
C MET F 10 -48.51 -9.54 24.71
N GLU F 11 -47.39 -9.51 25.43
CA GLU F 11 -47.20 -8.65 26.62
C GLU F 11 -47.58 -7.19 26.40
N ARG F 12 -47.11 -6.62 25.30
CA ARG F 12 -47.46 -5.23 24.94
C ARG F 12 -48.95 -5.04 24.63
N ILE F 13 -49.58 -6.03 23.98
CA ILE F 13 -51.02 -5.95 23.67
C ILE F 13 -51.86 -6.17 24.93
N LYS F 14 -51.40 -7.02 25.85
CA LYS F 14 -52.04 -7.17 27.16
C LYS F 14 -51.81 -5.94 28.05
N GLU F 15 -50.68 -5.25 27.87
CA GLU F 15 -50.44 -3.96 28.53
C GLU F 15 -51.39 -2.88 28.01
N LEU F 16 -51.56 -2.82 26.69
CA LEU F 16 -52.49 -1.85 26.05
C LEU F 16 -53.96 -2.08 26.43
N MET F 17 -54.35 -3.34 26.61
CA MET F 17 -55.69 -3.70 27.10
C MET F 17 -55.95 -3.03 28.45
N GLU F 18 -54.98 -3.15 29.36
CA GLU F 18 -55.07 -2.54 30.69
C GLU F 18 -54.97 -1.01 30.63
N MET F 19 -54.22 -0.48 29.66
CA MET F 19 -54.19 0.97 29.40
C MET F 19 -55.57 1.48 28.98
N VAL F 20 -56.17 0.78 28.00
CA VAL F 20 -57.49 1.17 27.48
C VAL F 20 -58.61 1.00 28.51
N LYS F 21 -58.47 0.06 29.44
CA LYS F 21 -59.44 -0.12 30.53
C LYS F 21 -59.69 1.15 31.36
N ASN F 22 -58.63 1.92 31.61
CA ASN F 22 -58.73 3.18 32.35
C ASN F 22 -59.31 4.29 31.47
N SER F 23 -60.34 4.98 31.98
CA SER F 23 -61.06 6.01 31.22
C SER F 23 -60.26 7.29 30.98
N ARG F 24 -59.38 7.64 31.93
CA ARG F 24 -58.58 8.88 31.84
C ARG F 24 -57.55 8.85 30.70
N MET F 25 -56.94 7.70 30.46
CA MET F 25 -55.89 7.58 29.42
C MET F 25 -56.39 7.03 28.08
N ARG F 26 -57.49 6.27 28.08
CA ARG F 26 -58.16 5.89 26.82
C ARG F 26 -58.71 7.13 26.11
N GLU F 27 -59.10 8.15 26.89
CA GLU F 27 -59.39 9.49 26.37
C GLU F 27 -58.20 10.03 25.56
N ILE F 28 -57.04 10.06 26.21
CA ILE F 28 -55.81 10.61 25.62
C ILE F 28 -55.35 9.80 24.41
N LEU F 29 -55.37 8.46 24.52
CA LEU F 29 -54.98 7.58 23.41
C LEU F 29 -55.87 7.71 22.16
N THR F 30 -57.15 8.01 22.36
CA THR F 30 -58.11 8.18 21.25
C THR F 30 -58.12 9.61 20.72
N THR F 31 -58.09 10.61 21.61
CA THR F 31 -58.16 12.01 21.21
C THR F 31 -56.89 12.50 20.51
N THR F 32 -55.75 12.39 21.19
CA THR F 32 -54.49 12.94 20.66
C THR F 32 -53.99 12.12 19.47
N SER F 33 -53.76 12.80 18.35
CA SER F 33 -53.28 12.15 17.13
C SER F 33 -51.78 11.88 17.18
N VAL F 34 -51.28 11.23 16.13
CA VAL F 34 -49.85 10.89 15.99
C VAL F 34 -48.99 12.16 15.76
N ASP F 35 -49.56 13.18 15.14
CA ASP F 35 -48.92 14.51 15.07
C ASP F 35 -48.84 15.11 16.47
N HIS F 36 -50.00 15.23 17.11
CA HIS F 36 -50.11 15.82 18.45
C HIS F 36 -49.40 15.03 19.56
N MET F 37 -49.07 13.75 19.34
CA MET F 37 -48.31 12.98 20.34
C MET F 37 -46.92 13.60 20.61
N ALA F 38 -46.30 14.14 19.56
CA ALA F 38 -45.00 14.81 19.67
C ALA F 38 -45.02 16.06 20.56
N VAL F 39 -46.20 16.66 20.75
CA VAL F 39 -46.39 17.75 21.70
C VAL F 39 -46.50 17.24 23.14
N ILE F 40 -47.35 16.24 23.36
CA ILE F 40 -47.55 15.67 24.71
C ILE F 40 -46.38 14.80 25.22
N LYS F 41 -45.53 14.35 24.30
CA LYS F 41 -44.26 13.71 24.68
C LYS F 41 -43.36 14.67 25.47
N LYS F 42 -43.29 15.91 25.02
CA LYS F 42 -42.46 16.96 25.65
C LYS F 42 -43.17 17.77 26.76
N TYR F 43 -44.40 17.37 27.10
CA TYR F 43 -45.18 18.03 28.15
C TYR F 43 -44.60 17.69 29.52
N THR F 44 -44.10 18.70 30.23
CA THR F 44 -43.59 18.54 31.59
C THR F 44 -43.88 19.76 32.48
N SER F 45 -44.21 19.51 33.74
CA SER F 45 -44.46 20.57 34.74
C SER F 45 -43.16 21.30 35.12
N GLY F 46 -42.06 20.56 35.11
CA GLY F 46 -40.74 21.12 35.38
C GLY F 46 -40.23 21.94 34.22
N ARG F 47 -39.41 22.94 34.53
CA ARG F 47 -38.81 23.83 33.53
C ARG F 47 -37.29 23.75 33.60
N GLN F 48 -36.64 24.27 32.57
CA GLN F 48 -35.19 24.11 32.40
C GLN F 48 -34.41 24.74 33.55
N GLU F 49 -33.28 24.12 33.87
CA GLU F 49 -32.42 24.59 34.96
C GLU F 49 -31.69 25.87 34.55
N LYS F 50 -31.73 26.88 35.42
CA LYS F 50 -31.17 28.21 35.11
C LYS F 50 -29.69 28.30 35.43
N ASN F 51 -29.30 27.82 36.62
CA ASN F 51 -27.90 27.76 37.05
C ASN F 51 -27.56 26.33 37.52
N PRO F 52 -27.29 25.42 36.55
CA PRO F 52 -27.08 24.02 36.89
C PRO F 52 -25.79 23.75 37.68
N ALA F 53 -24.73 24.48 37.36
CA ALA F 53 -23.47 24.42 38.11
C ALA F 53 -23.69 24.59 39.62
N LEU F 54 -24.55 25.54 39.99
CA LEU F 54 -24.96 25.74 41.38
C LEU F 54 -25.87 24.61 41.87
N ARG F 55 -26.88 24.29 41.06
CA ARG F 55 -27.90 23.30 41.47
C ARG F 55 -27.32 21.91 41.70
N MET F 56 -26.27 21.54 40.98
CA MET F 56 -25.59 20.25 41.21
C MET F 56 -24.74 20.28 42.49
N LYS F 57 -23.95 21.35 42.65
CA LYS F 57 -23.27 21.64 43.93
C LYS F 57 -24.22 21.53 45.12
N TRP F 58 -25.42 22.10 44.96
CA TRP F 58 -26.48 22.03 45.98
C TRP F 58 -27.00 20.60 46.14
N MET F 59 -27.49 20.01 45.05
CA MET F 59 -28.16 18.69 45.09
C MET F 59 -27.25 17.55 45.51
N MET F 60 -25.98 17.55 45.09
CA MET F 60 -25.04 16.49 45.49
C MET F 60 -24.73 16.45 47.00
N ALA F 61 -25.08 17.53 47.72
CA ALA F 61 -25.09 17.50 49.19
C ALA F 61 -26.30 16.74 49.77
N MET F 62 -27.42 16.71 49.03
CA MET F 62 -28.63 16.01 49.48
C MET F 62 -28.46 14.50 49.52
N LYS F 63 -29.36 13.84 50.24
CA LYS F 63 -29.26 12.40 50.50
C LYS F 63 -29.59 11.57 49.26
N TYR F 64 -30.71 11.92 48.60
CA TYR F 64 -31.20 11.20 47.42
C TYR F 64 -31.44 12.17 46.24
N PRO F 65 -30.34 12.56 45.55
CA PRO F 65 -30.44 13.51 44.43
C PRO F 65 -30.79 12.90 43.07
N ILE F 66 -30.28 11.71 42.77
CA ILE F 66 -30.45 11.10 41.45
C ILE F 66 -31.83 10.45 41.36
N SER F 67 -32.41 10.41 40.16
CA SER F 67 -33.62 9.64 39.88
C SER F 67 -33.29 8.44 38.98
N ALA F 68 -34.05 7.37 39.14
CA ALA F 68 -33.83 6.11 38.42
C ALA F 68 -35.12 5.31 38.31
N SER F 69 -35.15 4.39 37.35
CA SER F 69 -36.37 3.63 37.01
C SER F 69 -36.88 2.78 38.18
N SER F 70 -38.21 2.67 38.29
CA SER F 70 -38.88 1.88 39.34
C SER F 70 -38.30 0.48 39.54
N ARG F 71 -37.84 -0.14 38.46
CA ARG F 71 -37.21 -1.47 38.51
C ARG F 71 -35.79 -1.51 39.11
N ILE F 72 -35.24 -0.36 39.56
CA ILE F 72 -34.01 -0.37 40.37
C ILE F 72 -34.23 -1.09 41.72
N ARG F 73 -35.45 -0.98 42.25
CA ARG F 73 -35.84 -1.68 43.47
C ARG F 73 -35.73 -3.21 43.35
N GLU F 74 -35.90 -3.72 42.14
CA GLU F 74 -35.69 -5.15 41.83
C GLU F 74 -34.19 -5.48 41.71
N MET F 75 -33.45 -4.62 41.00
CA MET F 75 -32.07 -4.94 40.57
C MET F 75 -31.02 -4.87 41.68
N ILE F 76 -31.08 -3.83 42.52
CA ILE F 76 -30.07 -3.61 43.57
C ILE F 76 -30.73 -3.63 44.97
N PRO F 77 -29.94 -3.91 46.03
CA PRO F 77 -30.53 -3.97 47.38
C PRO F 77 -30.87 -2.60 47.95
N GLU F 78 -31.70 -2.58 48.99
CA GLU F 78 -32.15 -1.33 49.61
C GLU F 78 -31.05 -0.68 50.45
N LYS F 79 -30.36 -1.50 51.25
CA LYS F 79 -29.25 -1.05 52.09
C LYS F 79 -27.98 -1.78 51.63
N ASP F 80 -26.90 -1.03 51.38
CA ASP F 80 -25.65 -1.63 50.89
C ASP F 80 -24.78 -2.19 52.03
N GLU F 81 -23.74 -2.94 51.66
CA GLU F 81 -22.90 -3.69 52.62
C GLU F 81 -22.32 -2.82 53.75
N ASP F 82 -21.91 -1.60 53.42
CA ASP F 82 -21.35 -0.67 54.40
C ASP F 82 -22.42 0.03 55.27
N GLY F 83 -23.69 -0.07 54.88
CA GLY F 83 -24.80 0.52 55.63
C GLY F 83 -25.27 1.88 55.11
N ASN F 84 -25.24 2.05 53.78
CA ASN F 84 -25.81 3.22 53.11
C ASN F 84 -27.11 2.81 52.43
N THR F 85 -28.11 3.70 52.46
CA THR F 85 -29.38 3.48 51.77
C THR F 85 -29.18 3.78 50.28
N LEU F 86 -29.46 2.79 49.43
CA LEU F 86 -29.24 2.92 47.98
C LEU F 86 -30.44 3.55 47.26
N TRP F 87 -31.65 3.12 47.60
CA TRP F 87 -32.88 3.68 47.03
C TRP F 87 -33.99 3.86 48.05
N THR F 88 -35.02 4.61 47.64
CA THR F 88 -36.23 4.84 48.42
C THR F 88 -37.47 4.64 47.56
N ASN F 89 -38.63 4.56 48.21
CA ASN F 89 -39.91 4.40 47.51
C ASN F 89 -40.55 5.74 47.10
N THR F 90 -40.00 6.86 47.58
CA THR F 90 -40.48 8.19 47.22
C THR F 90 -40.19 8.50 45.75
N LYS F 91 -41.24 8.72 44.97
CA LYS F 91 -41.15 8.88 43.52
C LYS F 91 -40.79 10.31 43.12
N ASP F 92 -40.17 10.45 41.95
CA ASP F 92 -39.76 11.75 41.40
C ASP F 92 -40.98 12.53 40.93
N ALA F 93 -40.83 13.86 40.81
CA ALA F 93 -41.93 14.74 40.39
C ALA F 93 -42.50 14.37 39.01
N GLY F 94 -43.70 13.79 39.00
CA GLY F 94 -44.41 13.42 37.77
C GLY F 94 -43.84 12.24 37.00
N SER F 95 -43.27 11.27 37.71
CA SER F 95 -42.64 10.10 37.10
C SER F 95 -42.86 8.83 37.94
N ASN F 96 -42.69 7.68 37.29
CA ASN F 96 -42.61 6.40 38.00
C ASN F 96 -41.21 6.15 38.58
N ARG F 97 -40.24 6.96 38.17
CA ARG F 97 -38.87 6.91 38.71
C ARG F 97 -38.85 7.23 40.20
N VAL F 98 -37.85 6.69 40.90
CA VAL F 98 -37.71 6.85 42.34
C VAL F 98 -36.37 7.50 42.70
N LEU F 99 -36.36 8.28 43.78
CA LEU F 99 -35.17 9.03 44.19
C LEU F 99 -34.16 8.11 44.87
N VAL F 100 -32.90 8.16 44.40
CA VAL F 100 -31.85 7.24 44.84
C VAL F 100 -30.57 7.97 45.23
N SER F 101 -29.69 7.26 45.93
CA SER F 101 -28.44 7.80 46.46
C SER F 101 -27.28 7.58 45.47
N PRO F 102 -26.29 8.50 45.44
CA PRO F 102 -25.13 8.28 44.55
C PRO F 102 -24.29 7.04 44.90
N ASN F 103 -24.48 6.49 46.11
CA ASN F 103 -23.97 5.18 46.46
C ASN F 103 -24.54 4.04 45.60
N ALA F 104 -25.73 4.23 45.04
CA ALA F 104 -26.33 3.24 44.12
C ALA F 104 -25.50 3.04 42.85
N VAL F 105 -25.08 4.16 42.25
CA VAL F 105 -24.25 4.14 41.03
C VAL F 105 -22.89 3.51 41.32
N THR F 106 -22.28 3.90 42.44
CA THR F 106 -21.01 3.31 42.89
C THR F 106 -21.16 1.82 43.22
N TRP F 107 -22.30 1.43 43.81
CA TRP F 107 -22.61 0.02 44.07
C TRP F 107 -22.71 -0.75 42.77
N TRP F 108 -23.56 -0.26 41.85
CA TRP F 108 -23.78 -0.94 40.56
C TRP F 108 -22.48 -1.29 39.87
N ASN F 109 -21.55 -0.33 39.82
CA ASN F 109 -20.29 -0.50 39.09
C ASN F 109 -19.33 -1.54 39.68
N ARG F 110 -19.47 -1.85 40.98
CA ARG F 110 -18.65 -2.90 41.63
C ARG F 110 -19.37 -4.23 41.85
N ALA F 111 -20.65 -4.17 42.21
CA ALA F 111 -21.44 -5.36 42.58
C ALA F 111 -22.60 -5.74 41.64
N GLY F 112 -22.93 -4.86 40.69
CA GLY F 112 -24.08 -5.09 39.79
C GLY F 112 -23.92 -6.22 38.78
N PRO F 113 -24.91 -6.37 37.87
CA PRO F 113 -24.83 -7.42 36.83
C PRO F 113 -23.82 -7.08 35.74
N VAL F 114 -22.93 -8.03 35.42
CA VAL F 114 -21.95 -7.86 34.35
C VAL F 114 -22.66 -8.09 33.01
N SER F 115 -22.25 -7.32 32.00
CA SER F 115 -22.87 -7.34 30.67
C SER F 115 -21.81 -7.37 29.57
N ASP F 116 -22.13 -8.05 28.46
CA ASP F 116 -21.22 -8.20 27.33
C ASP F 116 -21.09 -6.87 26.59
N VAL F 117 -19.86 -6.50 26.22
CA VAL F 117 -19.58 -5.24 25.55
C VAL F 117 -18.46 -5.37 24.51
N VAL F 118 -18.48 -6.48 23.76
CA VAL F 118 -17.55 -6.71 22.65
C VAL F 118 -17.90 -5.86 21.42
N HIS F 119 -19.19 -5.67 21.18
CA HIS F 119 -19.67 -4.82 20.06
C HIS F 119 -19.65 -3.31 20.35
N TYR F 120 -19.43 -2.91 21.60
CA TYR F 120 -19.47 -1.49 22.00
C TYR F 120 -18.52 -0.56 21.21
N PRO F 121 -17.24 -0.94 21.04
CA PRO F 121 -16.31 -0.11 20.25
C PRO F 121 -16.68 0.11 18.76
N ARG F 122 -17.56 -0.72 18.20
CA ARG F 122 -18.05 -0.54 16.81
C ARG F 122 -19.15 0.51 16.70
N VAL F 123 -19.97 0.65 17.74
CA VAL F 123 -21.04 1.65 17.78
C VAL F 123 -20.42 3.04 17.95
N TYR F 124 -19.56 3.17 18.95
CA TYR F 124 -18.83 4.41 19.24
C TYR F 124 -17.54 4.59 18.40
N LYS F 125 -17.49 3.98 17.22
CA LYS F 125 -16.29 3.94 16.39
C LYS F 125 -15.71 5.34 16.15
N MET F 126 -16.59 6.31 15.96
CA MET F 126 -16.22 7.72 15.81
C MET F 126 -15.31 8.21 16.95
N TYR F 127 -15.64 7.84 18.19
CA TYR F 127 -14.81 8.20 19.35
C TYR F 127 -13.51 7.38 19.38
N PHE F 128 -13.63 6.07 19.22
CA PHE F 128 -12.48 5.16 19.28
C PHE F 128 -11.42 5.45 18.22
N ASP F 129 -11.84 5.90 17.03
CA ASP F 129 -10.91 6.37 15.99
C ASP F 129 -9.94 7.46 16.50
N ARG F 130 -10.47 8.39 17.30
CA ARG F 130 -9.64 9.48 17.87
C ARG F 130 -8.52 8.95 18.76
N LEU F 131 -8.81 7.88 19.52
CA LEU F 131 -7.80 7.21 20.33
C LEU F 131 -6.77 6.50 19.45
N GLU F 132 -7.25 5.86 18.38
CA GLU F 132 -6.39 5.18 17.41
C GLU F 132 -5.43 6.18 16.73
N ARG F 133 -5.95 7.33 16.33
CA ARG F 133 -5.11 8.37 15.69
C ARG F 133 -4.07 8.97 16.63
N LEU F 134 -4.41 9.11 17.91
CA LEU F 134 -3.47 9.62 18.91
C LEU F 134 -2.44 8.56 19.32
N THR F 135 -2.88 7.31 19.50
CA THR F 135 -2.01 6.21 19.90
C THR F 135 -0.90 5.96 18.88
N HIS F 136 -1.31 5.76 17.63
CA HIS F 136 -0.38 5.45 16.54
C HIS F 136 0.21 6.70 15.85
N GLY F 137 -0.18 7.90 16.29
CA GLY F 137 0.39 9.15 15.77
C GLY F 137 1.80 9.40 16.27
N THR F 138 2.60 10.07 15.44
CA THR F 138 4.03 10.31 15.73
C THR F 138 4.28 11.81 15.99
N PHE F 139 5.20 12.08 16.93
CA PHE F 139 5.55 13.46 17.30
C PHE F 139 6.87 13.90 16.68
N GLY F 140 7.00 15.21 16.47
CA GLY F 140 8.23 15.84 16.00
C GLY F 140 8.62 16.98 16.93
N PRO F 141 9.63 17.79 16.55
CA PRO F 141 10.06 18.90 17.41
C PRO F 141 9.09 20.07 17.43
N VAL F 142 9.28 20.97 18.39
CA VAL F 142 8.48 22.18 18.54
C VAL F 142 9.24 23.36 17.94
N LYS F 143 8.62 24.05 16.98
CA LYS F 143 9.15 25.30 16.43
C LYS F 143 8.46 26.48 17.12
N PHE F 144 9.22 27.55 17.34
CA PHE F 144 8.70 28.79 17.95
C PHE F 144 8.75 29.94 16.96
N TYR F 145 7.57 30.42 16.55
CA TYR F 145 7.46 31.59 15.66
C TYR F 145 6.05 32.16 15.64
N ASN F 146 5.87 33.33 15.02
CA ASN F 146 4.54 33.94 14.88
C ASN F 146 3.59 33.05 14.06
N GLN F 147 2.75 32.31 14.77
CA GLN F 147 1.80 31.38 14.13
C GLN F 147 0.68 32.20 13.49
N VAL F 148 0.69 32.27 12.17
CA VAL F 148 -0.27 33.08 11.41
C VAL F 148 -1.54 32.28 11.14
N LYS F 149 -2.50 32.37 12.07
CA LYS F 149 -3.78 31.68 11.94
C LYS F 149 -4.69 32.38 10.94
N VAL F 150 -5.59 31.60 10.33
CA VAL F 150 -6.53 32.08 9.30
C VAL F 150 -7.91 31.51 9.59
N ARG F 151 -8.93 32.36 9.55
CA ARG F 151 -10.30 31.96 9.88
C ARG F 151 -10.99 31.35 8.66
N LYS F 152 -10.92 30.02 8.58
CA LYS F 152 -11.49 29.24 7.47
C LYS F 152 -12.47 28.21 8.02
N ARG F 153 -13.39 27.76 7.17
CA ARG F 153 -14.32 26.67 7.51
C ARG F 153 -13.68 25.32 7.18
N VAL F 154 -13.76 24.38 8.13
CA VAL F 154 -13.10 23.06 7.98
C VAL F 154 -13.95 21.94 8.59
N ASP F 155 -13.57 20.70 8.28
CA ASP F 155 -14.26 19.50 8.77
C ASP F 155 -13.84 19.16 10.21
N ILE F 156 -14.83 18.80 11.03
CA ILE F 156 -14.62 18.43 12.44
C ILE F 156 -14.82 16.91 12.64
N ASN F 157 -15.13 16.20 11.56
CA ASN F 157 -15.64 14.84 11.63
C ASN F 157 -14.77 13.88 10.80
N PRO F 158 -13.54 13.59 11.27
CA PRO F 158 -12.68 12.67 10.51
C PRO F 158 -13.23 11.24 10.49
N GLY F 159 -13.15 10.59 9.34
CA GLY F 159 -13.76 9.28 9.12
C GLY F 159 -15.26 9.36 8.88
N HIS F 160 -15.69 10.41 8.17
CA HIS F 160 -17.09 10.55 7.75
C HIS F 160 -17.28 9.83 6.41
N LYS F 161 -18.47 9.28 6.20
CA LYS F 161 -18.87 8.76 4.90
C LYS F 161 -19.75 9.83 4.25
N ASP F 162 -19.21 10.46 3.21
CA ASP F 162 -19.77 11.70 2.64
C ASP F 162 -21.26 11.55 2.27
N LEU F 163 -22.12 12.00 3.20
CA LEU F 163 -23.58 11.96 3.02
C LEU F 163 -24.22 13.22 3.62
N THR F 164 -25.33 13.64 3.02
CA THR F 164 -26.16 14.70 3.59
C THR F 164 -27.03 14.12 4.71
N SER F 165 -27.60 15.00 5.52
CA SER F 165 -28.45 14.61 6.65
C SER F 165 -29.63 13.74 6.22
N ARG F 166 -30.26 14.10 5.11
CA ARG F 166 -31.34 13.30 4.51
C ARG F 166 -30.86 11.94 4.03
N GLU F 167 -29.75 11.93 3.30
CA GLU F 167 -29.14 10.67 2.81
C GLU F 167 -28.77 9.73 3.95
N ALA F 168 -28.14 10.28 4.99
CA ALA F 168 -27.75 9.50 6.16
C ALA F 168 -28.95 9.02 6.99
N GLN F 169 -30.00 9.84 7.09
CA GLN F 169 -31.21 9.47 7.84
C GLN F 169 -31.86 8.19 7.29
N GLU F 170 -31.97 8.09 5.98
CA GLU F 170 -32.45 6.88 5.32
C GLU F 170 -31.59 5.67 5.70
N VAL F 171 -30.27 5.84 5.58
CA VAL F 171 -29.30 4.77 5.88
C VAL F 171 -29.38 4.32 7.33
N ILE F 172 -29.50 5.28 8.25
CA ILE F 172 -29.69 4.98 9.67
C ILE F 172 -31.01 4.25 9.88
N MET F 173 -32.09 4.81 9.33
CA MET F 173 -33.42 4.20 9.43
C MET F 173 -33.41 2.74 8.94
N GLU F 174 -32.79 2.50 7.79
CA GLU F 174 -32.68 1.14 7.22
C GLU F 174 -31.83 0.18 8.08
N VAL F 175 -30.87 0.72 8.83
CA VAL F 175 -30.07 -0.09 9.76
C VAL F 175 -30.85 -0.37 11.05
N VAL F 176 -31.24 0.69 11.76
CA VAL F 176 -31.83 0.54 13.11
C VAL F 176 -33.34 0.22 13.14
N PHE F 177 -34.10 0.74 12.18
CA PHE F 177 -35.57 0.53 12.13
C PHE F 177 -36.06 0.10 10.74
N PRO F 178 -35.44 -0.95 10.16
CA PRO F 178 -35.71 -1.35 8.77
C PRO F 178 -37.19 -1.59 8.45
N ASN F 179 -37.95 -2.06 9.44
CA ASN F 179 -39.38 -2.34 9.28
C ASN F 179 -40.22 -1.05 9.11
N GLU F 180 -39.79 0.05 9.71
CA GLU F 180 -40.58 1.30 9.75
C GLU F 180 -39.99 2.43 8.90
N VAL F 181 -39.48 2.11 7.72
CA VAL F 181 -39.07 3.11 6.75
C VAL F 181 -40.33 3.49 5.96
N GLY F 182 -40.37 4.73 5.47
CA GLY F 182 -41.53 5.23 4.71
C GLY F 182 -41.56 4.71 3.28
N ALA F 183 -41.53 5.63 2.32
CA ALA F 183 -41.47 5.28 0.89
C ALA F 183 -40.04 5.34 0.32
N ARG F 184 -39.09 5.87 1.11
CA ARG F 184 -37.75 6.18 0.61
C ARG F 184 -36.86 4.94 0.45
N THR F 185 -36.63 4.56 -0.80
CA THR F 185 -35.60 3.59 -1.15
C THR F 185 -34.22 4.25 -1.02
N LEU F 186 -33.21 3.43 -0.77
CA LEU F 186 -31.82 3.90 -0.78
C LEU F 186 -31.40 4.15 -2.22
N SER F 187 -31.32 5.43 -2.60
CA SER F 187 -31.07 5.83 -3.98
C SER F 187 -29.64 5.52 -4.42
N SER F 188 -28.67 6.01 -3.67
CA SER F 188 -27.25 5.86 -4.02
C SER F 188 -26.75 4.44 -3.75
N ASP F 189 -25.81 3.98 -4.58
CA ASP F 189 -25.12 2.70 -4.37
C ASP F 189 -24.21 2.77 -3.14
N ALA F 190 -23.65 3.96 -2.89
CA ALA F 190 -22.90 4.23 -1.67
C ALA F 190 -23.72 3.97 -0.40
N GLN F 191 -25.00 4.37 -0.43
CA GLN F 191 -25.92 4.10 0.69
C GLN F 191 -26.18 2.61 0.88
N LEU F 192 -26.49 1.92 -0.22
CA LEU F 192 -26.77 0.46 -0.20
C LEU F 192 -25.63 -0.36 0.37
N THR F 193 -24.39 0.00 0.05
CA THR F 193 -23.19 -0.67 0.60
C THR F 193 -23.04 -0.38 2.11
N ILE F 194 -23.09 0.89 2.47
CA ILE F 194 -22.94 1.32 3.88
C ILE F 194 -24.00 0.68 4.77
N THR F 195 -25.24 0.60 4.28
CA THR F 195 -26.33 -0.07 5.01
C THR F 195 -26.01 -1.53 5.34
N LYS F 196 -25.43 -2.25 4.40
CA LYS F 196 -25.03 -3.65 4.62
C LYS F 196 -23.77 -3.75 5.48
N GLU F 197 -22.79 -2.89 5.22
CA GLU F 197 -21.57 -2.81 6.05
C GLU F 197 -21.90 -2.57 7.52
N LYS F 198 -22.78 -1.60 7.77
CA LYS F 198 -23.14 -1.23 9.14
C LYS F 198 -24.10 -2.23 9.83
N LYS F 199 -24.86 -2.99 9.02
CA LYS F 199 -25.72 -4.07 9.56
C LYS F 199 -24.91 -5.24 10.11
N GLU F 200 -23.89 -5.68 9.38
CA GLU F 200 -23.02 -6.76 9.83
C GLU F 200 -22.04 -6.31 10.92
N GLU F 201 -21.65 -5.02 10.91
CA GLU F 201 -20.87 -4.42 12.01
C GLU F 201 -21.57 -4.63 13.36
N LEU F 202 -22.81 -4.17 13.45
CA LEU F 202 -23.57 -4.13 14.71
C LEU F 202 -24.57 -5.27 14.86
N LYS F 203 -24.26 -6.45 14.32
CA LYS F 203 -25.19 -7.60 14.38
C LYS F 203 -25.16 -8.23 15.77
N ASN F 204 -26.34 -8.47 16.33
CA ASN F 204 -26.51 -8.98 17.70
C ASN F 204 -25.71 -8.16 18.73
N CYS F 205 -25.86 -6.84 18.66
CA CYS F 205 -25.23 -5.91 19.60
C CYS F 205 -26.30 -5.34 20.52
N LYS F 206 -26.30 -5.77 21.78
CA LYS F 206 -27.29 -5.32 22.77
C LYS F 206 -26.92 -3.93 23.28
N ILE F 207 -27.64 -2.93 22.80
CA ILE F 207 -27.50 -1.53 23.25
C ILE F 207 -28.73 -0.76 22.79
N SER F 208 -29.07 0.31 23.49
CA SER F 208 -30.24 1.14 23.14
C SER F 208 -30.12 1.66 21.69
N PRO F 209 -31.12 1.33 20.82
CA PRO F 209 -31.14 1.83 19.43
C PRO F 209 -31.03 3.36 19.31
N ILE F 210 -31.67 4.08 20.24
CA ILE F 210 -31.60 5.54 20.34
C ILE F 210 -30.13 6.01 20.31
N MET F 211 -29.28 5.35 21.10
CA MET F 211 -27.86 5.65 21.15
C MET F 211 -27.15 5.35 19.83
N VAL F 212 -27.52 4.23 19.19
CA VAL F 212 -26.93 3.83 17.92
C VAL F 212 -27.28 4.82 16.81
N ALA F 213 -28.54 5.25 16.78
CA ALA F 213 -29.00 6.25 15.82
C ALA F 213 -28.19 7.54 15.92
N TYR F 214 -28.12 8.08 17.14
CA TYR F 214 -27.30 9.27 17.43
C TYR F 214 -25.87 9.07 16.96
N MET F 215 -25.26 7.95 17.38
CA MET F 215 -23.88 7.66 17.04
C MET F 215 -23.64 7.56 15.54
N LEU F 216 -24.54 6.87 14.82
CA LEU F 216 -24.45 6.77 13.36
C LEU F 216 -24.69 8.12 12.67
N GLU F 217 -25.65 8.90 13.17
CA GLU F 217 -25.90 10.25 12.63
C GLU F 217 -24.66 11.15 12.74
N ARG F 218 -24.00 11.10 13.90
CA ARG F 218 -22.76 11.84 14.12
C ARG F 218 -21.57 11.26 13.34
N GLU F 219 -21.52 9.93 13.25
CA GLU F 219 -20.43 9.22 12.57
C GLU F 219 -20.46 9.40 11.05
N LEU F 220 -21.64 9.32 10.46
CA LEU F 220 -21.80 9.33 9.00
C LEU F 220 -21.67 10.73 8.38
N VAL F 221 -22.45 11.69 8.90
CA VAL F 221 -22.63 12.99 8.23
C VAL F 221 -21.41 13.91 8.44
N ARG F 222 -21.04 14.65 7.38
CA ARG F 222 -20.02 15.70 7.49
C ARG F 222 -20.47 16.80 8.44
N ARG F 223 -19.61 17.17 9.38
CA ARG F 223 -19.89 18.27 10.31
C ARG F 223 -18.74 19.26 10.30
N THR F 224 -19.05 20.52 9.98
CA THR F 224 -18.03 21.57 9.79
C THR F 224 -18.24 22.76 10.72
N ARG F 225 -17.15 23.49 10.96
CA ARG F 225 -17.17 24.73 11.74
C ARG F 225 -16.08 25.70 11.27
N PHE F 226 -16.27 26.97 11.60
CA PHE F 226 -15.24 28.00 11.44
C PHE F 226 -14.24 27.87 12.58
N LEU F 227 -12.97 27.79 12.24
CA LEU F 227 -11.88 27.79 13.22
C LEU F 227 -10.71 28.63 12.70
N PRO F 228 -9.82 29.08 13.59
CA PRO F 228 -8.56 29.69 13.16
C PRO F 228 -7.48 28.63 12.92
N ILE F 229 -7.15 28.38 11.65
CA ILE F 229 -6.17 27.34 11.27
C ILE F 229 -4.93 27.95 10.62
N ALA F 230 -3.76 27.42 10.95
CA ALA F 230 -2.51 27.76 10.29
C ALA F 230 -1.94 26.49 9.65
N GLY F 231 -1.92 26.45 8.32
CA GLY F 231 -1.37 25.32 7.57
C GLY F 231 -2.38 24.23 7.27
N ALA F 232 -2.28 23.12 7.99
CA ALA F 232 -3.03 21.89 7.67
C ALA F 232 -4.51 22.00 8.03
N THR F 233 -5.39 21.78 7.03
CA THR F 233 -6.84 21.89 7.21
C THR F 233 -7.61 20.56 7.12
N SER F 234 -6.90 19.43 7.06
CA SER F 234 -7.55 18.11 7.00
C SER F 234 -8.18 17.75 8.34
N SER F 235 -9.31 17.04 8.28
CA SER F 235 -10.09 16.65 9.47
C SER F 235 -9.28 15.90 10.53
N THR F 236 -8.30 15.11 10.10
CA THR F 236 -7.39 14.41 11.02
C THR F 236 -6.43 15.36 11.77
N TYR F 237 -6.12 16.50 11.16
CA TYR F 237 -5.31 17.55 11.78
C TYR F 237 -6.13 18.60 12.54
N VAL F 238 -7.36 18.83 12.08
CA VAL F 238 -8.32 19.71 12.78
C VAL F 238 -8.70 19.12 14.14
N GLU F 239 -8.93 17.81 14.15
CA GLU F 239 -9.10 16.99 15.37
C GLU F 239 -8.22 17.43 16.55
N VAL F 240 -6.94 17.71 16.26
CA VAL F 240 -5.93 18.03 17.27
C VAL F 240 -5.35 19.46 17.15
N LEU F 241 -6.15 20.41 16.67
CA LEU F 241 -5.71 21.83 16.56
C LEU F 241 -5.09 22.39 17.85
N HIS F 242 -5.73 22.08 18.97
CA HIS F 242 -5.21 22.43 20.30
C HIS F 242 -3.80 21.88 20.58
N LEU F 243 -3.51 20.68 20.06
CA LEU F 243 -2.20 20.04 20.24
C LEU F 243 -1.17 20.48 19.20
N THR F 244 -1.61 20.71 17.96
CA THR F 244 -0.68 20.99 16.85
C THR F 244 -0.12 22.42 16.86
N GLN F 245 -0.97 23.42 17.10
CA GLN F 245 -0.58 24.82 17.01
C GLN F 245 -0.94 25.63 18.24
N GLY F 246 -0.26 26.77 18.41
CA GLY F 246 -0.60 27.74 19.45
C GLY F 246 -0.49 29.16 18.94
N THR F 247 -0.30 30.10 19.87
CA THR F 247 -0.10 31.51 19.54
C THR F 247 1.30 31.76 18.98
N CYS F 248 2.31 31.15 19.62
CA CYS F 248 3.72 31.32 19.26
C CYS F 248 4.46 30.04 18.88
N TRP F 249 3.78 28.89 18.90
CA TRP F 249 4.46 27.59 18.74
C TRP F 249 3.74 26.65 17.78
N GLU F 250 4.55 25.79 17.15
CA GLU F 250 4.07 24.77 16.21
C GLU F 250 4.65 23.41 16.62
N GLN F 251 3.82 22.58 17.25
CA GLN F 251 4.19 21.21 17.64
C GLN F 251 4.01 20.31 16.42
N GLN F 252 5.11 19.82 15.86
CA GLN F 252 5.06 18.95 14.68
C GLN F 252 4.46 17.60 15.04
N TYR F 253 3.50 17.15 14.25
CA TYR F 253 2.74 15.93 14.54
C TYR F 253 2.11 15.39 13.27
N THR F 254 2.04 14.06 13.18
CA THR F 254 1.32 13.37 12.11
C THR F 254 0.55 12.21 12.75
N PRO F 255 -0.80 12.20 12.61
CA PRO F 255 -1.61 11.17 13.27
C PRO F 255 -1.52 9.80 12.59
N GLY F 256 -1.86 8.75 13.34
CA GLY F 256 -1.81 7.38 12.86
C GLY F 256 -2.87 7.08 11.81
N GLY F 257 -2.62 6.04 11.03
CA GLY F 257 -3.49 5.68 9.90
C GLY F 257 -3.14 6.47 8.66
N GLU F 258 -3.38 5.87 7.49
CA GLU F 258 -3.04 6.48 6.22
C GLU F 258 -4.02 7.60 5.87
N ALA F 259 -3.50 8.69 5.31
CA ALA F 259 -4.29 9.88 4.99
C ALA F 259 -5.13 9.69 3.72
N GLU F 260 -6.09 10.58 3.52
CA GLU F 260 -7.03 10.49 2.40
C GLU F 260 -6.35 10.85 1.07
N ASN F 261 -6.68 10.10 0.02
CA ASN F 261 -6.05 10.26 -1.30
C ASN F 261 -6.38 11.60 -1.96
N ASP F 262 -7.63 12.02 -1.85
CA ASP F 262 -8.07 13.35 -2.31
C ASP F 262 -7.25 14.48 -1.67
N ASP F 263 -6.98 14.35 -0.37
CA ASP F 263 -6.18 15.34 0.37
C ASP F 263 -4.71 15.34 -0.06
N LEU F 264 -4.16 14.15 -0.25
CA LEU F 264 -2.79 13.99 -0.77
C LEU F 264 -2.66 14.55 -2.20
N ASP F 265 -3.68 14.29 -3.01
CA ASP F 265 -3.76 14.89 -4.36
C ASP F 265 -3.90 16.42 -4.30
N GLN F 266 -4.72 16.91 -3.38
CA GLN F 266 -4.92 18.35 -3.20
C GLN F 266 -3.64 19.07 -2.75
N THR F 267 -3.08 18.61 -1.63
CA THR F 267 -1.86 19.21 -1.08
C THR F 267 -0.68 19.16 -2.05
N LEU F 268 -0.58 18.09 -2.84
CA LEU F 268 0.41 17.96 -3.90
C LEU F 268 0.34 19.12 -4.89
N ILE F 269 -0.89 19.46 -5.29
CA ILE F 269 -1.13 20.55 -6.24
C ILE F 269 -0.66 21.88 -5.64
N ILE F 270 -1.02 22.12 -4.37
CA ILE F 270 -0.63 23.35 -3.68
C ILE F 270 0.90 23.43 -3.55
N ALA F 271 1.51 22.32 -3.08
CA ALA F 271 2.98 22.23 -2.98
C ALA F 271 3.66 22.52 -4.32
N SER F 272 3.22 21.79 -5.34
CA SER F 272 3.73 21.96 -6.71
C SER F 272 3.59 23.40 -7.19
N ARG F 273 2.39 23.97 -7.00
CA ARG F 273 2.12 25.37 -7.36
C ARG F 273 3.05 26.35 -6.63
N ASN F 274 3.19 26.17 -5.31
CA ASN F 274 4.11 26.99 -4.52
C ASN F 274 5.55 26.86 -5.02
N ILE F 275 5.99 25.63 -5.27
CA ILE F 275 7.34 25.36 -5.79
C ILE F 275 7.56 26.00 -7.16
N VAL F 276 6.58 25.87 -8.06
CA VAL F 276 6.64 26.51 -9.39
C VAL F 276 6.69 28.04 -9.24
N ARG F 277 5.75 28.60 -8.49
CA ARG F 277 5.70 30.07 -8.28
C ARG F 277 6.98 30.61 -7.63
N ARG F 278 7.55 29.87 -6.68
CA ARG F 278 8.84 30.23 -6.09
C ARG F 278 9.97 30.20 -7.12
N SER F 279 9.99 29.16 -7.95
CA SER F 279 11.06 28.97 -8.94
C SER F 279 11.08 30.02 -10.06
N ILE F 280 9.92 30.57 -10.41
CA ILE F 280 9.83 31.60 -11.48
C ILE F 280 10.63 32.86 -11.14
N VAL F 281 10.64 33.25 -9.87
CA VAL F 281 11.35 34.46 -9.43
C VAL F 281 12.88 34.26 -9.42
N ALA F 282 13.34 33.07 -9.03
CA ALA F 282 14.78 32.78 -8.92
C ALA F 282 15.47 32.70 -10.29
N ILE F 283 16.81 32.79 -10.25
CA ILE F 283 17.64 32.63 -11.45
C ILE F 283 17.91 31.13 -11.58
N ASP F 284 17.85 30.62 -12.82
CA ASP F 284 17.82 29.18 -13.10
C ASP F 284 16.63 28.50 -12.39
N PRO F 285 15.39 28.76 -12.87
CA PRO F 285 14.18 28.18 -12.28
C PRO F 285 14.17 26.65 -12.19
N LEU F 286 14.56 25.97 -13.27
CA LEU F 286 14.58 24.49 -13.28
C LEU F 286 15.39 23.89 -12.12
N ALA F 287 16.56 24.47 -11.87
CA ALA F 287 17.45 24.02 -10.78
C ALA F 287 16.85 24.30 -9.39
N SER F 288 16.22 25.47 -9.24
CA SER F 288 15.48 25.82 -8.02
C SER F 288 14.34 24.82 -7.76
N LEU F 289 13.57 24.55 -8.82
CA LEU F 289 12.48 23.59 -8.76
C LEU F 289 12.96 22.18 -8.43
N LEU F 290 14.03 21.74 -9.11
CA LEU F 290 14.67 20.45 -8.80
C LEU F 290 15.15 20.41 -7.35
N SER F 291 15.79 21.50 -6.90
CA SER F 291 16.28 21.62 -5.52
C SER F 291 15.14 21.53 -4.50
N MET F 292 14.05 22.25 -4.75
CA MET F 292 12.87 22.19 -3.87
C MET F 292 12.17 20.82 -3.90
N CYS F 293 12.03 20.25 -5.11
CA CYS F 293 11.35 18.96 -5.29
C CYS F 293 12.00 17.82 -4.51
N HIS F 294 13.33 17.76 -4.53
CA HIS F 294 14.07 16.75 -3.75
C HIS F 294 13.94 16.94 -2.24
N THR F 295 13.94 18.20 -1.80
CA THR F 295 13.84 18.53 -0.37
C THR F 295 12.42 18.36 0.21
N THR F 296 11.39 18.73 -0.55
CA THR F 296 10.02 18.79 -0.04
C THR F 296 9.46 17.42 0.39
N SER F 297 8.76 17.41 1.52
CA SER F 297 8.21 16.20 2.15
C SER F 297 6.77 16.44 2.63
N ILE F 298 5.81 15.76 2.02
CA ILE F 298 4.39 15.90 2.40
C ILE F 298 4.00 14.83 3.44
N SER F 299 3.79 15.26 4.68
CA SER F 299 3.35 14.39 5.78
C SER F 299 4.30 13.22 6.00
N SER F 300 5.58 13.54 6.16
CA SER F 300 6.67 12.57 6.32
C SER F 300 6.78 11.58 5.14
N GLU F 301 6.86 12.14 3.93
CA GLU F 301 7.01 11.36 2.69
C GLU F 301 7.53 12.28 1.57
N PRO F 302 8.69 11.95 0.96
CA PRO F 302 9.29 12.86 -0.05
C PRO F 302 8.43 13.11 -1.30
N LEU F 303 8.40 14.36 -1.74
CA LEU F 303 7.58 14.78 -2.90
C LEU F 303 7.90 14.01 -4.18
N VAL F 304 9.18 13.67 -4.37
CA VAL F 304 9.66 13.02 -5.59
C VAL F 304 8.98 11.66 -5.81
N GLU F 305 8.97 10.82 -4.77
CA GLU F 305 8.33 9.50 -4.87
C GLU F 305 6.79 9.56 -4.94
N ILE F 306 6.21 10.65 -4.43
CA ILE F 306 4.77 10.90 -4.54
C ILE F 306 4.44 11.31 -5.98
N LEU F 307 5.23 12.22 -6.56
CA LEU F 307 5.07 12.63 -7.96
C LEU F 307 5.17 11.48 -8.96
N ARG F 308 6.05 10.50 -8.69
CA ARG F 308 6.16 9.30 -9.53
C ARG F 308 4.87 8.47 -9.53
N SER F 309 4.30 8.26 -8.34
CA SER F 309 3.15 7.37 -8.16
C SER F 309 1.78 8.04 -8.37
N ASN F 310 1.65 9.35 -8.12
CA ASN F 310 0.33 10.02 -8.22
C ASN F 310 -0.13 10.23 -9.67
N PRO F 311 -1.44 10.04 -9.93
CA PRO F 311 -2.00 10.22 -11.27
C PRO F 311 -2.65 11.61 -11.47
N THR F 312 -2.19 12.62 -10.73
CA THR F 312 -2.88 13.90 -10.65
C THR F 312 -2.57 14.76 -11.90
N ASP F 313 -3.61 15.01 -12.70
CA ASP F 313 -3.48 15.78 -13.93
C ASP F 313 -3.68 17.28 -13.65
N GLU F 314 -2.57 17.98 -13.40
CA GLU F 314 -2.60 19.41 -13.06
C GLU F 314 -1.37 20.12 -13.60
N GLN F 315 -1.55 21.37 -14.04
CA GLN F 315 -0.50 22.14 -14.72
C GLN F 315 0.81 22.26 -13.95
N ALA F 316 0.75 22.81 -12.73
CA ALA F 316 1.94 22.96 -11.86
C ALA F 316 2.55 21.62 -11.43
N VAL F 317 1.73 20.58 -11.30
CA VAL F 317 2.21 19.23 -10.98
C VAL F 317 2.98 18.65 -12.16
N ASN F 318 2.42 18.82 -13.37
CA ASN F 318 3.05 18.36 -14.61
C ASN F 318 4.36 19.12 -14.93
N ILE F 319 4.52 20.33 -14.39
CA ILE F 319 5.81 21.04 -14.46
C ILE F 319 6.84 20.35 -13.57
N CYS F 320 6.44 19.98 -12.35
CA CYS F 320 7.31 19.24 -11.43
C CYS F 320 7.65 17.84 -11.97
N LYS F 321 6.66 17.15 -12.53
CA LYS F 321 6.86 15.84 -13.17
C LYS F 321 7.85 15.91 -14.35
N ALA F 322 7.81 17.01 -15.09
CA ALA F 322 8.68 17.22 -16.26
C ALA F 322 10.14 17.43 -15.89
N ALA F 323 10.37 18.13 -14.78
CA ALA F 323 11.72 18.27 -14.23
C ALA F 323 12.28 16.93 -13.74
N LEU F 324 11.42 16.10 -13.15
CA LEU F 324 11.80 14.76 -12.69
C LEU F 324 11.66 13.65 -13.74
N GLY F 325 11.22 14.00 -14.96
CA GLY F 325 11.19 13.08 -16.09
C GLY F 325 10.15 11.98 -15.99
N ILE F 326 8.99 12.32 -15.44
CA ILE F 326 7.91 11.36 -15.16
C ILE F 326 6.90 11.45 -16.32
N ARG F 327 6.07 10.43 -16.46
CA ARG F 327 5.00 10.41 -17.48
C ARG F 327 3.95 11.47 -17.15
N ILE F 328 3.53 12.23 -18.17
CA ILE F 328 2.71 13.45 -17.98
C ILE F 328 1.45 13.42 -18.84
N ASN F 329 0.30 13.68 -18.22
CA ASN F 329 -0.94 13.94 -18.96
C ASN F 329 -1.19 15.44 -18.95
N ASN F 330 -1.02 16.08 -20.11
CA ASN F 330 -1.26 17.53 -20.26
C ASN F 330 -2.76 17.81 -20.13
N SER F 331 -3.22 17.97 -18.89
CA SER F 331 -4.65 18.13 -18.62
C SER F 331 -4.95 18.80 -17.28
N PHE F 332 -6.19 19.25 -17.14
CA PHE F 332 -6.70 19.80 -15.88
C PHE F 332 -8.19 19.50 -15.75
N SER F 333 -8.64 19.23 -14.53
CA SER F 333 -10.03 18.87 -14.27
C SER F 333 -10.89 20.12 -14.04
N PHE F 334 -12.19 19.98 -14.29
CA PHE F 334 -13.16 21.04 -14.07
C PHE F 334 -14.58 20.46 -14.01
N GLY F 335 -15.21 20.54 -12.85
CA GLY F 335 -16.56 20.02 -12.66
C GLY F 335 -16.72 18.54 -12.97
N GLY F 336 -15.73 17.74 -12.56
CA GLY F 336 -15.70 16.30 -12.80
C GLY F 336 -14.99 15.90 -14.08
N TYR F 337 -15.24 16.62 -15.17
CA TYR F 337 -14.66 16.31 -16.48
C TYR F 337 -13.22 16.81 -16.57
N ASN F 338 -12.38 16.08 -17.31
CA ASN F 338 -10.98 16.48 -17.54
C ASN F 338 -10.81 17.11 -18.92
N PHE F 339 -10.02 18.18 -18.99
CA PHE F 339 -9.79 18.95 -20.22
C PHE F 339 -8.33 18.84 -20.65
N LYS F 340 -8.10 18.44 -21.90
CA LYS F 340 -6.75 18.32 -22.47
C LYS F 340 -6.62 19.26 -23.67
N ARG F 341 -5.73 20.25 -23.58
CA ARG F 341 -5.56 21.23 -24.64
C ARG F 341 -4.81 20.61 -25.82
N VAL F 342 -5.47 20.57 -26.97
CA VAL F 342 -4.91 19.99 -28.19
C VAL F 342 -4.17 21.06 -28.98
N LYS F 343 -4.86 22.15 -29.29
CA LYS F 343 -4.29 23.24 -30.10
C LYS F 343 -4.52 24.60 -29.44
N GLY F 344 -3.57 25.51 -29.66
CA GLY F 344 -3.71 26.91 -29.28
C GLY F 344 -3.26 27.25 -27.87
N SER F 345 -3.42 28.52 -27.51
CA SER F 345 -3.09 29.01 -26.17
C SER F 345 -3.82 30.32 -25.87
N SER F 346 -3.79 30.73 -24.60
CA SER F 346 -4.52 31.93 -24.16
C SER F 346 -3.85 32.61 -22.97
N GLN F 347 -3.85 33.95 -22.99
CA GLN F 347 -3.42 34.75 -21.85
C GLN F 347 -4.55 34.83 -20.81
N ARG F 348 -4.16 34.79 -19.54
CA ARG F 348 -5.09 34.79 -18.42
C ARG F 348 -5.35 36.23 -17.95
N THR F 349 -6.19 36.94 -18.69
CA THR F 349 -6.45 38.36 -18.42
C THR F 349 -7.46 38.52 -17.29
N GLU F 350 -7.34 39.60 -16.54
CA GLU F 350 -8.22 39.88 -15.41
C GLU F 350 -9.11 41.09 -15.72
N LYS F 351 -10.41 40.85 -15.90
CA LYS F 351 -11.37 41.90 -16.26
C LYS F 351 -12.70 41.70 -15.54
N ALA F 352 -13.16 42.73 -14.83
CA ALA F 352 -14.40 42.65 -14.05
C ALA F 352 -15.63 42.72 -14.96
N VAL F 353 -16.67 41.94 -14.63
CA VAL F 353 -17.89 41.87 -15.45
C VAL F 353 -19.14 41.76 -14.58
N LEU F 354 -20.24 42.35 -15.06
CA LEU F 354 -21.55 42.32 -14.40
C LEU F 354 -22.33 41.08 -14.84
N THR F 355 -22.98 40.41 -13.87
CA THR F 355 -23.83 39.24 -14.14
C THR F 355 -25.25 39.67 -14.47
N GLY F 356 -26.09 38.69 -14.81
CA GLY F 356 -27.53 38.87 -14.96
C GLY F 356 -28.25 38.99 -13.61
N ASN F 357 -27.57 38.58 -12.54
CA ASN F 357 -28.03 38.81 -11.17
C ASN F 357 -27.68 40.21 -10.61
N LEU F 358 -27.15 41.10 -11.46
CA LEU F 358 -26.78 42.47 -11.10
C LEU F 358 -25.75 42.51 -9.95
N GLN F 359 -24.57 41.94 -10.24
CA GLN F 359 -23.47 41.86 -9.29
C GLN F 359 -22.14 42.06 -10.00
N THR F 360 -21.37 43.07 -9.59
CA THR F 360 -20.03 43.31 -10.12
C THR F 360 -19.09 42.23 -9.59
N LEU F 361 -18.23 41.72 -10.48
CA LEU F 361 -17.39 40.57 -10.17
C LEU F 361 -16.08 40.65 -10.94
N THR F 362 -14.95 40.66 -10.22
CA THR F 362 -13.62 40.62 -10.81
C THR F 362 -13.25 39.17 -11.17
N MET F 363 -13.12 38.91 -12.47
CA MET F 363 -12.90 37.57 -13.00
C MET F 363 -11.54 37.47 -13.70
N THR F 364 -10.96 36.27 -13.67
CA THR F 364 -9.80 35.93 -14.47
C THR F 364 -10.31 35.29 -15.79
N ILE F 365 -10.45 36.11 -16.89
CA ILE F 365 -10.96 35.63 -18.22
C ILE F 365 -9.78 35.16 -19.09
N PHE F 366 -9.99 34.07 -19.80
CA PHE F 366 -8.97 33.44 -20.65
C PHE F 366 -9.12 33.91 -22.09
N GLU F 367 -8.19 34.76 -22.53
CA GLU F 367 -8.29 35.43 -23.84
C GLU F 367 -7.34 34.82 -24.87
N GLY F 368 -7.92 34.05 -25.81
CA GLY F 368 -7.14 33.43 -26.89
C GLY F 368 -7.82 32.19 -27.44
N TYR F 369 -7.53 31.86 -28.69
CA TYR F 369 -8.13 30.69 -29.34
C TYR F 369 -7.49 29.40 -28.84
N GLU F 370 -8.36 28.43 -28.51
CA GLU F 370 -7.96 27.15 -27.93
C GLU F 370 -8.90 26.03 -28.39
N GLU F 371 -8.32 24.87 -28.65
CA GLU F 371 -9.07 23.65 -28.96
C GLU F 371 -8.79 22.61 -27.86
N PHE F 372 -9.82 22.27 -27.10
CA PHE F 372 -9.74 21.28 -26.02
C PHE F 372 -10.41 19.96 -26.40
N ASN F 373 -9.85 18.88 -25.87
CA ASN F 373 -10.47 17.56 -25.88
C ASN F 373 -10.94 17.28 -24.46
N VAL F 374 -12.21 16.89 -24.31
CA VAL F 374 -12.87 16.79 -23.01
C VAL F 374 -13.43 15.38 -22.80
N SER F 375 -13.31 14.87 -21.57
CA SER F 375 -13.78 13.53 -21.23
C SER F 375 -14.07 13.34 -19.74
N GLY F 376 -14.81 12.28 -19.43
CA GLY F 376 -15.17 11.92 -18.06
C GLY F 376 -16.59 11.39 -17.94
N LYS F 377 -16.84 10.62 -16.87
CA LYS F 377 -18.17 10.10 -16.53
C LYS F 377 -18.73 9.22 -17.67
N ARG F 378 -19.94 9.49 -18.17
CA ARG F 378 -20.48 8.78 -19.33
C ARG F 378 -20.47 9.65 -20.60
N ALA F 379 -19.58 10.65 -20.65
CA ALA F 379 -19.61 11.66 -21.71
C ALA F 379 -18.21 12.07 -22.17
N SER F 380 -18.18 12.81 -23.27
CA SER F 380 -16.92 13.30 -23.87
C SER F 380 -17.23 14.28 -25.00
N ALA F 381 -16.26 15.15 -25.30
CA ALA F 381 -16.46 16.17 -26.34
C ALA F 381 -15.16 16.75 -26.90
N VAL F 382 -15.31 17.50 -27.98
CA VAL F 382 -14.24 18.32 -28.55
C VAL F 382 -14.75 19.76 -28.50
N LEU F 383 -14.06 20.59 -27.71
CA LEU F 383 -14.42 22.00 -27.54
C LEU F 383 -13.46 22.90 -28.33
N LYS F 384 -14.02 23.98 -28.88
CA LYS F 384 -13.25 25.00 -29.59
C LYS F 384 -13.71 26.35 -29.05
N LYS F 385 -12.79 27.06 -28.41
CA LYS F 385 -13.13 28.21 -27.56
C LYS F 385 -12.20 29.39 -27.81
N GLY F 386 -12.73 30.60 -27.69
CA GLY F 386 -11.96 31.84 -27.77
C GLY F 386 -12.17 32.69 -26.53
N ALA F 387 -11.88 33.98 -26.65
CA ALA F 387 -12.09 34.93 -25.55
C ALA F 387 -13.59 35.18 -25.34
N GLN F 388 -14.15 34.57 -24.29
CA GLN F 388 -15.59 34.64 -24.00
C GLN F 388 -16.44 34.25 -25.22
N ARG F 389 -16.10 33.12 -25.83
CA ARG F 389 -16.79 32.67 -27.04
C ARG F 389 -16.62 31.17 -27.25
N LEU F 390 -17.74 30.46 -27.38
CA LEU F 390 -17.76 29.05 -27.70
C LEU F 390 -17.95 28.95 -29.21
N ILE F 391 -16.91 28.53 -29.92
CA ILE F 391 -16.95 28.43 -31.38
C ILE F 391 -17.69 27.13 -31.75
N GLN F 392 -17.22 26.01 -31.20
CA GLN F 392 -17.83 24.71 -31.47
C GLN F 392 -17.69 23.74 -30.30
N ALA F 393 -18.65 22.83 -30.17
CA ALA F 393 -18.65 21.81 -29.13
C ALA F 393 -19.32 20.53 -29.65
N ILE F 394 -18.51 19.52 -30.00
CA ILE F 394 -19.02 18.26 -30.56
C ILE F 394 -19.09 17.22 -29.44
N ILE F 395 -20.27 17.05 -28.85
CA ILE F 395 -20.45 16.25 -27.64
C ILE F 395 -21.02 14.87 -27.95
N GLY F 396 -20.58 13.87 -27.17
CA GLY F 396 -21.11 12.51 -27.27
C GLY F 396 -20.99 11.76 -25.95
N GLY F 397 -21.80 10.72 -25.78
CA GLY F 397 -21.80 9.95 -24.54
C GLY F 397 -22.77 8.79 -24.54
N ARG F 398 -23.01 8.22 -23.37
CA ARG F 398 -23.91 7.05 -23.23
C ARG F 398 -25.39 7.45 -23.08
N THR F 399 -25.66 8.48 -22.28
CA THR F 399 -27.03 8.98 -22.05
C THR F 399 -27.13 10.45 -22.47
N LEU F 400 -28.35 10.89 -22.79
CA LEU F 400 -28.62 12.30 -23.09
C LEU F 400 -28.39 13.19 -21.87
N GLU F 401 -28.71 12.64 -20.70
CA GLU F 401 -28.44 13.28 -19.40
C GLU F 401 -26.99 13.74 -19.29
N ASP F 402 -26.08 12.79 -19.49
CA ASP F 402 -24.63 13.03 -19.35
C ASP F 402 -24.07 13.89 -20.49
N ILE F 403 -24.67 13.80 -21.67
CA ILE F 403 -24.34 14.69 -22.79
C ILE F 403 -24.72 16.13 -22.46
N LEU F 404 -25.96 16.32 -22.00
CA LEU F 404 -26.43 17.66 -21.62
C LEU F 404 -25.69 18.24 -20.41
N ASN F 405 -25.43 17.40 -19.40
CA ASN F 405 -24.62 17.80 -18.24
C ASN F 405 -23.26 18.36 -18.64
N LEU F 406 -22.62 17.70 -19.61
CA LEU F 406 -21.35 18.18 -20.17
C LEU F 406 -21.56 19.45 -20.99
N MET F 407 -22.62 19.49 -21.80
CA MET F 407 -22.98 20.69 -22.58
C MET F 407 -23.10 21.92 -21.68
N ILE F 408 -23.81 21.76 -20.56
CA ILE F 408 -23.95 22.84 -19.57
C ILE F 408 -22.56 23.25 -19.06
N THR F 409 -21.79 22.27 -18.62
CA THR F 409 -20.43 22.48 -18.09
C THR F 409 -19.52 23.21 -19.08
N LEU F 410 -19.64 22.88 -20.36
CA LEU F 410 -18.88 23.56 -21.42
C LEU F 410 -19.41 24.99 -21.65
N MET F 411 -20.73 25.12 -21.79
CA MET F 411 -21.37 26.44 -21.90
C MET F 411 -20.98 27.37 -20.75
N VAL F 412 -20.78 26.81 -19.56
CA VAL F 412 -20.19 27.55 -18.43
C VAL F 412 -18.70 27.84 -18.67
N PHE F 413 -17.97 26.80 -19.10
CA PHE F 413 -16.52 26.88 -19.40
C PHE F 413 -16.17 27.97 -20.43
N SER F 414 -17.09 28.25 -21.35
CA SER F 414 -16.89 29.27 -22.39
C SER F 414 -16.66 30.70 -21.87
N GLN F 415 -17.35 31.05 -20.78
CA GLN F 415 -17.32 32.41 -20.20
C GLN F 415 -17.98 33.45 -21.11
N GLU F 416 -18.99 33.05 -21.88
CA GLU F 416 -19.69 33.99 -22.77
C GLU F 416 -20.56 34.95 -21.98
N GLU F 417 -20.73 36.16 -22.50
CA GLU F 417 -21.64 37.16 -21.91
C GLU F 417 -23.10 36.67 -21.91
N LYS F 418 -23.44 35.77 -22.84
CA LYS F 418 -24.75 35.13 -22.88
C LYS F 418 -25.11 34.40 -21.59
N MET F 419 -24.20 33.56 -21.07
CA MET F 419 -24.49 32.77 -19.87
C MET F 419 -24.46 33.61 -18.60
N LEU F 420 -23.47 34.51 -18.49
CA LEU F 420 -23.35 35.43 -17.36
C LEU F 420 -24.63 36.26 -17.16
N LYS F 421 -25.15 36.80 -18.26
CA LYS F 421 -26.37 37.62 -18.21
C LYS F 421 -27.70 36.83 -18.17
N ALA F 422 -27.63 35.52 -17.90
CA ALA F 422 -28.80 34.69 -17.64
C ALA F 422 -28.80 34.08 -16.23
N VAL F 423 -28.08 34.71 -15.30
CA VAL F 423 -28.04 34.23 -13.90
C VAL F 423 -29.26 34.76 -13.15
N ARG F 424 -30.20 33.87 -12.86
CA ARG F 424 -31.44 34.20 -12.13
C ARG F 424 -31.44 33.64 -10.72
N GLY F 425 -32.35 34.16 -9.89
CA GLY F 425 -32.46 33.76 -8.48
C GLY F 425 -31.33 34.33 -7.64
N ASP F 426 -31.08 33.70 -6.49
CA ASP F 426 -30.00 34.12 -5.58
C ASP F 426 -28.72 33.35 -5.89
N LEU F 427 -27.62 34.08 -6.10
CA LEU F 427 -26.31 33.48 -6.35
C LEU F 427 -25.20 34.46 -6.03
N ASN F 428 -24.86 34.55 -4.75
CA ASN F 428 -23.77 35.40 -4.28
C ASN F 428 -22.45 34.70 -4.58
N PHE F 429 -21.43 35.50 -4.93
CA PHE F 429 -20.07 35.00 -5.14
C PHE F 429 -19.17 35.24 -3.91
N VAL F 430 -19.80 35.29 -2.72
CA VAL F 430 -19.10 35.44 -1.45
C VAL F 430 -19.77 34.58 -0.37
N ASN F 431 -18.96 34.10 0.57
CA ASN F 431 -19.41 33.18 1.64
C ASN F 431 -20.32 33.91 2.63
N ARG F 432 -21.06 33.14 3.43
CA ARG F 432 -21.86 33.68 4.55
C ARG F 432 -21.06 34.59 5.49
N ALA F 433 -19.74 34.38 5.55
CA ALA F 433 -18.81 35.26 6.28
C ALA F 433 -18.02 36.22 5.37
N ASN F 434 -18.61 36.63 4.24
CA ASN F 434 -18.02 37.61 3.32
C ASN F 434 -16.60 37.24 2.79
N GLN F 435 -16.38 35.96 2.53
CA GLN F 435 -15.12 35.46 1.97
C GLN F 435 -15.28 35.30 0.45
N ARG F 436 -14.20 35.52 -0.29
CA ARG F 436 -14.24 35.44 -1.76
C ARG F 436 -14.37 33.98 -2.23
N LEU F 437 -15.41 33.68 -3.00
CA LEU F 437 -15.63 32.33 -3.54
C LEU F 437 -15.15 32.21 -4.98
N ASN F 438 -15.04 30.97 -5.44
CA ASN F 438 -14.69 30.67 -6.83
C ASN F 438 -15.95 30.88 -7.68
N PRO F 439 -15.90 31.83 -8.64
CA PRO F 439 -17.10 32.13 -9.44
C PRO F 439 -17.48 31.05 -10.45
N MET F 440 -16.48 30.45 -11.11
CA MET F 440 -16.72 29.44 -12.14
C MET F 440 -17.52 28.24 -11.62
N TYR F 441 -17.14 27.73 -10.45
CA TYR F 441 -17.87 26.63 -9.81
C TYR F 441 -19.25 27.05 -9.30
N GLN F 442 -19.36 28.28 -8.79
CA GLN F 442 -20.66 28.83 -8.36
C GLN F 442 -21.63 28.92 -9.54
N LEU F 443 -21.16 29.46 -10.66
CA LEU F 443 -21.93 29.48 -11.91
C LEU F 443 -22.34 28.07 -12.33
N LEU F 444 -21.37 27.16 -12.31
CA LEU F 444 -21.57 25.76 -12.73
C LEU F 444 -22.63 25.06 -11.89
N ARG F 445 -22.48 25.13 -10.56
CA ARG F 445 -23.44 24.50 -9.64
C ARG F 445 -24.82 25.13 -9.69
N HIS F 446 -24.87 26.43 -9.98
CA HIS F 446 -26.15 27.12 -10.25
C HIS F 446 -26.79 26.59 -11.53
N PHE F 447 -26.04 26.64 -12.64
CA PHE F 447 -26.59 26.26 -13.95
C PHE F 447 -26.86 24.76 -14.12
N GLN F 448 -26.12 23.91 -13.41
CA GLN F 448 -26.40 22.45 -13.42
C GLN F 448 -27.69 22.08 -12.67
N LYS F 449 -28.12 22.94 -11.75
CA LYS F 449 -29.43 22.80 -11.11
C LYS F 449 -30.53 23.53 -11.91
N ASP F 450 -30.22 24.75 -12.37
CA ASP F 450 -31.17 25.56 -13.17
C ASP F 450 -30.61 25.88 -14.56
N SER F 451 -30.95 25.06 -15.55
CA SER F 451 -30.48 25.23 -16.92
C SER F 451 -31.36 26.18 -17.75
N SER F 452 -32.67 26.04 -17.61
CA SER F 452 -33.68 26.69 -18.49
C SER F 452 -33.41 28.14 -18.92
N THR F 453 -32.91 28.97 -17.99
CA THR F 453 -32.63 30.38 -18.28
C THR F 453 -31.46 30.56 -19.25
N LEU F 454 -30.42 29.73 -19.09
CA LEU F 454 -29.27 29.74 -19.99
C LEU F 454 -29.67 29.35 -21.41
N LEU F 455 -30.36 28.21 -21.52
CA LEU F 455 -30.70 27.60 -22.81
C LEU F 455 -31.54 28.51 -23.72
N LYS F 456 -32.53 29.18 -23.14
CA LYS F 456 -33.37 30.13 -23.88
C LYS F 456 -32.65 31.44 -24.22
N ASN F 457 -31.71 31.85 -23.37
CA ASN F 457 -30.86 33.03 -23.64
C ASN F 457 -29.74 32.74 -24.66
N TRP F 458 -29.36 31.46 -24.80
CA TRP F 458 -28.25 31.04 -25.66
C TRP F 458 -28.53 31.25 -27.15
N GLY F 459 -29.74 30.92 -27.59
CA GLY F 459 -30.15 31.06 -28.99
C GLY F 459 -29.83 29.82 -29.81
N THR F 460 -30.39 29.75 -31.02
CA THR F 460 -30.23 28.59 -31.90
C THR F 460 -29.51 28.92 -33.21
N GLU F 461 -29.11 27.86 -33.93
CA GLU F 461 -28.33 27.97 -35.16
C GLU F 461 -28.76 26.88 -36.16
N GLU F 462 -28.68 27.21 -37.46
CA GLU F 462 -29.02 26.25 -38.53
C GLU F 462 -27.90 25.23 -38.71
N ILE F 463 -28.24 23.95 -38.76
CA ILE F 463 -27.25 22.86 -38.90
C ILE F 463 -27.21 22.37 -40.36
N ASP F 464 -26.00 22.09 -40.87
CA ASP F 464 -25.84 21.40 -42.15
C ASP F 464 -26.29 19.92 -42.01
N PRO F 465 -27.02 19.38 -43.00
CA PRO F 465 -27.54 18.02 -42.89
C PRO F 465 -26.46 16.97 -43.18
N ILE F 466 -25.72 16.60 -42.14
CA ILE F 466 -24.64 15.60 -42.23
C ILE F 466 -25.05 14.41 -41.37
N MET F 467 -24.98 13.20 -41.94
CA MET F 467 -25.41 11.98 -41.25
C MET F 467 -24.43 11.59 -40.13
N GLY F 468 -24.69 12.08 -38.92
CA GLY F 468 -23.83 11.86 -37.76
C GLY F 468 -23.82 13.04 -36.80
N ILE F 469 -23.77 14.24 -37.36
CA ILE F 469 -23.71 15.49 -36.58
C ILE F 469 -25.13 16.01 -36.32
N ALA F 470 -25.77 15.49 -35.27
CA ALA F 470 -27.13 15.90 -34.89
C ALA F 470 -27.11 17.20 -34.08
N GLY F 471 -28.28 17.76 -33.81
CA GLY F 471 -28.42 19.01 -33.07
C GLY F 471 -29.18 18.87 -31.76
N ILE F 472 -28.77 19.64 -30.76
CA ILE F 472 -29.43 19.67 -29.44
C ILE F 472 -30.16 21.02 -29.29
N MET F 473 -31.45 20.95 -28.98
CA MET F 473 -32.31 22.15 -28.88
C MET F 473 -32.43 22.65 -27.43
N PRO F 474 -32.79 23.94 -27.23
CA PRO F 474 -32.93 24.52 -25.88
C PRO F 474 -33.99 23.89 -24.95
N ASP F 475 -34.85 23.02 -25.47
CA ASP F 475 -35.72 22.18 -24.64
C ASP F 475 -35.25 20.70 -24.58
N GLY F 476 -33.96 20.46 -24.80
CA GLY F 476 -33.38 19.12 -24.70
C GLY F 476 -33.79 18.13 -25.78
N THR F 477 -34.27 18.63 -26.91
CA THR F 477 -34.70 17.80 -28.04
C THR F 477 -33.52 17.54 -28.98
N ILE F 478 -33.51 16.36 -29.59
CA ILE F 478 -32.46 15.94 -30.51
C ILE F 478 -32.94 16.24 -31.94
N ASN F 479 -32.77 17.50 -32.35
CA ASN F 479 -33.27 18.00 -33.63
C ASN F 479 -32.19 17.89 -34.72
N LYS F 480 -32.62 17.61 -35.94
CA LYS F 480 -31.71 17.37 -37.07
C LYS F 480 -31.52 18.58 -38.02
N THR F 481 -32.35 19.62 -37.86
CA THR F 481 -32.21 20.86 -38.63
C THR F 481 -31.60 22.00 -37.78
N GLN F 482 -32.12 22.16 -36.55
CA GLN F 482 -31.71 23.21 -35.63
C GLN F 482 -30.91 22.67 -34.45
N THR F 483 -30.22 23.57 -33.75
CA THR F 483 -29.38 23.23 -32.60
C THR F 483 -28.98 24.49 -31.83
N LEU F 484 -28.35 24.30 -30.67
CA LEU F 484 -27.80 25.42 -29.90
C LEU F 484 -26.50 25.95 -30.53
N MET F 485 -26.31 27.27 -30.42
CA MET F 485 -25.19 28.01 -31.05
C MET F 485 -23.81 27.39 -30.79
N GLY F 486 -23.32 26.63 -31.77
CA GLY F 486 -22.03 25.95 -31.68
C GLY F 486 -22.05 24.53 -31.14
N VAL F 487 -23.17 24.09 -30.55
CA VAL F 487 -23.28 22.76 -29.96
C VAL F 487 -23.72 21.75 -31.00
N ARG F 488 -23.01 20.61 -31.07
CA ARG F 488 -23.29 19.53 -32.00
C ARG F 488 -23.27 18.19 -31.28
N LEU F 489 -24.23 17.32 -31.59
CA LEU F 489 -24.31 15.98 -31.02
C LEU F 489 -23.67 14.96 -31.97
N SER F 490 -22.74 14.15 -31.45
CA SER F 490 -22.11 13.09 -32.21
C SER F 490 -22.83 11.76 -31.92
N GLN F 491 -23.58 11.29 -32.91
CA GLN F 491 -24.43 10.09 -32.76
C GLN F 491 -23.64 8.81 -32.47
N GLY F 492 -22.44 8.70 -33.02
CA GLY F 492 -21.53 7.59 -32.73
C GLY F 492 -20.55 7.84 -31.58
N GLY F 493 -20.79 8.87 -30.78
CA GLY F 493 -19.87 9.27 -29.71
C GLY F 493 -18.61 9.95 -30.23
N VAL F 494 -17.59 10.02 -29.38
CA VAL F 494 -16.29 10.59 -29.73
C VAL F 494 -15.19 9.62 -29.31
N ASP F 495 -14.20 9.43 -30.19
CA ASP F 495 -13.10 8.50 -29.96
C ASP F 495 -12.19 9.03 -28.85
N GLU F 496 -11.68 8.12 -28.02
CA GLU F 496 -10.95 8.48 -26.80
C GLU F 496 -9.88 7.43 -26.45
N TYR F 497 -9.28 7.58 -25.27
CA TYR F 497 -8.15 6.77 -24.76
C TYR F 497 -6.80 7.43 -25.07
N SER F 498 -6.65 7.95 -26.30
CA SER F 498 -5.50 8.81 -26.65
C SER F 498 -5.38 10.02 -25.72
N PHE F 499 -6.53 10.51 -25.25
CA PHE F 499 -6.62 11.49 -24.17
C PHE F 499 -5.83 11.08 -22.93
N ASN F 500 -6.12 9.89 -22.42
CA ASN F 500 -5.53 9.39 -21.16
C ASN F 500 -4.06 8.99 -21.24
N GLU F 501 -3.54 8.72 -22.45
CA GLU F 501 -2.16 8.22 -22.61
C GLU F 501 -1.11 9.20 -22.06
N ARG F 502 -0.33 8.72 -21.10
CA ARG F 502 0.64 9.54 -20.38
C ARG F 502 1.91 9.70 -21.22
N ILE F 503 2.21 10.95 -21.58
CA ILE F 503 3.26 11.27 -22.56
C ILE F 503 4.62 11.42 -21.86
N ARG F 504 5.68 11.13 -22.62
CA ARG F 504 7.06 11.44 -22.23
C ARG F 504 7.36 12.86 -22.74
N VAL F 505 7.69 13.77 -21.81
CA VAL F 505 7.74 15.21 -22.10
C VAL F 505 9.05 15.85 -21.60
N ASN F 506 9.50 16.89 -22.30
CA ASN F 506 10.72 17.64 -21.96
C ASN F 506 10.42 19.01 -21.36
N ILE F 507 11.45 19.61 -20.77
CA ILE F 507 11.34 20.91 -20.09
C ILE F 507 12.64 21.70 -20.23
N ASP F 508 12.52 23.04 -20.32
CA ASP F 508 13.69 23.92 -20.44
C ASP F 508 14.08 24.55 -19.08
N LYS F 509 15.08 25.45 -19.10
CA LYS F 509 15.58 26.14 -17.90
C LYS F 509 14.49 26.93 -17.16
N TYR F 510 13.68 27.67 -17.93
CA TYR F 510 12.63 28.56 -17.40
C TYR F 510 11.24 27.89 -17.32
N LEU F 511 11.21 26.58 -17.10
CA LEU F 511 9.98 25.82 -16.80
C LEU F 511 8.88 25.84 -17.88
N ARG F 512 9.29 25.99 -19.15
CA ARG F 512 8.38 25.80 -20.29
C ARG F 512 8.43 24.32 -20.66
N VAL F 513 7.27 23.69 -20.74
CA VAL F 513 7.15 22.24 -20.93
C VAL F 513 6.93 21.90 -22.42
N ARG F 514 7.99 21.38 -23.05
CA ARG F 514 8.01 21.07 -24.49
C ARG F 514 7.78 19.58 -24.72
N ASN F 515 6.86 19.22 -25.62
CA ASN F 515 6.63 17.79 -25.94
C ASN F 515 7.75 17.22 -26.83
N GLU F 516 7.81 15.88 -26.93
CA GLU F 516 8.83 15.19 -27.76
C GLU F 516 8.89 15.65 -29.22
N LYS F 517 7.75 16.05 -29.77
CA LYS F 517 7.67 16.67 -31.11
C LYS F 517 8.47 17.98 -31.18
N GLY F 518 8.42 18.76 -30.09
CA GLY F 518 9.13 20.04 -29.99
C GLY F 518 8.17 21.21 -30.04
N GLU F 519 7.14 21.16 -29.19
CA GLU F 519 6.10 22.19 -29.12
C GLU F 519 5.68 22.39 -27.67
N LEU F 520 5.30 23.62 -27.34
CA LEU F 520 4.98 24.02 -25.97
C LEU F 520 3.60 23.50 -25.54
N LEU F 521 3.54 22.85 -24.39
CA LEU F 521 2.28 22.37 -23.81
C LEU F 521 1.84 23.22 -22.62
N ILE F 522 2.74 23.33 -21.63
CA ILE F 522 2.48 24.05 -20.37
C ILE F 522 3.55 25.12 -20.17
N SER F 523 3.11 26.32 -19.78
CA SER F 523 4.01 27.46 -19.51
C SER F 523 3.79 27.93 -18.06
N PRO F 524 4.83 28.54 -17.43
CA PRO F 524 4.65 29.03 -16.05
C PRO F 524 3.59 30.14 -15.89
N GLU F 525 3.33 30.90 -16.96
CA GLU F 525 2.27 31.90 -16.99
C GLU F 525 0.87 31.27 -16.82
N GLU F 526 0.67 30.07 -17.35
CA GLU F 526 -0.61 29.35 -17.24
C GLU F 526 -0.96 28.90 -15.82
N VAL F 527 0.05 28.74 -14.95
CA VAL F 527 -0.17 28.29 -13.57
C VAL F 527 -0.90 29.39 -12.80
N SER F 528 -2.05 29.03 -12.22
CA SER F 528 -2.86 29.97 -11.44
C SER F 528 -2.17 30.30 -10.12
N GLU F 529 -2.27 31.57 -9.69
CA GLU F 529 -1.69 32.00 -8.41
C GLU F 529 -2.77 31.99 -7.32
N ALA F 530 -3.47 30.87 -7.20
CA ALA F 530 -4.51 30.70 -6.18
C ALA F 530 -3.85 30.25 -4.89
N GLN F 531 -3.59 31.21 -4.00
CA GLN F 531 -2.88 30.96 -2.75
C GLN F 531 -3.80 30.28 -1.74
N GLY F 532 -4.00 28.98 -1.93
CA GLY F 532 -4.93 28.19 -1.12
C GLY F 532 -4.24 27.51 0.04
N GLN F 533 -5.01 27.23 1.09
CA GLN F 533 -4.52 26.46 2.25
C GLN F 533 -4.56 24.97 1.94
N GLU F 534 -3.70 24.23 2.63
CA GLU F 534 -3.41 22.83 2.32
C GLU F 534 -4.08 21.88 3.32
N LYS F 535 -4.50 20.71 2.84
CA LYS F 535 -5.16 19.72 3.67
C LYS F 535 -4.15 19.06 4.59
N LEU F 536 -3.15 18.41 3.98
CA LEU F 536 -2.04 17.79 4.70
C LEU F 536 -0.87 18.77 4.76
N PRO F 537 0.01 18.64 5.78
CA PRO F 537 1.08 19.60 5.96
C PRO F 537 2.24 19.41 4.98
N ILE F 538 2.58 20.47 4.26
CA ILE F 538 3.75 20.48 3.38
C ILE F 538 4.95 20.91 4.22
N ASN F 539 6.08 20.24 3.99
CA ASN F 539 7.36 20.60 4.63
C ASN F 539 8.43 20.78 3.55
N TYR F 540 8.76 22.04 3.27
CA TYR F 540 9.85 22.37 2.35
C TYR F 540 11.12 22.41 3.19
N ASN F 541 12.10 21.58 2.87
CA ASN F 541 13.38 21.56 3.59
C ASN F 541 14.44 22.27 2.73
N SER F 542 14.12 23.50 2.34
CA SER F 542 14.94 24.28 1.41
C SER F 542 15.24 25.65 2.01
N SER F 543 16.41 26.19 1.68
CA SER F 543 16.79 27.56 2.06
C SER F 543 16.04 28.61 1.24
N LEU F 544 15.56 28.23 0.06
CA LEU F 544 14.78 29.12 -0.81
C LEU F 544 13.41 29.44 -0.20
N MET F 545 12.74 28.42 0.35
CA MET F 545 11.41 28.57 0.95
C MET F 545 11.51 28.83 2.45
N TRP F 546 10.51 29.51 3.01
CA TRP F 546 10.44 29.78 4.45
C TRP F 546 10.04 28.52 5.23
N GLU F 547 10.13 28.60 6.56
CA GLU F 547 9.76 27.48 7.45
C GLU F 547 8.34 26.97 7.21
N VAL F 548 7.41 27.89 7.02
CA VAL F 548 6.03 27.59 6.63
C VAL F 548 5.58 28.64 5.63
N ASN F 549 4.92 28.20 4.56
CA ASN F 549 4.48 29.08 3.47
C ASN F 549 3.03 29.52 3.69
N GLY F 550 2.49 30.29 2.74
CA GLY F 550 1.18 30.91 2.86
C GLY F 550 1.41 32.40 2.84
N PRO F 551 0.70 33.14 1.97
CA PRO F 551 1.03 34.55 1.70
C PRO F 551 1.20 35.43 2.96
N GLU F 552 0.33 35.25 3.96
CA GLU F 552 0.40 36.01 5.20
C GLU F 552 1.70 35.71 5.96
N SER F 553 2.11 34.44 5.95
CA SER F 553 3.37 34.02 6.56
C SER F 553 4.59 34.66 5.87
N ILE F 554 4.49 34.87 4.56
CA ILE F 554 5.61 35.46 3.78
C ILE F 554 5.89 36.91 4.20
N LEU F 555 4.82 37.71 4.32
CA LEU F 555 4.96 39.10 4.77
C LEU F 555 5.59 39.19 6.16
N THR F 556 5.08 38.37 7.09
CA THR F 556 5.60 38.35 8.46
C THR F 556 7.05 37.86 8.51
N ASN F 557 7.33 36.72 7.87
CA ASN F 557 8.69 36.16 7.85
C ASN F 557 9.71 37.03 7.11
N THR F 558 9.29 37.70 6.03
CA THR F 558 10.17 38.60 5.28
C THR F 558 10.54 39.82 6.13
N TYR F 559 9.54 40.55 6.62
CA TYR F 559 9.80 41.73 7.47
C TYR F 559 10.44 41.38 8.82
N HIS F 560 10.14 40.19 9.36
CA HIS F 560 10.79 39.71 10.58
C HIS F 560 12.30 39.48 10.38
N TRP F 561 12.65 38.84 9.26
CA TRP F 561 14.06 38.59 8.93
C TRP F 561 14.86 39.88 8.70
N ILE F 562 14.22 40.91 8.16
CA ILE F 562 14.87 42.22 7.96
C ILE F 562 15.21 42.86 9.31
N ILE F 563 14.25 42.85 10.23
CA ILE F 563 14.45 43.38 11.58
C ILE F 563 15.43 42.52 12.39
N LYS F 564 15.34 41.20 12.22
CA LYS F 564 16.23 40.24 12.89
C LYS F 564 17.71 40.52 12.62
N ASN F 565 18.05 40.74 11.36
CA ASN F 565 19.44 41.03 10.95
C ASN F 565 19.59 42.48 10.47
N TRP F 566 18.91 43.42 11.14
CA TRP F 566 18.89 44.83 10.72
C TRP F 566 20.26 45.52 10.82
N GLU F 567 21.07 45.17 11.82
CA GLU F 567 22.40 45.76 11.97
C GLU F 567 23.34 45.39 10.82
N LEU F 568 23.23 44.16 10.33
CA LEU F 568 24.00 43.71 9.16
C LEU F 568 23.52 44.40 7.88
N LEU F 569 22.19 44.51 7.73
CA LEU F 569 21.59 45.08 6.51
C LEU F 569 21.71 46.60 6.42
N LYS F 570 21.63 47.29 7.56
CA LYS F 570 21.73 48.76 7.61
C LYS F 570 23.08 49.28 7.08
N THR F 571 24.16 48.60 7.45
CA THR F 571 25.50 48.91 6.93
C THR F 571 25.63 48.54 5.44
N GLN F 572 24.98 47.46 5.04
CA GLN F 572 24.95 47.02 3.64
C GLN F 572 24.11 47.95 2.75
N TRP F 573 23.15 48.65 3.35
CA TRP F 573 22.31 49.64 2.66
C TRP F 573 23.09 50.91 2.32
N MET F 574 23.91 51.36 3.27
CA MET F 574 24.72 52.57 3.10
C MET F 574 25.82 52.36 2.06
N THR F 575 26.59 51.28 2.25
CA THR F 575 27.69 50.93 1.35
C THR F 575 27.40 49.60 0.64
N ASP F 576 27.46 49.61 -0.69
CA ASP F 576 27.21 48.43 -1.54
C ASP F 576 25.75 47.94 -1.43
N PRO F 577 24.79 48.73 -1.97
CA PRO F 577 23.37 48.42 -1.87
C PRO F 577 22.81 47.42 -2.90
N THR F 578 23.53 47.20 -4.00
CA THR F 578 23.06 46.28 -5.06
C THR F 578 23.04 44.82 -4.60
N VAL F 579 23.96 44.44 -3.72
CA VAL F 579 23.98 43.08 -3.14
C VAL F 579 22.80 42.88 -2.19
N LEU F 580 22.46 43.94 -1.44
CA LEU F 580 21.27 43.93 -0.58
C LEU F 580 19.98 43.76 -1.39
N TYR F 581 19.91 44.40 -2.56
CA TYR F 581 18.75 44.25 -3.45
C TYR F 581 18.65 42.85 -4.07
N ASN F 582 19.79 42.32 -4.52
CA ASN F 582 19.83 40.98 -5.13
C ASN F 582 20.10 39.82 -4.13
N ARG F 583 19.68 40.00 -2.87
CA ARG F 583 19.74 38.91 -1.88
C ARG F 583 18.60 37.92 -2.12
N ILE F 584 18.91 36.63 -1.94
CA ILE F 584 17.94 35.55 -2.19
C ILE F 584 16.79 35.44 -1.18
N GLU F 585 16.88 36.13 -0.05
CA GLU F 585 15.84 36.11 0.99
C GLU F 585 14.61 36.96 0.62
N PHE F 586 14.78 37.90 -0.31
CA PHE F 586 13.66 38.75 -0.77
C PHE F 586 12.85 38.17 -1.94
N GLU F 587 13.32 37.07 -2.52
CA GLU F 587 12.62 36.42 -3.63
C GLU F 587 11.20 35.92 -3.29
N PRO F 588 11.02 35.13 -2.20
CA PRO F 588 9.66 34.68 -1.85
C PRO F 588 8.63 35.79 -1.65
N PHE F 589 9.08 36.97 -1.23
CA PHE F 589 8.22 38.17 -1.17
C PHE F 589 7.68 38.53 -2.56
N GLN F 590 8.53 38.49 -3.58
CA GLN F 590 8.15 38.87 -4.94
C GLN F 590 6.93 38.12 -5.49
N THR F 591 6.68 36.90 -5.00
CA THR F 591 5.47 36.14 -5.36
C THR F 591 4.16 36.82 -4.92
N LEU F 592 4.22 37.65 -3.88
CA LEU F 592 3.06 38.43 -3.43
C LEU F 592 2.73 39.62 -4.33
N ILE F 593 3.75 40.16 -5.00
CA ILE F 593 3.60 41.34 -5.86
C ILE F 593 3.05 40.85 -7.22
N PRO F 594 2.14 41.63 -7.84
CA PRO F 594 1.70 41.31 -9.20
C PRO F 594 2.86 41.27 -10.20
N LYS F 595 2.78 40.37 -11.18
CA LYS F 595 3.89 40.14 -12.11
C LYS F 595 4.24 41.34 -13.00
N GLY F 596 3.23 42.13 -13.35
CA GLY F 596 3.43 43.34 -14.17
C GLY F 596 4.16 44.47 -13.45
N ASN F 597 3.81 44.68 -12.18
CA ASN F 597 4.33 45.79 -11.38
C ASN F 597 5.76 45.60 -10.83
N ARG F 598 6.14 44.34 -10.54
CA ARG F 598 7.45 44.00 -9.95
C ARG F 598 8.63 44.87 -10.40
N ALA F 599 8.72 45.10 -11.71
CA ALA F 599 9.79 45.91 -12.31
C ALA F 599 9.68 47.39 -11.95
N ILE F 600 8.49 47.97 -12.08
CA ILE F 600 8.29 49.40 -11.83
C ILE F 600 8.24 49.75 -10.34
N TYR F 601 7.75 48.80 -9.52
CA TYR F 601 7.76 48.95 -8.06
C TYR F 601 9.17 48.99 -7.46
N SER F 602 10.09 48.20 -8.00
CA SER F 602 11.49 48.20 -7.55
C SER F 602 12.25 49.46 -7.97
N GLY F 603 12.04 49.87 -9.23
CA GLY F 603 12.62 51.10 -9.77
C GLY F 603 12.20 52.34 -9.00
N PHE F 604 10.90 52.44 -8.70
CA PHE F 604 10.36 53.51 -7.85
C PHE F 604 11.01 53.53 -6.47
N THR F 605 11.24 52.34 -5.89
CA THR F 605 11.89 52.20 -4.59
C THR F 605 13.37 52.62 -4.63
N ARG F 606 14.16 51.99 -5.51
CA ARG F 606 15.61 52.25 -5.60
C ARG F 606 15.96 53.74 -5.64
N THR F 607 15.23 54.49 -6.48
CA THR F 607 15.39 55.94 -6.59
C THR F 607 15.07 56.66 -5.27
N LEU F 608 14.02 56.20 -4.57
CA LEU F 608 13.69 56.75 -3.24
C LEU F 608 14.74 56.40 -2.19
N PHE F 609 15.35 55.22 -2.31
CA PHE F 609 16.49 54.86 -1.46
C PHE F 609 17.74 55.70 -1.78
N GLN F 610 18.01 55.95 -3.06
CA GLN F 610 19.15 56.83 -3.42
C GLN F 610 18.91 58.30 -3.08
N GLN F 611 17.66 58.76 -3.19
CA GLN F 611 17.25 60.10 -2.69
C GLN F 611 17.51 60.25 -1.19
N MET F 612 17.28 59.19 -0.42
CA MET F 612 17.58 59.17 1.00
C MET F 612 19.09 59.22 1.29
N ARG F 613 19.88 58.52 0.47
CA ARG F 613 21.36 58.59 0.56
C ARG F 613 21.92 59.95 0.14
N ASP F 614 21.33 60.55 -0.90
CA ASP F 614 21.80 61.86 -1.40
C ASP F 614 21.54 63.01 -0.42
N VAL F 615 20.29 63.15 0.03
CA VAL F 615 19.90 64.25 0.91
C VAL F 615 20.35 63.96 2.35
N GLU F 616 21.08 64.90 2.95
CA GLU F 616 21.57 64.76 4.32
C GLU F 616 20.47 65.11 5.32
N GLY F 617 20.46 64.40 6.45
CA GLY F 617 19.47 64.63 7.51
C GLY F 617 18.32 63.64 7.46
N THR F 618 17.71 63.49 6.30
CA THR F 618 16.63 62.52 6.09
C THR F 618 17.17 61.10 6.04
N PHE F 619 16.89 60.32 7.09
CA PHE F 619 17.23 58.90 7.14
C PHE F 619 16.21 58.20 8.04
N ASP F 620 15.25 57.53 7.43
CA ASP F 620 14.16 56.86 8.15
C ASP F 620 14.33 55.35 8.01
N SER F 621 14.80 54.72 9.08
CA SER F 621 14.98 53.25 9.13
C SER F 621 13.66 52.47 8.99
N ILE F 622 12.55 53.06 9.43
CA ILE F 622 11.23 52.46 9.28
C ILE F 622 10.82 52.42 7.80
N GLN F 623 11.03 53.54 7.11
CA GLN F 623 10.71 53.64 5.67
C GLN F 623 11.60 52.74 4.80
N ILE F 624 12.83 52.49 5.24
CA ILE F 624 13.72 51.55 4.55
C ILE F 624 13.19 50.12 4.69
N ILE F 625 12.95 49.70 5.94
CA ILE F 625 12.47 48.34 6.25
C ILE F 625 11.14 48.05 5.54
N LYS F 626 10.24 49.03 5.53
CA LYS F 626 8.93 48.91 4.86
C LYS F 626 9.07 48.59 3.37
N LEU F 627 9.89 49.38 2.67
CA LEU F 627 10.01 49.30 1.21
C LEU F 627 11.13 48.39 0.68
N LEU F 628 11.99 47.89 1.57
CA LEU F 628 13.17 47.11 1.16
C LEU F 628 12.90 45.86 0.27
N PRO F 629 11.89 45.04 0.62
CA PRO F 629 11.63 43.85 -0.21
C PRO F 629 11.04 44.14 -1.60
N PHE F 630 10.44 45.31 -1.78
CA PHE F 630 9.93 45.73 -3.10
C PHE F 630 11.07 46.05 -4.07
N SER F 631 12.21 46.47 -3.52
CA SER F 631 13.40 46.79 -4.32
C SER F 631 14.05 45.59 -5.02
N ALA F 632 13.88 44.38 -4.46
CA ALA F 632 14.55 43.18 -4.96
C ALA F 632 14.01 42.67 -6.30
N HIS F 633 14.29 43.40 -7.36
CA HIS F 633 13.88 43.05 -8.73
C HIS F 633 14.62 43.95 -9.73
N PRO F 634 14.88 43.46 -10.95
CA PRO F 634 15.41 44.36 -12.00
C PRO F 634 14.47 45.53 -12.29
N PRO F 635 14.94 46.78 -12.08
CA PRO F 635 14.05 47.95 -12.12
C PRO F 635 13.73 48.49 -13.52
N SER F 636 12.60 49.18 -13.62
CA SER F 636 12.25 49.95 -14.83
C SER F 636 12.52 51.43 -14.58
N LEU F 637 12.94 52.13 -15.62
CA LEU F 637 13.31 53.55 -15.54
C LEU F 637 12.13 54.53 -15.71
N GLY F 638 10.91 54.00 -15.84
CA GLY F 638 9.72 54.84 -16.08
C GLY F 638 9.29 55.65 -14.87
N ARG F 639 9.23 56.98 -15.05
CA ARG F 639 8.85 57.90 -13.97
C ARG F 639 7.33 57.98 -13.82
N THR F 640 6.82 57.31 -12.79
CA THR F 640 5.40 57.38 -12.43
C THR F 640 5.26 57.37 -10.90
N GLN F 641 4.30 58.14 -10.39
CA GLN F 641 4.09 58.29 -8.94
C GLN F 641 3.23 57.17 -8.38
N PHE F 642 3.56 56.72 -7.17
CA PHE F 642 2.80 55.70 -6.45
C PHE F 642 2.51 56.15 -5.03
N SER F 643 1.24 56.28 -4.70
CA SER F 643 0.80 56.50 -3.32
C SER F 643 0.82 55.20 -2.49
N SER F 644 0.79 54.05 -3.17
CA SER F 644 0.82 52.74 -2.49
C SER F 644 1.25 51.60 -3.42
N PHE F 645 1.72 50.51 -2.81
CA PHE F 645 2.00 49.26 -3.52
C PHE F 645 0.90 48.23 -3.22
N THR F 646 0.35 47.61 -4.27
CA THR F 646 -0.65 46.54 -4.12
C THR F 646 0.01 45.18 -3.93
N LEU F 647 -0.62 44.33 -3.13
CA LEU F 647 -0.16 42.97 -2.87
C LEU F 647 -1.35 42.01 -2.93
N ASN F 648 -1.19 40.87 -3.62
CA ASN F 648 -2.24 39.85 -3.71
C ASN F 648 -2.06 38.78 -2.64
N ILE F 649 -2.88 38.84 -1.60
CA ILE F 649 -2.92 37.82 -0.54
C ILE F 649 -4.26 37.08 -0.63
N ARG F 650 -4.18 35.79 -0.97
CA ARG F 650 -5.36 34.92 -1.14
C ARG F 650 -6.41 35.50 -2.10
N GLY F 651 -5.93 36.20 -3.13
CA GLY F 651 -6.80 36.95 -4.04
C GLY F 651 -7.02 38.40 -3.64
N ALA F 652 -7.11 38.67 -2.33
CA ALA F 652 -7.46 40.01 -1.82
C ALA F 652 -6.32 41.02 -2.08
N PRO F 653 -6.60 42.10 -2.86
CA PRO F 653 -5.57 43.09 -3.12
C PRO F 653 -5.40 44.06 -1.96
N LEU F 654 -4.41 43.79 -1.10
CA LEU F 654 -4.11 44.66 0.05
C LEU F 654 -3.06 45.70 -0.36
N ARG F 655 -3.34 46.97 -0.04
CA ARG F 655 -2.49 48.09 -0.43
C ARG F 655 -1.63 48.59 0.74
N LEU F 656 -0.31 48.57 0.53
CA LEU F 656 0.65 49.14 1.47
C LEU F 656 0.99 50.57 1.05
N LEU F 657 0.64 51.53 1.91
CA LEU F 657 0.90 52.95 1.64
C LEU F 657 2.39 53.23 1.77
N ILE F 658 2.90 54.15 0.95
CA ILE F 658 4.34 54.46 0.93
C ILE F 658 4.69 55.27 2.17
N ARG F 659 3.99 56.38 2.37
CA ARG F 659 4.18 57.25 3.53
C ARG F 659 3.23 56.85 4.66
N GLY F 660 3.76 56.77 5.87
CA GLY F 660 2.96 56.53 7.06
C GLY F 660 2.60 55.08 7.29
N ASN F 661 1.83 54.85 8.36
CA ASN F 661 1.39 53.51 8.74
C ASN F 661 0.30 52.99 7.81
N SER F 662 0.20 51.67 7.71
CA SER F 662 -0.77 51.01 6.83
C SER F 662 -1.40 49.80 7.53
N GLN F 663 -2.38 49.20 6.86
CA GLN F 663 -3.01 47.95 7.32
C GLN F 663 -2.00 46.80 7.27
N VAL F 664 -1.23 46.74 6.19
CA VAL F 664 -0.24 45.68 5.98
C VAL F 664 0.94 45.89 6.91
N PHE F 665 1.59 47.05 6.77
CA PHE F 665 2.75 47.42 7.57
C PHE F 665 2.38 48.58 8.50
N ASN F 666 2.29 48.28 9.79
CA ASN F 666 1.99 49.26 10.83
C ASN F 666 3.19 49.36 11.78
N TYR F 667 3.46 50.57 12.27
CA TYR F 667 4.47 50.79 13.32
C TYR F 667 3.80 51.51 14.47
N ASN F 668 3.55 50.78 15.55
CA ASN F 668 2.90 51.33 16.73
C ASN F 668 3.96 51.96 17.63
N GLN F 669 3.95 53.29 17.74
CA GLN F 669 4.97 54.01 18.50
C GLN F 669 4.82 53.85 20.02
N MET F 670 3.61 53.49 20.47
CA MET F 670 3.36 53.17 21.88
C MET F 670 4.11 51.91 22.31
N GLU F 671 3.91 50.82 21.58
CA GLU F 671 4.63 49.56 21.81
C GLU F 671 6.10 49.64 21.37
N ASN F 672 6.39 50.47 20.36
CA ASN F 672 7.67 50.48 19.63
C ASN F 672 7.91 49.11 19.02
N VAL F 673 7.07 48.78 18.05
CA VAL F 673 7.08 47.48 17.39
C VAL F 673 6.34 47.56 16.05
N ILE F 674 6.80 46.78 15.07
CA ILE F 674 6.16 46.73 13.75
C ILE F 674 5.12 45.60 13.76
N ILE F 675 3.87 45.96 13.48
CA ILE F 675 2.75 45.03 13.42
C ILE F 675 2.39 44.77 11.94
N VAL F 676 2.77 43.60 11.44
CA VAL F 676 2.43 43.19 10.08
C VAL F 676 1.22 42.26 10.10
N LEU F 677 0.11 42.71 9.52
CA LEU F 677 -1.15 41.94 9.45
C LEU F 677 -1.68 41.53 10.82
N GLY F 678 -1.62 42.46 11.78
CA GLY F 678 -2.04 42.18 13.16
C GLY F 678 -1.15 41.21 13.92
N LYS F 679 0.12 41.14 13.53
CA LYS F 679 1.11 40.27 14.17
C LYS F 679 2.45 41.00 14.30
N SER F 680 2.98 41.03 15.52
CA SER F 680 4.25 41.72 15.81
C SER F 680 5.43 41.02 15.14
N VAL F 681 6.20 41.76 14.34
CA VAL F 681 7.42 41.19 13.70
C VAL F 681 8.72 41.57 14.40
N GLY F 682 8.72 42.69 15.14
CA GLY F 682 9.90 43.13 15.90
C GLY F 682 9.98 44.63 16.14
N SER F 683 10.95 45.01 16.98
CA SER F 683 11.31 46.41 17.22
C SER F 683 12.64 46.69 16.53
N PRO F 684 12.88 47.95 16.07
CA PRO F 684 14.17 48.30 15.47
C PRO F 684 15.39 48.10 16.40
N GLU F 685 16.03 49.15 16.92
CA GLU F 685 17.09 49.02 17.94
C GLU F 685 17.03 50.11 19.02
N ARG F 686 15.87 50.75 19.19
CA ARG F 686 15.72 51.99 19.96
C ARG F 686 16.76 53.06 19.57
N SER F 687 17.04 53.13 18.26
CA SER F 687 18.01 54.05 17.68
C SER F 687 17.33 55.23 16.97
N ILE F 688 16.06 55.45 17.31
CA ILE F 688 15.20 56.46 16.67
C ILE F 688 15.12 57.76 17.50
N LEU F 689 15.89 57.84 18.59
CA LEU F 689 15.98 59.04 19.44
C LEU F 689 16.35 60.30 18.65
N THR F 690 17.53 60.28 18.01
CA THR F 690 18.00 61.38 17.17
C THR F 690 17.27 61.46 15.82
N GLU F 691 16.75 60.33 15.36
CA GLU F 691 16.02 60.24 14.07
C GLU F 691 14.68 60.98 14.13
N SER F 692 14.21 61.40 12.94
CA SER F 692 12.93 62.13 12.71
C SER F 692 13.19 63.61 12.38
N SER F 693 12.72 64.03 11.22
CA SER F 693 12.80 65.44 10.78
C SER F 693 11.58 65.83 9.95
N SER F 694 11.41 67.15 9.76
CA SER F 694 10.32 67.68 8.94
C SER F 694 10.47 67.37 7.45
N ILE F 695 11.70 67.04 7.02
CA ILE F 695 11.99 66.71 5.63
C ILE F 695 11.78 65.20 5.44
N GLU F 696 11.13 64.83 4.33
CA GLU F 696 10.95 63.42 3.94
C GLU F 696 11.42 63.20 2.50
N SER F 697 12.38 62.29 2.32
CA SER F 697 12.98 62.01 1.02
C SER F 697 12.26 60.87 0.29
N ALA F 698 12.23 59.70 0.94
CA ALA F 698 11.70 58.47 0.32
C ALA F 698 10.17 58.39 0.39
N VAL F 699 9.51 59.21 -0.44
CA VAL F 699 8.04 59.23 -0.55
C VAL F 699 7.59 59.41 -2.00
N LEU F 700 8.02 60.50 -2.64
CA LEU F 700 7.67 60.81 -4.03
C LEU F 700 8.92 60.86 -4.91
N ARG F 701 8.79 60.37 -6.15
CA ARG F 701 9.89 60.24 -7.09
C ARG F 701 10.34 61.63 -7.60
N GLY F 702 11.53 62.04 -7.20
CA GLY F 702 12.08 63.36 -7.55
C GLY F 702 11.41 64.52 -6.82
N PHE F 703 11.11 64.31 -5.53
CA PHE F 703 10.43 65.31 -4.69
C PHE F 703 10.82 65.15 -3.22
N LEU F 704 10.67 66.23 -2.45
CA LEU F 704 10.93 66.23 -1.01
C LEU F 704 9.80 66.91 -0.25
N ILE F 705 9.21 66.22 0.72
CA ILE F 705 8.16 66.79 1.57
C ILE F 705 8.82 67.57 2.70
N LEU F 706 8.44 68.85 2.83
CA LEU F 706 9.00 69.77 3.81
C LEU F 706 7.95 70.21 4.85
N GLY F 707 7.60 69.29 5.76
CA GLY F 707 6.65 69.58 6.83
C GLY F 707 5.22 69.83 6.36
N LYS F 708 4.43 70.51 7.19
CA LYS F 708 3.02 70.77 6.91
C LYS F 708 2.81 71.81 5.82
N ALA F 709 1.59 71.86 5.28
CA ALA F 709 1.24 72.74 4.16
C ALA F 709 1.16 74.21 4.58
N ASN F 710 1.38 75.10 3.62
CA ASN F 710 1.37 76.55 3.82
C ASN F 710 0.50 77.22 2.75
N SER F 711 -0.55 77.93 3.19
CA SER F 711 -1.54 78.55 2.28
C SER F 711 -0.95 79.52 1.27
N LYS F 712 0.18 80.14 1.60
CA LYS F 712 0.88 81.09 0.70
C LYS F 712 1.80 80.42 -0.34
N TYR F 713 1.56 79.14 -0.65
CA TYR F 713 2.09 78.50 -1.86
C TYR F 713 0.93 77.93 -2.71
N GLY F 714 -0.16 78.68 -2.80
CA GLY F 714 -1.32 78.30 -3.63
C GLY F 714 -2.20 77.22 -3.00
N PRO F 715 -3.22 76.75 -3.75
CA PRO F 715 -4.12 75.71 -3.26
C PRO F 715 -3.49 74.31 -3.27
N VAL F 716 -4.08 73.39 -2.52
CA VAL F 716 -3.60 72.00 -2.46
C VAL F 716 -3.76 71.27 -3.80
N LEU F 717 -2.88 70.30 -4.04
CA LEU F 717 -2.86 69.54 -5.30
C LEU F 717 -2.86 68.03 -5.02
N THR F 718 -3.20 67.26 -6.06
CA THR F 718 -3.11 65.80 -6.02
C THR F 718 -1.75 65.33 -6.53
N ILE F 719 -1.44 64.06 -6.28
CA ILE F 719 -0.14 63.47 -6.64
C ILE F 719 0.04 63.42 -8.17
N GLY F 720 -1.07 63.23 -8.89
CA GLY F 720 -1.08 63.32 -10.36
C GLY F 720 -0.73 64.68 -10.94
N GLU F 721 -1.01 65.77 -10.20
CA GLU F 721 -0.72 67.15 -10.66
C GLU F 721 0.75 67.59 -10.50
N LEU F 722 1.58 66.77 -9.87
CA LEU F 722 3.00 67.08 -9.65
C LEU F 722 3.86 67.28 -10.90
N ASP F 723 3.43 66.75 -12.06
CA ASP F 723 4.18 66.91 -13.31
C ASP F 723 4.34 68.36 -13.79
N LYS F 724 3.39 69.23 -13.43
CA LYS F 724 3.42 70.64 -13.84
C LYS F 724 4.04 71.54 -12.76
N LEU F 725 5.32 71.31 -12.48
CA LEU F 725 6.08 72.11 -11.50
C LEU F 725 7.55 72.21 -11.91
N GLY F 726 8.12 73.41 -11.77
CA GLY F 726 9.53 73.65 -12.09
C GLY F 726 10.46 73.12 -11.00
N ARG F 727 11.70 72.87 -11.38
CA ARG F 727 12.71 72.36 -10.46
C ARG F 727 13.18 73.44 -9.48
N GLY F 728 12.96 73.21 -8.19
CA GLY F 728 13.15 74.22 -7.15
C GLY F 728 11.85 74.77 -6.60
N GLU F 729 10.76 74.66 -7.37
CA GLU F 729 9.46 75.23 -7.01
C GLU F 729 8.75 74.37 -5.96
N LYS F 730 7.91 75.03 -5.15
CA LYS F 730 7.17 74.39 -4.06
C LYS F 730 5.65 74.42 -4.30
N ALA F 731 4.95 73.49 -3.66
CA ALA F 731 3.49 73.42 -3.73
C ALA F 731 2.90 72.55 -2.61
N ASN F 732 1.64 72.78 -2.29
CA ASN F 732 0.90 71.98 -1.30
C ASN F 732 0.28 70.75 -1.96
N VAL F 733 0.46 69.58 -1.34
CA VAL F 733 0.01 68.30 -1.91
C VAL F 733 -0.75 67.50 -0.87
N LEU F 734 -1.91 66.95 -1.26
CA LEU F 734 -2.67 66.00 -0.44
C LEU F 734 -2.02 64.62 -0.59
N ILE F 735 -1.11 64.28 0.33
CA ILE F 735 -0.22 63.13 0.15
C ILE F 735 -0.89 61.76 0.37
N GLY F 736 -1.68 61.65 1.44
CA GLY F 736 -2.24 60.36 1.85
C GLY F 736 -2.75 60.38 3.27
N GLN F 737 -3.85 59.65 3.50
CA GLN F 737 -4.59 59.64 4.77
C GLN F 737 -5.05 61.06 5.18
N GLY F 738 -5.57 61.80 4.21
CA GLY F 738 -6.09 63.15 4.41
C GLY F 738 -5.09 64.20 4.90
N ASP F 739 -3.80 63.98 4.63
CA ASP F 739 -2.74 64.88 5.06
C ASP F 739 -2.28 65.75 3.91
N THR F 740 -2.41 67.07 4.09
CA THR F 740 -1.93 68.07 3.15
C THR F 740 -0.55 68.55 3.61
N VAL F 741 0.45 68.42 2.76
CA VAL F 741 1.85 68.74 3.10
C VAL F 741 2.53 69.59 2.03
N LEU F 742 3.50 70.41 2.46
CA LEU F 742 4.30 71.23 1.54
C LEU F 742 5.36 70.34 0.91
N VAL F 743 5.49 70.43 -0.42
CA VAL F 743 6.43 69.59 -1.17
C VAL F 743 7.28 70.46 -2.08
N MET F 744 8.53 70.07 -2.28
CA MET F 744 9.49 70.75 -3.15
C MET F 744 10.03 69.79 -4.18
N LYS F 745 10.10 70.23 -5.44
CA LYS F 745 10.70 69.46 -6.52
C LYS F 745 12.21 69.68 -6.52
N ARG F 746 12.95 68.66 -6.09
CA ARG F 746 14.42 68.73 -6.03
C ARG F 746 15.03 68.88 -7.43
N LYS F 747 16.15 69.60 -7.50
CA LYS F 747 16.80 69.92 -8.77
C LYS F 747 17.65 68.77 -9.30
N ARG F 748 18.41 68.12 -8.42
CA ARG F 748 19.23 66.96 -8.78
C ARG F 748 18.37 65.70 -8.95
N ASP F 749 18.96 64.66 -9.56
CA ASP F 749 18.32 63.36 -9.74
C ASP F 749 19.21 62.27 -9.13
N SER F 750 18.69 61.05 -9.10
CA SER F 750 19.41 59.88 -8.59
C SER F 750 19.15 58.64 -9.47
N SER F 751 20.10 57.71 -9.48
CA SER F 751 19.96 56.46 -10.25
C SER F 751 20.93 55.37 -9.77
N ILE F 752 20.52 54.11 -9.96
CA ILE F 752 21.39 52.94 -9.77
C ILE F 752 21.08 51.97 -10.92
N LEU F 753 22.11 51.60 -11.70
CA LEU F 753 21.94 50.74 -12.87
C LEU F 753 23.29 50.19 -13.36
PA M7G G 1 -10.77 27.37 -11.48
O1A M7G G 1 -10.78 28.54 -12.40
O2A M7G G 1 -12.01 26.93 -10.82
O3A M7G G 1 -9.68 27.65 -10.35
O5' M7G G 1 -10.14 26.11 -12.26
PB M7G G 1 -8.17 27.09 -10.07
O1B M7G G 1 -7.29 27.76 -11.10
O2B M7G G 1 -8.23 25.59 -10.25
O3B M7G G 1 -7.81 27.53 -8.57
C5' M7G G 1 -10.23 26.01 -13.68
C4' M7G G 1 -9.03 25.27 -14.20
O4' M7G G 1 -9.21 25.01 -15.61
C3' M7G G 1 -7.69 26.00 -14.15
O3' M7G G 1 -6.59 25.10 -14.17
C2' M7G G 1 -7.77 26.88 -15.37
O2' M7G G 1 -6.50 27.22 -15.90
C1' M7G G 1 -8.47 25.96 -16.37
N9 M7G G 1 -9.39 26.70 -17.25
C8 M7G G 1 -10.69 26.96 -17.05
N7 M7G G 1 -11.21 27.61 -18.07
CM7 M7G G 1 -12.60 28.04 -18.20
C5 M7G G 1 -10.20 27.82 -18.98
C6 M7G G 1 -10.17 28.45 -20.25
O6 M7G G 1 -11.09 29.01 -20.84
N1 M7G G 1 -8.91 28.41 -20.82
C2 M7G G 1 -7.81 27.82 -20.25
N2 M7G G 1 -6.68 27.88 -20.95
N3 M7G G 1 -7.84 27.22 -19.06
C4 M7G G 1 -9.04 27.24 -18.47
PA M7G J 1 -9.08 -23.15 -21.42
O1A M7G J 1 -7.84 -22.55 -21.97
O2A M7G J 1 -9.90 -24.03 -22.26
O3A M7G J 1 -8.70 -23.93 -20.08
O5' M7G J 1 -9.98 -21.97 -20.83
PB M7G J 1 -9.07 -23.69 -18.51
O1B M7G J 1 -8.01 -24.56 -17.67
O2B M7G J 1 -8.95 -22.20 -18.25
O3B M7G J 1 -10.49 -24.20 -18.34
C5' M7G J 1 -11.20 -21.58 -21.47
C4' M7G J 1 -12.09 -20.91 -20.45
O4' M7G J 1 -13.13 -20.18 -21.15
C3' M7G J 1 -12.88 -21.84 -19.51
O3' M7G J 1 -13.21 -21.17 -18.31
C2' M7G J 1 -14.05 -22.22 -20.37
O2' M7G J 1 -15.21 -22.54 -19.61
C1' M7G J 1 -14.33 -20.94 -21.15
N9 M7G J 1 -14.71 -21.22 -22.55
C8 M7G J 1 -13.95 -21.24 -23.64
N7 M7G J 1 -14.66 -21.57 -24.71
CM7 M7G J 1 -14.13 -21.71 -26.08
C5 M7G J 1 -15.96 -21.75 -24.32
C6 M7G J 1 -17.14 -22.08 -25.02
O6 M7G J 1 -17.26 -22.31 -26.23
N1 M7G J 1 -18.24 -22.14 -24.19
C2 M7G J 1 -18.21 -21.92 -22.84
N2 M7G J 1 -19.38 -22.02 -22.19
N3 M7G J 1 -17.11 -21.60 -22.17
C4 M7G J 1 -16.01 -21.53 -22.94
#